data_9DQX
#
_entry.id   9DQX
#
_cell.length_a   1.00
_cell.length_b   1.00
_cell.length_c   1.00
_cell.angle_alpha   90.00
_cell.angle_beta   90.00
_cell.angle_gamma   90.00
#
_symmetry.space_group_name_H-M   'P 1'
#
loop_
_entity.id
_entity.type
_entity.pdbx_description
1 polymer 'Structural polyprotein'
2 polymer 'Structural polyprotein'
3 polymer 'Capsid protein'
4 non-polymer 2-acetamido-2-deoxy-beta-D-glucopyranose
#
loop_
_entity_poly.entity_id
_entity_poly.type
_entity_poly.pdbx_seq_one_letter_code
_entity_poly.pdbx_strand_id
1 'polypeptide(L)'
;FEHATTVPNVPGIPYKALVERAGYAPLNLEITVVSSELTPSTNKEYVTCKFHTVVPSPQVKCCGSLECKASSKADYTCRV
FGGVYPFMWGGAQCFCDSENTQLSEAYVEFAPDCTIDHAVALKVHTAALKVGLRIVYGNTTARLDTFVNGVTPGSSRDLK
VIAGPISAAFSPFDHKVVIRKGLVYNYDFPEYGAMNPGAFGDIQASSLDATDIVARTDIRLLKPSVKNIHVPYTQAVSGY
EMWKNNSGRPLQETAPFGCKIEVEPLRATNCAYGHIPISIDIPDAAFVRSSESPTILEVSCTVADCIYSADFGGSLTLQY
KANREGHCPVHSHSTTAVLKEATTHVTATGSITLHFSTSSPQANFIVSLCGKKTTCNAECKPPADHIIGEPHKVDQEFQA
AVSKTSWNWLLALFGGASSLIVVGLIVLVCSSMLINT
;
J,D,G,A
2 'polypeptide(L)'
;SITDDFTLTSPYLGFCPYCRHSAPCFSPIKIENVWDESDDGSIRIQVSAQFGYNQAGTADVTKFRYMSYDHDHDIKEDSM
EKLAISTSGPCRRLGHKGYFLLAQCPPGDSVTVSITSGASENSCTVEKKIRRKFVGREEYLFPPVHGKLVKCHVYDHLKE
TSAGYITMHRPGPHAYKSYLEEASGEVYIKPPSGKNVTYECKCGDYSTGIVSTRTKMNGCTKAKQCIAYKRDQTKWVFNS
PDLIRHTDHSVQGKLHIPFRLTPTVCPVPLAHTPTVTKWFKGITLHLTATRPTLLTTRKLGLRADATAEWITGTTSRNFS
VGREGLEYVWGNHEPVRVWAQESAPGDPHGWPHEIIIHYYHRHPVYTVIVLCGVALAILVGTASSAACIAKARRDCLTPY
ALAPNA
;
K,E,H,B
3 'polypeptide(L)'
;GKRQRMCMKLESDKTFPIMLNGQVNGYACVVGGRLMKPLHVEGKIDNEQLAAVKLKKASMYDLEYGDVPQNMKSDTLQYT
SDKPPGFYNWHHGAVQYENGRFTVPRGVGGKGDSGRPILDNRGRVVAIVLGGANEGTRTALSVVTWNQKGVTIKDTPEGS
EPW
;
L,F,I,C
#
loop_
_chem_comp.id
_chem_comp.type
_chem_comp.name
_chem_comp.formula
NAG D-saccharide, beta linking 2-acetamido-2-deoxy-beta-D-glucopyranose 'C8 H15 N O6'
#
# COMPACT_ATOMS: atom_id res chain seq x y z
N PHE A 1 39.58 -15.79 -55.20
CA PHE A 1 39.90 -14.42 -54.81
C PHE A 1 39.78 -14.24 -53.30
N GLU A 2 40.79 -13.59 -52.71
CA GLU A 2 40.84 -13.36 -51.27
C GLU A 2 39.99 -12.14 -50.93
N HIS A 3 38.90 -12.35 -50.21
CA HIS A 3 38.08 -11.26 -49.68
C HIS A 3 38.01 -11.36 -48.16
N ALA A 4 38.35 -10.26 -47.49
CA ALA A 4 38.35 -10.21 -46.03
C ALA A 4 37.33 -9.18 -45.56
N THR A 5 36.50 -9.58 -44.60
CA THR A 5 35.49 -8.68 -44.05
C THR A 5 35.11 -9.13 -42.65
N THR A 6 34.52 -8.22 -41.88
CA THR A 6 34.08 -8.49 -40.53
C THR A 6 32.61 -8.86 -40.53
N VAL A 7 32.27 -9.97 -39.90
CA VAL A 7 30.89 -10.47 -39.92
C VAL A 7 30.44 -10.64 -38.47
N PRO A 8 29.14 -10.55 -38.23
CA PRO A 8 28.63 -10.89 -36.89
C PRO A 8 28.78 -12.38 -36.60
N ASN A 9 28.98 -12.70 -35.32
CA ASN A 9 29.12 -14.07 -34.86
C ASN A 9 27.75 -14.63 -34.46
N VAL A 10 26.72 -13.78 -34.46
CA VAL A 10 25.39 -14.18 -33.99
C VAL A 10 24.82 -15.27 -34.89
N PRO A 11 24.15 -16.28 -34.33
CA PRO A 11 23.60 -17.35 -35.18
C PRO A 11 22.41 -16.86 -35.99
N GLY A 12 22.26 -17.45 -37.18
CA GLY A 12 21.34 -16.89 -38.12
C GLY A 12 21.84 -15.54 -38.58
N ILE A 13 20.89 -14.66 -38.92
CA ILE A 13 21.14 -13.27 -39.32
C ILE A 13 22.13 -13.24 -40.48
N PRO A 14 21.67 -13.54 -41.71
CA PRO A 14 22.57 -13.66 -42.86
C PRO A 14 23.44 -12.44 -43.14
N TYR A 15 24.69 -12.67 -43.56
CA TYR A 15 25.57 -11.59 -43.96
C TYR A 15 25.88 -11.71 -45.44
N LYS A 16 25.49 -10.70 -46.22
CA LYS A 16 25.64 -10.72 -47.67
C LYS A 16 26.63 -9.64 -48.09
N ALA A 17 27.40 -9.94 -49.13
CA ALA A 17 28.37 -8.99 -49.65
C ALA A 17 28.54 -9.25 -51.15
N LEU A 18 29.30 -8.36 -51.80
CA LEU A 18 29.64 -8.50 -53.20
C LEU A 18 31.16 -8.47 -53.35
N VAL A 19 31.65 -9.14 -54.38
CA VAL A 19 33.05 -9.03 -54.79
C VAL A 19 33.08 -8.41 -56.19
N GLU A 20 34.01 -7.48 -56.37
CA GLU A 20 34.21 -6.70 -57.58
C GLU A 20 35.61 -7.03 -58.10
N ARG A 21 35.72 -8.10 -58.88
CA ARG A 21 37.02 -8.51 -59.42
C ARG A 21 37.12 -8.04 -60.86
N ALA A 22 37.45 -6.75 -61.01
CA ALA A 22 37.65 -6.08 -62.30
C ALA A 22 36.46 -6.26 -63.23
N GLY A 23 36.67 -6.95 -64.35
CA GLY A 23 35.61 -7.20 -65.31
C GLY A 23 35.07 -8.61 -65.24
N TYR A 24 34.86 -9.12 -64.02
CA TYR A 24 34.33 -10.46 -63.83
C TYR A 24 32.97 -10.43 -63.12
N ALA A 25 32.25 -9.31 -63.26
CA ALA A 25 30.88 -9.04 -62.78
C ALA A 25 30.79 -8.97 -61.26
N PRO A 26 29.87 -8.18 -60.72
CA PRO A 26 29.64 -8.20 -59.27
C PRO A 26 29.09 -9.55 -58.83
N LEU A 27 29.87 -10.28 -58.05
CA LEU A 27 29.49 -11.63 -57.64
C LEU A 27 29.05 -11.63 -56.18
N ASN A 28 27.87 -12.19 -55.91
CA ASN A 28 27.32 -12.19 -54.57
C ASN A 28 28.02 -13.20 -53.67
N LEU A 29 27.86 -13.00 -52.36
CA LEU A 29 28.45 -13.89 -51.37
C LEU A 29 27.62 -13.81 -50.10
N GLU A 30 26.80 -14.81 -49.86
CA GLU A 30 26.04 -14.95 -48.62
C GLU A 30 26.75 -15.94 -47.71
N ILE A 31 27.10 -15.48 -46.50
CA ILE A 31 27.67 -16.36 -45.48
C ILE A 31 26.88 -16.17 -44.19
N THR A 32 26.68 -17.27 -43.47
CA THR A 32 25.94 -17.25 -42.22
C THR A 32 26.51 -18.34 -41.31
N VAL A 33 26.82 -17.98 -40.07
CA VAL A 33 27.20 -18.98 -39.08
C VAL A 33 25.94 -19.66 -38.57
N VAL A 34 25.98 -20.98 -38.50
CA VAL A 34 24.83 -21.76 -38.07
C VAL A 34 25.07 -22.47 -36.74
N SER A 35 26.32 -22.73 -36.37
CA SER A 35 26.65 -23.30 -35.09
C SER A 35 27.88 -22.59 -34.54
N SER A 36 28.01 -22.56 -33.22
CA SER A 36 29.14 -21.90 -32.57
C SER A 36 29.47 -22.69 -31.31
N GLU A 37 30.41 -23.62 -31.43
CA GLU A 37 30.82 -24.47 -30.33
C GLU A 37 32.08 -23.91 -29.69
N LEU A 38 31.99 -23.62 -28.39
CA LEU A 38 33.10 -23.07 -27.62
C LEU A 38 33.57 -24.16 -26.67
N THR A 39 34.63 -24.86 -27.04
CA THR A 39 35.11 -26.00 -26.27
C THR A 39 36.41 -25.64 -25.55
N PRO A 40 36.39 -25.50 -24.23
CA PRO A 40 37.62 -25.26 -23.48
C PRO A 40 38.34 -26.57 -23.17
N SER A 41 39.60 -26.42 -22.76
CA SER A 41 40.43 -27.55 -22.38
C SER A 41 40.29 -27.78 -20.88
N THR A 42 39.89 -28.99 -20.50
CA THR A 42 39.57 -29.31 -19.11
C THR A 42 40.50 -30.41 -18.61
N ASN A 43 41.03 -30.23 -17.41
CA ASN A 43 41.69 -31.30 -16.67
C ASN A 43 40.87 -31.63 -15.42
N LYS A 44 40.89 -32.90 -15.04
CA LYS A 44 40.03 -33.37 -13.95
C LYS A 44 40.85 -33.61 -12.69
N GLU A 45 40.54 -32.87 -11.63
CA GLU A 45 41.20 -33.12 -10.36
C GLU A 45 40.55 -34.29 -9.63
N TYR A 46 39.28 -34.17 -9.28
CA TYR A 46 38.64 -35.22 -8.50
C TYR A 46 37.16 -35.29 -8.79
N VAL A 47 36.60 -36.46 -8.53
CA VAL A 47 35.17 -36.68 -8.48
C VAL A 47 34.77 -36.85 -7.01
N THR A 48 33.61 -36.34 -6.64
CA THR A 48 33.11 -36.44 -5.28
C THR A 48 31.65 -36.85 -5.29
N CYS A 49 31.20 -37.36 -4.15
CA CYS A 49 29.81 -37.77 -3.97
C CYS A 49 29.54 -37.83 -2.48
N LYS A 50 28.32 -38.24 -2.13
CA LYS A 50 28.02 -38.57 -0.75
C LYS A 50 28.85 -39.77 -0.32
N PHE A 51 29.47 -39.66 0.85
CA PHE A 51 30.24 -40.77 1.36
C PHE A 51 29.35 -41.69 2.19
N HIS A 52 29.89 -42.87 2.51
CA HIS A 52 29.14 -43.90 3.20
C HIS A 52 29.47 -44.02 4.67
N THR A 53 30.74 -43.81 5.04
CA THR A 53 31.27 -44.00 6.39
C THR A 53 30.95 -45.42 6.87
N VAL A 54 31.61 -46.37 6.22
CA VAL A 54 31.54 -47.76 6.64
C VAL A 54 32.40 -47.94 7.88
N VAL A 55 31.82 -48.54 8.91
CA VAL A 55 32.52 -48.73 10.19
C VAL A 55 32.59 -50.21 10.50
N PRO A 56 33.78 -50.80 10.54
CA PRO A 56 33.89 -52.24 10.79
C PRO A 56 33.57 -52.59 12.23
N SER A 57 33.67 -53.87 12.52
CA SER A 57 33.40 -54.37 13.86
C SER A 57 34.51 -53.91 14.81
N PRO A 58 34.19 -53.63 16.07
CA PRO A 58 35.24 -53.34 17.05
C PRO A 58 36.08 -54.58 17.33
N GLN A 59 37.33 -54.35 17.68
CA GLN A 59 38.24 -55.45 18.04
C GLN A 59 38.44 -55.42 19.53
N VAL A 60 37.66 -56.22 20.26
CA VAL A 60 37.81 -56.34 21.70
C VAL A 60 38.69 -57.55 21.98
N LYS A 61 39.72 -57.35 22.79
CA LYS A 61 40.54 -58.45 23.26
C LYS A 61 40.75 -58.28 24.76
N CYS A 62 40.75 -59.40 25.46
CA CYS A 62 40.35 -59.42 26.85
C CYS A 62 41.60 -59.66 27.69
N CYS A 63 41.90 -58.71 28.59
CA CYS A 63 43.20 -58.62 29.30
C CYS A 63 44.37 -58.54 28.32
N GLY A 64 44.44 -57.42 27.61
CA GLY A 64 45.59 -57.13 26.78
C GLY A 64 45.58 -55.69 26.35
N SER A 65 46.67 -55.29 25.69
CA SER A 65 46.80 -53.97 25.07
C SER A 65 46.88 -54.15 23.56
N LEU A 66 46.03 -53.42 22.84
CA LEU A 66 45.85 -53.64 21.40
C LEU A 66 45.92 -52.28 20.69
N GLU A 67 47.04 -51.58 20.86
CA GLU A 67 47.30 -50.38 20.09
C GLU A 67 47.26 -50.68 18.60
N CYS A 68 46.72 -49.73 17.82
CA CYS A 68 46.45 -49.97 16.42
C CYS A 68 47.57 -49.44 15.53
N LYS A 69 47.45 -49.72 14.24
CA LYS A 69 48.39 -49.30 13.23
C LYS A 69 47.75 -48.27 12.30
N ALA A 70 48.58 -47.69 11.45
CA ALA A 70 48.08 -46.76 10.44
C ALA A 70 47.59 -47.53 9.22
N SER A 71 46.82 -46.82 8.38
CA SER A 71 46.28 -47.44 7.16
C SER A 71 46.11 -46.37 6.11
N SER A 72 46.05 -46.83 4.85
CA SER A 72 45.90 -45.95 3.70
C SER A 72 44.44 -45.75 3.32
N LYS A 73 43.51 -46.28 4.10
CA LYS A 73 42.09 -46.11 3.82
C LYS A 73 41.67 -44.66 4.04
N ALA A 74 40.55 -44.29 3.43
CA ALA A 74 40.13 -42.89 3.40
C ALA A 74 39.68 -42.44 4.77
N ASP A 75 40.35 -41.40 5.29
CA ASP A 75 40.04 -40.75 6.57
C ASP A 75 40.00 -41.79 7.69
N TYR A 76 41.11 -42.50 7.84
CA TYR A 76 41.21 -43.54 8.83
C TYR A 76 41.24 -42.94 10.22
N THR A 77 40.33 -43.37 11.09
CA THR A 77 40.27 -42.90 12.46
C THR A 77 40.24 -44.10 13.40
N CYS A 78 41.23 -44.17 14.27
CA CYS A 78 41.41 -45.27 15.21
C CYS A 78 41.40 -44.73 16.64
N ARG A 79 40.69 -45.44 17.53
CA ARG A 79 40.81 -45.14 18.94
C ARG A 79 40.84 -46.45 19.73
N VAL A 80 41.53 -46.41 20.86
CA VAL A 80 41.73 -47.57 21.72
C VAL A 80 41.16 -47.23 23.09
N PHE A 81 40.24 -48.07 23.58
CA PHE A 81 39.55 -47.82 24.83
C PHE A 81 39.85 -48.92 25.83
N GLY A 82 40.17 -48.52 27.06
CA GLY A 82 40.41 -49.44 28.14
C GLY A 82 39.27 -49.40 29.15
N GLY A 83 39.23 -50.43 29.99
CA GLY A 83 38.19 -50.55 30.99
C GLY A 83 36.79 -50.77 30.44
N VAL A 84 36.68 -51.56 29.37
CA VAL A 84 35.38 -51.91 28.79
C VAL A 84 35.03 -53.33 29.22
N TYR A 85 33.75 -53.67 29.11
CA TYR A 85 33.25 -54.99 29.48
C TYR A 85 31.97 -55.21 28.67
N PRO A 86 32.11 -55.54 27.38
CA PRO A 86 30.95 -55.49 26.48
C PRO A 86 29.96 -56.62 26.71
N PHE A 87 28.69 -56.33 26.40
CA PHE A 87 27.62 -57.33 26.36
C PHE A 87 27.12 -57.44 24.93
N MET A 88 27.32 -58.61 24.31
CA MET A 88 26.54 -58.99 23.15
C MET A 88 25.33 -59.74 23.71
N TRP A 89 24.41 -60.20 22.85
CA TRP A 89 23.29 -61.01 23.31
C TRP A 89 23.79 -62.30 23.96
N GLY A 90 23.09 -62.72 25.02
CA GLY A 90 23.39 -63.97 25.66
C GLY A 90 24.49 -63.94 26.70
N GLY A 91 25.04 -62.76 27.03
CA GLY A 91 25.97 -62.66 28.13
C GLY A 91 27.17 -61.83 27.77
N ALA A 92 28.13 -61.80 28.70
CA ALA A 92 29.33 -60.99 28.56
C ALA A 92 30.29 -61.59 27.54
N GLN A 93 31.15 -60.73 27.00
CA GLN A 93 32.08 -61.11 25.95
C GLN A 93 33.52 -61.24 26.43
N CYS A 94 33.87 -60.64 27.57
CA CYS A 94 35.16 -60.89 28.20
C CYS A 94 35.00 -61.60 29.52
N PHE A 95 35.84 -62.61 29.70
CA PHE A 95 36.16 -63.24 30.97
C PHE A 95 36.94 -62.34 31.91
N CYS A 96 37.47 -61.22 31.42
CA CYS A 96 38.15 -60.26 32.28
C CYS A 96 37.15 -59.24 32.80
N ASP A 97 37.27 -58.89 34.08
CA ASP A 97 36.29 -58.01 34.71
C ASP A 97 36.48 -56.57 34.25
N SER A 98 37.69 -56.03 34.38
CA SER A 98 37.92 -54.63 34.11
C SER A 98 39.09 -54.35 33.17
N GLU A 99 39.99 -55.30 32.95
CA GLU A 99 41.15 -55.11 32.07
C GLU A 99 40.78 -55.66 30.70
N ASN A 100 40.40 -54.78 29.78
CA ASN A 100 40.05 -55.15 28.42
C ASN A 100 40.50 -54.04 27.47
N THR A 101 40.55 -54.35 26.18
CA THR A 101 40.89 -53.35 25.18
C THR A 101 39.91 -53.45 24.01
N GLN A 102 39.23 -52.35 23.74
CA GLN A 102 38.32 -52.24 22.60
C GLN A 102 38.95 -51.35 21.54
N LEU A 103 39.02 -51.84 20.31
CA LEU A 103 39.50 -51.08 19.17
C LEU A 103 38.31 -50.58 18.38
N SER A 104 38.20 -49.25 18.26
CA SER A 104 37.21 -48.63 17.40
C SER A 104 37.90 -48.14 16.14
N GLU A 105 37.41 -48.58 15.00
CA GLU A 105 37.98 -48.31 13.69
C GLU A 105 36.89 -47.68 12.82
N ALA A 106 37.23 -46.57 12.17
CA ALA A 106 36.25 -45.90 11.33
C ALA A 106 36.96 -45.18 10.20
N TYR A 107 36.87 -45.72 8.99
CA TYR A 107 37.26 -45.02 7.79
C TYR A 107 36.00 -44.65 7.02
N VAL A 108 36.17 -44.11 5.82
CA VAL A 108 35.04 -43.63 5.04
C VAL A 108 35.20 -44.15 3.62
N GLU A 109 34.06 -44.34 2.94
CA GLU A 109 34.03 -44.94 1.62
C GLU A 109 32.95 -44.25 0.79
N PHE A 110 33.09 -44.31 -0.53
CA PHE A 110 32.04 -43.84 -1.42
C PHE A 110 30.76 -44.65 -1.22
N ALA A 111 29.63 -43.97 -1.35
CA ALA A 111 28.35 -44.63 -1.29
C ALA A 111 28.16 -45.52 -2.52
N PRO A 112 27.36 -46.58 -2.42
CA PRO A 112 27.08 -47.39 -3.61
C PRO A 112 26.34 -46.65 -4.71
N ASP A 113 25.69 -45.53 -4.38
CA ASP A 113 24.91 -44.77 -5.33
C ASP A 113 25.69 -43.61 -5.94
N CYS A 114 27.02 -43.67 -5.92
CA CYS A 114 27.87 -42.63 -6.48
C CYS A 114 28.12 -42.80 -7.97
N THR A 115 27.55 -43.84 -8.58
CA THR A 115 27.68 -44.00 -10.03
C THR A 115 26.93 -42.93 -10.81
N ILE A 116 25.92 -42.33 -10.20
CA ILE A 116 25.15 -41.25 -10.82
C ILE A 116 25.33 -39.94 -10.09
N ASP A 117 25.01 -39.90 -8.80
CA ASP A 117 25.03 -38.66 -8.03
C ASP A 117 26.46 -38.32 -7.62
N HIS A 118 27.26 -38.00 -8.62
CA HIS A 118 28.66 -37.63 -8.45
C HIS A 118 28.97 -36.36 -9.22
N ALA A 119 29.81 -35.52 -8.64
CA ALA A 119 30.22 -34.26 -9.25
C ALA A 119 31.71 -34.28 -9.55
N VAL A 120 32.05 -33.97 -10.77
CA VAL A 120 33.46 -33.87 -11.16
C VAL A 120 33.89 -32.42 -11.10
N ALA A 121 35.16 -32.20 -10.77
CA ALA A 121 35.74 -30.86 -10.67
C ALA A 121 36.73 -30.67 -11.82
N LEU A 122 36.61 -29.54 -12.52
CA LEU A 122 37.42 -29.27 -13.70
C LEU A 122 37.97 -27.86 -13.64
N LYS A 123 39.12 -27.66 -14.27
CA LYS A 123 39.63 -26.33 -14.60
C LYS A 123 39.62 -26.16 -16.11
N VAL A 124 38.96 -25.12 -16.58
CA VAL A 124 39.06 -24.74 -17.99
C VAL A 124 40.21 -23.75 -18.16
N HIS A 125 40.87 -23.81 -19.31
CA HIS A 125 42.06 -22.98 -19.53
C HIS A 125 41.85 -21.95 -20.62
N THR A 126 41.49 -22.36 -21.83
CA THR A 126 41.36 -21.44 -22.95
C THR A 126 40.17 -21.86 -23.80
N ALA A 127 39.33 -20.90 -24.15
CA ALA A 127 38.14 -21.17 -24.95
C ALA A 127 38.52 -21.20 -26.42
N ALA A 128 38.26 -22.33 -27.08
CA ALA A 128 38.48 -22.48 -28.51
C ALA A 128 37.14 -22.44 -29.21
N LEU A 129 36.98 -21.51 -30.15
CA LEU A 129 35.72 -21.29 -30.83
C LEU A 129 35.72 -22.00 -32.18
N LYS A 130 34.78 -22.93 -32.35
CA LYS A 130 34.58 -23.63 -33.60
C LYS A 130 33.20 -23.29 -34.14
N VAL A 131 33.15 -22.76 -35.36
CA VAL A 131 31.92 -22.26 -35.94
C VAL A 131 31.67 -22.95 -37.28
N GLY A 132 30.41 -23.26 -37.55
CA GLY A 132 30.01 -23.83 -38.83
C GLY A 132 29.40 -22.76 -39.70
N LEU A 133 29.77 -22.76 -40.98
CA LEU A 133 29.43 -21.70 -41.91
C LEU A 133 28.65 -22.28 -43.09
N ARG A 134 27.50 -21.68 -43.37
CA ARG A 134 26.75 -21.86 -44.60
C ARG A 134 27.17 -20.76 -45.57
N ILE A 135 27.68 -21.16 -46.74
CA ILE A 135 28.09 -20.21 -47.78
C ILE A 135 27.29 -20.52 -49.02
N VAL A 136 26.69 -19.51 -49.65
CA VAL A 136 26.26 -19.62 -51.03
C VAL A 136 26.89 -18.47 -51.81
N TYR A 137 27.58 -18.83 -52.89
CA TYR A 137 28.19 -17.87 -53.82
C TYR A 137 27.75 -18.25 -55.22
N GLY A 138 27.15 -17.29 -55.93
CA GLY A 138 26.51 -17.60 -57.20
C GLY A 138 25.36 -18.56 -57.00
N ASN A 139 25.56 -19.82 -57.39
CA ASN A 139 24.60 -20.88 -57.13
C ASN A 139 25.22 -22.06 -56.38
N THR A 140 26.40 -21.88 -55.79
CA THR A 140 27.13 -22.97 -55.16
C THR A 140 27.10 -22.80 -53.64
N THR A 141 26.71 -23.85 -52.93
CA THR A 141 26.63 -23.87 -51.48
C THR A 141 27.78 -24.66 -50.88
N ALA A 142 28.03 -24.42 -49.59
CA ALA A 142 29.13 -25.05 -48.89
C ALA A 142 28.88 -25.00 -47.39
N ARG A 143 29.10 -26.14 -46.72
CA ARG A 143 29.02 -26.26 -45.28
C ARG A 143 30.43 -26.50 -44.75
N LEU A 144 31.01 -25.52 -44.07
CA LEU A 144 32.39 -25.64 -43.61
C LEU A 144 32.48 -25.38 -42.10
N ASP A 145 33.11 -26.32 -41.39
CA ASP A 145 33.35 -26.17 -39.96
C ASP A 145 34.79 -25.72 -39.75
N THR A 146 34.97 -24.55 -39.14
CA THR A 146 36.28 -23.93 -39.02
C THR A 146 36.52 -23.44 -37.60
N PHE A 147 37.77 -23.53 -37.16
CA PHE A 147 38.20 -22.92 -35.92
C PHE A 147 38.43 -21.43 -36.11
N VAL A 148 38.15 -20.66 -35.08
CA VAL A 148 38.34 -19.21 -35.11
C VAL A 148 39.66 -18.95 -34.39
N ASN A 149 40.75 -18.98 -35.15
CA ASN A 149 42.05 -18.55 -34.65
C ASN A 149 42.88 -17.73 -35.64
N GLY A 150 42.64 -17.84 -36.95
CA GLY A 150 43.47 -17.21 -37.95
C GLY A 150 44.21 -18.17 -38.85
N VAL A 151 44.23 -19.46 -38.53
CA VAL A 151 44.89 -20.49 -39.33
C VAL A 151 43.94 -21.69 -39.44
N THR A 152 44.44 -22.79 -40.04
CA THR A 152 43.75 -24.07 -40.21
C THR A 152 42.46 -23.91 -41.01
N PRO A 153 42.54 -23.76 -42.34
CA PRO A 153 41.31 -23.68 -43.15
C PRO A 153 40.41 -24.90 -43.04
N GLY A 154 40.99 -26.10 -42.89
CA GLY A 154 40.19 -27.30 -42.70
C GLY A 154 39.60 -27.84 -43.98
N SER A 155 38.27 -27.82 -44.08
CA SER A 155 37.57 -28.39 -45.22
C SER A 155 37.76 -27.47 -46.44
N SER A 156 38.49 -27.96 -47.44
CA SER A 156 38.78 -27.20 -48.65
C SER A 156 38.57 -28.06 -49.89
N ARG A 157 37.44 -28.76 -49.94
CA ARG A 157 37.10 -29.53 -51.13
C ARG A 157 36.78 -28.62 -52.31
N ASP A 158 36.18 -27.46 -52.05
CA ASP A 158 35.94 -26.46 -53.09
C ASP A 158 36.25 -25.04 -52.65
N LEU A 159 36.24 -24.73 -51.35
CA LEU A 159 36.34 -23.37 -50.87
C LEU A 159 37.31 -23.31 -49.70
N LYS A 160 38.12 -22.26 -49.66
CA LYS A 160 39.10 -22.04 -48.59
C LYS A 160 38.65 -20.87 -47.73
N VAL A 161 38.62 -21.08 -46.42
CA VAL A 161 38.09 -20.12 -45.46
C VAL A 161 39.04 -20.01 -44.28
N ILE A 162 39.43 -18.78 -43.96
CA ILE A 162 40.26 -18.47 -42.79
C ILE A 162 39.44 -17.60 -41.85
N ALA A 163 39.20 -18.10 -40.64
CA ALA A 163 38.49 -17.36 -39.61
C ALA A 163 39.50 -16.70 -38.69
N GLY A 164 39.59 -15.37 -38.76
CA GLY A 164 40.55 -14.62 -37.99
C GLY A 164 40.20 -14.58 -36.51
N PRO A 165 41.12 -14.09 -35.69
CA PRO A 165 40.85 -14.01 -34.25
C PRO A 165 39.70 -13.06 -33.95
N ILE A 166 38.89 -13.44 -32.96
CA ILE A 166 37.68 -12.69 -32.66
C ILE A 166 38.03 -11.42 -31.88
N SER A 167 37.20 -10.39 -32.05
CA SER A 167 37.47 -9.08 -31.45
C SER A 167 37.44 -9.14 -29.93
N ALA A 168 36.47 -9.87 -29.36
CA ALA A 168 36.33 -9.98 -27.90
C ALA A 168 36.43 -11.45 -27.51
N ALA A 169 37.33 -11.75 -26.58
CA ALA A 169 37.50 -13.11 -26.07
C ALA A 169 36.58 -13.29 -24.87
N PHE A 170 35.52 -14.07 -25.04
CA PHE A 170 34.54 -14.31 -23.99
C PHE A 170 34.55 -15.78 -23.60
N SER A 171 34.47 -16.03 -22.30
CA SER A 171 34.38 -17.38 -21.77
C SER A 171 33.29 -17.43 -20.70
N PRO A 172 32.22 -18.20 -20.91
CA PRO A 172 31.17 -18.28 -19.90
C PRO A 172 31.57 -19.04 -18.65
N PHE A 173 32.64 -19.83 -18.72
CA PHE A 173 33.10 -20.61 -17.57
C PHE A 173 34.12 -19.81 -16.77
N ASP A 174 34.00 -19.86 -15.45
CA ASP A 174 35.06 -19.38 -14.58
C ASP A 174 36.19 -20.41 -14.59
N HIS A 175 37.29 -20.08 -13.89
CA HIS A 175 38.49 -20.91 -13.94
C HIS A 175 38.25 -22.29 -13.32
N LYS A 176 37.31 -22.41 -12.40
CA LYS A 176 36.97 -23.67 -11.76
C LYS A 176 35.49 -23.96 -11.95
N VAL A 177 35.17 -25.16 -12.44
CA VAL A 177 33.78 -25.55 -12.71
C VAL A 177 33.52 -26.91 -12.10
N VAL A 178 32.25 -27.14 -11.77
CA VAL A 178 31.79 -28.41 -11.20
C VAL A 178 30.65 -28.93 -12.06
N ILE A 179 30.74 -30.19 -12.48
CA ILE A 179 29.70 -30.80 -13.30
C ILE A 179 29.06 -31.94 -12.52
N ARG A 180 27.76 -31.83 -12.30
CA ARG A 180 26.95 -32.90 -11.73
C ARG A 180 25.74 -33.13 -12.61
N LYS A 181 25.59 -34.37 -13.10
CA LYS A 181 24.37 -34.84 -13.79
C LYS A 181 24.01 -33.97 -14.99
N GLY A 182 25.04 -33.54 -15.72
CA GLY A 182 24.83 -32.71 -16.89
C GLY A 182 24.69 -31.23 -16.62
N LEU A 183 24.80 -30.80 -15.37
CA LEU A 183 24.68 -29.41 -14.99
C LEU A 183 26.04 -28.87 -14.55
N VAL A 184 26.37 -27.68 -15.02
CA VAL A 184 27.67 -27.05 -14.75
C VAL A 184 27.45 -25.87 -13.83
N TYR A 185 28.34 -25.73 -12.85
CA TYR A 185 28.30 -24.65 -11.87
C TYR A 185 29.67 -23.99 -11.80
N ASN A 186 29.67 -22.66 -11.72
CA ASN A 186 30.90 -21.88 -11.58
C ASN A 186 31.24 -21.80 -10.09
N TYR A 187 31.81 -22.89 -9.58
CA TYR A 187 32.12 -23.01 -8.17
C TYR A 187 33.63 -23.06 -7.97
N ASP A 188 34.10 -22.45 -6.88
CA ASP A 188 35.52 -22.43 -6.54
C ASP A 188 35.78 -23.56 -5.55
N PHE A 189 35.91 -24.77 -6.09
CA PHE A 189 36.21 -25.93 -5.27
C PHE A 189 37.64 -25.88 -4.77
N PRO A 190 37.93 -26.50 -3.62
CA PRO A 190 39.31 -26.56 -3.13
C PRO A 190 40.18 -27.45 -3.98
N GLU A 191 41.49 -27.28 -3.80
CA GLU A 191 42.47 -28.08 -4.51
C GLU A 191 42.44 -29.53 -4.03
N TYR A 192 43.00 -30.42 -4.83
CA TYR A 192 43.06 -31.84 -4.48
C TYR A 192 43.96 -32.03 -3.27
N GLY A 193 43.39 -32.57 -2.20
CA GLY A 193 44.08 -32.73 -0.94
C GLY A 193 43.81 -31.63 0.07
N ALA A 194 43.24 -30.51 -0.37
CA ALA A 194 42.84 -29.43 0.54
C ALA A 194 41.40 -29.61 0.98
N MET A 195 41.15 -30.76 1.60
CA MET A 195 39.79 -31.16 1.99
C MET A 195 39.42 -30.50 3.31
N ASN A 196 38.36 -29.70 3.28
CA ASN A 196 37.80 -29.15 4.50
C ASN A 196 36.51 -29.87 4.87
N PRO A 197 36.19 -30.00 6.15
CA PRO A 197 34.98 -30.74 6.53
C PRO A 197 33.74 -29.87 6.45
N GLY A 198 32.62 -30.50 6.11
CA GLY A 198 31.35 -29.83 6.03
C GLY A 198 31.12 -29.03 4.76
N ALA A 199 32.03 -29.09 3.80
CA ALA A 199 31.91 -28.35 2.56
C ALA A 199 32.23 -29.27 1.38
N PHE A 200 32.17 -28.69 0.19
CA PHE A 200 32.40 -29.45 -1.04
C PHE A 200 33.85 -29.89 -1.13
N GLY A 201 34.06 -31.07 -1.70
CA GLY A 201 35.40 -31.62 -1.77
C GLY A 201 35.85 -32.30 -0.50
N ASP A 202 34.92 -32.69 0.36
CA ASP A 202 35.28 -33.35 1.61
C ASP A 202 35.87 -34.73 1.38
N ILE A 203 35.38 -35.46 0.39
CA ILE A 203 35.96 -36.74 -0.02
C ILE A 203 36.28 -36.65 -1.50
N GLN A 204 37.49 -37.09 -1.88
CA GLN A 204 38.01 -36.89 -3.22
C GLN A 204 38.69 -38.17 -3.70
N ALA A 205 38.67 -38.36 -5.02
CA ALA A 205 39.40 -39.43 -5.69
C ALA A 205 39.54 -39.07 -7.16
N SER A 206 40.62 -39.57 -7.77
CA SER A 206 40.85 -39.31 -9.19
C SER A 206 39.75 -39.93 -10.05
N SER A 207 39.31 -41.13 -9.70
CA SER A 207 38.22 -41.80 -10.40
C SER A 207 37.33 -42.49 -9.36
N LEU A 208 36.12 -42.86 -9.79
CA LEU A 208 35.16 -43.48 -8.90
C LEU A 208 35.61 -44.85 -8.42
N ASP A 209 36.28 -45.63 -9.27
CA ASP A 209 36.72 -46.97 -8.92
C ASP A 209 38.12 -47.00 -8.32
N ALA A 210 38.76 -45.84 -8.15
CA ALA A 210 40.11 -45.81 -7.62
C ALA A 210 40.12 -46.10 -6.13
N THR A 211 41.13 -46.86 -5.69
CA THR A 211 41.32 -47.14 -4.27
C THR A 211 42.05 -46.03 -3.55
N ASP A 212 42.63 -45.07 -4.26
CA ASP A 212 43.32 -43.93 -3.65
C ASP A 212 42.28 -42.85 -3.39
N ILE A 213 41.58 -42.97 -2.26
CA ILE A 213 40.50 -42.07 -1.89
C ILE A 213 40.93 -41.31 -0.65
N VAL A 214 40.82 -39.98 -0.68
CA VAL A 214 41.24 -39.13 0.42
C VAL A 214 40.02 -38.42 1.00
N ALA A 215 40.04 -38.19 2.31
CA ALA A 215 38.96 -37.49 2.97
C ALA A 215 39.46 -36.93 4.29
N ARG A 216 38.84 -35.83 4.73
CA ARG A 216 39.19 -35.19 5.99
C ARG A 216 37.91 -34.76 6.73
N THR A 217 36.94 -35.66 6.77
CA THR A 217 35.73 -35.38 7.55
C THR A 217 36.03 -35.45 9.04
N ASP A 218 35.40 -34.55 9.81
CA ASP A 218 35.59 -34.53 11.26
C ASP A 218 34.80 -35.67 11.88
N ILE A 219 35.39 -36.86 11.82
CA ILE A 219 34.85 -38.03 12.50
C ILE A 219 35.63 -38.25 13.79
N ARG A 220 34.90 -38.34 14.90
CA ARG A 220 35.49 -38.51 16.22
C ARG A 220 34.87 -39.73 16.89
N LEU A 221 35.72 -40.64 17.35
CA LEU A 221 35.27 -41.84 18.04
C LEU A 221 35.12 -41.55 19.53
N LEU A 222 33.94 -41.84 20.06
CA LEU A 222 33.61 -41.54 21.44
C LEU A 222 33.87 -42.75 22.32
N LYS A 223 34.06 -42.49 23.61
CA LYS A 223 34.24 -43.56 24.57
C LYS A 223 32.94 -44.31 24.77
N PRO A 224 32.91 -45.63 24.65
CA PRO A 224 31.66 -46.37 24.85
C PRO A 224 31.20 -46.31 26.30
N SER A 225 29.93 -46.00 26.49
CA SER A 225 29.36 -45.82 27.82
C SER A 225 28.41 -46.92 28.24
N VAL A 226 27.51 -47.36 27.36
CA VAL A 226 26.54 -48.38 27.74
C VAL A 226 27.19 -49.75 27.80
N LYS A 227 26.46 -50.72 28.34
CA LYS A 227 27.00 -52.06 28.55
C LYS A 227 27.20 -52.81 27.24
N ASN A 228 26.41 -52.50 26.23
CA ASN A 228 26.38 -53.30 25.02
C ASN A 228 27.44 -52.85 24.02
N ILE A 229 27.86 -53.76 23.17
CA ILE A 229 28.94 -53.50 22.22
C ILE A 229 28.40 -52.68 21.05
N HIS A 230 29.12 -51.59 20.72
CA HIS A 230 28.86 -50.77 19.55
C HIS A 230 30.03 -49.82 19.39
N VAL A 231 29.91 -48.91 18.42
CA VAL A 231 30.83 -47.79 18.28
C VAL A 231 30.03 -46.50 18.36
N PRO A 232 30.37 -45.57 19.24
CA PRO A 232 29.81 -44.22 19.14
C PRO A 232 30.71 -43.31 18.32
N TYR A 233 30.15 -42.64 17.31
CA TYR A 233 30.94 -41.72 16.51
C TYR A 233 30.08 -40.55 16.09
N THR A 234 30.68 -39.36 16.11
CA THR A 234 30.05 -38.15 15.61
C THR A 234 30.83 -37.65 14.41
N GLN A 235 30.12 -37.42 13.31
CA GLN A 235 30.73 -36.98 12.07
C GLN A 235 30.16 -35.63 11.67
N ALA A 236 31.00 -34.83 11.03
CA ALA A 236 30.50 -33.63 10.37
C ALA A 236 29.59 -34.03 9.21
N VAL A 237 28.55 -33.22 8.98
CA VAL A 237 27.62 -33.51 7.89
C VAL A 237 28.34 -33.40 6.56
N SER A 238 27.98 -34.27 5.63
CA SER A 238 28.64 -34.32 4.34
C SER A 238 28.42 -33.03 3.57
N GLY A 239 29.51 -32.44 3.08
CA GLY A 239 29.41 -31.18 2.38
C GLY A 239 28.84 -31.29 0.99
N TYR A 240 28.68 -32.50 0.46
CA TYR A 240 28.07 -32.68 -0.84
C TYR A 240 26.59 -32.31 -0.80
N GLU A 241 25.86 -32.79 0.21
CA GLU A 241 24.45 -32.40 0.35
C GLU A 241 24.31 -30.93 0.72
N MET A 242 25.26 -30.36 1.46
CA MET A 242 25.20 -28.93 1.73
C MET A 242 25.41 -28.13 0.44
N TRP A 243 26.31 -28.58 -0.43
CA TRP A 243 26.47 -27.91 -1.72
C TRP A 243 25.23 -28.09 -2.59
N LYS A 244 24.61 -29.26 -2.55
CA LYS A 244 23.36 -29.47 -3.28
C LYS A 244 22.23 -28.61 -2.73
N ASN A 245 22.29 -28.28 -1.44
CA ASN A 245 21.24 -27.50 -0.81
C ASN A 245 21.31 -26.03 -1.21
N ASN A 246 22.51 -25.52 -1.48
CA ASN A 246 22.69 -24.11 -1.83
C ASN A 246 23.65 -23.96 -3.03
N SER A 247 23.41 -24.76 -4.07
CA SER A 247 24.24 -24.68 -5.27
C SER A 247 23.97 -23.42 -6.07
N GLY A 248 22.87 -22.73 -5.83
CA GLY A 248 22.49 -21.62 -6.68
C GLY A 248 21.99 -22.12 -8.02
N ARG A 249 22.05 -21.24 -8.98
CA ARG A 249 21.56 -21.72 -10.26
C ARG A 249 22.71 -22.26 -11.11
N PRO A 250 22.46 -23.29 -11.89
CA PRO A 250 23.50 -23.83 -12.78
C PRO A 250 23.83 -22.86 -13.89
N LEU A 251 24.98 -23.10 -14.52
CA LEU A 251 25.51 -22.17 -15.50
C LEU A 251 24.75 -22.24 -16.82
N GLN A 252 23.94 -23.28 -17.04
CA GLN A 252 23.07 -23.31 -18.21
C GLN A 252 22.00 -22.23 -18.18
N GLU A 253 21.67 -21.71 -17.00
CA GLU A 253 20.64 -20.70 -16.85
C GLU A 253 21.18 -19.33 -16.47
N THR A 254 22.48 -19.21 -16.20
CA THR A 254 23.10 -17.94 -15.85
C THR A 254 24.21 -17.51 -16.81
N ALA A 255 24.47 -18.28 -17.87
CA ALA A 255 25.54 -17.92 -18.78
C ALA A 255 25.19 -16.67 -19.57
N PRO A 256 26.13 -15.75 -19.73
CA PRO A 256 25.86 -14.55 -20.53
C PRO A 256 25.86 -14.88 -22.03
N PHE A 257 25.47 -13.88 -22.82
CA PHE A 257 25.58 -13.89 -24.27
C PHE A 257 24.70 -14.96 -24.92
N GLY A 258 23.70 -15.43 -24.18
CA GLY A 258 22.63 -16.25 -24.71
C GLY A 258 23.02 -17.58 -25.33
N CYS A 259 23.82 -18.38 -24.62
CA CYS A 259 24.24 -19.68 -25.16
C CYS A 259 24.14 -20.78 -24.12
N LYS A 260 23.99 -22.00 -24.63
CA LYS A 260 23.60 -23.14 -23.79
C LYS A 260 24.72 -24.17 -23.74
N ILE A 261 24.96 -24.70 -22.54
CA ILE A 261 26.17 -25.45 -22.24
C ILE A 261 25.84 -26.92 -22.06
N GLU A 262 26.58 -27.78 -22.76
CA GLU A 262 26.39 -29.23 -22.68
C GLU A 262 27.67 -29.89 -22.19
N VAL A 263 27.51 -31.10 -21.67
CA VAL A 263 28.61 -31.88 -21.13
C VAL A 263 28.86 -33.07 -22.03
N GLU A 264 30.03 -33.70 -21.82
CA GLU A 264 30.56 -34.83 -22.56
C GLU A 264 30.58 -34.54 -24.06
N PRO A 265 31.51 -33.70 -24.56
CA PRO A 265 32.52 -32.93 -23.82
C PRO A 265 31.91 -31.63 -23.29
N LEU A 266 32.60 -30.89 -22.44
CA LEU A 266 32.07 -29.63 -21.95
C LEU A 266 32.22 -28.55 -23.02
N ARG A 267 31.11 -28.00 -23.47
CA ARG A 267 31.18 -26.92 -24.45
C ARG A 267 29.95 -26.04 -24.32
N ALA A 268 30.05 -24.85 -24.91
CA ALA A 268 28.97 -23.88 -24.96
C ALA A 268 28.58 -23.66 -26.41
N THR A 269 27.28 -23.76 -26.71
CA THR A 269 26.77 -23.75 -28.06
C THR A 269 25.94 -22.49 -28.30
N ASN A 270 26.20 -21.85 -29.45
CA ASN A 270 25.51 -20.67 -29.96
C ASN A 270 25.76 -19.42 -29.12
N CYS A 271 27.03 -19.12 -28.88
CA CYS A 271 27.42 -17.92 -28.13
C CYS A 271 27.56 -16.76 -29.10
N ALA A 272 26.64 -15.82 -29.01
CA ALA A 272 26.56 -14.67 -29.93
C ALA A 272 27.33 -13.52 -29.32
N TYR A 273 28.57 -13.31 -29.78
CA TYR A 273 29.40 -12.25 -29.23
C TYR A 273 30.48 -11.85 -30.21
N GLY A 274 30.74 -10.54 -30.27
CA GLY A 274 31.84 -10.03 -31.05
C GLY A 274 31.59 -10.12 -32.55
N HIS A 275 32.66 -9.89 -33.30
CA HIS A 275 32.67 -9.98 -34.75
C HIS A 275 33.84 -10.83 -35.19
N ILE A 276 33.60 -11.71 -36.16
CA ILE A 276 34.63 -12.59 -36.69
C ILE A 276 35.20 -11.94 -37.96
N PRO A 277 36.50 -11.65 -38.01
CA PRO A 277 37.15 -11.35 -39.28
C PRO A 277 37.25 -12.62 -40.11
N ILE A 278 36.65 -12.62 -41.30
CA ILE A 278 36.61 -13.77 -42.17
C ILE A 278 37.39 -13.44 -43.44
N SER A 279 38.03 -14.45 -44.01
CA SER A 279 38.78 -14.30 -45.25
C SER A 279 38.49 -15.50 -46.13
N ILE A 280 37.84 -15.25 -47.26
CA ILE A 280 37.36 -16.30 -48.15
C ILE A 280 38.18 -16.29 -49.42
N ASP A 281 38.43 -17.47 -49.98
CA ASP A 281 39.16 -17.64 -51.24
C ASP A 281 38.14 -18.19 -52.24
N ILE A 282 37.41 -17.28 -52.89
CA ILE A 282 36.37 -17.67 -53.83
C ILE A 282 37.01 -18.25 -55.09
N PRO A 283 36.64 -19.46 -55.50
CA PRO A 283 37.24 -20.04 -56.70
C PRO A 283 36.85 -19.27 -57.96
N ASP A 284 37.75 -19.31 -58.95
CA ASP A 284 37.52 -18.60 -60.21
C ASP A 284 36.46 -19.27 -61.08
N ALA A 285 36.07 -20.51 -60.77
CA ALA A 285 35.04 -21.18 -61.54
C ALA A 285 33.69 -20.48 -61.38
N ALA A 286 33.38 -20.02 -60.17
CA ALA A 286 32.13 -19.29 -59.94
C ALA A 286 32.14 -17.92 -60.60
N PHE A 287 33.31 -17.34 -60.82
CA PHE A 287 33.39 -16.05 -61.51
C PHE A 287 33.03 -16.21 -62.99
N VAL A 288 32.21 -15.30 -63.48
CA VAL A 288 31.79 -15.29 -64.88
C VAL A 288 32.24 -13.99 -65.52
N ARG A 289 32.36 -14.01 -66.84
CA ARG A 289 32.79 -12.82 -67.56
C ARG A 289 31.70 -11.77 -67.56
N SER A 290 32.12 -10.50 -67.47
CA SER A 290 31.17 -9.39 -67.40
C SER A 290 30.38 -9.21 -68.69
N SER A 291 30.91 -9.68 -69.82
CA SER A 291 30.14 -9.65 -71.07
C SER A 291 28.93 -10.57 -71.00
N GLU A 292 29.09 -11.75 -70.39
CA GLU A 292 27.97 -12.67 -70.25
C GLU A 292 26.95 -12.16 -69.24
N SER A 293 27.41 -11.47 -68.20
CA SER A 293 26.48 -10.91 -67.22
C SER A 293 25.78 -9.69 -67.82
N PRO A 294 24.44 -9.64 -67.81
CA PRO A 294 23.75 -8.46 -68.34
C PRO A 294 24.04 -7.21 -67.52
N THR A 295 24.23 -6.10 -68.23
CA THR A 295 24.52 -4.83 -67.61
C THR A 295 23.21 -4.07 -67.35
N ILE A 296 23.31 -2.81 -66.95
CA ILE A 296 22.14 -2.02 -66.60
C ILE A 296 22.46 -0.56 -66.91
N LEU A 297 21.43 0.21 -67.26
CA LEU A 297 21.61 1.57 -67.73
C LEU A 297 21.05 2.61 -66.77
N GLU A 298 19.76 2.54 -66.44
CA GLU A 298 19.12 3.52 -65.57
C GLU A 298 18.28 2.80 -64.53
N VAL A 299 18.49 3.15 -63.27
CA VAL A 299 17.79 2.52 -62.15
C VAL A 299 17.18 3.61 -61.28
N SER A 300 15.91 3.45 -60.93
CA SER A 300 15.21 4.38 -60.06
C SER A 300 14.62 3.63 -58.87
N CYS A 301 14.57 4.31 -57.72
CA CYS A 301 14.12 3.71 -56.47
C CYS A 301 12.89 4.43 -55.95
N THR A 302 11.98 3.67 -55.33
CA THR A 302 10.86 4.25 -54.60
C THR A 302 10.46 3.26 -53.52
N VAL A 303 10.86 3.52 -52.28
CA VAL A 303 10.53 2.66 -51.16
C VAL A 303 9.32 3.25 -50.42
N ALA A 304 8.34 2.39 -50.13
CA ALA A 304 7.08 2.82 -49.53
C ALA A 304 6.87 2.10 -48.21
N ASP A 305 6.45 2.84 -47.20
CA ASP A 305 6.05 2.33 -45.88
C ASP A 305 7.20 1.58 -45.21
N CYS A 306 8.25 2.33 -44.92
CA CYS A 306 9.40 1.82 -44.18
C CYS A 306 9.11 1.76 -42.69
N ILE A 307 9.66 0.74 -42.04
CA ILE A 307 9.54 0.58 -40.59
C ILE A 307 10.79 -0.13 -40.07
N TYR A 308 11.51 0.51 -39.15
CA TYR A 308 12.86 0.02 -38.79
C TYR A 308 12.79 -1.00 -37.66
N SER A 309 12.07 -2.09 -37.93
CA SER A 309 11.93 -3.19 -37.01
C SER A 309 13.01 -4.24 -37.26
N ALA A 310 13.03 -5.27 -36.41
CA ALA A 310 13.97 -6.37 -36.61
C ALA A 310 13.62 -7.21 -37.82
N ASP A 311 12.34 -7.29 -38.16
CA ASP A 311 11.90 -8.02 -39.33
C ASP A 311 12.25 -7.24 -40.61
N PHE A 312 12.00 -7.87 -41.75
CA PHE A 312 12.20 -7.20 -43.03
C PHE A 312 11.09 -6.19 -43.28
N GLY A 313 11.09 -5.10 -42.52
CA GLY A 313 10.01 -4.15 -42.54
C GLY A 313 10.16 -3.03 -43.54
N GLY A 314 10.01 -3.33 -44.82
CA GLY A 314 10.07 -2.31 -45.83
C GLY A 314 10.04 -2.87 -47.23
N SER A 315 9.24 -2.26 -48.10
CA SER A 315 9.10 -2.71 -49.48
C SER A 315 9.53 -1.57 -50.40
N LEU A 316 10.51 -1.85 -51.25
CA LEU A 316 10.96 -0.88 -52.23
C LEU A 316 10.64 -1.39 -53.62
N THR A 317 9.95 -0.56 -54.41
CA THR A 317 9.83 -0.79 -55.84
C THR A 317 11.05 -0.19 -56.52
N LEU A 318 11.60 -0.93 -57.47
CA LEU A 318 12.88 -0.55 -58.06
C LEU A 318 12.79 -0.79 -59.55
N GLN A 319 12.95 0.28 -60.33
CA GLN A 319 12.72 0.29 -61.77
C GLN A 319 14.05 0.27 -62.51
N TYR A 320 14.12 -0.55 -63.56
CA TYR A 320 15.36 -0.76 -64.30
C TYR A 320 15.11 -0.66 -65.80
N LYS A 321 16.18 -0.33 -66.53
CA LYS A 321 16.21 -0.36 -67.99
C LYS A 321 17.23 -1.42 -68.39
N ALA A 322 16.78 -2.65 -68.57
CA ALA A 322 17.65 -3.81 -68.71
C ALA A 322 18.22 -3.91 -70.11
N ASN A 323 19.44 -4.44 -70.21
CA ASN A 323 20.06 -4.66 -71.51
C ASN A 323 19.68 -6.03 -72.08
N ARG A 324 19.64 -7.06 -71.24
CA ARG A 324 19.41 -8.42 -71.71
C ARG A 324 18.81 -9.24 -70.58
N GLU A 325 18.05 -10.27 -70.96
CA GLU A 325 17.44 -11.17 -69.98
C GLU A 325 18.51 -11.95 -69.24
N GLY A 326 18.29 -12.18 -67.94
CA GLY A 326 19.22 -12.98 -67.15
C GLY A 326 19.07 -12.79 -65.65
N HIS A 327 19.48 -13.80 -64.88
CA HIS A 327 19.46 -13.70 -63.42
C HIS A 327 20.80 -13.17 -62.92
N CYS A 328 20.76 -12.25 -61.97
CA CYS A 328 21.96 -11.58 -61.48
C CYS A 328 21.66 -10.98 -60.11
N PRO A 329 22.70 -10.71 -59.28
CA PRO A 329 22.42 -10.38 -57.87
C PRO A 329 21.97 -8.95 -57.60
N VAL A 330 21.79 -8.65 -56.31
CA VAL A 330 21.38 -7.33 -55.84
C VAL A 330 21.89 -7.20 -54.41
N HIS A 331 22.34 -6.00 -54.04
CA HIS A 331 22.94 -5.84 -52.71
C HIS A 331 22.91 -4.39 -52.26
N SER A 332 22.66 -4.19 -50.96
CA SER A 332 22.67 -2.87 -50.36
C SER A 332 23.97 -2.64 -49.61
N HIS A 333 24.74 -1.65 -50.05
CA HIS A 333 26.08 -1.40 -49.54
C HIS A 333 26.09 -0.87 -48.10
N SER A 334 25.13 -0.04 -47.75
CA SER A 334 25.07 0.54 -46.41
C SER A 334 24.79 -0.56 -45.39
N THR A 335 25.58 -0.58 -44.32
CA THR A 335 25.42 -1.59 -43.27
C THR A 335 24.11 -1.42 -42.52
N THR A 336 23.54 -0.20 -42.53
CA THR A 336 22.32 0.10 -41.81
C THR A 336 21.10 -0.65 -42.36
N ALA A 337 21.13 -1.06 -43.63
CA ALA A 337 20.02 -1.79 -44.23
C ALA A 337 20.54 -3.06 -44.88
N VAL A 338 19.81 -4.16 -44.68
CA VAL A 338 20.16 -5.45 -45.26
C VAL A 338 18.97 -5.97 -46.07
N LEU A 339 19.27 -6.57 -47.21
CA LEU A 339 18.24 -7.01 -48.15
C LEU A 339 17.90 -8.47 -47.91
N LYS A 340 16.60 -8.77 -48.00
CA LYS A 340 16.13 -10.16 -47.91
C LYS A 340 16.62 -10.96 -49.12
N GLU A 341 16.39 -10.43 -50.32
CA GLU A 341 16.72 -11.12 -51.56
C GLU A 341 18.15 -10.81 -51.96
N ALA A 342 18.86 -11.82 -52.44
CA ALA A 342 20.26 -11.68 -52.84
C ALA A 342 20.48 -11.75 -54.34
N THR A 343 19.54 -12.32 -55.10
CA THR A 343 19.70 -12.44 -56.55
C THR A 343 18.34 -12.38 -57.20
N THR A 344 18.15 -11.44 -58.13
CA THR A 344 16.89 -11.30 -58.84
C THR A 344 17.07 -11.76 -60.29
N HIS A 345 16.00 -11.65 -61.07
CA HIS A 345 15.97 -12.10 -62.45
C HIS A 345 15.52 -10.93 -63.32
N VAL A 346 16.49 -10.24 -63.91
CA VAL A 346 16.27 -8.99 -64.62
C VAL A 346 16.19 -9.28 -66.12
N THR A 347 15.06 -8.95 -66.74
CA THR A 347 14.85 -9.25 -68.16
C THR A 347 14.78 -7.99 -69.02
N ALA A 348 13.73 -7.17 -68.84
CA ALA A 348 13.55 -5.96 -69.65
C ALA A 348 12.49 -5.04 -69.08
N THR A 349 12.89 -3.87 -68.58
CA THR A 349 12.01 -2.75 -68.24
C THR A 349 10.88 -3.20 -67.30
N GLY A 350 11.25 -3.45 -66.04
CA GLY A 350 10.33 -3.95 -65.05
C GLY A 350 10.48 -3.24 -63.71
N SER A 351 9.55 -3.56 -62.81
CA SER A 351 9.59 -3.10 -61.43
C SER A 351 9.80 -4.31 -60.53
N ILE A 352 10.88 -4.29 -59.75
CA ILE A 352 11.24 -5.36 -58.84
C ILE A 352 10.99 -4.87 -57.42
N THR A 353 10.25 -5.65 -56.65
CA THR A 353 10.01 -5.34 -55.24
C THR A 353 11.05 -6.05 -54.39
N LEU A 354 11.60 -5.33 -53.42
CA LEU A 354 12.60 -5.88 -52.52
C LEU A 354 12.24 -5.56 -51.08
N HIS A 355 12.63 -6.46 -50.19
CA HIS A 355 12.38 -6.35 -48.76
C HIS A 355 13.70 -6.14 -48.05
N PHE A 356 13.76 -5.12 -47.19
CA PHE A 356 14.98 -4.80 -46.46
C PHE A 356 14.64 -4.54 -45.00
N SER A 357 15.57 -4.94 -44.13
CA SER A 357 15.49 -4.65 -42.71
C SER A 357 16.51 -3.56 -42.39
N THR A 358 16.05 -2.49 -41.75
CA THR A 358 16.89 -1.35 -41.42
C THR A 358 16.73 -1.00 -39.95
N SER A 359 17.60 -0.09 -39.48
CA SER A 359 17.55 0.39 -38.12
C SER A 359 17.55 1.90 -38.01
N SER A 360 17.72 2.62 -39.13
CA SER A 360 17.74 4.08 -39.08
C SER A 360 16.35 4.65 -39.30
N PRO A 361 16.06 5.80 -38.68
CA PRO A 361 14.81 6.50 -39.00
C PRO A 361 14.74 6.98 -40.45
N GLN A 362 15.88 7.25 -41.08
CA GLN A 362 15.93 7.64 -42.48
C GLN A 362 16.37 6.44 -43.31
N ALA A 363 15.69 6.22 -44.43
CA ALA A 363 16.12 5.20 -45.38
C ALA A 363 16.83 5.93 -46.51
N ASN A 364 18.11 6.22 -46.31
CA ASN A 364 18.95 6.87 -47.30
C ASN A 364 20.17 5.96 -47.50
N PHE A 365 20.06 5.03 -48.44
CA PHE A 365 21.09 4.00 -48.58
C PHE A 365 21.36 3.71 -50.04
N ILE A 366 22.55 3.17 -50.29
CA ILE A 366 23.03 2.86 -51.64
C ILE A 366 22.73 1.40 -51.92
N VAL A 367 22.05 1.14 -53.03
CA VAL A 367 21.66 -0.21 -53.43
C VAL A 367 22.13 -0.44 -54.86
N SER A 368 22.66 -1.62 -55.14
CA SER A 368 23.10 -2.01 -56.46
C SER A 368 22.17 -3.11 -56.96
N LEU A 369 21.34 -2.77 -57.94
CA LEU A 369 20.65 -3.76 -58.76
C LEU A 369 21.65 -4.18 -59.83
N CYS A 370 22.29 -5.33 -59.62
CA CYS A 370 23.03 -6.05 -60.64
C CYS A 370 24.20 -5.22 -61.17
N GLY A 371 24.71 -4.32 -60.35
CA GLY A 371 25.73 -3.37 -60.73
C GLY A 371 25.33 -1.94 -60.41
N LYS A 372 26.30 -1.04 -60.58
CA LYS A 372 26.15 0.40 -60.38
C LYS A 372 25.68 0.76 -58.97
N LYS A 373 25.13 1.97 -58.82
CA LYS A 373 24.67 2.46 -57.53
C LYS A 373 23.29 3.10 -57.70
N THR A 374 22.54 3.13 -56.61
CA THR A 374 21.22 3.77 -56.60
C THR A 374 20.94 4.27 -55.19
N THR A 375 20.55 5.53 -55.08
CA THR A 375 20.34 6.18 -53.79
C THR A 375 18.86 6.13 -53.44
N CYS A 376 18.48 5.18 -52.59
CA CYS A 376 17.12 5.14 -52.09
C CYS A 376 16.99 6.11 -50.92
N ASN A 377 16.04 7.05 -51.03
CA ASN A 377 15.89 8.12 -50.05
C ASN A 377 14.41 8.26 -49.69
N ALA A 378 14.06 7.88 -48.47
CA ALA A 378 12.73 8.09 -47.91
C ALA A 378 12.83 8.03 -46.38
N GLU A 379 11.69 7.91 -45.71
CA GLU A 379 11.62 8.02 -44.26
C GLU A 379 10.98 6.76 -43.69
N CYS A 380 11.27 6.45 -42.42
CA CYS A 380 10.87 5.19 -41.83
C CYS A 380 10.09 5.43 -40.54
N LYS A 381 8.95 4.75 -40.40
CA LYS A 381 8.12 4.87 -39.21
C LYS A 381 8.62 3.96 -38.09
N PRO A 382 8.36 4.32 -36.83
CA PRO A 382 8.75 3.44 -35.73
C PRO A 382 7.89 2.18 -35.69
N PRO A 383 8.42 1.07 -35.19
CA PRO A 383 7.60 -0.14 -35.03
C PRO A 383 6.46 0.06 -34.05
N ALA A 384 5.35 -0.63 -34.33
CA ALA A 384 4.22 -0.65 -33.42
C ALA A 384 4.30 -1.79 -32.42
N ASP A 385 4.81 -2.94 -32.85
CA ASP A 385 4.99 -4.07 -31.95
C ASP A 385 6.22 -3.81 -31.09
N HIS A 386 6.04 -3.82 -29.77
CA HIS A 386 7.10 -3.41 -28.86
C HIS A 386 8.22 -4.45 -28.78
N ILE A 387 7.86 -5.73 -28.66
CA ILE A 387 8.83 -6.81 -28.55
C ILE A 387 8.56 -7.83 -29.64
N ILE A 388 9.57 -8.10 -30.47
CA ILE A 388 9.49 -9.05 -31.57
C ILE A 388 10.25 -10.32 -31.17
N GLY A 389 9.84 -11.45 -31.75
CA GLY A 389 10.40 -12.73 -31.35
C GLY A 389 11.62 -13.19 -32.13
N GLU A 390 12.26 -12.29 -32.86
CA GLU A 390 13.47 -12.62 -33.60
C GLU A 390 14.51 -11.53 -33.41
N PRO A 391 15.80 -11.87 -33.48
CA PRO A 391 16.84 -10.87 -33.25
C PRO A 391 16.95 -9.87 -34.39
N HIS A 392 17.54 -8.72 -34.07
CA HIS A 392 17.74 -7.66 -35.05
C HIS A 392 18.82 -8.07 -36.05
N LYS A 393 18.55 -7.82 -37.33
CA LYS A 393 19.51 -8.14 -38.39
C LYS A 393 20.54 -7.03 -38.61
N VAL A 394 20.32 -5.83 -38.07
CA VAL A 394 21.24 -4.71 -38.23
C VAL A 394 21.57 -4.15 -36.86
N ASP A 395 22.85 -3.99 -36.58
CA ASP A 395 23.28 -3.31 -35.36
C ASP A 395 23.37 -1.82 -35.62
N GLN A 396 23.01 -1.04 -34.60
CA GLN A 396 23.07 0.41 -34.72
C GLN A 396 24.52 0.89 -34.70
N GLU A 397 24.76 2.04 -35.34
CA GLU A 397 26.10 2.59 -35.45
C GLU A 397 26.16 4.08 -35.13
N PHE A 398 25.03 4.72 -34.84
CA PHE A 398 24.90 6.11 -34.40
C PHE A 398 25.20 7.11 -35.53
N GLN A 399 25.66 6.63 -36.68
CA GLN A 399 25.85 7.51 -37.82
C GLN A 399 24.52 7.85 -38.47
N ALA A 400 23.52 6.99 -38.34
CA ALA A 400 22.21 7.21 -38.93
C ALA A 400 21.06 6.97 -37.96
N ALA A 401 21.34 6.68 -36.69
CA ALA A 401 20.28 6.45 -35.71
C ALA A 401 19.48 7.71 -35.41
N VAL A 402 20.01 8.88 -35.74
CA VAL A 402 19.30 10.14 -35.59
C VAL A 402 18.58 10.45 -36.89
N SER A 403 17.34 10.90 -36.81
CA SER A 403 16.51 11.08 -37.99
C SER A 403 16.96 12.31 -38.79
N LYS A 404 16.55 12.32 -40.08
CA LYS A 404 16.98 13.37 -41.00
C LYS A 404 16.52 14.75 -40.53
N THR A 405 15.26 14.86 -40.12
CA THR A 405 14.79 16.13 -39.59
C THR A 405 15.44 16.45 -38.25
N SER A 406 15.84 15.43 -37.48
CA SER A 406 16.53 15.70 -36.24
C SER A 406 17.96 16.20 -36.50
N TRP A 407 18.66 15.60 -37.47
CA TRP A 407 19.93 16.20 -37.90
C TRP A 407 19.71 17.61 -38.41
N ASN A 408 18.59 17.86 -39.09
CA ASN A 408 18.31 19.18 -39.63
C ASN A 408 18.20 20.22 -38.52
N TRP A 409 17.37 19.96 -37.50
CA TRP A 409 17.21 20.92 -36.42
C TRP A 409 18.46 21.05 -35.56
N LEU A 410 19.08 19.92 -35.19
CA LEU A 410 20.28 19.97 -34.35
C LEU A 410 21.44 20.68 -35.06
N LEU A 411 21.66 20.35 -36.34
CA LEU A 411 22.70 21.02 -37.10
C LEU A 411 22.32 22.46 -37.44
N ALA A 412 21.03 22.79 -37.48
CA ALA A 412 20.64 24.19 -37.65
C ALA A 412 20.99 25.00 -36.42
N LEU A 413 20.76 24.46 -35.23
CA LEU A 413 21.16 25.16 -34.01
C LEU A 413 22.68 25.27 -33.90
N PHE A 414 23.40 24.20 -34.24
CA PHE A 414 24.86 24.26 -34.27
C PHE A 414 25.36 25.27 -35.29
N GLY A 415 24.74 25.31 -36.47
CA GLY A 415 25.11 26.27 -37.49
C GLY A 415 24.82 27.69 -37.10
N GLY A 416 23.72 27.92 -36.38
CA GLY A 416 23.45 29.26 -35.87
C GLY A 416 24.48 29.72 -34.86
N ALA A 417 24.83 28.84 -33.91
CA ALA A 417 25.86 29.20 -32.93
C ALA A 417 27.21 29.42 -33.60
N SER A 418 27.59 28.54 -34.54
CA SER A 418 28.85 28.69 -35.25
C SER A 418 28.86 29.92 -36.14
N SER A 419 27.71 30.27 -36.74
CA SER A 419 27.65 31.47 -37.57
C SER A 419 27.78 32.73 -36.73
N LEU A 420 27.17 32.73 -35.54
CA LEU A 420 27.38 33.86 -34.63
C LEU A 420 28.84 33.97 -34.22
N ILE A 421 29.50 32.83 -34.00
CA ILE A 421 30.93 32.84 -33.67
C ILE A 421 31.75 33.40 -34.83
N VAL A 422 31.45 32.98 -36.06
CA VAL A 422 32.18 33.44 -37.23
C VAL A 422 31.97 34.94 -37.45
N VAL A 423 30.73 35.42 -37.28
CA VAL A 423 30.47 36.86 -37.40
C VAL A 423 31.22 37.63 -36.32
N GLY A 424 31.30 37.07 -35.11
CA GLY A 424 32.06 37.71 -34.05
C GLY A 424 33.54 37.83 -34.35
N LEU A 425 34.16 36.74 -34.83
CA LEU A 425 35.57 36.81 -35.20
C LEU A 425 35.80 37.73 -36.40
N ILE A 426 34.87 37.75 -37.35
CA ILE A 426 35.00 38.63 -38.51
C ILE A 426 34.93 40.09 -38.09
N VAL A 427 34.00 40.44 -37.19
CA VAL A 427 33.89 41.85 -36.79
C VAL A 427 35.06 42.23 -35.88
N LEU A 428 35.61 41.27 -35.10
CA LEU A 428 36.84 41.57 -34.37
C LEU A 428 38.00 41.85 -35.33
N VAL A 429 38.11 41.06 -36.40
CA VAL A 429 39.19 41.27 -37.37
C VAL A 429 39.03 42.63 -38.05
N CYS A 430 37.80 42.97 -38.44
CA CYS A 430 37.55 44.26 -39.09
C CYS A 430 37.83 45.42 -38.15
N SER A 431 37.42 45.31 -36.89
CA SER A 431 37.66 46.38 -35.92
C SER A 431 39.16 46.53 -35.63
N SER A 432 39.88 45.40 -35.54
CA SER A 432 41.33 45.46 -35.33
C SER A 432 42.04 46.10 -36.50
N MET A 433 41.62 45.78 -37.72
CA MET A 433 42.21 46.41 -38.90
C MET A 433 41.85 47.89 -38.96
N LEU A 434 40.65 48.26 -38.50
CA LEU A 434 40.26 49.67 -38.52
C LEU A 434 41.03 50.49 -37.48
N ILE A 435 41.20 49.95 -36.28
CA ILE A 435 41.97 50.67 -35.26
C ILE A 435 43.47 50.62 -35.56
N ASN A 436 43.92 49.66 -36.36
CA ASN A 436 45.30 49.67 -36.82
C ASN A 436 45.53 50.75 -37.87
N THR A 437 44.48 51.18 -38.55
CA THR A 437 44.59 52.24 -39.56
C THR A 437 44.31 53.61 -38.94
N SER B 1 34.12 -62.46 -8.91
CA SER B 1 34.66 -62.42 -7.55
C SER B 1 33.56 -62.11 -6.54
N ILE B 2 32.49 -61.48 -7.01
CA ILE B 2 31.35 -61.12 -6.17
C ILE B 2 30.41 -62.32 -6.17
N THR B 3 30.43 -63.10 -5.10
CA THR B 3 29.66 -64.33 -5.05
C THR B 3 28.17 -64.04 -4.85
N ASP B 4 27.35 -65.02 -5.25
CA ASP B 4 25.91 -64.96 -5.07
C ASP B 4 25.40 -66.33 -4.62
N ASP B 5 26.23 -67.08 -3.89
CA ASP B 5 25.82 -68.39 -3.40
C ASP B 5 24.81 -68.27 -2.27
N PHE B 6 25.12 -67.41 -1.29
CA PHE B 6 24.29 -67.15 -0.11
C PHE B 6 23.98 -68.40 0.71
N THR B 7 24.79 -69.44 0.58
CA THR B 7 24.74 -70.58 1.49
C THR B 7 25.89 -70.58 2.47
N LEU B 8 26.94 -69.79 2.22
CA LEU B 8 27.98 -69.53 3.19
C LEU B 8 27.67 -68.31 4.05
N THR B 9 26.57 -67.61 3.78
CA THR B 9 26.20 -66.39 4.49
C THR B 9 25.13 -66.70 5.53
N SER B 10 25.13 -65.89 6.59
CA SER B 10 24.17 -66.06 7.68
C SER B 10 23.71 -64.70 8.16
N PRO B 11 22.47 -64.61 8.66
CA PRO B 11 22.03 -63.36 9.32
C PRO B 11 22.67 -63.20 10.69
N TYR B 12 22.35 -62.11 11.38
CA TYR B 12 22.98 -61.83 12.66
C TYR B 12 22.05 -60.97 13.51
N LEU B 13 22.31 -60.95 14.82
CA LEU B 13 21.53 -60.14 15.73
C LEU B 13 22.12 -58.73 15.76
N GLY B 14 21.34 -57.76 15.28
CA GLY B 14 21.72 -56.37 15.37
C GLY B 14 21.31 -55.75 16.70
N PHE B 15 21.90 -54.61 16.99
CA PHE B 15 21.58 -53.84 18.18
C PHE B 15 20.79 -52.61 17.72
N CYS B 16 19.49 -52.77 17.63
CA CYS B 16 18.61 -51.70 17.20
C CYS B 16 18.23 -50.81 18.37
N PRO B 17 18.32 -49.49 18.21
CA PRO B 17 18.06 -48.58 19.33
C PRO B 17 16.60 -48.43 19.71
N TYR B 18 15.65 -49.00 18.95
CA TYR B 18 14.24 -48.80 19.26
C TYR B 18 13.46 -50.02 18.76
N CYS B 19 13.10 -50.91 19.68
CA CYS B 19 12.11 -51.95 19.40
C CYS B 19 10.73 -51.46 19.85
N ARG B 20 9.81 -52.41 20.01
CA ARG B 20 8.46 -52.07 20.46
C ARG B 20 8.48 -51.49 21.87
N HIS B 21 9.31 -52.04 22.74
CA HIS B 21 9.34 -51.64 24.15
C HIS B 21 10.06 -50.31 24.39
N SER B 22 10.49 -49.61 23.33
CA SER B 22 11.03 -48.26 23.39
C SER B 22 12.29 -48.20 24.27
N ALA B 23 13.30 -48.94 23.86
CA ALA B 23 14.56 -49.02 24.58
C ALA B 23 15.64 -49.50 23.62
N PRO B 24 16.92 -49.30 23.95
CA PRO B 24 17.99 -50.02 23.24
C PRO B 24 17.76 -51.52 23.34
N CYS B 25 18.02 -52.20 22.23
CA CYS B 25 17.39 -53.50 22.03
C CYS B 25 18.25 -54.38 21.12
N PHE B 26 18.23 -55.68 21.39
CA PHE B 26 18.78 -56.68 20.49
C PHE B 26 17.65 -57.21 19.61
N SER B 27 17.85 -57.15 18.30
CA SER B 27 16.80 -57.51 17.36
C SER B 27 17.37 -58.37 16.24
N PRO B 28 16.60 -59.35 15.75
CA PRO B 28 17.05 -60.11 14.59
C PRO B 28 17.02 -59.32 13.30
N ILE B 29 16.26 -58.23 13.27
CA ILE B 29 16.18 -57.35 12.12
C ILE B 29 16.64 -55.96 12.56
N LYS B 30 17.62 -55.41 11.85
CA LYS B 30 18.19 -54.11 12.17
C LYS B 30 18.41 -53.35 10.87
N ILE B 31 17.84 -52.15 10.79
CA ILE B 31 18.06 -51.31 9.61
C ILE B 31 19.42 -50.64 9.76
N GLU B 32 20.40 -51.10 8.98
CA GLU B 32 21.72 -50.50 9.03
C GLU B 32 21.79 -49.24 8.18
N ASN B 33 21.57 -49.37 6.88
CA ASN B 33 21.67 -48.28 5.92
C ASN B 33 20.33 -48.05 5.23
N VAL B 34 20.07 -46.79 4.87
CA VAL B 34 18.94 -46.42 4.02
C VAL B 34 19.47 -45.47 2.96
N TRP B 35 19.17 -45.76 1.69
CA TRP B 35 19.57 -44.92 0.57
C TRP B 35 18.32 -44.40 -0.15
N ASP B 36 17.92 -43.17 0.16
CA ASP B 36 16.83 -42.51 -0.56
C ASP B 36 17.34 -41.65 -1.72
N GLU B 37 18.11 -42.25 -2.61
CA GLU B 37 18.70 -41.49 -3.71
C GLU B 37 17.88 -41.57 -4.99
N SER B 38 16.73 -42.24 -4.97
CA SER B 38 15.90 -42.35 -6.16
C SER B 38 15.08 -41.08 -6.36
N ASP B 39 14.52 -40.97 -7.56
CA ASP B 39 13.70 -39.82 -7.90
C ASP B 39 12.20 -40.08 -7.74
N ASP B 40 11.77 -41.34 -7.90
CA ASP B 40 10.37 -41.66 -7.68
C ASP B 40 10.00 -41.70 -6.20
N GLY B 41 10.98 -41.93 -5.33
CA GLY B 41 10.75 -42.03 -3.91
C GLY B 41 11.05 -43.40 -3.31
N SER B 42 11.48 -44.37 -4.10
CA SER B 42 11.83 -45.68 -3.56
C SER B 42 13.12 -45.63 -2.77
N ILE B 43 13.14 -46.32 -1.64
CA ILE B 43 14.30 -46.37 -0.75
C ILE B 43 14.78 -47.81 -0.65
N ARG B 44 16.09 -47.95 -0.46
CA ARG B 44 16.74 -49.23 -0.29
C ARG B 44 17.19 -49.38 1.16
N ILE B 45 16.84 -50.52 1.76
CA ILE B 45 17.02 -50.76 3.19
C ILE B 45 17.93 -51.97 3.36
N GLN B 46 18.96 -51.83 4.17
CA GLN B 46 19.84 -52.94 4.51
C GLN B 46 19.45 -53.47 5.89
N VAL B 47 19.05 -54.74 5.94
CA VAL B 47 18.56 -55.36 7.17
C VAL B 47 19.51 -56.49 7.53
N SER B 48 19.60 -56.78 8.83
CA SER B 48 20.50 -57.81 9.33
C SER B 48 20.10 -59.22 8.93
N ALA B 49 18.90 -59.40 8.39
CA ALA B 49 18.42 -60.73 8.05
C ALA B 49 18.56 -61.01 6.55
N GLN B 50 18.54 -62.29 6.21
CA GLN B 50 18.46 -62.75 4.83
C GLN B 50 17.01 -62.75 4.39
N PHE B 51 16.76 -62.38 3.14
CA PHE B 51 15.41 -62.29 2.60
C PHE B 51 15.33 -62.99 1.25
N GLY B 52 14.20 -63.68 1.03
CA GLY B 52 13.96 -64.38 -0.21
C GLY B 52 14.58 -65.75 -0.32
N TYR B 53 15.32 -66.19 0.70
CA TYR B 53 16.00 -67.48 0.72
C TYR B 53 15.56 -68.27 1.94
N ASN B 54 15.47 -69.59 1.78
CA ASN B 54 15.00 -70.44 2.87
C ASN B 54 16.15 -70.72 3.83
N GLN B 55 15.86 -71.50 4.88
CA GLN B 55 16.82 -71.73 5.95
C GLN B 55 18.07 -72.46 5.46
N ALA B 56 17.91 -73.33 4.46
CA ALA B 56 19.06 -74.04 3.92
C ALA B 56 19.94 -73.12 3.07
N GLY B 57 19.39 -72.02 2.57
CA GLY B 57 20.13 -71.10 1.72
C GLY B 57 19.70 -71.10 0.27
N THR B 58 18.82 -72.00 -0.15
CA THR B 58 18.33 -72.05 -1.52
C THR B 58 17.39 -70.87 -1.78
N ALA B 59 17.45 -70.33 -3.00
CA ALA B 59 16.54 -69.27 -3.40
C ALA B 59 15.09 -69.74 -3.35
N ASP B 60 14.32 -69.21 -2.39
CA ASP B 60 12.93 -69.63 -2.19
C ASP B 60 12.13 -68.37 -1.86
N VAL B 61 11.46 -67.82 -2.88
CA VAL B 61 10.74 -66.56 -2.72
C VAL B 61 9.60 -66.74 -1.72
N THR B 62 9.25 -65.64 -1.03
CA THR B 62 8.28 -65.57 0.07
C THR B 62 8.71 -66.37 1.29
N LYS B 63 10.02 -66.57 1.47
CA LYS B 63 10.57 -67.16 2.68
C LYS B 63 11.88 -66.45 3.01
N PHE B 64 12.04 -66.03 4.26
CA PHE B 64 13.23 -65.31 4.69
C PHE B 64 13.79 -65.92 5.97
N ARG B 65 15.09 -65.72 6.16
CA ARG B 65 15.80 -66.19 7.34
C ARG B 65 15.92 -65.10 8.38
N TYR B 66 16.12 -65.51 9.63
CA TYR B 66 16.49 -64.62 10.71
C TYR B 66 17.10 -65.45 11.84
N MET B 67 17.98 -64.83 12.60
CA MET B 67 18.54 -65.50 13.77
C MET B 67 17.62 -65.33 14.97
N SER B 68 17.55 -66.36 15.80
CA SER B 68 16.60 -66.42 16.89
C SER B 68 17.27 -66.11 18.23
N TYR B 69 16.43 -65.90 19.25
CA TYR B 69 16.89 -65.54 20.58
C TYR B 69 17.24 -66.73 21.46
N ASP B 70 17.03 -67.95 20.99
CA ASP B 70 17.25 -69.13 21.82
C ASP B 70 18.74 -69.37 22.02
N HIS B 71 19.04 -70.23 23.01
CA HIS B 71 20.42 -70.37 23.48
C HIS B 71 21.33 -70.98 22.42
N ASP B 72 20.81 -71.90 21.60
CA ASP B 72 21.58 -72.36 20.46
C ASP B 72 21.54 -71.33 19.35
N HIS B 73 22.61 -71.26 18.57
CA HIS B 73 22.83 -70.15 17.63
C HIS B 73 22.41 -70.62 16.24
N ASP B 74 21.10 -70.71 16.03
CA ASP B 74 20.53 -71.32 14.84
C ASP B 74 19.68 -70.33 14.04
N ILE B 75 19.41 -70.71 12.80
CA ILE B 75 18.68 -69.88 11.84
C ILE B 75 17.24 -70.38 11.79
N LYS B 76 16.27 -69.49 11.99
CA LYS B 76 14.87 -69.80 11.76
C LYS B 76 14.38 -69.09 10.50
N GLU B 77 13.22 -69.51 10.03
CA GLU B 77 12.68 -69.00 8.78
C GLU B 77 11.22 -68.61 8.97
N ASP B 78 10.76 -67.68 8.13
CA ASP B 78 9.39 -67.20 8.18
C ASP B 78 8.99 -66.74 6.79
N SER B 79 7.76 -66.23 6.68
CA SER B 79 7.21 -65.84 5.39
C SER B 79 7.24 -64.32 5.23
N MET B 80 7.41 -63.88 3.98
CA MET B 80 7.46 -62.46 3.66
C MET B 80 6.13 -61.75 3.85
N GLU B 81 5.02 -62.49 3.94
CA GLU B 81 3.74 -61.86 4.29
C GLU B 81 3.69 -61.42 5.74
N LYS B 82 4.62 -61.88 6.57
CA LYS B 82 4.72 -61.51 7.97
C LYS B 82 5.56 -60.27 8.18
N LEU B 83 6.07 -59.66 7.10
CA LEU B 83 6.97 -58.53 7.16
C LEU B 83 6.25 -57.27 6.69
N ALA B 84 6.54 -56.15 7.35
CA ALA B 84 5.96 -54.87 6.98
C ALA B 84 7.00 -53.77 7.13
N ILE B 85 6.84 -52.73 6.31
CA ILE B 85 7.67 -51.53 6.39
C ILE B 85 6.74 -50.33 6.59
N SER B 86 7.13 -49.41 7.45
CA SER B 86 6.34 -48.20 7.64
C SER B 86 7.25 -47.01 7.92
N THR B 87 7.03 -45.92 7.18
CA THR B 87 7.69 -44.66 7.46
C THR B 87 6.78 -43.74 8.29
N SER B 88 5.62 -43.40 7.74
CA SER B 88 4.53 -42.81 8.52
C SER B 88 3.30 -43.69 8.49
N GLY B 89 2.90 -44.16 7.32
CA GLY B 89 1.86 -45.15 7.19
C GLY B 89 2.42 -46.43 6.59
N PRO B 90 1.55 -47.31 6.12
CA PRO B 90 2.04 -48.53 5.45
C PRO B 90 2.84 -48.21 4.19
N CYS B 91 3.88 -48.99 3.97
CA CYS B 91 4.80 -48.81 2.85
C CYS B 91 4.85 -50.08 2.02
N ARG B 92 4.58 -49.95 0.73
CA ARG B 92 4.50 -51.10 -0.16
C ARG B 92 5.91 -51.55 -0.56
N ARG B 93 6.10 -52.87 -0.61
CA ARG B 93 7.41 -53.47 -0.86
C ARG B 93 7.53 -53.78 -2.34
N LEU B 94 8.65 -53.36 -2.95
CA LEU B 94 8.86 -53.58 -4.37
C LEU B 94 9.85 -54.70 -4.65
N GLY B 95 10.87 -54.87 -3.81
CA GLY B 95 11.84 -55.91 -4.07
C GLY B 95 12.52 -56.35 -2.80
N HIS B 96 13.06 -57.57 -2.84
CA HIS B 96 13.78 -58.11 -1.71
C HIS B 96 14.89 -59.04 -2.19
N LYS B 97 15.92 -59.17 -1.36
CA LYS B 97 17.12 -59.93 -1.63
C LYS B 97 17.82 -60.07 -0.28
N GLY B 98 18.80 -60.97 -0.21
CA GLY B 98 19.59 -61.13 0.99
C GLY B 98 20.23 -59.84 1.45
N TYR B 99 19.93 -59.45 2.70
CA TYR B 99 20.36 -58.22 3.35
C TYR B 99 19.81 -56.95 2.71
N PHE B 100 18.84 -57.04 1.80
CA PHE B 100 18.43 -55.82 1.09
C PHE B 100 16.96 -55.85 0.73
N LEU B 101 16.30 -54.70 0.90
CA LEU B 101 14.91 -54.51 0.54
C LEU B 101 14.79 -53.21 -0.23
N LEU B 102 13.73 -53.10 -1.04
CA LEU B 102 13.46 -51.91 -1.82
C LEU B 102 11.96 -51.63 -1.74
N ALA B 103 11.61 -50.44 -1.22
CA ALA B 103 10.21 -50.12 -0.97
C ALA B 103 9.95 -48.65 -1.22
N GLN B 104 8.76 -48.34 -1.73
CA GLN B 104 8.36 -46.96 -2.02
C GLN B 104 7.50 -46.47 -0.87
N CYS B 105 8.04 -45.54 -0.09
CA CYS B 105 7.48 -45.18 1.21
C CYS B 105 6.92 -43.76 1.20
N PRO B 106 5.90 -43.50 2.03
CA PRO B 106 5.43 -42.12 2.22
C PRO B 106 6.45 -41.31 3.00
N PRO B 107 6.36 -39.97 2.95
CA PRO B 107 7.32 -39.15 3.72
C PRO B 107 7.14 -39.31 5.22
N GLY B 108 8.24 -39.11 5.94
CA GLY B 108 8.22 -39.22 7.39
C GLY B 108 9.62 -39.00 7.93
N ASP B 109 9.75 -39.18 9.24
CA ASP B 109 11.00 -38.91 9.94
C ASP B 109 11.72 -40.15 10.42
N SER B 110 11.17 -41.34 10.19
CA SER B 110 11.81 -42.56 10.65
C SER B 110 11.41 -43.71 9.72
N VAL B 111 12.21 -44.76 9.74
CA VAL B 111 11.93 -45.97 8.96
C VAL B 111 11.82 -47.14 9.92
N THR B 112 10.71 -47.89 9.83
CA THR B 112 10.42 -49.00 10.71
C THR B 112 10.22 -50.26 9.89
N VAL B 113 10.83 -51.35 10.34
CA VAL B 113 10.69 -52.67 9.73
C VAL B 113 10.21 -53.63 10.80
N SER B 114 9.11 -54.33 10.55
CA SER B 114 8.42 -55.10 11.57
C SER B 114 8.12 -56.51 11.08
N ILE B 115 8.25 -57.48 11.99
CA ILE B 115 7.80 -58.84 11.76
C ILE B 115 6.60 -59.04 12.68
N THR B 116 5.40 -58.81 12.16
CA THR B 116 4.20 -58.76 12.98
C THR B 116 3.79 -60.14 13.48
N SER B 117 4.27 -60.51 14.67
CA SER B 117 3.94 -61.80 15.27
C SER B 117 2.96 -61.65 16.43
N SER B 120 5.78 -61.13 19.51
CA SER B 120 6.28 -59.77 19.52
C SER B 120 6.54 -59.28 18.09
N GLU B 121 6.33 -57.98 17.88
CA GLU B 121 6.51 -57.42 16.54
C GLU B 121 8.00 -57.28 16.18
N ASN B 122 8.84 -56.98 17.17
CA ASN B 122 10.29 -56.87 17.02
C ASN B 122 10.70 -55.87 15.94
N SER B 123 9.98 -54.76 15.82
CA SER B 123 10.27 -53.79 14.77
C SER B 123 11.50 -52.97 15.13
N CYS B 124 12.33 -52.70 14.12
CA CYS B 124 13.46 -51.80 14.27
C CYS B 124 13.14 -50.48 13.61
N THR B 125 13.68 -49.40 14.17
CA THR B 125 13.41 -48.04 13.71
C THR B 125 14.71 -47.28 13.60
N VAL B 126 14.87 -46.55 12.50
CA VAL B 126 16.09 -45.78 12.24
C VAL B 126 15.70 -44.36 11.87
N GLU B 127 16.54 -43.41 12.28
CA GLU B 127 16.45 -42.04 11.83
C GLU B 127 16.65 -41.97 10.32
N LYS B 128 15.74 -41.32 9.61
CA LYS B 128 15.95 -41.01 8.21
C LYS B 128 14.98 -39.90 7.81
N LYS B 129 15.51 -38.82 7.23
CA LYS B 129 14.68 -37.69 6.82
C LYS B 129 14.19 -37.94 5.40
N ILE B 130 13.18 -38.79 5.29
CA ILE B 130 12.59 -39.10 3.99
C ILE B 130 11.57 -38.03 3.65
N ARG B 131 11.76 -37.38 2.50
CA ARG B 131 10.87 -36.34 2.04
C ARG B 131 10.51 -36.59 0.58
N ARG B 132 9.45 -35.93 0.13
CA ARG B 132 8.99 -36.07 -1.25
C ARG B 132 9.98 -35.42 -2.19
N LYS B 133 10.34 -36.15 -3.25
CA LYS B 133 11.29 -35.68 -4.25
C LYS B 133 10.58 -35.56 -5.59
N PHE B 134 10.78 -34.42 -6.25
CA PHE B 134 10.24 -34.18 -7.58
C PHE B 134 11.36 -34.13 -8.61
N VAL B 135 10.97 -34.19 -9.87
CA VAL B 135 11.90 -34.18 -10.99
C VAL B 135 11.66 -32.91 -11.79
N GLY B 136 12.75 -32.25 -12.17
CA GLY B 136 12.64 -31.08 -13.01
C GLY B 136 12.23 -29.84 -12.26
N ARG B 137 11.43 -29.03 -12.96
CA ARG B 137 11.05 -27.69 -12.49
C ARG B 137 9.55 -27.56 -12.26
N GLU B 138 8.90 -28.65 -11.87
CA GLU B 138 7.51 -28.62 -11.44
C GLU B 138 7.39 -29.46 -10.18
N GLU B 139 6.72 -28.95 -9.17
CA GLU B 139 6.40 -29.79 -8.02
C GLU B 139 5.11 -30.56 -8.29
N TYR B 140 5.10 -31.82 -7.86
CA TYR B 140 3.96 -32.68 -8.10
C TYR B 140 3.87 -33.71 -6.99
N LEU B 141 2.63 -34.00 -6.56
CA LEU B 141 2.43 -35.08 -5.60
C LEU B 141 2.70 -36.43 -6.24
N PHE B 142 2.13 -36.65 -7.42
CA PHE B 142 2.35 -37.83 -8.23
C PHE B 142 2.50 -37.43 -9.69
N PRO B 143 3.26 -38.19 -10.48
CA PRO B 143 3.49 -37.81 -11.88
C PRO B 143 2.20 -37.80 -12.67
N PRO B 144 2.00 -36.78 -13.51
CA PRO B 144 0.77 -36.71 -14.31
C PRO B 144 0.87 -37.59 -15.54
N VAL B 145 -0.26 -37.66 -16.25
CA VAL B 145 -0.30 -38.39 -17.52
C VAL B 145 0.37 -37.58 -18.62
N HIS B 146 -0.17 -36.41 -18.92
CA HIS B 146 0.45 -35.52 -19.90
C HIS B 146 1.74 -34.93 -19.34
N GLY B 147 2.74 -34.77 -20.20
CA GLY B 147 4.00 -34.21 -19.76
C GLY B 147 5.08 -34.05 -20.80
N LYS B 148 6.33 -34.19 -20.39
CA LYS B 148 7.49 -33.96 -21.24
C LYS B 148 8.44 -35.14 -21.32
N LEU B 149 8.45 -36.03 -20.32
CA LEU B 149 9.28 -37.24 -20.28
C LEU B 149 10.77 -36.90 -20.34
N VAL B 150 11.24 -36.21 -19.31
CA VAL B 150 12.66 -35.95 -19.13
C VAL B 150 13.28 -37.17 -18.47
N LYS B 151 14.61 -37.23 -18.41
CA LYS B 151 15.27 -38.36 -17.77
C LYS B 151 15.32 -38.14 -16.26
N CYS B 152 15.13 -39.23 -15.51
CA CYS B 152 15.41 -39.23 -14.08
C CYS B 152 16.08 -40.56 -13.75
N HIS B 153 16.37 -40.80 -12.48
CA HIS B 153 17.06 -42.01 -12.06
C HIS B 153 16.25 -42.72 -10.99
N VAL B 154 15.94 -43.99 -11.25
CA VAL B 154 15.07 -44.80 -10.39
C VAL B 154 15.80 -46.10 -10.10
N TYR B 155 15.67 -46.60 -8.88
CA TYR B 155 16.18 -47.93 -8.58
C TYR B 155 15.44 -48.96 -9.41
N ASP B 156 16.20 -49.85 -10.04
CA ASP B 156 15.60 -50.93 -10.83
C ASP B 156 15.01 -51.95 -9.87
N HIS B 157 13.75 -52.31 -10.10
CA HIS B 157 13.03 -53.20 -9.19
C HIS B 157 13.52 -54.63 -9.27
N LEU B 158 14.21 -55.00 -10.35
CA LEU B 158 14.76 -56.35 -10.47
C LEU B 158 15.96 -56.51 -9.54
N LYS B 159 16.09 -57.69 -8.96
CA LYS B 159 17.20 -57.99 -8.06
C LYS B 159 18.45 -58.46 -8.79
N GLU B 160 18.40 -58.60 -10.12
CA GLU B 160 19.56 -59.08 -10.86
C GLU B 160 20.64 -58.01 -10.97
N THR B 161 20.23 -56.74 -11.09
CA THR B 161 21.20 -55.66 -11.22
C THR B 161 21.91 -55.43 -9.89
N SER B 162 23.13 -54.90 -9.98
CA SER B 162 23.96 -54.66 -8.82
C SER B 162 24.49 -53.23 -8.84
N ALA B 163 24.48 -52.59 -7.67
CA ALA B 163 24.96 -51.21 -7.53
C ALA B 163 26.28 -51.11 -6.78
N GLY B 164 26.91 -52.24 -6.48
CA GLY B 164 28.15 -52.23 -5.71
C GLY B 164 28.35 -53.57 -5.04
N TYR B 165 29.19 -53.56 -4.01
CA TYR B 165 29.44 -54.77 -3.25
C TYR B 165 29.57 -54.44 -1.77
N ILE B 166 29.27 -55.42 -0.93
CA ILE B 166 29.52 -55.33 0.50
C ILE B 166 30.48 -56.44 0.88
N THR B 167 31.51 -56.08 1.64
CA THR B 167 32.47 -57.06 2.14
C THR B 167 31.77 -58.00 3.14
N MET B 168 32.22 -59.25 3.17
CA MET B 168 31.45 -60.32 3.79
C MET B 168 32.44 -61.22 4.50
N HIS B 169 32.57 -61.05 5.83
CA HIS B 169 33.71 -61.57 6.57
C HIS B 169 33.32 -62.73 7.50
N ARG B 170 34.34 -63.23 8.19
CA ARG B 170 34.18 -64.38 9.08
C ARG B 170 33.66 -63.92 10.44
N PRO B 171 32.77 -64.69 11.07
CA PRO B 171 32.24 -64.31 12.38
C PRO B 171 33.25 -64.53 13.49
N GLY B 172 32.94 -63.95 14.64
CA GLY B 172 33.76 -64.08 15.82
C GLY B 172 33.05 -64.82 16.93
N PRO B 173 33.61 -64.77 18.14
CA PRO B 173 32.97 -65.42 19.29
C PRO B 173 31.67 -64.73 19.67
N HIS B 174 30.77 -65.51 20.26
CA HIS B 174 29.48 -64.98 20.69
C HIS B 174 29.26 -65.06 22.20
N ALA B 175 29.81 -66.08 22.86
CA ALA B 175 29.96 -66.14 24.32
C ALA B 175 28.61 -66.09 25.05
N TYR B 176 27.82 -67.13 24.84
CA TYR B 176 26.58 -67.30 25.60
C TYR B 176 26.86 -67.52 27.08
N LYS B 177 26.02 -66.94 27.93
CA LYS B 177 26.09 -67.20 29.37
C LYS B 177 25.33 -68.45 29.78
N SER B 178 24.48 -68.99 28.89
CA SER B 178 23.77 -70.23 29.19
C SER B 178 24.67 -71.45 29.13
N TYR B 179 25.91 -71.29 28.65
CA TYR B 179 26.86 -72.38 28.52
C TYR B 179 27.65 -72.63 29.78
N LEU B 180 27.39 -71.88 30.85
CA LEU B 180 28.13 -71.99 32.10
C LEU B 180 27.15 -72.24 33.23
N GLU B 181 27.63 -72.95 34.27
CA GLU B 181 26.85 -72.98 35.50
C GLU B 181 27.81 -73.00 36.68
N GLU B 182 27.50 -72.21 37.70
CA GLU B 182 28.34 -72.04 38.88
C GLU B 182 27.58 -72.52 40.11
N ALA B 183 28.22 -73.37 40.92
CA ALA B 183 27.64 -73.85 42.15
C ALA B 183 28.75 -74.19 43.14
N SER B 184 28.73 -73.54 44.30
CA SER B 184 29.67 -73.79 45.41
C SER B 184 31.12 -73.62 44.98
N GLY B 185 31.37 -72.63 44.13
CA GLY B 185 32.71 -72.38 43.63
C GLY B 185 33.15 -73.26 42.48
N GLU B 186 32.32 -74.20 42.06
CA GLU B 186 32.61 -75.07 40.93
C GLU B 186 31.79 -74.60 39.74
N VAL B 187 32.46 -74.18 38.67
CA VAL B 187 31.79 -73.74 37.45
C VAL B 187 32.13 -74.74 36.35
N TYR B 188 31.11 -75.10 35.55
CA TYR B 188 31.35 -75.98 34.43
C TYR B 188 30.80 -75.38 33.14
N ILE B 189 31.40 -75.82 32.04
CA ILE B 189 31.01 -75.43 30.69
C ILE B 189 29.94 -76.41 30.23
N LYS B 190 28.76 -75.90 29.87
CA LYS B 190 27.69 -76.77 29.40
C LYS B 190 27.54 -76.60 27.90
N PRO B 191 27.88 -77.59 27.09
CA PRO B 191 27.59 -77.53 25.65
C PRO B 191 26.16 -77.96 25.38
N PRO B 192 25.43 -77.24 24.52
CA PRO B 192 24.06 -77.65 24.20
C PRO B 192 24.03 -78.88 23.31
N SER B 193 23.63 -80.02 23.89
CA SER B 193 23.65 -81.35 23.26
C SER B 193 25.10 -81.61 22.81
N GLY B 194 25.32 -82.35 21.71
CA GLY B 194 26.69 -82.58 21.28
C GLY B 194 27.21 -81.66 20.20
N LYS B 195 27.86 -80.57 20.60
CA LYS B 195 28.72 -79.78 19.73
C LYS B 195 29.98 -79.44 20.50
N ASN B 196 31.06 -79.17 19.76
CA ASN B 196 32.33 -78.78 20.36
C ASN B 196 32.34 -77.26 20.57
N VAL B 197 32.58 -76.83 21.81
CA VAL B 197 32.71 -75.42 22.12
C VAL B 197 34.13 -75.18 22.62
N THR B 198 34.52 -73.92 22.63
CA THR B 198 35.84 -73.50 23.10
C THR B 198 35.66 -72.62 24.34
N TYR B 199 36.42 -72.93 25.38
CA TYR B 199 36.42 -72.19 26.63
C TYR B 199 37.72 -71.44 26.80
N GLU B 200 37.61 -70.26 27.42
CA GLU B 200 38.76 -69.42 27.75
C GLU B 200 38.58 -68.95 29.18
N CYS B 201 39.44 -69.44 30.07
CA CYS B 201 39.35 -69.20 31.50
C CYS B 201 40.58 -68.45 31.98
N LYS B 202 40.41 -67.66 33.05
CA LYS B 202 41.49 -66.85 33.64
C LYS B 202 41.48 -66.99 35.15
N CYS B 203 41.47 -68.22 35.64
CA CYS B 203 41.50 -68.46 37.09
C CYS B 203 42.81 -67.97 37.69
N GLY B 204 43.94 -68.42 37.15
CA GLY B 204 45.23 -67.90 37.55
C GLY B 204 46.12 -67.65 36.35
N ASP B 205 45.68 -68.14 35.19
CA ASP B 205 46.44 -68.04 33.96
C ASP B 205 45.49 -68.24 32.79
N TYR B 206 45.94 -67.84 31.61
CA TYR B 206 45.17 -68.04 30.38
C TYR B 206 45.09 -69.53 30.08
N SER B 207 43.91 -70.13 30.29
CA SER B 207 43.69 -71.53 29.99
C SER B 207 42.55 -71.63 28.97
N THR B 208 42.91 -71.92 27.72
CA THR B 208 41.93 -72.10 26.66
C THR B 208 41.92 -73.54 26.19
N GLY B 209 40.78 -73.97 25.68
CA GLY B 209 40.65 -75.34 25.22
C GLY B 209 39.32 -75.57 24.54
N ILE B 210 39.13 -76.81 24.10
CA ILE B 210 37.92 -77.26 23.43
C ILE B 210 37.29 -78.37 24.26
N VAL B 211 36.01 -78.23 24.56
CA VAL B 211 35.27 -79.19 25.36
C VAL B 211 33.92 -79.43 24.69
N SER B 212 33.41 -80.66 24.83
CA SER B 212 32.08 -81.02 24.32
C SER B 212 31.31 -81.85 25.34
N THR B 213 31.67 -81.78 26.61
CA THR B 213 31.06 -82.59 27.65
C THR B 213 30.94 -81.74 28.92
N ARG B 214 30.00 -82.11 29.78
CA ARG B 214 29.86 -81.44 31.07
C ARG B 214 31.05 -81.75 31.97
N THR B 215 32.02 -80.85 32.01
CA THR B 215 33.23 -81.03 32.81
C THR B 215 33.42 -79.82 33.70
N LYS B 216 33.61 -80.06 35.00
CA LYS B 216 34.07 -79.01 35.90
C LYS B 216 35.48 -78.58 35.52
N MET B 217 35.70 -77.27 35.43
CA MET B 217 36.98 -76.72 35.03
C MET B 217 37.83 -76.42 36.26
N ASN B 218 39.13 -76.70 36.13
CA ASN B 218 40.07 -76.46 37.22
C ASN B 218 40.19 -74.97 37.52
N GLY B 219 40.23 -74.65 38.80
CA GLY B 219 40.31 -73.26 39.22
C GLY B 219 38.97 -72.55 39.12
N CYS B 220 39.02 -71.24 39.40
CA CYS B 220 37.93 -70.29 39.30
C CYS B 220 36.81 -70.54 40.31
N THR B 221 36.11 -69.47 40.71
CA THR B 221 35.01 -69.57 41.66
C THR B 221 33.76 -68.81 41.25
N LYS B 222 33.83 -67.95 40.23
CA LYS B 222 32.70 -67.19 39.76
C LYS B 222 32.49 -67.43 38.26
N ALA B 223 31.24 -67.33 37.82
CA ALA B 223 30.91 -67.55 36.42
C ALA B 223 31.36 -66.40 35.53
N LYS B 224 31.74 -65.26 36.09
CA LYS B 224 32.18 -64.11 35.31
C LYS B 224 33.64 -64.18 34.89
N GLN B 225 34.37 -65.21 35.32
CA GLN B 225 35.81 -65.29 35.09
C GLN B 225 36.19 -66.11 33.86
N CYS B 226 35.22 -66.69 33.16
CA CYS B 226 35.54 -67.59 32.07
C CYS B 226 34.42 -67.55 31.04
N ILE B 227 34.78 -67.73 29.76
CA ILE B 227 33.83 -67.65 28.66
C ILE B 227 33.88 -68.93 27.84
N ALA B 228 32.85 -69.12 27.03
CA ALA B 228 32.76 -70.28 26.13
C ALA B 228 31.90 -69.91 24.93
N TYR B 229 32.33 -70.34 23.75
CA TYR B 229 31.61 -70.01 22.52
C TYR B 229 31.78 -71.14 21.50
N LYS B 230 30.87 -71.16 20.52
CA LYS B 230 30.94 -72.16 19.45
C LYS B 230 32.14 -71.90 18.56
N ARG B 231 32.82 -72.98 18.16
CA ARG B 231 33.93 -72.86 17.21
C ARG B 231 33.49 -73.16 15.78
N ASP B 232 32.66 -74.18 15.59
CA ASP B 232 32.22 -74.60 14.27
C ASP B 232 31.08 -73.69 13.81
N GLN B 233 31.47 -72.49 13.40
CA GLN B 233 30.52 -71.49 12.90
C GLN B 233 31.07 -70.86 11.63
N THR B 234 31.56 -71.69 10.70
CA THR B 234 32.15 -71.22 9.46
C THR B 234 31.04 -70.82 8.48
N LYS B 235 30.35 -69.73 8.83
CA LYS B 235 29.30 -69.16 8.00
C LYS B 235 29.47 -67.65 8.02
N TRP B 236 29.66 -67.06 6.85
CA TRP B 236 30.08 -65.66 6.75
C TRP B 236 29.01 -64.71 7.30
N VAL B 237 29.47 -63.59 7.85
CA VAL B 237 28.60 -62.59 8.43
C VAL B 237 29.04 -61.22 7.91
N PHE B 238 28.10 -60.29 7.83
CA PHE B 238 28.38 -58.95 7.32
C PHE B 238 29.23 -58.17 8.32
N ASN B 239 30.02 -57.24 7.79
CA ASN B 239 30.84 -56.35 8.59
C ASN B 239 29.97 -55.32 9.31
N SER B 240 29.31 -55.73 10.40
CA SER B 240 28.41 -54.87 11.14
C SER B 240 29.09 -54.29 12.37
N PRO B 241 28.80 -53.04 12.72
CA PRO B 241 29.42 -52.43 13.90
C PRO B 241 28.99 -53.06 15.22
N ASP B 242 27.90 -53.82 15.24
CA ASP B 242 27.38 -54.40 16.48
C ASP B 242 27.88 -55.83 16.72
N LEU B 243 28.78 -56.34 15.89
CA LEU B 243 29.39 -57.63 16.08
C LEU B 243 30.86 -57.44 16.44
N ILE B 244 31.55 -58.53 16.77
CA ILE B 244 32.93 -58.47 17.24
C ILE B 244 33.85 -59.13 16.22
N ARG B 245 34.92 -58.41 15.85
CA ARG B 245 35.91 -58.86 14.90
C ARG B 245 36.63 -60.12 15.38
N HIS B 246 36.79 -61.06 14.45
CA HIS B 246 37.60 -62.26 14.61
C HIS B 246 39.06 -61.97 14.24
N THR B 247 39.94 -62.91 14.58
CA THR B 247 41.37 -62.74 14.30
C THR B 247 41.64 -62.70 12.81
N ASP B 248 41.01 -63.58 12.03
CA ASP B 248 41.23 -63.63 10.58
C ASP B 248 40.14 -62.84 9.86
N HIS B 249 40.23 -61.52 9.97
CA HIS B 249 39.21 -60.61 9.45
C HIS B 249 39.58 -60.09 8.06
N SER B 250 39.88 -61.00 7.15
CA SER B 250 40.08 -60.67 5.75
C SER B 250 38.73 -60.63 5.03
N VAL B 251 38.74 -60.13 3.81
CA VAL B 251 37.51 -60.10 3.02
C VAL B 251 37.28 -61.50 2.47
N GLN B 252 36.46 -62.28 3.17
CA GLN B 252 36.22 -63.66 2.77
C GLN B 252 35.37 -63.74 1.51
N GLY B 253 34.39 -62.84 1.37
CA GLY B 253 33.59 -62.79 0.16
C GLY B 253 33.05 -61.39 -0.06
N LYS B 254 32.41 -61.23 -1.22
CA LYS B 254 31.76 -59.97 -1.56
C LYS B 254 30.34 -60.28 -2.03
N LEU B 255 29.37 -59.59 -1.44
CA LEU B 255 27.97 -59.80 -1.79
C LEU B 255 27.47 -58.61 -2.62
N HIS B 256 26.51 -58.88 -3.50
CA HIS B 256 25.92 -57.87 -4.36
C HIS B 256 25.08 -56.90 -3.56
N ILE B 257 24.99 -55.67 -4.05
CA ILE B 257 24.03 -54.67 -3.58
C ILE B 257 23.00 -54.49 -4.68
N PRO B 258 21.81 -55.05 -4.56
CA PRO B 258 20.84 -55.05 -5.66
C PRO B 258 20.16 -53.69 -5.80
N PHE B 259 19.24 -53.64 -6.77
CA PHE B 259 18.41 -52.46 -7.06
C PHE B 259 19.31 -51.27 -7.43
N ARG B 260 20.00 -51.42 -8.54
CA ARG B 260 20.88 -50.37 -9.05
C ARG B 260 20.07 -49.19 -9.56
N LEU B 261 20.61 -47.99 -9.36
CA LEU B 261 19.97 -46.75 -9.77
C LEU B 261 20.20 -46.57 -11.27
N THR B 262 19.16 -46.80 -12.07
CA THR B 262 19.26 -46.73 -13.53
C THR B 262 18.57 -45.48 -14.06
N PRO B 263 19.06 -44.91 -15.16
CA PRO B 263 18.38 -43.77 -15.78
C PRO B 263 17.20 -44.23 -16.62
N THR B 264 16.03 -43.64 -16.36
CA THR B 264 14.80 -43.95 -17.07
C THR B 264 14.17 -42.69 -17.63
N VAL B 265 13.52 -42.85 -18.79
CA VAL B 265 12.58 -41.84 -19.28
C VAL B 265 11.46 -41.68 -18.26
N CYS B 266 10.99 -40.45 -18.08
CA CYS B 266 10.40 -40.12 -16.80
C CYS B 266 9.38 -39.00 -16.97
N PRO B 267 8.11 -39.24 -16.63
CA PRO B 267 7.08 -38.22 -16.81
C PRO B 267 7.30 -37.04 -15.88
N VAL B 268 6.95 -35.86 -16.35
CA VAL B 268 7.24 -34.62 -15.61
C VAL B 268 6.20 -33.59 -16.03
N PRO B 269 5.65 -32.81 -15.11
CA PRO B 269 4.51 -31.95 -15.46
C PRO B 269 4.87 -30.80 -16.39
N LEU B 270 3.87 -30.37 -17.14
CA LEU B 270 3.94 -29.17 -17.97
C LEU B 270 3.01 -28.12 -17.38
N ALA B 271 3.54 -26.92 -17.17
CA ALA B 271 2.76 -25.88 -16.52
C ALA B 271 1.83 -25.18 -17.51
N HIS B 272 0.98 -24.31 -16.97
CA HIS B 272 0.11 -23.49 -17.78
C HIS B 272 0.94 -22.49 -18.59
N THR B 273 0.56 -22.30 -19.85
CA THR B 273 1.31 -21.41 -20.72
C THR B 273 1.10 -19.96 -20.28
N PRO B 274 2.16 -19.23 -19.98
CA PRO B 274 2.00 -17.85 -19.50
C PRO B 274 1.52 -16.92 -20.61
N THR B 275 0.84 -15.86 -20.21
CA THR B 275 0.37 -14.84 -21.14
C THR B 275 1.29 -13.63 -21.03
N VAL B 276 1.91 -13.25 -22.14
CA VAL B 276 2.82 -12.12 -22.17
C VAL B 276 2.06 -10.87 -22.60
N THR B 277 2.45 -9.73 -22.04
CA THR B 277 1.95 -8.44 -22.49
C THR B 277 3.13 -7.52 -22.76
N LYS B 278 3.02 -6.76 -23.83
CA LYS B 278 4.11 -5.93 -24.35
C LYS B 278 4.04 -4.55 -23.73
N TRP B 279 5.20 -4.02 -23.31
CA TRP B 279 5.28 -2.62 -22.87
C TRP B 279 6.71 -2.14 -23.09
N PHE B 280 6.92 -1.43 -24.20
CA PHE B 280 8.18 -0.77 -24.56
C PHE B 280 9.38 -1.71 -24.45
N LYS B 281 10.28 -1.43 -23.52
CA LYS B 281 11.44 -2.27 -23.26
C LYS B 281 11.17 -3.20 -22.07
N GLY B 282 10.12 -4.01 -22.19
CA GLY B 282 9.76 -4.91 -21.12
C GLY B 282 8.53 -5.73 -21.41
N ILE B 283 8.47 -6.94 -20.85
CA ILE B 283 7.32 -7.83 -21.00
C ILE B 283 6.80 -8.19 -19.63
N THR B 284 5.47 -8.27 -19.50
CA THR B 284 4.85 -8.70 -18.26
C THR B 284 4.27 -10.09 -18.45
N LEU B 285 4.67 -11.01 -17.58
CA LEU B 285 4.22 -12.39 -17.60
C LEU B 285 3.08 -12.52 -16.59
N HIS B 286 1.87 -12.75 -17.09
CA HIS B 286 0.77 -13.15 -16.23
C HIS B 286 0.69 -14.67 -16.26
N LEU B 287 0.71 -15.29 -15.08
CA LEU B 287 1.00 -16.72 -15.02
C LEU B 287 0.40 -17.33 -13.76
N THR B 288 -0.09 -18.56 -13.90
CA THR B 288 -0.72 -19.30 -12.81
C THR B 288 0.05 -20.58 -12.54
N ALA B 289 0.03 -21.03 -11.29
CA ALA B 289 0.73 -22.25 -10.89
C ALA B 289 0.07 -22.79 -9.63
N THR B 290 -0.57 -23.95 -9.75
CA THR B 290 -1.17 -24.59 -8.57
C THR B 290 -0.09 -25.06 -7.61
N ARG B 291 0.99 -25.61 -8.12
CA ARG B 291 2.15 -26.01 -7.36
C ARG B 291 3.31 -25.04 -7.60
N PRO B 292 4.28 -24.97 -6.69
CA PRO B 292 5.44 -24.10 -6.92
C PRO B 292 6.17 -24.45 -8.20
N THR B 293 6.56 -23.40 -8.94
CA THR B 293 7.15 -23.55 -10.27
C THR B 293 8.33 -22.60 -10.40
N LEU B 294 9.44 -23.11 -10.90
CA LEU B 294 10.63 -22.28 -11.12
C LEU B 294 10.50 -21.50 -12.42
N LEU B 295 10.78 -20.21 -12.34
CA LEU B 295 10.85 -19.33 -13.50
C LEU B 295 12.24 -18.70 -13.54
N THR B 296 12.95 -18.86 -14.65
CA THR B 296 14.32 -18.39 -14.77
C THR B 296 14.47 -17.53 -16.01
N THR B 297 14.88 -16.28 -15.84
CA THR B 297 15.08 -15.36 -16.94
C THR B 297 16.53 -14.87 -16.96
N ARG B 298 17.07 -14.70 -18.16
CA ARG B 298 18.42 -14.20 -18.33
C ARG B 298 18.51 -13.33 -19.58
N LYS B 299 19.21 -12.21 -19.46
CA LYS B 299 19.43 -11.33 -20.60
C LYS B 299 20.49 -11.91 -21.53
N LEU B 300 20.35 -11.62 -22.81
CA LEU B 300 21.27 -12.12 -23.84
C LEU B 300 22.37 -11.11 -24.10
N GLY B 301 23.16 -10.86 -23.06
CA GLY B 301 24.22 -9.88 -23.15
C GLY B 301 25.25 -10.08 -22.06
N LEU B 302 26.11 -9.06 -21.91
CA LEU B 302 27.19 -9.14 -20.93
C LEU B 302 26.64 -9.17 -19.51
N ARG B 303 25.62 -8.36 -19.23
CA ARG B 303 24.99 -8.32 -17.91
C ARG B 303 23.76 -9.22 -17.95
N ALA B 304 24.00 -10.53 -17.88
CA ALA B 304 22.94 -11.52 -17.86
C ALA B 304 22.34 -11.55 -16.46
N ASP B 305 21.31 -10.73 -16.26
CA ASP B 305 20.63 -10.64 -14.96
C ASP B 305 19.79 -11.90 -14.78
N ALA B 306 20.44 -12.96 -14.33
CA ALA B 306 19.78 -14.26 -14.18
C ALA B 306 18.91 -14.24 -12.92
N THR B 307 17.61 -14.09 -13.11
CA THR B 307 16.64 -14.10 -12.02
C THR B 307 15.92 -15.43 -11.99
N ALA B 308 15.97 -16.10 -10.85
CA ALA B 308 15.29 -17.37 -10.63
C ALA B 308 14.32 -17.20 -9.46
N GLU B 309 13.09 -17.67 -9.66
CA GLU B 309 12.09 -17.51 -8.60
C GLU B 309 11.11 -18.67 -8.63
N TRP B 310 10.82 -19.21 -7.45
CA TRP B 310 9.74 -20.18 -7.30
C TRP B 310 8.43 -19.43 -7.05
N ILE B 311 7.43 -19.73 -7.86
CA ILE B 311 6.17 -19.00 -7.85
C ILE B 311 5.04 -19.99 -7.61
N THR B 312 4.17 -19.66 -6.66
CA THR B 312 2.93 -20.39 -6.41
C THR B 312 1.75 -19.45 -6.54
N GLY B 313 0.74 -19.86 -7.28
CA GLY B 313 -0.45 -19.05 -7.47
C GLY B 313 -0.35 -18.14 -8.68
N THR B 314 -1.40 -17.34 -8.86
CA THR B 314 -1.51 -16.44 -10.00
C THR B 314 -0.75 -15.15 -9.70
N THR B 315 0.34 -14.92 -10.43
CA THR B 315 1.14 -13.72 -10.26
C THR B 315 1.47 -13.12 -11.62
N SER B 316 1.79 -11.83 -11.60
CA SER B 316 2.29 -11.11 -12.75
C SER B 316 3.67 -10.55 -12.43
N ARG B 317 4.62 -10.79 -13.33
CA ARG B 317 6.01 -10.37 -13.14
C ARG B 317 6.46 -9.50 -14.30
N ASN B 318 7.07 -8.36 -13.98
CA ASN B 318 7.59 -7.45 -14.99
C ASN B 318 9.06 -7.76 -15.23
N PHE B 319 9.44 -7.93 -16.49
CA PHE B 319 10.79 -8.36 -16.86
C PHE B 319 11.30 -7.43 -17.95
N SER B 320 12.38 -6.72 -17.66
CA SER B 320 12.94 -5.75 -18.60
C SER B 320 13.69 -6.46 -19.72
N VAL B 321 13.40 -6.08 -20.96
CA VAL B 321 14.04 -6.64 -22.14
C VAL B 321 14.57 -5.47 -22.98
N GLY B 322 15.76 -5.66 -23.56
CA GLY B 322 16.37 -4.67 -24.41
C GLY B 322 16.52 -5.17 -25.83
N ARG B 323 17.35 -4.45 -26.60
CA ARG B 323 17.66 -4.87 -27.95
C ARG B 323 18.51 -6.14 -27.97
N GLU B 324 19.22 -6.44 -26.88
CA GLU B 324 20.01 -7.66 -26.80
C GLU B 324 19.14 -8.90 -26.66
N GLY B 325 18.01 -8.80 -25.98
CA GLY B 325 17.07 -9.90 -25.87
C GLY B 325 17.04 -10.49 -24.47
N LEU B 326 15.97 -11.24 -24.21
CA LEU B 326 15.77 -11.89 -22.92
C LEU B 326 15.23 -13.29 -23.15
N GLU B 327 15.84 -14.27 -22.50
CA GLU B 327 15.44 -15.67 -22.61
C GLU B 327 14.84 -16.09 -21.28
N TYR B 328 13.59 -16.53 -21.29
CA TYR B 328 12.92 -16.96 -20.07
C TYR B 328 12.43 -18.39 -20.23
N VAL B 329 12.55 -19.16 -19.15
CA VAL B 329 12.01 -20.51 -19.09
C VAL B 329 11.01 -20.54 -17.94
N TRP B 330 9.77 -20.91 -18.25
CA TRP B 330 8.70 -21.04 -17.28
C TRP B 330 8.46 -22.53 -17.04
N GLY B 331 8.98 -23.03 -15.91
CA GLY B 331 8.79 -24.44 -15.59
C GLY B 331 9.57 -25.34 -16.51
N ASN B 332 8.88 -26.38 -17.00
CA ASN B 332 9.48 -27.38 -17.87
C ASN B 332 9.40 -27.03 -19.34
N HIS B 333 8.80 -25.89 -19.67
CA HIS B 333 8.62 -25.53 -21.08
C HIS B 333 9.96 -25.21 -21.72
N GLU B 334 9.96 -25.25 -23.05
CA GLU B 334 11.15 -24.89 -23.81
C GLU B 334 11.44 -23.40 -23.62
N PRO B 335 12.72 -23.00 -23.67
CA PRO B 335 13.05 -21.58 -23.50
C PRO B 335 12.44 -20.71 -24.57
N VAL B 336 11.99 -19.53 -24.16
CA VAL B 336 11.39 -18.56 -25.07
C VAL B 336 12.28 -17.32 -25.07
N ARG B 337 12.72 -16.92 -26.26
CA ARG B 337 13.60 -15.78 -26.45
C ARG B 337 12.82 -14.63 -27.07
N VAL B 338 12.94 -13.45 -26.48
CA VAL B 338 12.25 -12.26 -26.95
C VAL B 338 13.27 -11.15 -27.19
N TRP B 339 12.90 -10.19 -28.03
CA TRP B 339 13.78 -9.10 -28.41
C TRP B 339 12.98 -7.81 -28.51
N ALA B 340 13.37 -6.81 -27.73
CA ALA B 340 12.73 -5.51 -27.80
C ALA B 340 13.29 -4.70 -28.95
N GLN B 341 12.43 -3.90 -29.57
CA GLN B 341 12.81 -3.03 -30.67
C GLN B 341 12.48 -1.59 -30.34
N GLU B 342 13.00 -0.67 -31.16
CA GLU B 342 12.89 0.76 -30.92
C GLU B 342 11.48 1.24 -31.24
N SER B 343 10.60 1.06 -30.26
CA SER B 343 9.18 1.41 -30.42
C SER B 343 8.77 2.45 -29.39
N ALA B 344 9.56 3.50 -29.24
CA ALA B 344 9.30 4.53 -28.24
C ALA B 344 8.02 5.29 -28.59
N PRO B 345 7.20 5.65 -27.60
CA PRO B 345 5.95 6.37 -27.88
C PRO B 345 6.20 7.82 -28.24
N GLY B 346 6.61 8.06 -29.48
CA GLY B 346 6.87 9.41 -29.95
C GLY B 346 7.13 9.39 -31.44
N ASP B 347 7.13 10.58 -32.02
CA ASP B 347 7.35 10.72 -33.46
C ASP B 347 8.73 11.31 -33.71
N PRO B 348 9.68 10.53 -34.24
CA PRO B 348 10.98 11.10 -34.61
C PRO B 348 10.94 11.91 -35.90
N HIS B 349 9.80 11.98 -36.57
CA HIS B 349 9.66 12.61 -37.87
C HIS B 349 8.62 13.72 -37.75
N GLY B 350 9.08 14.94 -37.55
CA GLY B 350 8.16 16.07 -37.49
C GLY B 350 8.59 17.20 -36.58
N TRP B 351 7.68 17.63 -35.70
CA TRP B 351 7.95 18.74 -34.81
C TRP B 351 8.99 18.33 -33.76
N PRO B 352 9.77 19.29 -33.25
CA PRO B 352 10.92 18.94 -32.38
C PRO B 352 10.55 18.21 -31.09
N HIS B 353 9.41 18.51 -30.46
CA HIS B 353 9.17 17.95 -29.13
C HIS B 353 8.80 16.47 -29.15
N GLU B 354 8.14 16.00 -30.21
CA GLU B 354 7.94 14.56 -30.34
C GLU B 354 9.26 13.84 -30.54
N ILE B 355 10.18 14.44 -31.29
CA ILE B 355 11.52 13.90 -31.47
C ILE B 355 12.23 13.83 -30.12
N ILE B 356 12.10 14.90 -29.33
CA ILE B 356 12.77 14.98 -28.03
C ILE B 356 12.25 13.88 -27.09
N ILE B 357 10.92 13.74 -27.00
CA ILE B 357 10.38 12.74 -26.07
C ILE B 357 10.65 11.32 -26.58
N HIS B 358 10.61 11.10 -27.90
CA HIS B 358 10.89 9.78 -28.45
C HIS B 358 12.34 9.37 -28.19
N TYR B 359 13.28 10.27 -28.42
CA TYR B 359 14.68 9.93 -28.20
C TYR B 359 15.04 9.91 -26.72
N TYR B 360 14.29 10.63 -25.88
CA TYR B 360 14.50 10.51 -24.44
C TYR B 360 14.01 9.16 -23.94
N HIS B 361 12.91 8.65 -24.50
CA HIS B 361 12.47 7.30 -24.16
C HIS B 361 13.44 6.25 -24.70
N ARG B 362 14.06 6.53 -25.86
CA ARG B 362 15.03 5.59 -26.41
C ARG B 362 16.29 5.55 -25.57
N HIS B 363 17.01 6.67 -25.48
CA HIS B 363 18.21 6.79 -24.67
C HIS B 363 18.08 8.04 -23.81
N PRO B 364 17.86 7.90 -22.50
CA PRO B 364 17.63 9.08 -21.66
C PRO B 364 18.87 9.94 -21.48
N VAL B 365 19.99 9.31 -21.10
CA VAL B 365 21.19 10.08 -20.76
C VAL B 365 21.79 10.73 -22.01
N TYR B 366 21.75 10.04 -23.16
CA TYR B 366 22.26 10.63 -24.39
C TYR B 366 21.42 11.84 -24.81
N THR B 367 20.10 11.72 -24.72
CA THR B 367 19.23 12.82 -25.12
C THR B 367 19.37 14.01 -24.19
N VAL B 368 19.43 13.77 -22.87
CA VAL B 368 19.57 14.90 -21.96
C VAL B 368 20.96 15.54 -22.09
N ILE B 369 22.00 14.75 -22.36
CA ILE B 369 23.33 15.35 -22.49
C ILE B 369 23.45 16.11 -23.81
N VAL B 370 22.78 15.66 -24.88
CA VAL B 370 22.89 16.42 -26.12
C VAL B 370 22.01 17.67 -26.06
N LEU B 371 20.89 17.63 -25.34
CA LEU B 371 20.09 18.83 -25.16
C LEU B 371 20.81 19.85 -24.29
N CYS B 372 21.48 19.39 -23.23
CA CYS B 372 22.28 20.29 -22.40
C CYS B 372 23.45 20.86 -23.19
N GLY B 373 24.09 20.04 -24.03
CA GLY B 373 25.15 20.55 -24.88
C GLY B 373 24.67 21.57 -25.88
N VAL B 374 23.47 21.37 -26.44
CA VAL B 374 22.89 22.33 -27.37
C VAL B 374 22.61 23.65 -26.67
N ALA B 375 22.00 23.59 -25.48
CA ALA B 375 21.70 24.82 -24.73
C ALA B 375 22.98 25.55 -24.35
N LEU B 376 23.98 24.82 -23.87
CA LEU B 376 25.26 25.45 -23.52
C LEU B 376 25.94 26.04 -24.74
N ALA B 377 25.91 25.33 -25.88
CA ALA B 377 26.55 25.81 -27.08
C ALA B 377 25.89 27.07 -27.61
N ILE B 378 24.56 27.13 -27.62
CA ILE B 378 23.90 28.31 -28.13
C ILE B 378 24.07 29.48 -27.16
N LEU B 379 24.12 29.21 -25.85
CA LEU B 379 24.35 30.29 -24.89
C LEU B 379 25.75 30.86 -25.02
N VAL B 380 26.76 29.99 -25.15
CA VAL B 380 28.14 30.46 -25.32
C VAL B 380 28.30 31.18 -26.66
N GLY B 381 27.65 30.68 -27.71
CA GLY B 381 27.74 31.35 -29.00
C GLY B 381 27.10 32.73 -28.99
N THR B 382 25.90 32.85 -28.40
CA THR B 382 25.25 34.15 -28.31
C THR B 382 26.05 35.11 -27.43
N ALA B 383 26.57 34.64 -26.30
CA ALA B 383 27.36 35.49 -25.42
C ALA B 383 28.64 35.94 -26.09
N SER B 384 29.32 35.04 -26.81
CA SER B 384 30.55 35.40 -27.50
C SER B 384 30.29 36.38 -28.62
N SER B 385 29.22 36.18 -29.39
CA SER B 385 28.88 37.11 -30.46
C SER B 385 28.53 38.49 -29.89
N ALA B 386 27.77 38.53 -28.80
CA ALA B 386 27.44 39.80 -28.16
C ALA B 386 28.67 40.49 -27.62
N ALA B 387 29.58 39.73 -27.01
CA ALA B 387 30.81 40.31 -26.47
C ALA B 387 31.70 40.85 -27.57
N CYS B 388 31.83 40.12 -28.68
CA CYS B 388 32.61 40.60 -29.81
C CYS B 388 31.99 41.85 -30.45
N ILE B 389 30.66 41.87 -30.59
CA ILE B 389 29.99 43.03 -31.15
C ILE B 389 30.17 44.24 -30.25
N ALA B 390 30.03 44.04 -28.94
CA ALA B 390 30.22 45.13 -27.98
C ALA B 390 31.65 45.64 -27.98
N LYS B 391 32.63 44.74 -28.05
CA LYS B 391 34.03 45.16 -28.09
C LYS B 391 34.35 45.94 -29.36
N ALA B 392 33.83 45.48 -30.50
CA ALA B 392 34.02 46.21 -31.75
C ALA B 392 33.36 47.58 -31.70
N ARG B 393 32.15 47.66 -31.13
CA ARG B 393 31.48 48.94 -31.00
C ARG B 393 32.25 49.89 -30.09
N ARG B 394 32.79 49.37 -28.99
CA ARG B 394 33.62 50.19 -28.11
C ARG B 394 34.85 50.70 -28.85
N ASP B 395 35.56 49.80 -29.56
CA ASP B 395 36.77 50.21 -30.27
C ASP B 395 36.48 51.16 -31.43
N CYS B 396 35.26 51.16 -31.96
CA CYS B 396 34.95 52.10 -33.04
C CYS B 396 34.42 53.43 -32.53
N LEU B 397 33.81 53.47 -31.33
CA LEU B 397 33.23 54.71 -30.85
C LEU B 397 34.15 55.53 -29.93
N THR B 398 35.31 55.01 -29.51
CA THR B 398 36.25 55.86 -28.78
C THR B 398 36.81 57.03 -29.59
N PRO B 399 37.23 56.90 -30.87
CA PRO B 399 37.78 58.10 -31.54
C PRO B 399 36.77 59.22 -31.72
N TYR B 400 35.47 58.92 -31.67
CA TYR B 400 34.43 59.94 -31.69
C TYR B 400 33.84 60.18 -30.30
N ALA B 401 34.51 59.70 -29.26
CA ALA B 401 34.12 60.00 -27.88
C ALA B 401 35.21 60.76 -27.12
N LEU B 402 36.48 60.40 -27.33
CA LEU B 402 37.56 61.19 -26.75
C LEU B 402 37.58 62.60 -27.33
N ALA B 403 37.36 62.72 -28.64
CA ALA B 403 37.24 64.00 -29.31
C ALA B 403 35.78 64.24 -29.65
N PRO B 404 35.11 65.21 -29.05
CA PRO B 404 33.70 65.49 -29.41
C PRO B 404 33.55 66.08 -30.79
N ASN B 405 32.29 66.34 -31.18
CA ASN B 405 31.80 66.72 -32.51
C ASN B 405 32.70 66.31 -33.67
N ALA B 406 33.02 67.24 -34.57
CA ALA B 406 33.89 67.02 -35.73
C ALA B 406 33.44 65.84 -36.60
N MET C 6 49.59 83.24 -19.09
CA MET C 6 48.65 82.67 -20.04
C MET C 6 48.31 81.24 -19.67
N CYS C 7 49.19 80.31 -20.06
CA CYS C 7 48.94 78.89 -19.79
C CYS C 7 48.90 78.60 -18.30
N MET C 8 49.78 79.25 -17.53
CA MET C 8 49.72 79.14 -16.08
C MET C 8 48.42 79.72 -15.54
N LYS C 9 47.95 80.81 -16.13
CA LYS C 9 46.67 81.39 -15.72
C LYS C 9 45.50 80.48 -16.09
N LEU C 10 45.55 79.85 -17.27
CA LEU C 10 44.42 79.07 -17.73
C LEU C 10 44.33 77.70 -17.04
N GLU C 11 45.44 76.98 -16.93
CA GLU C 11 45.32 75.64 -16.37
C GLU C 11 45.23 75.63 -14.84
N SER C 12 45.47 76.77 -14.18
CA SER C 12 45.38 76.81 -12.72
C SER C 12 43.95 76.57 -12.26
N ASP C 13 43.80 75.74 -11.23
CA ASP C 13 42.54 75.40 -10.57
C ASP C 13 41.54 74.69 -11.49
N LYS C 14 41.93 74.38 -12.72
CA LYS C 14 41.11 73.59 -13.62
C LYS C 14 41.94 72.64 -14.47
N THR C 15 43.06 72.15 -13.92
CA THR C 15 43.79 71.01 -14.47
C THR C 15 44.28 70.22 -13.26
N PHE C 16 43.61 69.12 -12.95
CA PHE C 16 43.81 68.68 -11.58
C PHE C 16 44.83 67.55 -11.51
N PRO C 17 45.66 67.54 -10.47
CA PRO C 17 46.71 66.52 -10.36
C PRO C 17 46.14 65.19 -9.86
N ILE C 18 47.03 64.20 -9.80
CA ILE C 18 46.69 62.84 -9.41
C ILE C 18 47.62 62.42 -8.27
N MET C 19 47.03 61.97 -7.16
CA MET C 19 47.81 61.49 -6.01
C MET C 19 48.13 60.01 -6.23
N LEU C 20 49.40 59.70 -6.50
CA LEU C 20 49.90 58.34 -6.50
C LEU C 20 50.73 58.16 -5.24
N ASN C 21 50.19 57.37 -4.29
CA ASN C 21 50.84 57.09 -3.00
C ASN C 21 51.14 58.36 -2.21
N GLY C 22 50.39 59.44 -2.47
CA GLY C 22 50.55 60.69 -1.77
C GLY C 22 51.30 61.75 -2.54
N GLN C 23 52.04 61.40 -3.58
CA GLN C 23 52.74 62.38 -4.40
C GLN C 23 52.05 62.50 -5.75
N VAL C 24 52.44 63.51 -6.50
CA VAL C 24 51.87 63.77 -7.82
C VAL C 24 52.58 62.90 -8.86
N ASN C 25 51.82 62.44 -9.85
CA ASN C 25 52.35 61.65 -10.95
C ASN C 25 51.91 62.19 -12.30
N GLY C 26 51.21 63.33 -12.31
CA GLY C 26 50.63 63.88 -13.51
C GLY C 26 49.32 64.58 -13.23
N TYR C 27 48.81 65.22 -14.27
CA TYR C 27 47.58 65.99 -14.19
C TYR C 27 46.50 65.33 -15.04
N ALA C 28 45.26 65.40 -14.57
CA ALA C 28 44.13 64.93 -15.34
C ALA C 28 43.47 66.10 -16.06
N CYS C 29 43.02 65.84 -17.30
CA CYS C 29 42.54 66.90 -18.17
C CYS C 29 41.01 66.85 -18.23
N VAL C 30 40.39 67.96 -17.88
CA VAL C 30 38.95 68.16 -18.11
C VAL C 30 38.83 69.06 -19.35
N VAL C 31 38.51 68.44 -20.47
CA VAL C 31 38.41 69.13 -21.76
C VAL C 31 37.10 68.75 -22.42
N GLY C 32 36.39 69.76 -22.94
CA GLY C 32 35.10 69.53 -23.58
C GLY C 32 34.04 68.98 -22.65
N GLY C 33 34.16 69.26 -21.35
CA GLY C 33 33.27 68.65 -20.37
C GLY C 33 33.58 67.21 -20.06
N ARG C 34 34.71 66.69 -20.54
CA ARG C 34 35.07 65.29 -20.39
C ARG C 34 36.36 65.17 -19.58
N LEU C 35 36.32 64.33 -18.56
CA LEU C 35 37.53 63.98 -17.81
C LEU C 35 38.31 62.93 -18.58
N MET C 36 39.64 63.02 -18.56
CA MET C 36 40.49 61.98 -19.10
C MET C 36 41.87 62.05 -18.47
N LYS C 37 42.45 60.90 -18.20
CA LYS C 37 43.81 60.81 -17.68
C LYS C 37 44.53 59.64 -18.31
N PRO C 38 45.86 59.61 -18.27
CA PRO C 38 46.58 58.41 -18.71
C PRO C 38 46.22 57.19 -17.88
N LEU C 39 46.16 56.04 -18.56
CA LEU C 39 45.84 54.78 -17.89
C LEU C 39 47.06 54.09 -17.29
N HIS C 40 48.24 54.32 -17.87
CA HIS C 40 49.44 53.62 -17.39
C HIS C 40 49.86 54.11 -16.01
N VAL C 41 49.45 55.31 -15.62
CA VAL C 41 49.60 55.78 -14.24
C VAL C 41 48.23 55.75 -13.57
N GLU C 42 48.20 55.29 -12.33
CA GLU C 42 46.95 55.16 -11.58
C GLU C 42 47.14 55.73 -10.18
N GLY C 43 46.16 56.51 -9.74
CA GLY C 43 46.13 57.05 -8.39
C GLY C 43 44.74 57.54 -8.05
N LYS C 44 44.65 58.73 -7.46
CA LYS C 44 43.37 59.38 -7.25
C LYS C 44 43.51 60.86 -7.59
N ILE C 45 42.49 61.42 -8.22
CA ILE C 45 42.45 62.85 -8.48
C ILE C 45 42.04 63.57 -7.20
N ASP C 46 42.62 64.74 -6.97
CA ASP C 46 42.62 65.31 -5.62
C ASP C 46 41.25 65.82 -5.20
N ASN C 47 40.54 66.52 -6.08
CA ASN C 47 39.35 67.24 -5.66
C ASN C 47 38.14 66.30 -5.59
N GLU C 48 37.29 66.52 -4.60
CA GLU C 48 36.07 65.77 -4.43
C GLU C 48 34.99 66.30 -5.38
N GLN C 49 33.84 65.61 -5.39
CA GLN C 49 32.67 65.81 -6.25
C GLN C 49 32.99 65.46 -7.71
N LEU C 50 34.24 65.15 -8.02
CA LEU C 50 34.68 64.82 -9.37
C LEU C 50 35.48 63.53 -9.42
N ALA C 51 35.96 63.02 -8.29
CA ALA C 51 36.62 61.72 -8.25
C ALA C 51 35.63 60.57 -8.24
N ALA C 52 34.36 60.84 -7.93
CA ALA C 52 33.35 59.80 -7.74
C ALA C 52 32.55 59.52 -9.00
N VAL C 53 32.88 60.15 -10.11
CA VAL C 53 32.13 59.96 -11.35
C VAL C 53 32.50 58.61 -11.97
N LYS C 54 31.55 58.01 -12.68
CA LYS C 54 31.83 56.80 -13.45
C LYS C 54 32.82 57.12 -14.55
N LEU C 55 33.59 56.10 -14.96
CA LEU C 55 34.81 56.35 -15.72
C LEU C 55 35.14 55.10 -16.53
N LYS C 56 35.16 55.24 -17.85
CA LYS C 56 35.42 54.12 -18.75
C LYS C 56 36.85 54.19 -19.28
N LYS C 57 37.40 53.02 -19.59
CA LYS C 57 38.77 52.92 -20.07
C LYS C 57 38.82 52.93 -21.58
N ALA C 58 39.99 53.31 -22.11
CA ALA C 58 40.28 53.19 -23.56
C ALA C 58 41.75 52.78 -23.66
N SER C 59 41.98 51.47 -23.72
CA SER C 59 43.34 50.95 -23.67
C SER C 59 44.10 51.19 -24.97
N MET C 60 43.39 51.30 -26.10
CA MET C 60 44.07 51.50 -27.38
C MET C 60 44.71 52.87 -27.48
N TYR C 61 44.20 53.85 -26.73
CA TYR C 61 44.73 55.21 -26.76
C TYR C 61 45.21 55.66 -25.39
N ASP C 62 45.24 54.76 -24.40
CA ASP C 62 45.84 54.97 -23.09
C ASP C 62 45.22 56.14 -22.33
N LEU C 63 43.93 56.39 -22.52
CA LEU C 63 43.23 57.47 -21.83
C LEU C 63 41.95 56.93 -21.22
N GLU C 64 41.88 56.94 -19.88
CA GLU C 64 40.63 56.71 -19.20
C GLU C 64 39.80 57.97 -19.31
N TYR C 65 38.60 57.84 -19.88
CA TYR C 65 37.75 58.98 -20.21
C TYR C 65 36.43 58.90 -19.45
N GLY C 66 35.87 60.05 -19.16
CA GLY C 66 34.61 60.13 -18.45
C GLY C 66 33.94 61.48 -18.65
N ASP C 67 33.17 61.88 -17.64
CA ASP C 67 32.42 63.14 -17.68
C ASP C 67 32.67 63.90 -16.39
N VAL C 68 32.43 65.20 -16.42
CA VAL C 68 32.44 66.04 -15.22
C VAL C 68 31.00 66.15 -14.71
N PRO C 69 30.72 65.67 -13.49
CA PRO C 69 29.31 65.45 -13.09
C PRO C 69 28.57 66.65 -12.55
N GLN C 70 29.24 67.50 -11.76
CA GLN C 70 28.51 68.53 -11.01
C GLN C 70 28.02 69.66 -11.91
N ASN C 71 28.70 69.89 -13.02
CA ASN C 71 28.26 70.85 -14.02
C ASN C 71 28.61 70.27 -15.39
N MET C 72 27.73 70.45 -16.37
CA MET C 72 27.91 69.80 -17.65
C MET C 72 29.10 70.37 -18.42
N LYS C 73 29.32 71.67 -18.32
CA LYS C 73 30.52 72.30 -18.87
C LYS C 73 31.56 72.56 -17.78
N SER C 74 31.17 73.31 -16.74
CA SER C 74 32.04 73.78 -15.66
C SER C 74 33.32 74.41 -16.20
N ASP C 75 34.42 73.69 -16.05
CA ASP C 75 35.70 74.15 -16.57
C ASP C 75 35.76 73.85 -18.06
N THR C 76 35.97 74.89 -18.86
CA THR C 76 35.70 74.77 -20.30
C THR C 76 36.81 74.01 -21.01
N LEU C 77 38.00 74.62 -21.10
CA LEU C 77 39.19 74.06 -21.75
C LEU C 77 38.88 73.48 -23.13
N GLN C 78 38.50 74.37 -24.04
CA GLN C 78 38.12 73.97 -25.39
C GLN C 78 39.28 73.30 -26.11
N TYR C 79 38.93 72.51 -27.12
CA TYR C 79 39.95 71.82 -27.92
C TYR C 79 39.98 72.37 -29.33
N THR C 80 41.01 71.93 -30.07
CA THR C 80 41.18 72.33 -31.46
C THR C 80 41.84 71.18 -32.22
N SER C 81 41.92 71.33 -33.53
CA SER C 81 42.57 70.34 -34.39
C SER C 81 43.64 70.91 -35.30
N ASP C 82 43.65 72.22 -35.56
CA ASP C 82 44.68 72.82 -36.39
C ASP C 82 46.00 72.83 -35.66
N LYS C 83 47.08 72.50 -36.39
CA LYS C 83 48.41 72.36 -35.81
C LYS C 83 49.44 73.05 -36.70
N PRO C 84 49.54 74.38 -36.60
CA PRO C 84 50.50 75.11 -37.44
C PRO C 84 51.93 74.91 -36.95
N PRO C 85 52.80 74.39 -37.80
CA PRO C 85 54.19 74.18 -37.39
C PRO C 85 55.00 75.47 -37.42
N GLY C 86 56.03 75.51 -36.57
CA GLY C 86 56.99 76.61 -36.60
C GLY C 86 57.26 77.27 -35.26
N PHE C 87 56.20 77.48 -34.48
CA PHE C 87 56.32 78.09 -33.16
C PHE C 87 55.06 77.78 -32.37
N TYR C 88 55.23 77.16 -31.20
CA TYR C 88 54.07 76.72 -30.45
C TYR C 88 54.52 76.49 -29.01
N ASN C 89 53.56 76.50 -28.08
CA ASN C 89 53.88 76.61 -26.66
C ASN C 89 53.23 75.51 -25.83
N TRP C 90 53.57 75.52 -24.53
CA TRP C 90 53.23 74.49 -23.56
C TRP C 90 53.63 75.02 -22.18
N HIS C 91 53.27 74.27 -21.13
CA HIS C 91 53.44 74.76 -19.76
C HIS C 91 54.91 74.82 -19.35
N HIS C 92 55.57 73.66 -19.27
CA HIS C 92 56.94 73.63 -18.76
C HIS C 92 57.90 74.28 -19.75
N GLY C 93 57.74 74.01 -21.04
CA GLY C 93 58.58 74.62 -22.05
C GLY C 93 57.77 74.92 -23.29
N ALA C 94 58.48 75.19 -24.37
CA ALA C 94 57.86 75.44 -25.67
C ALA C 94 58.06 74.21 -26.54
N VAL C 95 57.00 73.41 -26.69
CA VAL C 95 57.08 72.26 -27.58
C VAL C 95 57.12 72.73 -29.04
N GLN C 96 57.89 72.00 -29.85
CA GLN C 96 58.10 72.40 -31.24
C GLN C 96 57.48 71.35 -32.16
N TYR C 97 56.52 71.78 -32.98
CA TYR C 97 55.93 70.91 -33.99
C TYR C 97 56.81 70.88 -35.24
N GLU C 98 57.90 70.12 -35.15
CA GLU C 98 58.84 70.01 -36.25
C GLU C 98 58.41 68.87 -37.16
N ASN C 99 58.17 69.18 -38.44
CA ASN C 99 57.83 68.31 -39.57
C ASN C 99 56.99 67.08 -39.20
N GLY C 100 55.94 67.29 -38.42
CA GLY C 100 55.03 66.22 -38.08
C GLY C 100 55.33 65.50 -36.78
N ARG C 101 55.99 66.17 -35.83
CA ARG C 101 56.39 65.52 -34.59
C ARG C 101 56.67 66.59 -33.55
N PHE C 102 56.19 66.38 -32.33
CA PHE C 102 56.55 67.25 -31.22
C PHE C 102 57.95 66.93 -30.72
N THR C 103 58.78 67.95 -30.58
CA THR C 103 60.13 67.81 -30.04
C THR C 103 60.37 68.86 -28.97
N VAL C 104 61.14 68.45 -27.96
CA VAL C 104 61.43 69.25 -26.77
C VAL C 104 62.91 69.06 -26.44
N PRO C 105 63.62 70.10 -25.97
CA PRO C 105 64.95 69.88 -25.40
C PRO C 105 64.90 68.97 -24.19
N ARG C 106 65.96 68.19 -24.01
CA ARG C 106 65.98 67.17 -22.95
C ARG C 106 66.00 67.80 -21.55
N GLY C 107 66.51 69.04 -21.43
CA GLY C 107 66.77 69.67 -20.15
C GLY C 107 65.55 69.92 -19.27
N VAL C 108 64.35 69.85 -19.82
CA VAL C 108 63.12 70.04 -19.05
C VAL C 108 62.35 68.73 -19.06
N GLY C 109 61.73 68.40 -17.93
CA GLY C 109 60.96 67.18 -17.79
C GLY C 109 61.34 66.43 -16.52
N GLY C 110 60.56 65.38 -16.25
CA GLY C 110 60.79 64.56 -15.08
C GLY C 110 59.78 63.43 -15.02
N LYS C 111 59.92 62.63 -13.96
CA LYS C 111 59.01 61.51 -13.74
C LYS C 111 57.69 62.03 -13.16
N GLY C 112 56.61 61.82 -13.89
CA GLY C 112 55.33 62.38 -13.53
C GLY C 112 54.77 63.40 -14.50
N ASP C 113 55.23 63.39 -15.75
CA ASP C 113 54.80 64.36 -16.76
C ASP C 113 53.79 63.74 -17.74
N SER C 114 52.96 62.83 -17.27
CA SER C 114 51.93 62.21 -18.08
C SER C 114 50.60 62.89 -17.83
N GLY C 115 49.87 63.17 -18.91
CA GLY C 115 48.60 63.86 -18.79
C GLY C 115 48.75 65.37 -18.85
N ARG C 116 49.81 65.84 -19.49
CA ARG C 116 50.03 67.27 -19.67
C ARG C 116 49.22 67.76 -20.85
N PRO C 117 48.27 68.68 -20.65
CA PRO C 117 47.60 69.31 -21.79
C PRO C 117 48.55 70.28 -22.47
N ILE C 118 48.30 70.52 -23.76
CA ILE C 118 49.19 71.35 -24.56
C ILE C 118 48.35 72.48 -25.15
N LEU C 119 48.46 73.68 -24.58
CA LEU C 119 47.64 74.82 -24.95
C LEU C 119 48.21 75.54 -26.18
N ASP C 120 47.46 76.54 -26.65
CA ASP C 120 47.82 77.26 -27.88
C ASP C 120 47.68 78.76 -27.64
N ASN C 121 47.69 79.52 -28.74
CA ASN C 121 47.68 80.98 -28.68
C ASN C 121 46.42 81.51 -28.01
N ARG C 122 45.25 81.01 -28.40
CA ARG C 122 44.00 81.43 -27.80
C ARG C 122 43.61 80.56 -26.61
N GLY C 123 44.44 79.59 -26.25
CA GLY C 123 44.22 78.83 -25.03
C GLY C 123 43.52 77.51 -25.18
N ARG C 124 43.33 77.01 -26.40
CA ARG C 124 42.71 75.70 -26.58
C ARG C 124 43.77 74.61 -26.63
N VAL C 125 43.40 73.41 -26.21
CA VAL C 125 44.33 72.30 -26.15
C VAL C 125 44.16 71.43 -27.39
N VAL C 126 45.28 71.05 -28.01
CA VAL C 126 45.24 70.16 -29.16
C VAL C 126 45.75 68.77 -28.81
N ALA C 127 46.61 68.63 -27.80
CA ALA C 127 47.28 67.36 -27.57
C ALA C 127 47.53 67.18 -26.08
N ILE C 128 47.70 65.92 -25.69
CA ILE C 128 48.04 65.56 -24.31
C ILE C 128 49.24 64.62 -24.33
N VAL C 129 50.30 65.01 -23.65
CA VAL C 129 51.53 64.21 -23.61
C VAL C 129 51.35 63.05 -22.66
N LEU C 130 51.65 61.83 -23.14
CA LEU C 130 51.56 60.67 -22.25
C LEU C 130 52.92 60.02 -22.00
N GLY C 131 53.87 60.19 -22.91
CA GLY C 131 55.21 59.66 -22.72
C GLY C 131 56.18 60.16 -23.77
N GLY C 132 57.33 59.51 -23.87
CA GLY C 132 58.35 59.90 -24.84
C GLY C 132 59.58 59.03 -24.80
N THR C 137 70.15 65.78 -26.67
CA THR C 137 69.61 67.13 -26.52
C THR C 137 68.15 67.17 -26.94
N ARG C 138 67.89 66.81 -28.19
CA ARG C 138 66.54 66.76 -28.70
C ARG C 138 65.84 65.50 -28.23
N THR C 139 64.56 65.61 -27.89
CA THR C 139 63.72 64.46 -27.54
C THR C 139 62.38 64.61 -28.22
N ALA C 140 61.74 63.48 -28.50
CA ALA C 140 60.40 63.45 -29.06
C ALA C 140 59.47 62.72 -28.10
N LEU C 141 58.28 63.27 -27.94
CA LEU C 141 57.35 62.85 -26.89
C LEU C 141 56.15 62.16 -27.50
N SER C 142 55.75 61.03 -26.90
CA SER C 142 54.56 60.32 -27.35
C SER C 142 53.33 61.05 -26.85
N VAL C 143 52.46 61.43 -27.77
CA VAL C 143 51.40 62.39 -27.50
C VAL C 143 50.13 61.91 -28.17
N VAL C 144 48.99 62.17 -27.54
CA VAL C 144 47.70 61.93 -28.16
C VAL C 144 47.22 63.24 -28.77
N THR C 145 46.83 63.18 -30.05
CA THR C 145 46.51 64.36 -30.82
C THR C 145 45.29 64.09 -31.70
N TRP C 146 44.62 65.17 -32.09
CA TRP C 146 43.30 65.10 -32.71
C TRP C 146 43.40 65.75 -34.10
N ASN C 147 43.36 64.92 -35.14
CA ASN C 147 43.64 65.36 -36.50
C ASN C 147 42.43 66.02 -37.15
N GLN C 148 42.46 66.14 -38.47
CA GLN C 148 41.48 66.92 -39.22
C GLN C 148 40.06 66.39 -39.01
N LYS C 149 39.89 65.07 -39.07
CA LYS C 149 38.57 64.46 -38.90
C LYS C 149 38.24 64.19 -37.43
N GLY C 150 39.09 64.63 -36.51
CA GLY C 150 38.83 64.38 -35.11
C GLY C 150 39.16 62.97 -34.65
N VAL C 151 39.91 62.21 -35.44
CA VAL C 151 40.29 60.85 -35.08
C VAL C 151 41.37 60.96 -34.00
N THR C 152 41.00 60.61 -32.77
CA THR C 152 41.93 60.60 -31.64
C THR C 152 43.03 59.60 -31.92
N ILE C 153 44.25 60.08 -32.21
CA ILE C 153 45.36 59.21 -32.60
C ILE C 153 46.49 59.39 -31.61
N LYS C 154 47.11 58.27 -31.24
CA LYS C 154 48.20 58.26 -30.26
C LYS C 154 49.51 58.12 -31.01
N ASP C 155 50.17 59.24 -31.29
CA ASP C 155 51.37 59.24 -32.09
C ASP C 155 52.59 59.10 -31.18
N THR C 156 53.41 58.09 -31.45
CA THR C 156 54.59 57.83 -30.65
C THR C 156 55.84 57.82 -31.53
N PRO C 157 56.98 58.30 -31.00
CA PRO C 157 58.22 58.36 -31.81
C PRO C 157 59.05 57.09 -31.70
N GLU C 158 58.54 56.01 -32.33
CA GLU C 158 59.16 54.67 -32.34
C GLU C 158 59.43 54.26 -30.89
N GLY C 159 60.68 54.19 -30.46
CA GLY C 159 60.97 53.87 -29.06
C GLY C 159 60.50 54.99 -28.15
N SER C 160 59.78 54.62 -27.10
CA SER C 160 59.19 55.61 -26.20
C SER C 160 59.06 55.03 -24.80
N GLU C 161 59.13 55.91 -23.80
CA GLU C 161 58.89 55.58 -22.42
C GLU C 161 57.92 56.59 -21.82
N PRO C 162 57.06 56.16 -20.90
CA PRO C 162 56.20 57.12 -20.20
C PRO C 162 57.01 58.05 -19.31
N TRP C 163 56.55 59.29 -19.23
CA TRP C 163 57.18 60.25 -18.33
C TRP C 163 56.47 60.24 -16.98
N PHE D 1 -52.05 20.09 17.17
CA PHE D 1 -51.11 21.18 17.00
C PHE D 1 -49.78 20.67 16.44
N GLU D 2 -49.31 21.30 15.37
CA GLU D 2 -48.06 20.92 14.73
C GLU D 2 -46.89 21.43 15.58
N HIS D 3 -46.08 20.50 16.08
CA HIS D 3 -44.94 20.82 16.92
C HIS D 3 -43.70 20.19 16.28
N ALA D 4 -42.98 20.97 15.48
CA ALA D 4 -41.82 20.46 14.78
C ALA D 4 -40.61 20.44 15.71
N THR D 5 -40.02 19.26 15.90
CA THR D 5 -38.85 19.10 16.74
C THR D 5 -37.80 18.30 15.98
N THR D 6 -36.53 18.59 16.27
CA THR D 6 -35.41 17.88 15.69
C THR D 6 -34.90 16.84 16.69
N VAL D 7 -34.92 15.57 16.28
CA VAL D 7 -34.59 14.46 17.15
C VAL D 7 -33.30 13.83 16.65
N PRO D 8 -32.37 13.46 17.53
CA PRO D 8 -31.19 12.70 17.08
C PRO D 8 -31.60 11.37 16.47
N ASN D 9 -30.89 10.99 15.40
CA ASN D 9 -31.17 9.77 14.66
C ASN D 9 -30.71 8.52 15.41
N VAL D 10 -29.92 8.70 16.48
CA VAL D 10 -29.31 7.60 17.22
C VAL D 10 -30.40 6.69 17.79
N PRO D 11 -30.30 5.36 17.63
CA PRO D 11 -31.32 4.47 18.18
C PRO D 11 -31.28 4.45 19.70
N GLY D 12 -32.44 4.19 20.29
CA GLY D 12 -32.57 4.38 21.72
C GLY D 12 -32.47 5.85 22.06
N ILE D 13 -31.98 6.12 23.27
CA ILE D 13 -31.76 7.48 23.81
C ILE D 13 -33.06 8.26 23.71
N PRO D 14 -34.03 8.01 24.60
CA PRO D 14 -35.35 8.66 24.51
C PRO D 14 -35.26 10.18 24.54
N TYR D 15 -36.11 10.81 23.73
CA TYR D 15 -36.07 12.25 23.52
C TYR D 15 -37.23 12.91 24.27
N LYS D 16 -36.88 13.77 25.21
CA LYS D 16 -37.82 14.64 25.92
C LYS D 16 -38.21 15.78 25.01
N ALA D 17 -39.46 16.21 25.08
CA ALA D 17 -39.89 17.43 24.40
C ALA D 17 -41.05 18.04 25.18
N LEU D 18 -41.27 19.34 24.96
CA LEU D 18 -42.34 20.07 25.62
C LEU D 18 -43.29 20.64 24.56
N VAL D 19 -44.58 20.42 24.77
CA VAL D 19 -45.62 20.98 23.91
C VAL D 19 -46.40 21.98 24.74
N GLU D 20 -46.20 23.27 24.46
CA GLU D 20 -46.89 24.34 25.17
C GLU D 20 -47.76 25.08 24.17
N ARG D 21 -49.00 25.36 24.56
CA ARG D 21 -49.95 26.08 23.73
C ARG D 21 -50.80 26.95 24.63
N ALA D 22 -51.04 28.19 24.20
CA ALA D 22 -51.77 29.16 25.00
C ALA D 22 -53.20 28.70 25.27
N GLY D 23 -53.50 28.51 26.55
CA GLY D 23 -54.78 27.95 26.94
C GLY D 23 -54.82 26.44 26.97
N TYR D 24 -53.83 25.78 26.37
CA TYR D 24 -53.80 24.32 26.36
C TYR D 24 -52.64 23.72 27.15
N ALA D 25 -51.83 24.55 27.83
CA ALA D 25 -50.91 24.17 28.91
C ALA D 25 -49.70 23.36 28.45
N PRO D 26 -48.62 23.33 29.22
CA PRO D 26 -47.50 22.45 28.87
C PRO D 26 -47.86 20.98 28.98
N LEU D 27 -47.24 20.18 28.12
CA LEU D 27 -47.45 18.75 28.06
C LEU D 27 -46.13 18.07 27.70
N ASN D 28 -45.88 16.92 28.31
CA ASN D 28 -44.68 16.16 28.00
C ASN D 28 -44.77 15.50 26.62
N LEU D 29 -43.61 15.20 26.04
CA LEU D 29 -43.54 14.50 24.77
C LEU D 29 -42.36 13.54 24.80
N GLU D 30 -42.59 12.33 24.31
CA GLU D 30 -41.66 11.21 24.37
C GLU D 30 -41.46 10.68 22.97
N ILE D 31 -40.32 11.02 22.35
CA ILE D 31 -40.01 10.56 21.00
C ILE D 31 -38.83 9.61 21.09
N THR D 32 -39.04 8.36 20.69
CA THR D 32 -37.99 7.35 20.72
C THR D 32 -37.96 6.62 19.39
N VAL D 33 -36.79 6.56 18.75
CA VAL D 33 -36.64 5.73 17.56
C VAL D 33 -36.24 4.33 18.03
N VAL D 34 -37.06 3.34 17.68
CA VAL D 34 -36.82 1.98 18.16
C VAL D 34 -35.96 1.22 17.15
N SER D 35 -36.35 1.25 15.88
CA SER D 35 -35.59 0.63 14.82
C SER D 35 -35.51 1.59 13.65
N SER D 36 -34.39 1.54 12.92
CA SER D 36 -34.16 2.41 11.77
C SER D 36 -33.57 1.56 10.65
N GLU D 37 -34.45 1.01 9.82
CA GLU D 37 -34.03 0.20 8.68
C GLU D 37 -33.74 1.10 7.48
N LEU D 38 -32.67 0.80 6.77
CA LEU D 38 -32.22 1.57 5.60
C LEU D 38 -32.17 0.60 4.43
N THR D 39 -33.26 0.53 3.68
CA THR D 39 -33.39 -0.45 2.61
C THR D 39 -33.18 0.21 1.26
N PRO D 40 -32.10 -0.11 0.54
CA PRO D 40 -31.93 0.43 -0.81
C PRO D 40 -32.61 -0.42 -1.87
N SER D 41 -32.45 -0.03 -3.14
CA SER D 41 -32.97 -0.78 -4.27
C SER D 41 -31.81 -1.38 -5.05
N THR D 42 -31.87 -2.68 -5.29
CA THR D 42 -30.78 -3.42 -5.91
C THR D 42 -31.27 -4.17 -7.14
N ASN D 43 -30.38 -4.31 -8.11
CA ASN D 43 -30.64 -5.11 -9.32
C ASN D 43 -29.55 -6.16 -9.44
N LYS D 44 -29.97 -7.41 -9.68
CA LYS D 44 -29.03 -8.53 -9.72
C LYS D 44 -28.26 -8.49 -11.04
N GLU D 45 -26.99 -8.10 -10.96
CA GLU D 45 -26.17 -8.02 -12.18
C GLU D 45 -25.88 -9.41 -12.73
N TYR D 46 -25.40 -10.32 -11.89
CA TYR D 46 -25.18 -11.71 -12.28
C TYR D 46 -25.01 -12.55 -11.02
N VAL D 47 -24.86 -13.86 -11.22
CA VAL D 47 -24.52 -14.81 -10.17
C VAL D 47 -23.25 -15.53 -10.57
N THR D 48 -22.51 -16.01 -9.59
CA THR D 48 -21.26 -16.72 -9.87
C THR D 48 -21.02 -17.77 -8.80
N CYS D 49 -20.23 -18.78 -9.16
CA CYS D 49 -19.85 -19.85 -8.24
C CYS D 49 -18.62 -20.55 -8.81
N LYS D 50 -18.24 -21.66 -8.17
CA LYS D 50 -17.23 -22.53 -8.74
C LYS D 50 -17.76 -23.19 -10.01
N PHE D 51 -16.91 -23.27 -11.02
CA PHE D 51 -17.28 -23.95 -12.25
C PHE D 51 -16.86 -25.42 -12.20
N HIS D 52 -17.23 -26.17 -13.23
CA HIS D 52 -17.02 -27.61 -13.23
C HIS D 52 -16.06 -28.09 -14.32
N THR D 53 -15.83 -27.29 -15.36
CA THR D 53 -14.89 -27.54 -16.47
C THR D 53 -15.00 -28.98 -17.01
N VAL D 54 -16.24 -29.39 -17.29
CA VAL D 54 -16.52 -30.73 -17.78
C VAL D 54 -15.91 -30.92 -19.15
N VAL D 55 -15.20 -32.03 -19.33
CA VAL D 55 -14.62 -32.42 -20.60
C VAL D 55 -15.47 -33.57 -21.15
N PRO D 56 -16.17 -33.39 -22.28
CA PRO D 56 -17.01 -34.47 -22.80
C PRO D 56 -16.20 -35.62 -23.38
N SER D 57 -16.89 -36.64 -23.87
CA SER D 57 -16.21 -37.76 -24.48
C SER D 57 -15.55 -37.32 -25.79
N PRO D 58 -14.30 -37.73 -26.03
CA PRO D 58 -13.60 -37.30 -27.24
C PRO D 58 -14.20 -37.93 -28.48
N GLN D 59 -14.16 -37.19 -29.59
CA GLN D 59 -14.65 -37.66 -30.88
C GLN D 59 -13.43 -37.95 -31.76
N VAL D 60 -13.01 -39.20 -31.78
CA VAL D 60 -11.90 -39.65 -32.62
C VAL D 60 -12.47 -40.46 -33.77
N LYS D 61 -11.98 -40.19 -34.98
CA LYS D 61 -12.33 -41.02 -36.13
C LYS D 61 -11.17 -40.98 -37.11
N CYS D 62 -11.11 -42.01 -37.96
CA CYS D 62 -9.85 -42.44 -38.53
C CYS D 62 -9.94 -42.61 -40.04
N CYS D 63 -8.78 -42.40 -40.69
CA CYS D 63 -8.71 -42.12 -42.13
C CYS D 63 -9.71 -41.03 -42.53
N GLY D 64 -9.58 -39.88 -41.88
CA GLY D 64 -10.45 -38.76 -42.18
C GLY D 64 -10.08 -37.55 -41.35
N SER D 65 -10.81 -36.46 -41.58
CA SER D 65 -10.58 -35.20 -40.90
C SER D 65 -11.88 -34.72 -40.26
N LEU D 66 -11.75 -34.06 -39.12
CA LEU D 66 -12.88 -33.52 -38.37
C LEU D 66 -12.77 -32.01 -38.27
N GLU D 67 -13.92 -31.34 -38.23
CA GLU D 67 -13.99 -29.90 -38.06
C GLU D 67 -15.22 -29.59 -37.21
N CYS D 68 -15.00 -28.95 -36.07
CA CYS D 68 -16.09 -28.75 -35.14
C CYS D 68 -16.98 -27.59 -35.58
N LYS D 69 -18.05 -27.39 -34.82
CA LYS D 69 -18.96 -26.27 -35.01
C LYS D 69 -19.10 -25.51 -33.71
N ALA D 70 -19.39 -24.22 -33.82
CA ALA D 70 -19.56 -23.39 -32.64
C ALA D 70 -20.81 -23.81 -31.87
N SER D 71 -20.74 -23.71 -30.54
CA SER D 71 -21.81 -24.11 -29.65
C SER D 71 -22.12 -22.98 -28.69
N SER D 72 -23.29 -23.07 -28.06
CA SER D 72 -23.76 -22.08 -27.11
C SER D 72 -23.30 -22.37 -25.68
N LYS D 73 -22.54 -23.43 -25.47
CA LYS D 73 -22.02 -23.73 -24.15
C LYS D 73 -21.01 -22.67 -23.71
N ALA D 74 -20.94 -22.45 -22.39
CA ALA D 74 -20.04 -21.44 -21.87
C ALA D 74 -18.59 -21.86 -22.05
N ASP D 75 -17.80 -20.96 -22.63
CA ASP D 75 -16.36 -21.15 -22.84
C ASP D 75 -16.12 -22.42 -23.67
N TYR D 76 -16.63 -22.43 -24.89
CA TYR D 76 -16.50 -23.58 -25.75
C TYR D 76 -15.13 -23.55 -26.44
N THR D 77 -14.36 -24.62 -26.29
CA THR D 77 -13.01 -24.65 -26.84
C THR D 77 -12.79 -25.92 -27.65
N CYS D 78 -12.60 -25.77 -28.95
CA CYS D 78 -12.24 -26.86 -29.85
C CYS D 78 -10.73 -26.99 -29.96
N ARG D 79 -10.29 -28.19 -30.33
CA ARG D 79 -9.01 -28.35 -31.01
C ARG D 79 -9.02 -29.66 -31.75
N VAL D 80 -8.80 -29.61 -33.07
CA VAL D 80 -8.68 -30.81 -33.88
C VAL D 80 -7.22 -31.24 -33.89
N PHE D 81 -7.00 -32.54 -33.76
CA PHE D 81 -5.66 -33.11 -33.63
C PHE D 81 -5.48 -34.21 -34.66
N GLY D 82 -4.41 -34.10 -35.44
CA GLY D 82 -4.06 -35.11 -36.42
C GLY D 82 -2.95 -36.01 -35.90
N GLY D 83 -2.90 -37.22 -36.47
CA GLY D 83 -1.88 -38.17 -36.06
C GLY D 83 -2.14 -38.87 -34.76
N VAL D 84 -3.35 -38.77 -34.19
CA VAL D 84 -3.71 -39.44 -32.95
C VAL D 84 -3.85 -40.93 -33.22
N TYR D 85 -3.78 -41.75 -32.17
CA TYR D 85 -3.90 -43.19 -32.37
C TYR D 85 -4.25 -43.77 -31.00
N PRO D 86 -5.51 -43.69 -30.55
CA PRO D 86 -5.79 -43.91 -29.13
C PRO D 86 -5.83 -45.38 -28.74
N PHE D 87 -5.49 -45.60 -27.47
CA PHE D 87 -5.62 -46.92 -26.84
C PHE D 87 -6.62 -46.83 -25.68
N MET D 88 -7.47 -47.84 -25.55
CA MET D 88 -8.16 -48.17 -24.31
C MET D 88 -7.66 -49.55 -23.85
N TRP D 89 -8.29 -50.10 -22.81
CA TRP D 89 -7.94 -51.47 -22.46
C TRP D 89 -8.53 -52.45 -23.48
N GLY D 90 -7.66 -53.09 -24.26
CA GLY D 90 -8.07 -53.98 -25.34
C GLY D 90 -7.27 -53.79 -26.62
N GLY D 91 -6.81 -52.56 -26.86
CA GLY D 91 -5.97 -52.31 -28.02
C GLY D 91 -6.28 -50.99 -28.71
N ALA D 92 -5.94 -50.89 -29.99
CA ALA D 92 -6.22 -49.69 -30.75
C ALA D 92 -7.72 -49.51 -30.94
N GLN D 93 -8.17 -48.27 -30.83
CA GLN D 93 -9.60 -47.96 -30.88
C GLN D 93 -10.11 -47.73 -32.29
N CYS D 94 -9.23 -47.72 -33.29
CA CYS D 94 -9.69 -47.53 -34.66
C CYS D 94 -8.70 -48.18 -35.63
N PHE D 95 -9.15 -48.32 -36.88
CA PHE D 95 -8.41 -49.10 -37.86
C PHE D 95 -7.16 -48.37 -38.35
N CYS D 96 -7.30 -47.08 -38.64
CA CYS D 96 -6.39 -46.41 -39.55
C CYS D 96 -5.04 -46.16 -38.87
N ASP D 97 -3.96 -46.32 -39.64
CA ASP D 97 -2.64 -46.49 -39.05
C ASP D 97 -2.11 -45.18 -38.47
N SER D 98 -1.95 -44.16 -39.29
CA SER D 98 -1.29 -42.92 -38.88
C SER D 98 -2.17 -41.69 -39.04
N GLU D 99 -2.75 -41.49 -40.22
CA GLU D 99 -3.55 -40.30 -40.49
C GLU D 99 -4.91 -40.48 -39.84
N ASN D 100 -5.17 -39.70 -38.79
CA ASN D 100 -6.39 -39.86 -38.00
C ASN D 100 -6.90 -38.46 -37.68
N THR D 101 -7.95 -38.36 -36.86
CA THR D 101 -8.32 -37.07 -36.29
C THR D 101 -9.05 -37.30 -34.98
N GLN D 102 -8.83 -36.37 -34.04
CA GLN D 102 -9.52 -36.38 -32.76
C GLN D 102 -9.90 -34.95 -32.40
N LEU D 103 -11.18 -34.76 -32.06
CA LEU D 103 -11.69 -33.44 -31.70
C LEU D 103 -11.70 -33.35 -30.18
N SER D 104 -10.67 -32.71 -29.63
CA SER D 104 -10.62 -32.48 -28.19
C SER D 104 -11.47 -31.27 -27.84
N GLU D 105 -12.41 -31.47 -26.92
CA GLU D 105 -13.45 -30.49 -26.62
C GLU D 105 -13.55 -30.26 -25.12
N ALA D 106 -13.88 -29.02 -24.75
CA ALA D 106 -14.05 -28.66 -23.35
C ALA D 106 -14.94 -27.42 -23.26
N TYR D 107 -15.83 -27.42 -22.28
CA TYR D 107 -16.65 -26.25 -21.98
C TYR D 107 -16.80 -26.16 -20.46
N VAL D 108 -17.58 -25.19 -20.00
CA VAL D 108 -17.66 -24.83 -18.59
C VAL D 108 -19.13 -24.78 -18.17
N GLU D 109 -19.44 -25.44 -17.06
CA GLU D 109 -20.77 -25.40 -16.47
C GLU D 109 -20.63 -25.20 -14.97
N PHE D 110 -21.78 -25.05 -14.30
CA PHE D 110 -21.78 -24.83 -12.86
C PHE D 110 -21.37 -26.09 -12.11
N ALA D 111 -20.83 -25.88 -10.90
CA ALA D 111 -20.61 -26.97 -9.97
C ALA D 111 -21.94 -27.47 -9.44
N PRO D 112 -21.99 -28.74 -8.98
CA PRO D 112 -23.24 -29.25 -8.39
C PRO D 112 -23.68 -28.51 -7.13
N ASP D 113 -22.75 -27.84 -6.44
CA ASP D 113 -23.04 -27.19 -5.17
C ASP D 113 -23.11 -25.67 -5.31
N CYS D 114 -23.49 -25.15 -6.48
CA CYS D 114 -23.67 -23.71 -6.64
C CYS D 114 -24.99 -23.21 -6.06
N THR D 115 -25.87 -24.11 -5.60
CA THR D 115 -27.14 -23.66 -5.04
C THR D 115 -26.95 -22.88 -3.75
N ILE D 116 -25.86 -23.13 -3.03
CA ILE D 116 -25.56 -22.43 -1.79
C ILE D 116 -24.28 -21.62 -1.89
N ASP D 117 -23.19 -22.22 -2.37
CA ASP D 117 -21.90 -21.54 -2.47
C ASP D 117 -21.85 -20.71 -3.75
N HIS D 118 -22.66 -19.65 -3.76
CA HIS D 118 -22.72 -18.73 -4.90
C HIS D 118 -22.75 -17.30 -4.38
N ALA D 119 -22.27 -16.39 -5.23
CA ALA D 119 -22.25 -14.97 -4.92
C ALA D 119 -23.09 -14.23 -5.96
N VAL D 120 -23.98 -13.37 -5.48
CA VAL D 120 -24.80 -12.53 -6.33
C VAL D 120 -24.19 -11.14 -6.36
N ALA D 121 -24.29 -10.48 -7.51
CA ALA D 121 -23.76 -9.14 -7.69
C ALA D 121 -24.92 -8.16 -7.83
N LEU D 122 -24.95 -7.14 -6.96
CA LEU D 122 -26.03 -6.17 -6.95
C LEU D 122 -25.45 -4.76 -7.09
N LYS D 123 -26.23 -3.91 -7.75
CA LYS D 123 -25.90 -2.50 -7.93
C LYS D 123 -26.78 -1.68 -6.98
N VAL D 124 -26.25 -1.40 -5.79
CA VAL D 124 -26.96 -0.56 -4.84
C VAL D 124 -27.00 0.87 -5.36
N HIS D 125 -28.21 1.41 -5.50
CA HIS D 125 -28.41 2.67 -6.20
C HIS D 125 -28.58 3.84 -5.25
N THR D 126 -29.60 3.80 -4.39
CA THR D 126 -29.92 4.88 -3.46
C THR D 126 -30.80 4.33 -2.35
N ALA D 127 -30.43 4.61 -1.09
CA ALA D 127 -31.09 4.01 0.05
C ALA D 127 -32.01 5.01 0.73
N ALA D 128 -33.27 4.63 0.88
CA ALA D 128 -34.26 5.38 1.65
C ALA D 128 -34.40 4.73 3.02
N LEU D 129 -34.73 5.54 4.02
CA LEU D 129 -34.67 5.11 5.40
C LEU D 129 -36.07 5.08 6.00
N LYS D 130 -36.29 4.16 6.94
CA LYS D 130 -37.57 3.96 7.60
C LYS D 130 -37.35 3.87 9.11
N VAL D 131 -38.21 4.53 9.88
CA VAL D 131 -38.07 4.56 11.33
C VAL D 131 -39.32 3.97 11.97
N GLY D 132 -39.13 2.98 12.84
CA GLY D 132 -40.14 2.65 13.83
C GLY D 132 -40.04 3.65 14.97
N LEU D 133 -41.15 4.33 15.25
CA LEU D 133 -41.19 5.40 16.23
C LEU D 133 -42.15 5.04 17.36
N ARG D 134 -41.73 5.39 18.57
CA ARG D 134 -42.57 5.24 19.76
C ARG D 134 -42.74 6.62 20.36
N ILE D 135 -43.99 7.11 20.39
CA ILE D 135 -44.31 8.43 20.90
C ILE D 135 -45.27 8.25 22.07
N VAL D 136 -44.88 8.78 23.23
CA VAL D 136 -45.74 8.80 24.40
C VAL D 136 -46.01 10.25 24.76
N TYR D 137 -47.29 10.60 24.81
CA TYR D 137 -47.73 11.95 25.15
C TYR D 137 -48.85 11.85 26.19
N GLY D 138 -48.71 12.60 27.28
CA GLY D 138 -49.62 12.49 28.39
C GLY D 138 -49.58 11.11 29.01
N ASN D 139 -50.63 10.32 28.78
CA ASN D 139 -50.69 8.93 29.20
C ASN D 139 -51.02 8.03 28.02
N THR D 140 -50.61 8.43 26.82
CA THR D 140 -50.94 7.72 25.59
C THR D 140 -49.65 7.29 24.91
N THR D 141 -49.54 6.01 24.58
CA THR D 141 -48.38 5.44 23.91
C THR D 141 -48.79 4.94 22.53
N ALA D 142 -48.02 5.33 21.51
CA ALA D 142 -48.28 4.92 20.14
C ALA D 142 -46.98 4.49 19.48
N ARG D 143 -47.10 3.50 18.59
CA ARG D 143 -45.98 3.03 17.79
C ARG D 143 -46.36 3.08 16.32
N LEU D 144 -45.43 3.52 15.49
CA LEU D 144 -45.74 3.77 14.08
C LEU D 144 -44.49 3.62 13.22
N ASP D 145 -44.64 2.91 12.10
CA ASP D 145 -43.53 2.68 11.17
C ASP D 145 -43.62 3.73 10.07
N THR D 146 -42.90 4.83 10.23
CA THR D 146 -42.97 5.93 9.29
C THR D 146 -41.79 5.89 8.31
N PHE D 147 -42.00 6.51 7.15
CA PHE D 147 -40.96 6.67 6.16
C PHE D 147 -40.33 8.05 6.32
N VAL D 148 -39.05 8.14 5.94
CA VAL D 148 -38.22 9.31 6.20
C VAL D 148 -37.90 10.05 4.90
N ASN D 149 -38.26 9.46 3.75
CA ASN D 149 -37.97 10.06 2.45
C ASN D 149 -38.60 11.43 2.28
N GLY D 150 -39.75 11.66 2.90
CA GLY D 150 -40.41 12.96 2.81
C GLY D 150 -41.75 12.98 3.49
N VAL D 151 -42.76 13.56 2.84
CA VAL D 151 -44.11 13.61 3.40
C VAL D 151 -44.72 12.21 3.27
N THR D 152 -44.99 11.59 4.42
CA THR D 152 -45.59 10.27 4.53
C THR D 152 -46.22 10.11 5.91
N PRO D 153 -47.54 10.02 6.01
CA PRO D 153 -48.16 9.79 7.31
C PRO D 153 -47.88 8.39 7.83
N GLY D 154 -47.80 8.28 9.15
CA GLY D 154 -47.56 7.00 9.79
C GLY D 154 -48.83 6.36 10.30
N SER D 155 -49.03 6.38 11.62
CA SER D 155 -50.25 5.87 12.24
C SER D 155 -51.30 6.97 12.17
N SER D 156 -51.94 7.06 11.00
CA SER D 156 -52.92 8.12 10.74
C SER D 156 -54.21 7.94 11.51
N ARG D 157 -54.40 6.79 12.18
CA ARG D 157 -55.63 6.56 12.93
C ARG D 157 -55.74 7.50 14.14
N ASP D 158 -54.63 7.83 14.78
CA ASP D 158 -54.70 8.65 15.98
C ASP D 158 -53.73 9.83 15.97
N LEU D 159 -52.61 9.71 15.25
CA LEU D 159 -51.54 10.69 15.36
C LEU D 159 -50.76 10.73 14.04
N LYS D 160 -51.05 11.73 13.22
CA LYS D 160 -50.30 11.90 11.97
C LYS D 160 -48.94 12.52 12.27
N VAL D 161 -47.88 11.85 11.81
CA VAL D 161 -46.52 12.28 12.02
C VAL D 161 -45.81 12.34 10.67
N ILE D 162 -45.12 13.44 10.40
CA ILE D 162 -44.36 13.61 9.17
C ILE D 162 -42.89 13.68 9.53
N ALA D 163 -42.10 12.74 9.01
CA ALA D 163 -40.67 12.72 9.21
C ALA D 163 -40.00 13.31 7.98
N GLY D 164 -39.25 14.40 8.16
CA GLY D 164 -38.62 15.08 7.06
C GLY D 164 -37.40 14.38 6.54
N PRO D 165 -36.63 15.04 5.68
CA PRO D 165 -35.42 14.42 5.16
C PRO D 165 -34.33 14.33 6.22
N ILE D 166 -33.44 13.35 6.06
CA ILE D 166 -32.31 13.21 6.96
C ILE D 166 -31.35 14.38 6.73
N SER D 167 -30.64 14.78 7.79
CA SER D 167 -29.73 15.91 7.70
C SER D 167 -28.56 15.62 6.76
N ALA D 168 -28.03 14.41 6.78
CA ALA D 168 -26.94 14.04 5.88
C ALA D 168 -27.10 12.56 5.55
N ALA D 169 -27.41 12.26 4.29
CA ALA D 169 -27.63 10.88 3.87
C ALA D 169 -26.30 10.20 3.62
N PHE D 170 -25.93 9.27 4.49
CA PHE D 170 -24.70 8.50 4.36
C PHE D 170 -25.05 7.05 4.02
N SER D 171 -24.51 6.57 2.89
CA SER D 171 -24.80 5.23 2.43
C SER D 171 -23.68 4.29 2.84
N PRO D 172 -23.95 3.29 3.68
CA PRO D 172 -22.91 2.29 4.00
C PRO D 172 -22.50 1.45 2.80
N PHE D 173 -23.35 1.37 1.78
CA PHE D 173 -23.08 0.54 0.62
C PHE D 173 -22.50 1.37 -0.51
N ASP D 174 -21.58 0.77 -1.25
CA ASP D 174 -20.99 1.40 -2.42
C ASP D 174 -21.89 1.04 -3.60
N HIS D 175 -21.55 1.50 -4.81
CA HIS D 175 -22.38 1.24 -5.99
C HIS D 175 -22.41 -0.23 -6.39
N LYS D 176 -21.46 -1.04 -5.91
CA LYS D 176 -21.39 -2.45 -6.27
C LYS D 176 -21.18 -3.28 -5.01
N VAL D 177 -22.10 -4.23 -4.77
CA VAL D 177 -22.05 -5.08 -3.59
C VAL D 177 -22.19 -6.54 -4.01
N VAL D 178 -21.27 -7.38 -3.52
CA VAL D 178 -21.32 -8.82 -3.75
C VAL D 178 -21.81 -9.49 -2.47
N ILE D 179 -22.85 -10.30 -2.57
CA ILE D 179 -23.41 -11.01 -1.42
C ILE D 179 -23.16 -12.51 -1.60
N ARG D 180 -22.52 -13.11 -0.60
CA ARG D 180 -22.26 -14.55 -0.59
C ARG D 180 -22.56 -15.07 0.81
N LYS D 181 -23.48 -16.04 0.88
CA LYS D 181 -23.78 -16.79 2.11
C LYS D 181 -24.21 -15.87 3.25
N GLY D 182 -24.93 -14.81 2.94
CA GLY D 182 -25.35 -13.86 3.94
C GLY D 182 -24.30 -12.83 4.33
N LEU D 183 -23.22 -12.72 3.56
CA LEU D 183 -22.14 -11.79 3.85
C LEU D 183 -21.99 -10.82 2.69
N VAL D 184 -21.94 -9.52 2.98
CA VAL D 184 -21.87 -8.49 1.96
C VAL D 184 -20.44 -7.98 1.86
N TYR D 185 -20.04 -7.60 0.65
CA TYR D 185 -18.72 -7.04 0.39
C TYR D 185 -18.83 -5.93 -0.64
N ASN D 186 -18.05 -4.87 -0.44
CA ASN D 186 -17.99 -3.77 -1.40
C ASN D 186 -16.91 -4.06 -2.43
N TYR D 187 -17.26 -4.93 -3.37
CA TYR D 187 -16.33 -5.38 -4.41
C TYR D 187 -16.76 -4.79 -5.75
N ASP D 188 -15.84 -4.10 -6.41
CA ASP D 188 -16.07 -3.59 -7.76
C ASP D 188 -15.93 -4.76 -8.73
N PHE D 189 -17.04 -5.45 -8.98
CA PHE D 189 -17.01 -6.60 -9.86
C PHE D 189 -17.00 -6.15 -11.32
N PRO D 190 -16.46 -6.99 -12.21
CA PRO D 190 -16.61 -6.73 -13.64
C PRO D 190 -18.07 -6.79 -14.06
N GLU D 191 -18.41 -6.00 -15.07
CA GLU D 191 -19.78 -5.94 -15.55
C GLU D 191 -20.13 -7.21 -16.33
N TYR D 192 -21.36 -7.26 -16.85
CA TYR D 192 -21.81 -8.43 -17.57
C TYR D 192 -21.08 -8.52 -18.91
N GLY D 193 -20.44 -9.67 -19.15
CA GLY D 193 -19.63 -9.86 -20.33
C GLY D 193 -18.18 -9.44 -20.19
N ALA D 194 -17.77 -8.99 -19.00
CA ALA D 194 -16.40 -8.53 -18.74
C ALA D 194 -15.58 -9.58 -18.01
N MET D 195 -15.75 -10.85 -18.39
CA MET D 195 -15.10 -11.95 -17.70
C MET D 195 -13.58 -11.88 -17.86
N ASN D 196 -12.88 -12.31 -16.83
CA ASN D 196 -11.42 -12.37 -16.85
C ASN D 196 -10.94 -13.69 -16.29
N PRO D 197 -9.84 -14.23 -16.82
CA PRO D 197 -9.31 -15.50 -16.30
C PRO D 197 -8.65 -15.30 -14.94
N GLY D 198 -8.99 -16.17 -14.00
CA GLY D 198 -8.41 -16.09 -12.66
C GLY D 198 -8.83 -14.86 -11.89
N ALA D 199 -10.08 -14.43 -12.04
CA ALA D 199 -10.58 -13.25 -11.34
C ALA D 199 -12.06 -13.45 -11.08
N PHE D 200 -12.60 -12.65 -10.16
CA PHE D 200 -14.00 -12.74 -9.81
C PHE D 200 -14.89 -12.41 -10.99
N GLY D 201 -16.03 -13.08 -11.07
CA GLY D 201 -16.90 -12.94 -12.22
C GLY D 201 -16.40 -13.64 -13.46
N ASP D 202 -15.55 -14.65 -13.29
CA ASP D 202 -15.07 -15.42 -14.44
C ASP D 202 -16.19 -16.24 -15.08
N ILE D 203 -17.19 -16.63 -14.30
CA ILE D 203 -18.41 -17.23 -14.83
C ILE D 203 -19.58 -16.39 -14.33
N GLN D 204 -20.51 -16.08 -15.23
CA GLN D 204 -21.65 -15.23 -14.93
C GLN D 204 -22.91 -15.84 -15.50
N ALA D 205 -24.05 -15.58 -14.85
CA ALA D 205 -25.35 -16.02 -15.32
C ALA D 205 -26.43 -15.13 -14.73
N SER D 206 -27.60 -15.13 -15.38
CA SER D 206 -28.73 -14.39 -14.83
C SER D 206 -29.28 -15.07 -13.59
N SER D 207 -29.19 -16.39 -13.51
CA SER D 207 -29.70 -17.14 -12.36
C SER D 207 -28.93 -18.45 -12.27
N LEU D 208 -29.14 -19.16 -11.15
CA LEU D 208 -28.47 -20.43 -10.94
C LEU D 208 -28.99 -21.50 -11.89
N ASP D 209 -30.29 -21.50 -12.17
CA ASP D 209 -30.90 -22.48 -13.06
C ASP D 209 -30.90 -22.04 -14.52
N ALA D 210 -30.39 -20.86 -14.82
CA ALA D 210 -30.39 -20.37 -16.19
C ALA D 210 -29.40 -21.14 -17.04
N THR D 211 -29.67 -21.20 -18.34
CA THR D 211 -28.83 -21.91 -19.30
C THR D 211 -27.95 -20.98 -20.13
N ASP D 212 -28.30 -19.70 -20.23
CA ASP D 212 -27.52 -18.74 -21.00
C ASP D 212 -26.34 -18.26 -20.15
N ILE D 213 -25.39 -19.16 -19.96
CA ILE D 213 -24.20 -18.90 -19.16
C ILE D 213 -23.02 -18.66 -20.08
N VAL D 214 -22.04 -17.92 -19.56
CA VAL D 214 -20.87 -17.51 -20.34
C VAL D 214 -19.68 -17.36 -19.40
N ALA D 215 -18.50 -17.75 -19.90
CA ALA D 215 -17.29 -17.71 -19.10
C ALA D 215 -16.09 -17.51 -20.02
N ARG D 216 -15.03 -16.91 -19.48
CA ARG D 216 -13.80 -16.65 -20.22
C ARG D 216 -12.57 -17.01 -19.38
N THR D 217 -12.57 -18.20 -18.79
CA THR D 217 -11.35 -18.72 -18.19
C THR D 217 -10.50 -19.36 -19.28
N ASP D 218 -9.18 -19.23 -19.14
CA ASP D 218 -8.27 -19.58 -20.23
C ASP D 218 -8.06 -21.10 -20.25
N ILE D 219 -8.95 -21.78 -20.95
CA ILE D 219 -8.76 -23.21 -21.23
C ILE D 219 -8.02 -23.35 -22.54
N ARG D 220 -6.90 -24.07 -22.51
CA ARG D 220 -6.17 -24.44 -23.71
C ARG D 220 -5.93 -25.93 -23.66
N LEU D 221 -6.05 -26.58 -24.81
CA LEU D 221 -5.98 -28.04 -24.88
C LEU D 221 -4.76 -28.46 -25.69
N LEU D 222 -3.98 -29.38 -25.13
CA LEU D 222 -2.70 -29.76 -25.68
C LEU D 222 -2.80 -31.11 -26.38
N LYS D 223 -1.84 -31.36 -27.25
CA LYS D 223 -1.80 -32.62 -27.99
C LYS D 223 -1.51 -33.79 -27.06
N PRO D 224 -2.31 -34.86 -27.09
CA PRO D 224 -2.05 -35.99 -26.19
C PRO D 224 -0.84 -36.80 -26.61
N SER D 225 0.25 -36.63 -25.85
CA SER D 225 1.49 -37.32 -26.19
C SER D 225 1.43 -38.79 -25.79
N VAL D 226 0.64 -39.12 -24.75
CA VAL D 226 0.54 -40.48 -24.28
C VAL D 226 -0.25 -41.34 -25.26
N LYS D 227 -0.01 -42.65 -25.20
CA LYS D 227 -0.63 -43.56 -26.17
C LYS D 227 -2.10 -43.78 -25.84
N ASN D 228 -2.45 -43.75 -24.56
CA ASN D 228 -3.82 -43.96 -24.16
C ASN D 228 -4.66 -42.71 -24.44
N ILE D 229 -5.97 -42.93 -24.56
CA ILE D 229 -6.91 -41.83 -24.78
C ILE D 229 -7.01 -40.98 -23.52
N HIS D 230 -6.91 -39.67 -23.71
CA HIS D 230 -6.87 -38.69 -22.63
C HIS D 230 -6.98 -37.31 -23.25
N VAL D 231 -7.68 -36.42 -22.58
CA VAL D 231 -7.80 -35.04 -23.04
C VAL D 231 -7.06 -34.13 -22.08
N PRO D 232 -5.82 -33.74 -22.39
CA PRO D 232 -5.07 -32.86 -21.48
C PRO D 232 -5.48 -31.41 -21.67
N TYR D 233 -5.81 -30.74 -20.57
CA TYR D 233 -6.20 -29.34 -20.59
C TYR D 233 -5.61 -28.63 -19.39
N THR D 234 -5.13 -27.41 -19.62
CA THR D 234 -4.67 -26.53 -18.55
C THR D 234 -5.57 -25.30 -18.52
N GLN D 235 -6.11 -25.00 -17.35
CA GLN D 235 -7.13 -23.98 -17.19
C GLN D 235 -6.73 -23.05 -16.06
N ALA D 236 -7.08 -21.78 -16.19
CA ALA D 236 -6.79 -20.79 -15.17
C ALA D 236 -7.55 -21.13 -13.87
N VAL D 237 -6.98 -20.68 -12.76
CA VAL D 237 -7.56 -20.98 -11.45
C VAL D 237 -8.92 -20.31 -11.32
N SER D 238 -9.79 -20.93 -10.52
CA SER D 238 -11.14 -20.43 -10.30
C SER D 238 -11.07 -19.06 -9.64
N GLY D 239 -11.60 -18.05 -10.33
CA GLY D 239 -11.59 -16.70 -9.78
C GLY D 239 -12.51 -16.55 -8.59
N TYR D 240 -13.52 -17.40 -8.48
CA TYR D 240 -14.36 -17.43 -7.29
C TYR D 240 -13.56 -17.85 -6.07
N GLU D 241 -12.76 -18.91 -6.19
CA GLU D 241 -11.93 -19.36 -5.07
C GLU D 241 -10.82 -18.36 -4.77
N MET D 242 -10.23 -17.77 -5.81
CA MET D 242 -9.20 -16.76 -5.61
C MET D 242 -9.75 -15.53 -4.91
N TRP D 243 -10.98 -15.12 -5.25
CA TRP D 243 -11.62 -14.02 -4.54
C TRP D 243 -11.96 -14.41 -3.10
N LYS D 244 -12.39 -15.66 -2.90
CA LYS D 244 -12.68 -16.14 -1.54
C LYS D 244 -11.43 -16.15 -0.68
N ASN D 245 -10.26 -16.35 -1.28
CA ASN D 245 -9.01 -16.34 -0.52
C ASN D 245 -8.69 -14.96 0.03
N ASN D 246 -8.97 -13.90 -0.73
CA ASN D 246 -8.61 -12.54 -0.37
C ASN D 246 -9.77 -11.57 -0.57
N SER D 247 -10.94 -11.94 -0.08
CA SER D 247 -12.11 -11.08 -0.21
C SER D 247 -12.03 -9.86 0.70
N GLY D 248 -11.24 -9.92 1.75
CA GLY D 248 -11.23 -8.87 2.75
C GLY D 248 -12.37 -9.06 3.74
N ARG D 249 -12.43 -8.15 4.70
CA ARG D 249 -13.46 -8.30 5.71
C ARG D 249 -14.81 -7.79 5.19
N PRO D 250 -15.91 -8.45 5.58
CA PRO D 250 -17.23 -8.02 5.13
C PRO D 250 -17.66 -6.73 5.79
N LEU D 251 -18.77 -6.17 5.26
CA LEU D 251 -19.25 -4.87 5.71
C LEU D 251 -20.01 -4.95 7.04
N GLN D 252 -20.35 -6.15 7.51
CA GLN D 252 -20.91 -6.25 8.86
C GLN D 252 -19.91 -5.87 9.94
N GLU D 253 -18.62 -5.79 9.62
CA GLU D 253 -17.60 -5.39 10.57
C GLU D 253 -16.86 -4.12 10.15
N THR D 254 -17.15 -3.56 8.97
CA THR D 254 -16.48 -2.35 8.51
C THR D 254 -17.43 -1.20 8.17
N ALA D 255 -18.73 -1.35 8.39
CA ALA D 255 -19.67 -0.30 8.01
C ALA D 255 -19.56 0.88 8.98
N PRO D 256 -19.55 2.11 8.47
CA PRO D 256 -19.56 3.27 9.36
C PRO D 256 -20.88 3.41 10.08
N PHE D 257 -20.80 4.00 11.28
CA PHE D 257 -21.91 4.24 12.22
C PHE D 257 -22.63 2.96 12.65
N GLY D 258 -22.10 1.78 12.31
CA GLY D 258 -22.50 0.54 12.96
C GLY D 258 -23.92 0.06 12.75
N CYS D 259 -24.39 0.00 11.51
CA CYS D 259 -25.58 -0.79 11.22
C CYS D 259 -25.27 -2.28 11.35
N LYS D 260 -26.28 -3.05 11.72
CA LYS D 260 -26.29 -4.49 11.49
C LYS D 260 -26.83 -4.70 10.09
N ILE D 261 -26.04 -5.32 9.23
CA ILE D 261 -26.41 -5.54 7.83
C ILE D 261 -26.91 -6.97 7.68
N GLU D 262 -28.12 -7.13 7.15
CA GLU D 262 -28.68 -8.45 6.88
C GLU D 262 -29.32 -8.45 5.50
N VAL D 263 -29.40 -9.63 4.91
CA VAL D 263 -29.83 -9.79 3.53
C VAL D 263 -31.13 -10.60 3.48
N GLU D 264 -31.74 -10.66 2.27
CA GLU D 264 -33.14 -11.01 2.03
C GLU D 264 -34.09 -10.27 2.96
N PRO D 265 -34.41 -8.99 2.71
CA PRO D 265 -33.83 -8.10 1.68
C PRO D 265 -32.50 -7.53 2.12
N LEU D 266 -31.72 -6.96 1.19
CA LEU D 266 -30.48 -6.29 1.57
C LEU D 266 -30.80 -5.00 2.32
N ARG D 267 -30.46 -4.97 3.60
CA ARG D 267 -30.79 -3.82 4.44
C ARG D 267 -29.74 -3.69 5.53
N ALA D 268 -29.63 -2.46 6.06
CA ALA D 268 -28.64 -2.10 7.08
C ALA D 268 -29.36 -1.33 8.18
N THR D 269 -29.74 -2.04 9.23
CA THR D 269 -30.56 -1.44 10.27
C THR D 269 -29.70 -0.86 11.40
N ASN D 270 -30.17 0.25 11.95
CA ASN D 270 -29.68 0.85 13.19
C ASN D 270 -28.23 1.32 13.11
N CYS D 271 -27.98 2.23 12.17
CA CYS D 271 -26.87 3.15 12.38
C CYS D 271 -27.34 4.37 13.18
N ALA D 272 -26.41 5.28 13.41
CA ALA D 272 -26.63 6.47 14.22
C ALA D 272 -25.89 7.63 13.56
N TYR D 273 -26.57 8.33 12.65
CA TYR D 273 -25.92 9.42 11.92
C TYR D 273 -26.93 10.55 11.69
N GLY D 274 -26.51 11.76 12.02
CA GLY D 274 -27.29 12.94 11.72
C GLY D 274 -28.47 13.15 12.66
N HIS D 275 -29.31 14.10 12.26
CA HIS D 275 -30.51 14.46 12.99
C HIS D 275 -31.71 14.37 12.05
N ILE D 276 -32.90 14.29 12.62
CA ILE D 276 -34.10 14.13 11.81
C ILE D 276 -35.16 15.13 12.24
N PRO D 277 -35.73 15.91 11.31
CA PRO D 277 -36.88 16.76 11.65
C PRO D 277 -38.16 15.94 11.67
N ILE D 278 -38.96 16.12 12.72
CA ILE D 278 -40.22 15.40 12.88
C ILE D 278 -41.29 16.42 13.25
N SER D 279 -42.36 16.47 12.46
CA SER D 279 -43.51 17.31 12.74
C SER D 279 -44.65 16.41 13.20
N ILE D 280 -45.15 16.66 14.41
CA ILE D 280 -46.18 15.84 15.03
C ILE D 280 -47.40 16.73 15.30
N ASP D 281 -48.57 16.24 14.93
CA ASP D 281 -49.83 16.94 15.18
C ASP D 281 -50.55 16.19 16.30
N ILE D 282 -50.46 16.72 17.51
CA ILE D 282 -51.10 16.07 18.67
C ILE D 282 -52.61 16.28 18.58
N PRO D 283 -53.42 15.24 18.77
CA PRO D 283 -54.87 15.43 18.74
C PRO D 283 -55.36 16.34 19.86
N ASP D 284 -56.44 17.07 19.57
CA ASP D 284 -56.90 18.14 20.46
C ASP D 284 -57.44 17.61 21.78
N ALA D 285 -57.80 16.33 21.86
CA ALA D 285 -58.35 15.78 23.10
C ALA D 285 -57.28 15.66 24.18
N ALA D 286 -56.03 15.47 23.77
CA ALA D 286 -54.95 15.26 24.74
C ALA D 286 -54.55 16.54 25.46
N PHE D 287 -54.82 17.71 24.87
CA PHE D 287 -54.45 18.96 25.52
C PHE D 287 -55.35 19.19 26.73
N VAL D 288 -54.73 19.52 27.85
CA VAL D 288 -55.46 19.84 29.07
C VAL D 288 -55.70 21.34 29.10
N ARG D 289 -56.90 21.73 29.53
CA ARG D 289 -57.22 23.15 29.67
C ARG D 289 -56.38 23.74 30.80
N SER D 290 -55.84 24.93 30.57
CA SER D 290 -54.84 25.50 31.47
C SER D 290 -55.40 25.87 32.83
N SER D 291 -56.73 25.92 32.97
CA SER D 291 -57.32 26.24 34.27
C SER D 291 -57.10 25.13 35.28
N GLU D 292 -57.18 23.86 34.86
CA GLU D 292 -57.00 22.74 35.78
C GLU D 292 -55.55 22.41 36.05
N SER D 293 -54.61 23.05 35.37
CA SER D 293 -53.20 22.77 35.59
C SER D 293 -52.74 23.39 36.90
N PRO D 294 -52.23 22.61 37.86
CA PRO D 294 -51.76 23.20 39.12
C PRO D 294 -50.45 23.95 38.95
N THR D 295 -50.51 25.27 38.99
CA THR D 295 -49.34 26.10 38.77
C THR D 295 -48.60 26.38 40.07
N ILE D 296 -47.37 26.83 39.95
CA ILE D 296 -46.50 27.09 41.07
C ILE D 296 -46.59 28.58 41.40
N LEU D 297 -46.65 28.92 42.69
CA LEU D 297 -46.52 30.31 43.08
C LEU D 297 -45.14 30.86 42.76
N GLU D 298 -44.09 30.14 43.18
CA GLU D 298 -42.72 30.51 42.85
C GLU D 298 -41.82 29.29 43.02
N VAL D 299 -40.87 29.14 42.09
CA VAL D 299 -39.97 27.99 42.05
C VAL D 299 -38.62 28.39 42.65
N SER D 300 -37.80 27.36 42.91
CA SER D 300 -36.40 27.57 43.26
C SER D 300 -35.59 26.40 42.72
N CYS D 301 -34.28 26.40 42.96
CA CYS D 301 -33.43 25.35 42.41
C CYS D 301 -32.14 25.23 43.21
N THR D 302 -31.64 24.00 43.31
CA THR D 302 -30.31 23.73 43.85
C THR D 302 -29.84 22.40 43.28
N VAL D 303 -28.54 22.15 43.39
CA VAL D 303 -27.93 20.95 42.84
C VAL D 303 -27.21 20.19 43.94
N ALA D 304 -26.88 18.93 43.65
CA ALA D 304 -26.16 18.10 44.59
C ALA D 304 -25.48 16.97 43.84
N ASP D 305 -24.17 16.83 44.04
CA ASP D 305 -23.37 15.71 43.51
C ASP D 305 -23.43 15.61 41.98
N CYS D 306 -23.09 16.71 41.32
CA CYS D 306 -23.03 16.70 39.86
C CYS D 306 -21.82 15.94 39.35
N ILE D 307 -22.06 15.06 38.38
CA ILE D 307 -21.03 14.36 37.63
C ILE D 307 -21.48 14.38 36.17
N TYR D 308 -20.88 15.23 35.35
CA TYR D 308 -21.28 15.33 33.95
C TYR D 308 -20.70 14.12 33.22
N SER D 309 -21.57 13.38 32.54
CA SER D 309 -21.21 12.09 31.96
C SER D 309 -22.29 11.69 30.97
N ALA D 310 -22.19 10.47 30.45
CA ALA D 310 -23.24 9.92 29.61
C ALA D 310 -24.41 9.37 30.41
N ASP D 311 -24.24 9.18 31.72
CA ASP D 311 -25.27 8.64 32.57
C ASP D 311 -26.05 9.78 33.24
N PHE D 312 -27.21 9.42 33.80
CA PHE D 312 -28.05 10.38 34.52
C PHE D 312 -27.55 10.55 35.96
N GLY D 313 -26.33 11.07 36.06
CA GLY D 313 -25.65 11.16 37.34
C GLY D 313 -25.94 12.42 38.13
N GLY D 314 -26.29 13.51 37.46
CA GLY D 314 -26.55 14.76 38.15
C GLY D 314 -27.88 14.71 38.89
N SER D 315 -27.91 15.33 40.06
CA SER D 315 -29.12 15.39 40.87
C SER D 315 -29.43 16.82 41.26
N LEU D 316 -30.70 17.19 41.17
CA LEU D 316 -31.13 18.54 41.52
C LEU D 316 -32.35 18.46 42.43
N THR D 317 -32.56 19.53 43.19
CA THR D 317 -33.66 19.64 44.14
C THR D 317 -34.36 20.97 43.93
N LEU D 318 -35.69 20.92 43.81
CA LEU D 318 -36.51 22.08 43.54
C LEU D 318 -37.59 22.21 44.61
N GLN D 319 -37.84 23.44 45.04
CA GLN D 319 -38.84 23.75 46.05
C GLN D 319 -40.08 24.33 45.37
N TYR D 320 -41.26 23.92 45.82
CA TYR D 320 -42.51 24.43 45.27
C TYR D 320 -43.47 24.74 46.40
N LYS D 321 -44.40 25.66 46.13
CA LYS D 321 -45.53 25.96 47.00
C LYS D 321 -46.81 26.11 46.16
N ALA D 322 -47.05 25.09 45.33
CA ALA D 322 -48.17 25.09 44.37
C ALA D 322 -49.52 25.30 45.03
N ASN D 323 -50.49 25.75 44.24
CA ASN D 323 -51.82 26.07 44.73
C ASN D 323 -52.80 24.89 44.69
N ARG D 324 -52.52 23.85 43.92
CA ARG D 324 -53.44 22.73 43.79
C ARG D 324 -52.65 21.43 43.76
N GLU D 325 -53.31 20.36 43.35
CA GLU D 325 -52.81 19.00 43.46
C GLU D 325 -52.69 18.38 42.07
N GLY D 326 -51.93 17.28 42.00
CA GLY D 326 -51.99 16.40 40.84
C GLY D 326 -50.67 16.29 40.13
N HIS D 327 -50.64 15.45 39.10
CA HIS D 327 -49.43 15.27 38.32
C HIS D 327 -49.36 16.26 37.17
N CYS D 328 -48.14 16.66 36.85
CA CYS D 328 -47.89 17.72 35.87
C CYS D 328 -46.50 17.52 35.29
N PRO D 329 -46.28 17.91 34.01
CA PRO D 329 -45.00 17.59 33.35
C PRO D 329 -43.88 18.58 33.65
N VAL D 330 -42.66 18.05 33.81
CA VAL D 330 -41.46 18.87 34.00
C VAL D 330 -40.52 18.60 32.82
N HIS D 331 -39.78 19.63 32.40
CA HIS D 331 -38.94 19.52 31.23
C HIS D 331 -37.80 20.55 31.30
N SER D 332 -36.69 20.20 30.67
CA SER D 332 -35.50 21.04 30.65
C SER D 332 -35.28 21.64 29.27
N HIS D 333 -35.14 22.97 29.23
CA HIS D 333 -34.94 23.70 27.99
C HIS D 333 -33.47 23.88 27.64
N SER D 334 -32.64 22.92 28.00
CA SER D 334 -31.20 23.00 27.78
C SER D 334 -30.80 22.10 26.62
N THR D 335 -30.01 22.65 25.70
CA THR D 335 -29.44 21.84 24.63
C THR D 335 -28.27 21.00 25.11
N THR D 336 -27.74 21.27 26.30
CA THR D 336 -26.62 20.52 26.85
C THR D 336 -26.96 19.75 28.11
N ALA D 337 -28.22 19.74 28.54
CA ALA D 337 -28.63 19.01 29.73
C ALA D 337 -30.05 18.50 29.56
N VAL D 338 -30.24 17.20 29.83
CA VAL D 338 -31.54 16.55 29.71
C VAL D 338 -31.87 15.85 31.02
N LEU D 339 -33.11 16.04 31.49
CA LEU D 339 -33.58 15.40 32.70
C LEU D 339 -33.94 13.94 32.45
N LYS D 340 -34.13 13.20 33.54
CA LYS D 340 -34.61 11.83 33.46
C LYS D 340 -36.13 11.78 33.37
N GLU D 341 -36.82 12.46 34.28
CA GLU D 341 -38.26 12.30 34.41
C GLU D 341 -39.00 13.19 33.41
N ALA D 342 -40.28 12.86 33.21
CA ALA D 342 -41.15 13.63 32.36
C ALA D 342 -42.33 14.26 33.07
N THR D 343 -42.66 13.81 34.28
CA THR D 343 -43.77 14.38 35.04
C THR D 343 -43.52 14.14 36.52
N THR D 344 -44.26 14.89 37.34
CA THR D 344 -44.13 14.85 38.78
C THR D 344 -45.48 15.13 39.41
N HIS D 345 -45.80 14.41 40.48
CA HIS D 345 -47.04 14.59 41.23
C HIS D 345 -46.84 15.71 42.25
N VAL D 346 -47.17 16.93 41.83
CA VAL D 346 -47.04 18.08 42.70
C VAL D 346 -48.18 18.10 43.72
N THR D 347 -47.84 18.48 44.95
CA THR D 347 -48.79 18.43 46.06
C THR D 347 -48.50 19.59 47.02
N ALA D 348 -49.29 20.66 46.89
CA ALA D 348 -49.24 21.84 47.76
C ALA D 348 -47.86 22.47 47.84
N THR D 349 -47.18 22.26 48.96
CA THR D 349 -45.85 22.82 49.20
C THR D 349 -44.89 21.69 49.58
N GLY D 350 -43.74 21.66 48.93
CA GLY D 350 -42.77 20.61 49.22
C GLY D 350 -41.54 20.73 48.34
N SER D 351 -40.90 19.58 48.12
CA SER D 351 -39.62 19.51 47.42
C SER D 351 -39.56 18.27 46.55
N ILE D 352 -39.05 18.45 45.33
CA ILE D 352 -38.86 17.36 44.37
C ILE D 352 -37.37 17.22 44.07
N THR D 353 -36.88 15.99 44.15
CA THR D 353 -35.51 15.66 43.74
C THR D 353 -35.55 14.87 42.44
N LEU D 354 -34.80 15.34 41.44
CA LEU D 354 -34.77 14.73 40.12
C LEU D 354 -33.33 14.51 39.67
N HIS D 355 -33.20 13.78 38.56
CA HIS D 355 -31.91 13.44 37.98
C HIS D 355 -31.80 13.99 36.57
N PHE D 356 -30.57 14.20 36.14
CA PHE D 356 -30.29 14.78 34.82
C PHE D 356 -28.91 14.33 34.37
N SER D 357 -28.64 14.55 33.09
CA SER D 357 -27.32 14.39 32.51
C SER D 357 -26.94 15.65 31.76
N THR D 358 -25.63 15.92 31.72
CA THR D 358 -25.10 17.05 30.98
C THR D 358 -23.69 16.71 30.52
N SER D 359 -23.23 17.45 29.52
CA SER D 359 -21.89 17.28 28.96
C SER D 359 -21.08 18.57 29.06
N SER D 360 -21.41 19.42 30.02
CA SER D 360 -20.72 20.67 30.22
C SER D 360 -20.28 20.80 31.67
N PRO D 361 -19.09 21.36 31.92
CA PRO D 361 -18.66 21.59 33.30
C PRO D 361 -19.50 22.62 34.02
N GLN D 362 -19.74 23.77 33.39
CA GLN D 362 -20.59 24.80 33.95
C GLN D 362 -22.04 24.47 33.61
N ALA D 363 -22.66 23.66 34.46
CA ALA D 363 -24.03 23.19 34.22
C ALA D 363 -24.99 24.28 34.64
N ASN D 364 -25.19 25.25 33.76
CA ASN D 364 -26.19 26.29 33.94
C ASN D 364 -27.28 26.09 32.90
N PHE D 365 -28.53 25.98 33.35
CA PHE D 365 -29.60 25.64 32.44
C PHE D 365 -30.93 26.21 32.93
N ILE D 366 -31.90 26.18 32.04
CA ILE D 366 -33.25 26.64 32.32
C ILE D 366 -34.20 25.45 32.23
N VAL D 367 -34.89 25.15 33.32
CA VAL D 367 -35.86 24.07 33.35
C VAL D 367 -37.22 24.67 33.65
N SER D 368 -38.28 23.95 33.27
CA SER D 368 -39.65 24.38 33.49
C SER D 368 -40.28 23.41 34.49
N LEU D 369 -40.22 23.77 35.77
CA LEU D 369 -40.85 22.96 36.81
C LEU D 369 -42.36 23.19 36.72
N CYS D 370 -43.01 22.39 35.86
CA CYS D 370 -44.46 22.36 35.68
C CYS D 370 -45.02 23.74 35.30
N GLY D 371 -44.30 24.43 34.43
CA GLY D 371 -44.63 25.79 34.06
C GLY D 371 -43.45 26.72 34.28
N LYS D 372 -43.62 27.95 33.76
CA LYS D 372 -42.65 29.04 33.73
C LYS D 372 -41.22 28.58 33.45
N LYS D 373 -40.24 29.18 34.13
CA LYS D 373 -38.84 28.88 33.93
C LYS D 373 -38.15 28.76 35.29
N THR D 374 -37.00 28.11 35.30
CA THR D 374 -36.20 27.97 36.51
C THR D 374 -34.73 27.95 36.12
N THR D 375 -33.96 28.94 36.57
CA THR D 375 -32.54 29.00 36.26
C THR D 375 -31.75 28.25 37.33
N CYS D 376 -30.86 27.37 36.87
CA CYS D 376 -30.04 26.58 37.77
C CYS D 376 -28.57 26.71 37.37
N ASN D 377 -27.71 26.86 38.37
CA ASN D 377 -26.27 26.95 38.17
C ASN D 377 -25.58 25.86 38.97
N ALA D 378 -24.62 25.18 38.34
CA ALA D 378 -23.85 24.15 39.01
C ALA D 378 -22.44 24.13 38.44
N GLU D 379 -21.48 23.84 39.31
CA GLU D 379 -20.09 23.71 38.92
C GLU D 379 -19.80 22.21 38.98
N CYS D 380 -19.99 21.54 37.84
CA CYS D 380 -20.27 20.11 37.85
C CYS D 380 -18.97 19.32 37.76
N LYS D 381 -18.81 18.35 38.67
CA LYS D 381 -17.53 17.68 38.86
C LYS D 381 -17.21 16.72 37.70
N PRO D 382 -15.93 16.50 37.42
CA PRO D 382 -15.58 15.61 36.31
C PRO D 382 -15.98 14.18 36.60
N PRO D 383 -16.20 13.37 35.56
CA PRO D 383 -16.54 11.97 35.77
C PRO D 383 -15.37 11.16 36.32
N ALA D 384 -15.71 10.08 37.01
CA ALA D 384 -14.73 9.22 37.66
C ALA D 384 -14.21 8.13 36.72
N ASP D 385 -15.11 7.29 36.22
CA ASP D 385 -14.72 6.22 35.32
C ASP D 385 -14.38 6.78 33.94
N HIS D 386 -13.68 5.97 33.15
CA HIS D 386 -13.24 6.39 31.84
C HIS D 386 -14.12 5.88 30.71
N ILE D 387 -14.74 4.72 30.86
CA ILE D 387 -15.57 4.12 29.82
C ILE D 387 -16.94 3.81 30.41
N ILE D 388 -17.99 4.18 29.67
CA ILE D 388 -19.36 4.00 30.12
C ILE D 388 -20.05 3.04 29.15
N GLY D 389 -20.98 2.23 29.67
CA GLY D 389 -21.59 1.19 28.86
C GLY D 389 -22.67 1.66 27.92
N GLU D 390 -23.40 2.72 28.28
CA GLU D 390 -24.46 3.25 27.44
C GLU D 390 -24.05 4.60 26.85
N PRO D 391 -24.58 4.98 25.67
CA PRO D 391 -24.06 6.16 24.98
C PRO D 391 -24.43 7.49 25.62
N HIS D 392 -24.00 8.58 24.99
CA HIS D 392 -24.20 9.92 25.51
C HIS D 392 -25.62 10.40 25.24
N LYS D 393 -25.93 11.59 25.73
CA LYS D 393 -27.27 12.16 25.60
C LYS D 393 -27.30 13.50 24.88
N VAL D 394 -26.27 14.32 25.02
CA VAL D 394 -26.21 15.63 24.37
C VAL D 394 -24.88 15.79 23.67
N ASP D 395 -24.87 16.63 22.64
CA ASP D 395 -23.65 16.98 21.93
C ASP D 395 -23.01 18.21 22.55
N GLN D 396 -21.68 18.23 22.55
CA GLN D 396 -20.91 19.31 23.14
C GLN D 396 -20.74 20.46 22.14
N GLU D 397 -21.10 21.66 22.57
CA GLU D 397 -20.87 22.87 21.79
C GLU D 397 -19.60 23.55 22.29
N PHE D 398 -19.16 24.57 21.54
CA PHE D 398 -17.93 25.27 21.88
C PHE D 398 -18.07 26.06 23.18
N GLN D 399 -19.23 26.69 23.38
CA GLN D 399 -19.43 27.46 24.61
C GLN D 399 -19.68 26.54 25.80
N ALA D 400 -20.21 25.34 25.58
CA ALA D 400 -20.51 24.43 26.67
C ALA D 400 -19.25 23.80 27.26
N ALA D 401 -18.25 23.51 26.41
CA ALA D 401 -17.03 22.87 26.89
C ALA D 401 -16.18 23.80 27.75
N VAL D 402 -16.42 25.10 27.70
CA VAL D 402 -15.62 26.06 28.45
C VAL D 402 -16.28 26.33 29.80
N SER D 403 -15.55 26.07 30.89
CA SER D 403 -16.08 26.23 32.23
C SER D 403 -16.02 27.70 32.66
N LYS D 404 -16.69 27.99 33.78
CA LYS D 404 -16.82 29.38 34.25
C LYS D 404 -15.47 30.00 34.58
N THR D 405 -14.60 29.22 35.25
CA THR D 405 -13.27 29.71 35.56
C THR D 405 -12.46 29.97 34.30
N SER D 406 -12.64 29.13 33.27
CA SER D 406 -11.96 29.34 32.01
C SER D 406 -12.42 30.65 31.36
N TRP D 407 -13.73 30.90 31.34
CA TRP D 407 -14.22 32.18 30.84
C TRP D 407 -13.65 33.34 31.64
N ASN D 408 -13.62 33.21 32.97
CA ASN D 408 -13.15 34.30 33.82
C ASN D 408 -11.69 34.64 33.54
N TRP D 409 -10.81 33.64 33.58
CA TRP D 409 -9.38 33.91 33.38
C TRP D 409 -9.08 34.33 31.95
N LEU D 410 -9.63 33.63 30.95
CA LEU D 410 -9.36 34.00 29.56
C LEU D 410 -9.90 35.39 29.23
N LEU D 411 -11.14 35.69 29.62
CA LEU D 411 -11.71 37.01 29.36
C LEU D 411 -10.97 38.09 30.15
N ALA D 412 -10.45 37.75 31.33
CA ALA D 412 -9.63 38.71 32.07
C ALA D 412 -8.34 39.02 31.31
N LEU D 413 -7.71 38.00 30.71
CA LEU D 413 -6.48 38.25 29.97
C LEU D 413 -6.73 39.06 28.70
N PHE D 414 -7.76 38.71 27.92
CA PHE D 414 -8.09 39.51 26.74
C PHE D 414 -8.52 40.93 27.13
N GLY D 415 -9.27 41.08 28.21
CA GLY D 415 -9.66 42.40 28.68
C GLY D 415 -8.49 43.23 29.14
N GLY D 416 -7.51 42.60 29.79
CA GLY D 416 -6.31 43.33 30.18
C GLY D 416 -5.51 43.80 28.99
N ALA D 417 -5.32 42.91 28.00
CA ALA D 417 -4.57 43.30 26.80
C ALA D 417 -5.29 44.40 26.03
N SER D 418 -6.61 44.28 25.88
CA SER D 418 -7.38 45.32 25.23
C SER D 418 -7.37 46.61 26.02
N SER D 419 -7.33 46.52 27.36
CA SER D 419 -7.24 47.71 28.19
C SER D 419 -5.92 48.43 27.97
N LEU D 420 -4.81 47.68 27.86
CA LEU D 420 -3.53 48.31 27.55
C LEU D 420 -3.57 48.98 26.18
N ILE D 421 -4.19 48.33 25.19
CA ILE D 421 -4.29 48.94 23.85
C ILE D 421 -5.10 50.23 23.91
N VAL D 422 -6.25 50.20 24.58
CA VAL D 422 -7.12 51.37 24.65
C VAL D 422 -6.45 52.51 25.41
N VAL D 423 -5.77 52.21 26.53
CA VAL D 423 -5.13 53.29 27.26
C VAL D 423 -3.94 53.83 26.48
N GLY D 424 -3.27 52.98 25.68
CA GLY D 424 -2.20 53.49 24.83
C GLY D 424 -2.70 54.44 23.77
N LEU D 425 -3.80 54.10 23.10
CA LEU D 425 -4.38 55.03 22.12
C LEU D 425 -4.89 56.30 22.79
N ILE D 426 -5.46 56.20 23.99
CA ILE D 426 -5.95 57.38 24.71
C ILE D 426 -4.78 58.30 25.07
N VAL D 427 -3.67 57.72 25.55
CA VAL D 427 -2.50 58.53 25.91
C VAL D 427 -1.89 59.18 24.67
N LEU D 428 -1.85 58.46 23.54
CA LEU D 428 -1.38 59.07 22.30
C LEU D 428 -2.28 60.23 21.86
N VAL D 429 -3.60 60.04 21.98
CA VAL D 429 -4.53 61.09 21.55
C VAL D 429 -4.38 62.33 22.42
N CYS D 430 -4.31 62.15 23.75
CA CYS D 430 -4.19 63.32 24.60
C CYS D 430 -2.82 63.97 24.51
N SER D 431 -1.77 63.19 24.26
CA SER D 431 -0.45 63.76 24.03
C SER D 431 -0.43 64.60 22.76
N SER D 432 -1.08 64.11 21.70
CA SER D 432 -1.23 64.91 20.49
C SER D 432 -2.05 66.17 20.76
N MET D 433 -3.03 66.08 21.66
CA MET D 433 -3.80 67.26 22.03
C MET D 433 -2.94 68.30 22.74
N LEU D 434 -2.08 67.86 23.66
CA LEU D 434 -1.20 68.81 24.35
C LEU D 434 -0.15 69.41 23.42
N ILE D 435 0.44 68.59 22.55
CA ILE D 435 1.44 69.14 21.64
C ILE D 435 0.82 69.95 20.51
N ASN D 436 -0.48 69.81 20.28
CA ASN D 436 -1.16 70.66 19.31
C ASN D 436 -1.33 72.08 19.83
N THR D 437 -1.36 72.24 21.15
CA THR D 437 -1.52 73.55 21.76
C THR D 437 -0.22 74.36 21.69
N PHE E 1 52.89 -14.99 64.62
CA PHE E 1 52.92 -13.76 63.84
C PHE E 1 51.56 -13.49 63.20
N GLU E 2 51.30 -12.23 62.87
CA GLU E 2 50.06 -11.81 62.24
C GLU E 2 50.39 -11.18 60.89
N HIS E 3 49.71 -11.65 59.85
CA HIS E 3 49.97 -11.16 58.49
C HIS E 3 48.64 -10.94 57.79
N ALA E 4 48.42 -9.72 57.31
CA ALA E 4 47.21 -9.36 56.59
C ALA E 4 47.55 -9.10 55.12
N THR E 5 46.86 -9.80 54.22
CA THR E 5 47.09 -9.64 52.79
C THR E 5 45.76 -9.79 52.05
N THR E 6 45.73 -9.21 50.85
CA THR E 6 44.51 -9.19 50.04
C THR E 6 44.63 -10.20 48.91
N VAL E 7 43.60 -11.03 48.75
CA VAL E 7 43.61 -12.10 47.76
C VAL E 7 42.47 -11.87 46.76
N PRO E 8 42.66 -12.18 45.48
CA PRO E 8 41.50 -12.24 44.58
C PRO E 8 40.60 -13.42 44.91
N ASN E 9 39.33 -13.29 44.56
CA ASN E 9 38.31 -14.29 44.87
C ASN E 9 38.20 -15.36 43.78
N VAL E 10 39.25 -15.56 43.00
CA VAL E 10 39.19 -16.52 41.88
C VAL E 10 39.33 -17.94 42.44
N PRO E 11 38.44 -18.86 42.08
CA PRO E 11 38.69 -20.27 42.35
C PRO E 11 39.96 -20.73 41.62
N GLY E 12 40.85 -21.37 42.37
CA GLY E 12 42.17 -21.64 41.82
C GLY E 12 43.04 -20.40 41.89
N ILE E 13 44.13 -20.42 41.12
CA ILE E 13 45.16 -19.37 41.09
C ILE E 13 45.66 -19.10 42.50
N PRO E 14 46.54 -19.96 43.03
CA PRO E 14 47.08 -19.74 44.37
C PRO E 14 47.80 -18.40 44.49
N TYR E 15 47.68 -17.80 45.67
CA TYR E 15 48.20 -16.47 45.94
C TYR E 15 49.48 -16.60 46.74
N LYS E 16 50.51 -15.87 46.29
CA LYS E 16 51.84 -15.92 46.87
C LYS E 16 51.93 -14.97 48.05
N ALA E 17 52.57 -15.43 49.14
CA ALA E 17 52.91 -14.54 50.23
C ALA E 17 54.23 -14.98 50.85
N LEU E 18 55.02 -14.00 51.25
CA LEU E 18 56.29 -14.24 51.95
C LEU E 18 56.24 -13.48 53.26
N VAL E 19 55.94 -14.18 54.35
CA VAL E 19 55.95 -13.54 55.66
C VAL E 19 57.39 -13.47 56.15
N GLU E 20 57.79 -12.31 56.67
CA GLU E 20 59.18 -12.00 56.97
C GLU E 20 59.25 -11.38 58.37
N ARG E 21 59.54 -12.21 59.36
CA ARG E 21 59.74 -11.69 60.70
C ARG E 21 61.16 -11.15 60.85
N ALA E 22 61.37 -10.39 61.92
CA ALA E 22 62.62 -9.64 62.09
C ALA E 22 63.82 -10.57 62.27
N GLY E 23 63.66 -11.62 63.05
CA GLY E 23 64.78 -12.51 63.34
C GLY E 23 64.54 -13.94 62.93
N TYR E 24 63.65 -14.15 61.97
CA TYR E 24 63.29 -15.48 61.50
C TYR E 24 63.47 -15.58 60.00
N ALA E 25 63.59 -16.81 59.53
CA ALA E 25 63.72 -17.04 58.09
C ALA E 25 62.42 -16.66 57.39
N PRO E 26 62.49 -16.14 56.16
CA PRO E 26 61.27 -15.86 55.40
C PRO E 26 60.51 -17.13 55.13
N LEU E 27 59.18 -17.05 55.27
CA LEU E 27 58.32 -18.23 55.20
C LEU E 27 57.29 -18.06 54.11
N ASN E 28 57.14 -19.10 53.29
CA ASN E 28 56.19 -19.09 52.20
C ASN E 28 54.76 -19.26 52.72
N LEU E 29 53.81 -18.79 51.92
CA LEU E 29 52.40 -18.85 52.29
C LEU E 29 51.59 -18.89 50.99
N GLU E 30 51.03 -20.05 50.68
CA GLU E 30 50.13 -20.17 49.54
C GLU E 30 48.71 -20.07 50.07
N ILE E 31 47.95 -19.10 49.54
CA ILE E 31 46.55 -18.92 49.91
C ILE E 31 45.72 -19.17 48.66
N THR E 32 44.96 -20.27 48.65
CA THR E 32 44.16 -20.66 47.49
C THR E 32 42.70 -20.74 47.88
N VAL E 33 41.82 -20.22 47.03
CA VAL E 33 40.38 -20.34 47.21
C VAL E 33 39.93 -21.54 46.40
N VAL E 34 39.66 -22.66 47.08
CA VAL E 34 39.24 -23.86 46.36
C VAL E 34 37.74 -23.91 46.12
N SER E 35 36.95 -23.21 46.95
CA SER E 35 35.50 -23.18 46.78
C SER E 35 34.98 -21.86 47.30
N SER E 36 33.78 -21.49 46.83
CA SER E 36 33.09 -20.30 47.29
C SER E 36 31.59 -20.58 47.25
N GLU E 37 30.86 -19.98 48.18
CA GLU E 37 29.42 -20.19 48.28
C GLU E 37 28.76 -18.90 48.73
N LEU E 38 28.05 -18.24 47.82
CA LEU E 38 27.14 -17.16 48.15
C LEU E 38 25.80 -17.80 48.49
N THR E 39 25.53 -17.97 49.78
CA THR E 39 24.31 -18.62 50.24
C THR E 39 23.42 -17.58 50.92
N PRO E 40 22.32 -17.16 50.30
CA PRO E 40 21.46 -16.15 50.91
C PRO E 40 20.41 -16.75 51.83
N SER E 41 19.79 -15.87 52.61
CA SER E 41 18.71 -16.24 53.51
C SER E 41 17.40 -16.19 52.74
N THR E 42 16.79 -17.36 52.52
CA THR E 42 15.59 -17.48 51.73
C THR E 42 14.44 -17.97 52.60
N ASN E 43 13.32 -17.25 52.56
CA ASN E 43 12.05 -17.74 53.10
C ASN E 43 11.06 -17.87 51.96
N LYS E 44 10.13 -18.81 52.08
CA LYS E 44 9.23 -19.10 50.98
C LYS E 44 7.90 -18.38 51.15
N GLU E 45 7.38 -17.84 50.05
CA GLU E 45 6.05 -17.26 50.04
C GLU E 45 4.98 -18.31 49.76
N TYR E 46 5.09 -19.01 48.64
CA TYR E 46 4.13 -20.04 48.28
C TYR E 46 4.76 -20.98 47.26
N VAL E 47 3.98 -21.96 46.84
CA VAL E 47 4.32 -22.89 45.78
C VAL E 47 3.16 -22.91 44.79
N THR E 48 3.49 -23.02 43.50
CA THR E 48 2.48 -23.04 42.45
C THR E 48 2.77 -24.18 41.48
N CYS E 49 1.75 -24.55 40.73
CA CYS E 49 1.82 -25.66 39.78
C CYS E 49 0.62 -25.54 38.84
N LYS E 50 0.56 -26.42 37.85
CA LYS E 50 -0.60 -26.49 36.97
C LYS E 50 -1.79 -27.06 37.75
N PHE E 51 -2.92 -26.38 37.65
CA PHE E 51 -4.06 -26.75 38.47
C PHE E 51 -4.87 -27.87 37.80
N HIS E 52 -5.92 -28.32 38.49
CA HIS E 52 -6.74 -29.44 38.05
C HIS E 52 -8.16 -29.02 37.69
N THR E 53 -8.68 -27.94 38.28
CA THR E 53 -10.02 -27.37 38.10
C THR E 53 -11.11 -28.45 37.97
N VAL E 54 -11.20 -29.26 39.01
CA VAL E 54 -12.20 -30.34 39.06
C VAL E 54 -13.58 -29.72 39.27
N VAL E 55 -14.55 -30.18 38.49
CA VAL E 55 -15.94 -29.75 38.57
C VAL E 55 -16.76 -30.93 39.05
N PRO E 56 -17.44 -30.85 40.19
CA PRO E 56 -18.20 -32.00 40.70
C PRO E 56 -19.53 -32.19 39.97
N SER E 57 -20.31 -33.15 40.42
CA SER E 57 -21.63 -33.37 39.84
C SER E 57 -22.55 -32.21 40.24
N PRO E 58 -23.23 -31.58 39.29
CA PRO E 58 -24.09 -30.45 39.62
C PRO E 58 -25.30 -30.89 40.44
N GLN E 59 -25.74 -30.01 41.33
CA GLN E 59 -26.88 -30.27 42.19
C GLN E 59 -28.15 -29.80 41.49
N VAL E 60 -29.21 -30.60 41.59
CA VAL E 60 -30.49 -30.26 40.98
C VAL E 60 -31.57 -30.29 42.07
N LYS E 61 -32.45 -29.30 42.03
CA LYS E 61 -33.70 -29.34 42.77
C LYS E 61 -34.82 -28.96 41.80
N CYS E 62 -35.97 -29.56 41.98
CA CYS E 62 -37.03 -29.49 40.99
C CYS E 62 -38.29 -28.95 41.66
N CYS E 63 -38.80 -27.84 41.11
CA CYS E 63 -39.75 -26.95 41.80
C CYS E 63 -39.23 -26.56 43.18
N GLY E 64 -37.95 -26.23 43.28
CA GLY E 64 -37.33 -25.83 44.53
C GLY E 64 -35.99 -25.15 44.33
N SER E 65 -35.60 -24.27 45.25
CA SER E 65 -34.42 -23.43 45.03
C SER E 65 -33.17 -24.03 45.68
N LEU E 66 -32.01 -23.60 45.18
CA LEU E 66 -30.70 -24.08 45.63
C LEU E 66 -29.72 -22.93 45.82
N GLU E 67 -30.11 -21.92 46.61
CA GLU E 67 -29.19 -20.86 46.98
C GLU E 67 -27.93 -21.43 47.63
N CYS E 68 -26.80 -21.25 46.97
CA CYS E 68 -25.58 -21.99 47.26
C CYS E 68 -24.91 -21.51 48.54
N LYS E 69 -24.26 -22.43 49.23
CA LYS E 69 -23.55 -22.15 50.47
C LYS E 69 -22.07 -21.92 50.19
N ALA E 70 -21.52 -20.86 50.78
CA ALA E 70 -20.11 -20.54 50.60
C ALA E 70 -19.22 -21.61 51.22
N SER E 71 -18.10 -21.89 50.55
CA SER E 71 -17.16 -22.89 50.99
C SER E 71 -15.74 -22.32 50.95
N SER E 72 -14.83 -23.00 51.64
CA SER E 72 -13.46 -22.53 51.78
C SER E 72 -12.50 -23.15 50.78
N LYS E 73 -13.02 -23.87 49.78
CA LYS E 73 -12.16 -24.46 48.77
C LYS E 73 -11.59 -23.40 47.84
N ALA E 74 -10.53 -23.77 47.12
CA ALA E 74 -9.77 -22.82 46.31
C ALA E 74 -10.60 -22.35 45.13
N ASP E 75 -10.75 -21.03 45.01
CA ASP E 75 -11.47 -20.37 43.92
C ASP E 75 -12.88 -20.95 43.74
N TYR E 76 -13.62 -20.99 44.84
CA TYR E 76 -14.97 -21.51 44.81
C TYR E 76 -15.89 -20.64 43.97
N THR E 77 -16.70 -21.28 43.13
CA THR E 77 -17.69 -20.58 42.32
C THR E 77 -18.94 -21.44 42.28
N CYS E 78 -19.96 -21.04 43.04
CA CYS E 78 -21.28 -21.66 43.01
C CYS E 78 -22.24 -20.70 42.33
N ARG E 79 -23.04 -21.21 41.40
CA ARG E 79 -23.94 -20.33 40.68
C ARG E 79 -25.22 -21.07 40.34
N VAL E 80 -26.35 -20.37 40.42
CA VAL E 80 -27.67 -20.97 40.33
C VAL E 80 -28.26 -20.73 38.95
N PHE E 81 -28.89 -21.78 38.42
CA PHE E 81 -29.45 -21.79 37.06
C PHE E 81 -30.94 -22.05 37.16
N GLY E 82 -31.74 -21.16 36.58
CA GLY E 82 -33.17 -21.38 36.50
C GLY E 82 -33.61 -21.79 35.12
N GLY E 83 -34.75 -22.48 35.07
CA GLY E 83 -35.29 -22.95 33.80
C GLY E 83 -34.44 -24.01 33.13
N VAL E 84 -33.95 -24.97 33.89
CA VAL E 84 -33.12 -26.05 33.36
C VAL E 84 -33.96 -27.32 33.35
N TYR E 85 -33.63 -28.22 32.42
CA TYR E 85 -34.29 -29.52 32.34
C TYR E 85 -33.21 -30.59 32.22
N PRO E 86 -32.81 -31.19 33.34
CA PRO E 86 -31.74 -32.19 33.30
C PRO E 86 -32.17 -33.45 32.55
N PHE E 87 -31.18 -34.08 31.92
CA PHE E 87 -31.41 -35.20 31.00
C PHE E 87 -30.11 -36.00 30.89
N MET E 88 -30.04 -37.12 31.61
CA MET E 88 -29.01 -38.12 31.36
C MET E 88 -29.58 -39.17 30.41
N TRP E 89 -28.83 -40.25 30.22
CA TRP E 89 -29.31 -41.32 29.36
C TRP E 89 -30.42 -42.07 30.07
N GLY E 90 -31.47 -42.40 29.33
CA GLY E 90 -32.61 -43.08 29.88
C GLY E 90 -33.83 -42.21 30.14
N GLY E 91 -33.71 -40.90 30.00
CA GLY E 91 -34.87 -40.03 30.10
C GLY E 91 -34.65 -38.76 30.90
N ALA E 92 -35.68 -37.90 30.94
CA ALA E 92 -35.59 -36.68 31.72
C ALA E 92 -35.48 -37.02 33.20
N GLN E 93 -34.61 -36.28 33.89
CA GLN E 93 -34.14 -36.76 35.19
C GLN E 93 -34.95 -36.25 36.37
N CYS E 94 -35.90 -35.33 36.17
CA CYS E 94 -36.78 -35.03 37.28
C CYS E 94 -38.15 -34.60 36.77
N PHE E 95 -39.09 -34.62 37.71
CA PHE E 95 -40.52 -34.36 37.51
C PHE E 95 -40.83 -32.94 37.03
N CYS E 96 -40.17 -31.92 37.57
CA CYS E 96 -40.70 -30.56 37.49
C CYS E 96 -40.49 -30.01 36.07
N ASP E 97 -41.58 -29.48 35.50
CA ASP E 97 -41.66 -29.29 34.06
C ASP E 97 -40.67 -28.24 33.55
N SER E 98 -40.68 -27.05 34.14
CA SER E 98 -39.78 -26.01 33.69
C SER E 98 -39.13 -25.19 34.79
N GLU E 99 -39.62 -25.24 36.03
CA GLU E 99 -39.10 -24.40 37.11
C GLU E 99 -38.14 -25.23 37.97
N ASN E 100 -36.94 -25.42 37.44
CA ASN E 100 -35.90 -26.20 38.11
C ASN E 100 -34.73 -25.30 38.46
N THR E 101 -34.04 -25.62 39.55
CA THR E 101 -32.83 -24.91 39.94
C THR E 101 -31.65 -25.86 39.89
N GLN E 102 -30.59 -25.43 39.23
CA GLN E 102 -29.35 -26.20 39.12
C GLN E 102 -28.24 -25.40 39.78
N LEU E 103 -27.70 -25.94 40.88
CA LEU E 103 -26.54 -25.36 41.53
C LEU E 103 -25.31 -25.96 40.86
N SER E 104 -24.55 -25.12 40.15
CA SER E 104 -23.31 -25.54 39.51
C SER E 104 -22.14 -25.08 40.35
N GLU E 105 -21.25 -26.03 40.65
CA GLU E 105 -20.12 -25.84 41.55
C GLU E 105 -18.83 -25.98 40.78
N ALA E 106 -17.87 -25.10 41.05
CA ALA E 106 -16.58 -25.16 40.38
C ALA E 106 -15.51 -24.58 41.29
N TYR E 107 -14.66 -25.45 41.83
CA TYR E 107 -13.48 -25.06 42.57
C TYR E 107 -12.26 -25.62 41.85
N VAL E 108 -11.07 -25.32 42.38
CA VAL E 108 -9.84 -25.67 41.69
C VAL E 108 -8.91 -26.36 42.68
N GLU E 109 -8.04 -27.22 42.16
CA GLU E 109 -7.20 -28.09 42.98
C GLU E 109 -5.88 -28.30 42.23
N PHE E 110 -4.85 -28.68 42.98
CA PHE E 110 -3.58 -29.06 42.36
C PHE E 110 -3.74 -30.32 41.52
N ALA E 111 -2.92 -30.40 40.46
CA ALA E 111 -2.86 -31.61 39.66
C ALA E 111 -2.15 -32.71 40.45
N PRO E 112 -2.42 -33.97 40.13
CA PRO E 112 -1.73 -35.07 40.83
C PRO E 112 -0.23 -35.06 40.65
N ASP E 113 0.28 -34.55 39.53
CA ASP E 113 1.70 -34.54 39.25
C ASP E 113 2.37 -33.22 39.66
N CYS E 114 1.81 -32.52 40.64
CA CYS E 114 2.41 -31.29 41.12
C CYS E 114 3.50 -31.51 42.16
N THR E 115 3.70 -32.75 42.61
CA THR E 115 4.77 -33.03 43.57
C THR E 115 6.15 -32.97 42.92
N ILE E 116 6.22 -32.93 41.60
CA ILE E 116 7.49 -32.85 40.89
C ILE E 116 7.63 -31.53 40.14
N ASP E 117 6.63 -31.18 39.32
CA ASP E 117 6.69 -29.99 38.48
C ASP E 117 5.98 -28.85 39.21
N HIS E 118 6.68 -28.30 40.20
CA HIS E 118 6.16 -27.18 40.99
C HIS E 118 7.22 -26.11 41.13
N ALA E 119 6.77 -24.86 41.18
CA ALA E 119 7.65 -23.70 41.32
C ALA E 119 7.45 -23.08 42.69
N VAL E 120 8.56 -22.90 43.41
CA VAL E 120 8.53 -22.35 44.77
C VAL E 120 9.05 -20.93 44.71
N ALA E 121 8.32 -20.01 45.35
CA ALA E 121 8.66 -18.59 45.35
C ALA E 121 9.39 -18.25 46.64
N LEU E 122 10.53 -17.56 46.52
CA LEU E 122 11.34 -17.18 47.68
C LEU E 122 11.71 -15.70 47.61
N LYS E 123 11.92 -15.12 48.79
CA LYS E 123 12.55 -13.82 48.92
C LYS E 123 14.03 -14.01 49.22
N VAL E 124 14.85 -13.12 48.65
CA VAL E 124 16.28 -13.09 48.88
C VAL E 124 16.63 -11.75 49.50
N HIS E 125 17.17 -11.78 50.72
CA HIS E 125 17.49 -10.55 51.44
C HIS E 125 18.95 -10.16 51.26
N THR E 126 19.86 -11.02 51.69
CA THR E 126 21.30 -10.77 51.56
C THR E 126 22.03 -12.10 51.57
N ALA E 127 23.22 -12.11 50.97
CA ALA E 127 24.02 -13.32 50.82
C ALA E 127 25.42 -13.07 51.35
N ALA E 128 25.96 -14.07 52.06
CA ALA E 128 27.30 -13.98 52.63
C ALA E 128 28.15 -15.13 52.11
N LEU E 129 29.42 -14.84 51.80
CA LEU E 129 30.33 -15.85 51.29
C LEU E 129 30.69 -16.88 52.35
N LYS E 130 30.97 -18.09 51.88
CA LYS E 130 31.59 -19.15 52.68
C LYS E 130 32.65 -19.78 51.78
N VAL E 131 33.89 -19.36 51.94
CA VAL E 131 34.97 -19.77 51.05
C VAL E 131 35.80 -20.86 51.72
N GLY E 132 36.21 -21.84 50.92
CA GLY E 132 37.18 -22.83 51.36
C GLY E 132 38.57 -22.37 50.95
N LEU E 133 39.46 -22.32 51.94
CA LEU E 133 40.83 -21.86 51.73
C LEU E 133 41.79 -23.01 51.99
N ARG E 134 42.65 -23.26 51.01
CA ARG E 134 43.83 -24.10 51.17
C ARG E 134 45.01 -23.18 51.41
N ILE E 135 45.52 -23.17 52.63
CA ILE E 135 46.68 -22.38 53.00
C ILE E 135 47.79 -23.35 53.35
N VAL E 136 48.92 -23.24 52.66
CA VAL E 136 50.09 -24.04 53.01
C VAL E 136 51.23 -23.11 53.39
N TYR E 137 51.99 -23.53 54.40
CA TYR E 137 53.07 -22.74 54.97
C TYR E 137 54.03 -23.69 55.67
N GLY E 138 55.32 -23.56 55.37
CA GLY E 138 56.35 -24.36 56.01
C GLY E 138 56.17 -25.85 55.86
N ASN E 139 55.78 -26.27 54.65
CA ASN E 139 55.45 -27.66 54.31
C ASN E 139 54.31 -28.21 55.17
N THR E 140 53.41 -27.35 55.62
CA THR E 140 52.23 -27.76 56.39
C THR E 140 50.99 -27.23 55.69
N THR E 141 50.00 -28.10 55.49
CA THR E 141 48.77 -27.75 54.80
C THR E 141 47.64 -27.48 55.79
N ALA E 142 46.65 -26.72 55.31
CA ALA E 142 45.44 -26.47 56.09
C ALA E 142 44.30 -26.12 55.15
N ARG E 143 43.28 -26.97 55.09
CA ARG E 143 42.06 -26.70 54.35
C ARG E 143 40.97 -26.35 55.34
N LEU E 144 40.38 -25.17 55.19
CA LEU E 144 39.44 -24.69 56.19
C LEU E 144 38.44 -23.72 55.57
N ASP E 145 37.23 -23.71 56.12
CA ASP E 145 36.13 -22.92 55.60
C ASP E 145 35.94 -21.68 56.46
N THR E 146 35.81 -20.51 55.81
CA THR E 146 35.62 -19.25 56.52
C THR E 146 34.46 -18.48 55.92
N PHE E 147 33.79 -17.70 56.77
CA PHE E 147 32.79 -16.74 56.34
C PHE E 147 33.47 -15.41 56.06
N VAL E 148 33.17 -14.82 54.90
CA VAL E 148 33.77 -13.54 54.51
C VAL E 148 32.88 -12.45 55.10
N ASN E 149 33.17 -12.08 56.35
CA ASN E 149 32.46 -11.02 57.04
C ASN E 149 33.34 -10.15 57.93
N GLY E 150 34.56 -10.56 58.25
CA GLY E 150 35.47 -9.77 59.05
C GLY E 150 35.56 -10.15 60.50
N VAL E 151 34.66 -10.99 61.01
CA VAL E 151 34.63 -11.36 62.42
C VAL E 151 34.79 -12.86 62.63
N THR E 152 34.23 -13.68 61.75
CA THR E 152 34.25 -15.13 61.95
C THR E 152 35.65 -15.69 61.67
N PRO E 153 36.25 -16.41 62.62
CA PRO E 153 37.62 -16.90 62.41
C PRO E 153 37.69 -18.24 61.70
N GLY E 154 36.55 -18.75 61.23
CA GLY E 154 36.55 -20.01 60.50
C GLY E 154 36.90 -21.21 61.38
N SER E 155 37.48 -22.22 60.72
CA SER E 155 37.90 -23.45 61.39
C SER E 155 39.32 -23.25 61.96
N SER E 156 39.37 -22.49 63.07
CA SER E 156 40.63 -22.13 63.69
C SER E 156 41.03 -23.14 64.77
N ARG E 157 41.21 -24.39 64.33
CA ARG E 157 41.73 -25.42 65.22
C ARG E 157 43.19 -25.15 65.58
N ASP E 158 44.00 -24.86 64.58
CA ASP E 158 45.40 -24.53 64.76
C ASP E 158 45.80 -23.22 64.11
N LEU E 159 45.19 -22.87 62.97
CA LEU E 159 45.52 -21.66 62.24
C LEU E 159 44.31 -20.73 62.27
N LYS E 160 44.52 -19.50 62.76
CA LYS E 160 43.44 -18.54 62.97
C LYS E 160 43.38 -17.61 61.77
N VAL E 161 42.31 -17.70 60.99
CA VAL E 161 42.17 -17.00 59.72
C VAL E 161 40.88 -16.19 59.75
N ILE E 162 41.00 -14.87 59.57
CA ILE E 162 39.84 -13.99 59.48
C ILE E 162 39.78 -13.44 58.06
N ALA E 163 38.67 -13.71 57.37
CA ALA E 163 38.42 -13.17 56.05
C ALA E 163 37.65 -11.85 56.22
N GLY E 164 38.33 -10.74 55.92
CA GLY E 164 37.74 -9.44 56.11
C GLY E 164 36.68 -9.15 55.05
N PRO E 165 36.04 -7.98 55.17
CA PRO E 165 34.92 -7.66 54.29
C PRO E 165 35.36 -7.51 52.84
N ILE E 166 34.61 -8.15 51.94
CA ILE E 166 34.93 -8.09 50.52
C ILE E 166 34.63 -6.71 49.98
N SER E 167 35.38 -6.30 48.95
CA SER E 167 35.31 -4.93 48.44
C SER E 167 33.94 -4.62 47.85
N ALA E 168 33.34 -5.55 47.11
CA ALA E 168 32.06 -5.35 46.47
C ALA E 168 31.10 -6.46 46.87
N ALA E 169 29.82 -6.10 47.00
CA ALA E 169 28.77 -7.07 47.26
C ALA E 169 27.99 -7.31 45.97
N PHE E 170 27.93 -8.58 45.54
CA PHE E 170 27.39 -8.90 44.23
C PHE E 170 25.91 -9.27 44.28
N SER E 171 25.57 -10.35 45.01
CA SER E 171 24.20 -10.85 45.16
C SER E 171 23.53 -11.07 43.81
N PRO E 172 23.86 -12.14 43.09
CA PRO E 172 23.28 -12.35 41.75
C PRO E 172 21.77 -12.48 41.74
N PHE E 173 21.18 -13.03 42.80
CA PHE E 173 19.73 -13.12 42.90
C PHE E 173 19.14 -11.77 43.24
N ASP E 174 18.00 -11.45 42.63
CA ASP E 174 17.24 -10.26 42.98
C ASP E 174 16.39 -10.57 44.20
N HIS E 175 15.46 -9.66 44.53
CA HIS E 175 14.66 -9.82 45.74
C HIS E 175 13.74 -11.03 45.66
N LYS E 176 13.11 -11.26 44.51
CA LYS E 176 12.12 -12.31 44.34
C LYS E 176 12.63 -13.34 43.34
N VAL E 177 12.64 -14.61 43.75
CA VAL E 177 13.24 -15.70 42.99
C VAL E 177 12.26 -16.87 42.90
N VAL E 178 12.17 -17.47 41.71
CA VAL E 178 11.34 -18.65 41.48
C VAL E 178 12.26 -19.83 41.21
N ILE E 179 12.06 -20.92 41.94
CA ILE E 179 12.84 -22.14 41.75
C ILE E 179 11.92 -23.23 41.22
N ARG E 180 12.29 -23.82 40.08
CA ARG E 180 11.49 -24.84 39.43
C ARG E 180 12.41 -25.94 38.91
N LYS E 181 12.34 -27.13 39.52
CA LYS E 181 13.08 -28.32 39.11
C LYS E 181 14.58 -28.05 38.98
N GLY E 182 15.13 -27.33 39.95
CA GLY E 182 16.54 -27.02 39.94
C GLY E 182 16.94 -25.85 39.07
N LEU E 183 15.98 -25.16 38.47
CA LEU E 183 16.25 -23.98 37.65
C LEU E 183 15.80 -22.73 38.41
N VAL E 184 16.65 -21.71 38.41
CA VAL E 184 16.47 -20.53 39.25
C VAL E 184 16.25 -19.32 38.35
N TYR E 185 15.17 -18.59 38.60
CA TYR E 185 14.80 -17.44 37.79
C TYR E 185 14.56 -16.24 38.70
N ASN E 186 14.94 -15.05 38.20
CA ASN E 186 14.59 -13.79 38.86
C ASN E 186 13.27 -13.31 38.27
N TYR E 187 12.18 -13.73 38.91
CA TYR E 187 10.84 -13.33 38.49
C TYR E 187 10.18 -12.51 39.59
N ASP E 188 9.45 -11.46 39.19
CA ASP E 188 8.72 -10.60 40.11
C ASP E 188 7.34 -11.21 40.33
N PHE E 189 7.29 -12.27 41.14
CA PHE E 189 6.04 -12.95 41.41
C PHE E 189 5.15 -12.10 42.32
N PRO E 190 3.83 -12.28 42.22
CA PRO E 190 2.94 -11.53 43.11
C PRO E 190 3.04 -11.98 44.55
N GLU E 191 2.54 -11.12 45.44
CA GLU E 191 2.56 -11.40 46.87
C GLU E 191 1.54 -12.48 47.21
N TYR E 192 1.51 -12.86 48.48
CA TYR E 192 0.57 -13.88 48.94
C TYR E 192 -0.82 -13.24 49.06
N GLY E 193 -1.76 -13.68 48.23
CA GLY E 193 -3.10 -13.15 48.21
C GLY E 193 -3.35 -12.11 47.15
N ALA E 194 -2.31 -11.50 46.59
CA ALA E 194 -2.45 -10.54 45.49
C ALA E 194 -2.37 -11.25 44.14
N MET E 195 -3.30 -12.16 43.91
CA MET E 195 -3.21 -13.09 42.79
C MET E 195 -3.80 -12.47 41.53
N ASN E 196 -3.25 -12.87 40.38
CA ASN E 196 -3.68 -12.37 39.09
C ASN E 196 -3.96 -13.54 38.16
N PRO E 197 -5.13 -13.60 37.55
CA PRO E 197 -5.43 -14.71 36.63
C PRO E 197 -4.63 -14.62 35.34
N GLY E 198 -4.38 -15.78 34.75
CA GLY E 198 -3.63 -15.83 33.51
C GLY E 198 -2.18 -15.46 33.62
N ALA E 199 -1.60 -15.56 34.82
CA ALA E 199 -0.22 -15.19 35.05
C ALA E 199 0.32 -16.04 36.19
N PHE E 200 1.62 -15.93 36.41
CA PHE E 200 2.29 -16.69 37.45
C PHE E 200 1.78 -16.28 38.83
N GLY E 201 1.65 -17.26 39.72
CA GLY E 201 1.09 -17.00 41.03
C GLY E 201 -0.42 -16.96 41.05
N ASP E 202 -1.09 -17.49 40.03
CA ASP E 202 -2.54 -17.50 40.02
C ASP E 202 -3.12 -18.44 41.07
N ILE E 203 -2.42 -19.55 41.36
CA ILE E 203 -2.78 -20.46 42.44
C ILE E 203 -1.61 -20.51 43.41
N GLN E 204 -1.90 -20.35 44.70
CA GLN E 204 -0.86 -20.30 45.73
C GLN E 204 -1.26 -21.17 46.91
N ALA E 205 -0.25 -21.74 47.57
CA ALA E 205 -0.43 -22.49 48.79
C ALA E 205 0.90 -22.53 49.52
N SER E 206 0.84 -22.64 50.86
CA SER E 206 2.06 -22.67 51.66
C SER E 206 2.83 -23.96 51.48
N SER E 207 2.19 -25.04 51.05
CA SER E 207 2.85 -26.33 50.89
C SER E 207 2.06 -27.16 49.89
N LEU E 208 2.71 -28.22 49.40
CA LEU E 208 2.03 -29.12 48.47
C LEU E 208 0.91 -29.89 49.15
N ASP E 209 1.12 -30.31 50.40
CA ASP E 209 0.11 -31.03 51.16
C ASP E 209 -0.78 -30.11 51.98
N ALA E 210 -0.61 -28.79 51.83
CA ALA E 210 -1.41 -27.84 52.59
C ALA E 210 -2.86 -27.85 52.11
N THR E 211 -3.75 -27.43 53.00
CA THR E 211 -5.18 -27.40 52.70
C THR E 211 -5.71 -26.01 52.39
N ASP E 212 -5.03 -24.95 52.82
CA ASP E 212 -5.47 -23.58 52.57
C ASP E 212 -4.92 -23.09 51.24
N ILE E 213 -5.50 -23.62 50.17
CA ILE E 213 -5.12 -23.23 48.81
C ILE E 213 -6.00 -22.06 48.39
N VAL E 214 -5.37 -21.01 47.87
CA VAL E 214 -6.06 -19.83 47.38
C VAL E 214 -5.75 -19.65 45.90
N ALA E 215 -6.75 -19.23 45.14
CA ALA E 215 -6.59 -19.11 43.69
C ALA E 215 -7.56 -18.10 43.13
N ARG E 216 -7.14 -17.44 42.05
CA ARG E 216 -8.00 -16.58 41.23
C ARG E 216 -7.72 -16.98 39.78
N THR E 217 -8.45 -17.98 39.30
CA THR E 217 -8.24 -18.52 37.96
C THR E 217 -9.16 -17.92 36.91
N ASP E 218 -10.02 -16.96 37.30
CA ASP E 218 -11.01 -16.32 36.44
C ASP E 218 -11.90 -17.39 35.77
N ILE E 219 -12.54 -18.17 36.64
CA ILE E 219 -13.43 -19.24 36.19
C ILE E 219 -14.83 -18.66 36.09
N ARG E 220 -15.53 -18.99 35.01
CA ARG E 220 -16.83 -18.43 34.70
C ARG E 220 -17.80 -19.55 34.37
N LEU E 221 -18.95 -19.55 35.02
CA LEU E 221 -19.96 -20.58 34.83
C LEU E 221 -21.02 -20.09 33.85
N LEU E 222 -21.31 -20.91 32.85
CA LEU E 222 -22.22 -20.55 31.78
C LEU E 222 -23.53 -21.34 31.91
N LYS E 223 -24.61 -20.73 31.44
CA LYS E 223 -25.91 -21.39 31.43
C LYS E 223 -25.90 -22.50 30.39
N PRO E 224 -26.31 -23.72 30.74
CA PRO E 224 -26.29 -24.82 29.77
C PRO E 224 -27.29 -24.59 28.64
N SER E 225 -26.92 -25.06 27.46
CA SER E 225 -27.75 -24.90 26.27
C SER E 225 -28.37 -26.20 25.77
N VAL E 226 -27.58 -27.27 25.66
CA VAL E 226 -28.11 -28.53 25.16
C VAL E 226 -28.97 -29.19 26.24
N LYS E 227 -29.80 -30.14 25.81
CA LYS E 227 -30.71 -30.82 26.74
C LYS E 227 -29.95 -31.71 27.72
N ASN E 228 -28.81 -32.24 27.31
CA ASN E 228 -28.06 -33.16 28.16
C ASN E 228 -27.41 -32.43 29.32
N ILE E 229 -26.94 -33.21 30.29
CA ILE E 229 -26.32 -32.64 31.48
C ILE E 229 -24.84 -32.39 31.22
N HIS E 230 -24.36 -31.23 31.66
CA HIS E 230 -22.95 -30.83 31.67
C HIS E 230 -22.86 -29.51 32.41
N VAL E 231 -21.67 -29.20 32.90
CA VAL E 231 -21.40 -27.93 33.56
C VAL E 231 -20.45 -27.15 32.65
N PRO E 232 -20.94 -26.16 31.89
CA PRO E 232 -20.07 -25.42 30.97
C PRO E 232 -19.33 -24.31 31.71
N TYR E 233 -18.02 -24.40 31.73
CA TYR E 233 -17.18 -23.43 32.41
C TYR E 233 -16.09 -22.94 31.46
N THR E 234 -15.84 -21.63 31.48
CA THR E 234 -14.79 -21.01 30.71
C THR E 234 -13.75 -20.44 31.68
N GLN E 235 -12.50 -20.80 31.49
CA GLN E 235 -11.46 -20.51 32.46
C GLN E 235 -10.21 -20.00 31.76
N ALA E 236 -9.54 -19.04 32.40
CA ALA E 236 -8.26 -18.56 31.89
C ALA E 236 -7.23 -19.68 31.96
N VAL E 237 -6.26 -19.62 31.04
CA VAL E 237 -5.25 -20.67 30.96
C VAL E 237 -4.34 -20.59 32.19
N SER E 238 -3.61 -21.68 32.41
CA SER E 238 -2.76 -21.79 33.59
C SER E 238 -1.59 -20.81 33.50
N GLY E 239 -1.45 -19.97 34.52
CA GLY E 239 -0.32 -19.05 34.55
C GLY E 239 1.01 -19.75 34.75
N TYR E 240 0.98 -20.94 35.37
CA TYR E 240 2.18 -21.75 35.43
C TYR E 240 2.66 -22.17 34.05
N GLU E 241 1.73 -22.59 33.19
CA GLU E 241 2.09 -22.98 31.83
C GLU E 241 2.56 -21.78 31.01
N MET E 242 1.92 -20.62 31.19
CA MET E 242 2.35 -19.43 30.48
C MET E 242 3.73 -18.98 30.93
N TRP E 243 4.03 -19.11 32.23
CA TRP E 243 5.36 -18.77 32.71
C TRP E 243 6.39 -19.78 32.25
N LYS E 244 6.00 -21.05 32.12
CA LYS E 244 6.90 -22.05 31.54
C LYS E 244 7.21 -21.73 30.08
N ASN E 245 6.20 -21.29 29.34
CA ASN E 245 6.39 -20.95 27.93
C ASN E 245 7.14 -19.64 27.74
N ASN E 246 7.19 -18.79 28.75
CA ASN E 246 7.86 -17.49 28.66
C ASN E 246 8.72 -17.31 29.91
N SER E 247 9.59 -18.29 30.16
CA SER E 247 10.46 -18.25 31.34
C SER E 247 11.75 -17.48 31.10
N GLY E 248 12.19 -17.36 29.85
CA GLY E 248 13.49 -16.80 29.57
C GLY E 248 14.58 -17.78 29.96
N ARG E 249 15.80 -17.24 30.11
CA ARG E 249 16.79 -18.21 30.50
C ARG E 249 17.06 -18.14 32.01
N PRO E 250 17.27 -19.28 32.65
CA PRO E 250 17.51 -19.29 34.11
C PRO E 250 18.86 -18.71 34.48
N LEU E 251 19.11 -18.56 35.79
CA LEU E 251 20.37 -17.97 36.24
C LEU E 251 21.56 -18.91 36.12
N GLN E 252 21.36 -20.18 35.80
CA GLN E 252 22.51 -21.04 35.54
C GLN E 252 23.16 -20.72 34.20
N GLU E 253 22.53 -19.87 33.39
CA GLU E 253 23.03 -19.51 32.07
C GLU E 253 23.20 -18.01 31.89
N THR E 254 22.84 -17.21 32.89
CA THR E 254 22.92 -15.76 32.74
C THR E 254 23.46 -15.04 33.97
N ALA E 255 23.90 -15.75 35.00
CA ALA E 255 24.46 -15.10 36.17
C ALA E 255 25.82 -14.49 35.83
N PRO E 256 26.06 -13.25 36.25
CA PRO E 256 27.37 -12.64 35.99
C PRO E 256 28.46 -13.27 36.85
N PHE E 257 29.70 -13.00 36.45
CA PHE E 257 30.94 -13.45 37.09
C PHE E 257 31.14 -14.96 37.05
N GLY E 258 30.30 -15.68 36.30
CA GLY E 258 30.42 -17.12 36.24
C GLY E 258 29.97 -17.85 37.49
N CYS E 259 28.84 -17.46 38.07
CA CYS E 259 28.39 -18.08 39.30
C CYS E 259 27.48 -19.26 39.00
N LYS E 260 27.90 -20.45 39.41
CA LYS E 260 27.14 -21.67 39.16
C LYS E 260 26.03 -21.76 40.21
N ILE E 261 24.78 -21.65 39.76
CA ILE E 261 23.65 -21.63 40.68
C ILE E 261 23.26 -23.06 41.02
N GLU E 262 23.15 -23.35 42.32
CA GLU E 262 22.78 -24.67 42.81
C GLU E 262 21.65 -24.54 43.81
N VAL E 263 20.91 -25.62 43.99
CA VAL E 263 19.68 -25.64 44.78
C VAL E 263 19.78 -26.71 45.85
N GLU E 264 18.90 -26.59 46.87
CA GLU E 264 18.94 -27.31 48.14
C GLU E 264 20.33 -27.33 48.76
N PRO E 265 20.80 -26.21 49.33
CA PRO E 265 20.14 -24.89 49.44
C PRO E 265 20.39 -24.02 48.22
N LEU E 266 19.65 -22.93 48.08
CA LEU E 266 19.91 -21.97 47.00
C LEU E 266 21.23 -21.27 47.26
N ARG E 267 22.15 -21.35 46.28
CA ARG E 267 23.47 -20.78 46.45
C ARG E 267 24.09 -20.54 45.08
N ALA E 268 25.12 -19.69 45.07
CA ALA E 268 25.93 -19.42 43.89
C ALA E 268 27.37 -19.81 44.21
N THR E 269 27.92 -20.74 43.44
CA THR E 269 29.21 -21.33 43.75
C THR E 269 30.26 -20.97 42.69
N ASN E 270 31.50 -20.80 43.15
CA ASN E 270 32.71 -20.76 42.33
C ASN E 270 32.67 -19.62 41.30
N CYS E 271 32.69 -18.39 41.82
CA CYS E 271 32.78 -17.21 40.98
C CYS E 271 33.49 -16.07 41.70
N ALA E 272 34.25 -15.31 40.93
CA ALA E 272 35.10 -14.25 41.45
C ALA E 272 34.49 -12.89 41.15
N TYR E 273 34.32 -12.07 42.19
CA TYR E 273 33.77 -10.74 41.98
C TYR E 273 34.43 -9.67 42.85
N GLY E 274 35.58 -9.96 43.46
CA GLY E 274 36.21 -8.96 44.31
C GLY E 274 37.44 -9.48 44.99
N HIS E 275 37.82 -8.80 46.07
CA HIS E 275 39.03 -9.09 46.83
C HIS E 275 38.68 -9.35 48.28
N ILE E 276 39.33 -10.35 48.86
CA ILE E 276 39.15 -10.73 50.27
C ILE E 276 40.40 -10.33 51.03
N PRO E 277 40.31 -9.42 52.00
CA PRO E 277 41.44 -9.18 52.91
C PRO E 277 41.47 -10.23 54.02
N ILE E 278 42.43 -11.14 53.94
CA ILE E 278 42.59 -12.22 54.91
C ILE E 278 43.73 -11.88 55.86
N SER E 279 43.45 -11.97 57.16
CA SER E 279 44.44 -11.83 58.21
C SER E 279 44.67 -13.21 58.83
N ILE E 280 45.94 -13.63 58.89
CA ILE E 280 46.33 -14.95 59.34
C ILE E 280 47.22 -14.81 60.56
N ASP E 281 46.91 -15.58 61.60
CA ASP E 281 47.74 -15.67 62.81
C ASP E 281 48.55 -16.95 62.72
N ILE E 282 49.69 -16.87 62.05
CA ILE E 282 50.55 -18.05 61.85
C ILE E 282 51.23 -18.38 63.17
N PRO E 283 51.18 -19.63 63.64
CA PRO E 283 51.85 -19.98 64.90
C PRO E 283 53.37 -19.88 64.78
N ASP E 284 54.01 -19.62 65.93
CA ASP E 284 55.45 -19.46 66.00
C ASP E 284 56.21 -20.77 65.78
N ALA E 285 55.53 -21.92 65.88
CA ALA E 285 56.20 -23.19 65.62
C ALA E 285 56.47 -23.38 64.13
N ALA E 286 55.71 -22.71 63.27
CA ALA E 286 55.94 -22.81 61.84
C ALA E 286 57.24 -22.12 61.43
N PHE E 287 57.55 -20.99 62.04
CA PHE E 287 58.75 -20.26 61.70
C PHE E 287 59.99 -20.97 62.24
N VAL E 288 61.12 -20.71 61.59
CA VAL E 288 62.43 -21.17 62.05
C VAL E 288 63.36 -19.97 62.10
N ARG E 289 64.40 -20.09 62.91
CA ARG E 289 65.36 -19.01 63.04
C ARG E 289 66.17 -18.85 61.75
N SER E 290 66.68 -17.63 61.54
CA SER E 290 67.45 -17.35 60.34
C SER E 290 68.77 -18.10 60.29
N SER E 291 69.30 -18.52 61.44
CA SER E 291 70.53 -19.30 61.48
C SER E 291 70.32 -20.74 61.05
N GLU E 292 69.09 -21.26 61.09
CA GLU E 292 68.80 -22.61 60.63
C GLU E 292 68.52 -22.68 59.14
N SER E 293 68.37 -21.55 58.47
CA SER E 293 68.12 -21.47 57.04
C SER E 293 69.43 -21.18 56.30
N PRO E 294 69.66 -21.83 55.15
CA PRO E 294 70.90 -21.61 54.40
C PRO E 294 70.91 -20.25 53.73
N THR E 295 71.74 -19.34 54.23
CA THR E 295 71.82 -18.02 53.65
C THR E 295 72.55 -18.06 52.30
N ILE E 296 72.32 -17.04 51.50
CA ILE E 296 72.89 -16.94 50.16
C ILE E 296 73.99 -15.89 50.18
N LEU E 297 75.10 -16.19 49.51
CA LEU E 297 76.22 -15.27 49.41
C LEU E 297 76.18 -14.45 48.12
N GLU E 298 76.15 -15.12 46.98
CA GLU E 298 76.05 -14.47 45.68
C GLU E 298 74.95 -15.16 44.89
N VAL E 299 74.12 -14.38 44.21
CA VAL E 299 73.03 -14.93 43.40
C VAL E 299 72.70 -13.95 42.28
N SER E 300 72.42 -14.50 41.10
CA SER E 300 72.09 -13.70 39.92
C SER E 300 71.07 -14.45 39.08
N CYS E 301 70.08 -13.74 38.55
CA CYS E 301 69.00 -14.34 37.79
C CYS E 301 69.07 -13.91 36.33
N THR E 302 68.84 -14.87 35.43
CA THR E 302 68.71 -14.60 34.00
C THR E 302 67.44 -15.27 33.50
N VAL E 303 66.55 -14.49 32.89
CA VAL E 303 65.31 -15.03 32.33
C VAL E 303 65.60 -15.47 30.90
N ALA E 304 64.83 -16.44 30.42
CA ALA E 304 65.01 -17.01 29.10
C ALA E 304 63.66 -17.23 28.44
N ASP E 305 63.44 -16.53 27.33
CA ASP E 305 62.24 -16.66 26.48
C ASP E 305 60.96 -16.42 27.28
N CYS E 306 60.86 -15.20 27.80
CA CYS E 306 59.68 -14.80 28.55
C CYS E 306 58.53 -14.50 27.60
N ILE E 307 57.37 -15.09 27.89
CA ILE E 307 56.15 -14.86 27.13
C ILE E 307 55.02 -14.56 28.12
N TYR E 308 54.56 -13.31 28.12
CA TYR E 308 53.57 -12.87 29.10
C TYR E 308 52.19 -13.34 28.67
N SER E 309 51.52 -14.07 29.55
CA SER E 309 50.30 -14.80 29.22
C SER E 309 49.64 -15.23 30.52
N ALA E 310 48.48 -15.88 30.39
CA ALA E 310 47.81 -16.45 31.56
C ALA E 310 48.53 -17.69 32.09
N ASP E 311 49.08 -18.49 31.19
CA ASP E 311 49.87 -19.66 31.59
C ASP E 311 51.21 -19.20 32.15
N PHE E 312 51.90 -20.11 32.83
CA PHE E 312 53.24 -19.81 33.31
C PHE E 312 54.19 -19.75 32.13
N GLY E 313 54.38 -18.56 31.58
CA GLY E 313 55.17 -18.38 30.38
C GLY E 313 56.51 -17.74 30.66
N GLY E 314 57.17 -18.17 31.73
CA GLY E 314 58.47 -17.68 32.07
C GLY E 314 59.39 -18.82 32.48
N SER E 315 60.69 -18.55 32.38
CA SER E 315 61.69 -19.52 32.81
C SER E 315 62.95 -18.73 33.18
N LEU E 316 63.18 -18.55 34.47
CA LEU E 316 64.34 -17.82 34.95
C LEU E 316 65.27 -18.78 35.67
N THR E 317 66.56 -18.68 35.37
CA THR E 317 67.58 -19.48 36.02
C THR E 317 68.34 -18.60 37.01
N LEU E 318 68.41 -19.06 38.25
CA LEU E 318 69.13 -18.38 39.31
C LEU E 318 70.41 -19.16 39.57
N GLN E 319 71.55 -18.48 39.45
CA GLN E 319 72.85 -19.04 39.79
C GLN E 319 73.26 -18.49 41.15
N TYR E 320 73.61 -19.40 42.07
CA TYR E 320 73.75 -19.07 43.47
C TYR E 320 74.99 -19.75 44.06
N LYS E 321 75.46 -19.19 45.17
CA LYS E 321 76.44 -19.82 46.04
C LYS E 321 75.90 -19.78 47.46
N ALA E 322 75.83 -20.94 48.10
CA ALA E 322 75.25 -21.04 49.43
C ALA E 322 76.19 -21.77 50.37
N ASN E 323 75.99 -21.53 51.67
CA ASN E 323 76.88 -22.13 52.67
C ASN E 323 76.59 -23.63 52.86
N ARG E 324 75.31 -24.02 52.89
CA ARG E 324 74.96 -25.36 53.30
C ARG E 324 73.70 -25.81 52.57
N GLU E 325 73.56 -27.13 52.41
CA GLU E 325 72.40 -27.70 51.76
C GLU E 325 71.15 -27.53 52.64
N GLY E 326 70.03 -27.26 51.97
CA GLY E 326 68.74 -27.16 52.65
C GLY E 326 67.68 -26.63 51.73
N HIS E 327 66.43 -26.78 52.15
CA HIS E 327 65.30 -26.27 51.40
C HIS E 327 64.80 -24.99 52.05
N CYS E 328 64.60 -23.96 51.22
CA CYS E 328 64.21 -22.64 51.72
C CYS E 328 63.61 -21.85 50.58
N PRO E 329 62.55 -21.07 50.84
CA PRO E 329 61.63 -20.68 49.77
C PRO E 329 62.18 -19.61 48.84
N VAL E 330 61.39 -19.33 47.80
CA VAL E 330 61.68 -18.32 46.80
C VAL E 330 60.39 -17.56 46.53
N HIS E 331 60.50 -16.27 46.21
CA HIS E 331 59.32 -15.43 46.05
C HIS E 331 59.57 -14.37 45.00
N SER E 332 58.49 -13.92 44.35
CA SER E 332 58.54 -12.81 43.41
C SER E 332 57.88 -11.59 44.05
N HIS E 333 58.64 -10.50 44.13
CA HIS E 333 58.24 -9.35 44.94
C HIS E 333 57.38 -8.33 44.19
N SER E 334 57.00 -8.61 42.95
CA SER E 334 56.13 -7.73 42.19
C SER E 334 54.76 -8.36 42.06
N THR E 335 53.73 -7.50 42.03
CA THR E 335 52.37 -7.98 41.80
C THR E 335 52.12 -8.36 40.36
N THR E 336 53.03 -8.00 39.44
CA THR E 336 52.86 -8.32 38.03
C THR E 336 53.35 -9.73 37.71
N ALA E 337 54.45 -10.15 38.32
CA ALA E 337 55.02 -11.47 38.10
C ALA E 337 54.85 -12.32 39.34
N VAL E 338 54.26 -13.50 39.17
CA VAL E 338 54.11 -14.47 40.26
C VAL E 338 54.80 -15.76 39.85
N LEU E 339 55.51 -16.37 40.79
CA LEU E 339 56.24 -17.60 40.51
C LEU E 339 55.28 -18.79 40.52
N LYS E 340 55.82 -19.94 40.09
CA LYS E 340 55.09 -21.20 40.14
C LYS E 340 55.48 -22.04 41.35
N GLU E 341 56.78 -22.16 41.61
CA GLU E 341 57.28 -22.89 42.76
C GLU E 341 57.50 -21.94 43.92
N ALA E 342 57.09 -22.37 45.12
CA ALA E 342 57.23 -21.55 46.30
C ALA E 342 58.49 -21.87 47.09
N THR E 343 58.77 -23.15 47.30
CA THR E 343 59.91 -23.59 48.09
C THR E 343 60.88 -24.33 47.19
N THR E 344 62.13 -23.91 47.18
CA THR E 344 63.18 -24.51 46.38
C THR E 344 64.22 -25.17 47.27
N HIS E 345 65.09 -25.95 46.64
CA HIS E 345 66.14 -26.70 47.32
C HIS E 345 67.49 -26.14 46.88
N VAL E 346 68.25 -25.61 47.84
CA VAL E 346 69.50 -24.90 47.58
C VAL E 346 70.61 -25.63 48.32
N THR E 347 71.63 -26.10 47.58
CA THR E 347 72.70 -26.87 48.19
C THR E 347 74.02 -26.11 48.19
N ALA E 348 74.59 -25.82 47.03
CA ALA E 348 75.86 -25.11 46.87
C ALA E 348 76.15 -24.90 45.38
N THR E 349 76.78 -23.76 45.05
CA THR E 349 77.36 -23.38 43.75
C THR E 349 76.61 -23.91 42.54
N GLY E 350 75.28 -23.79 42.55
CA GLY E 350 74.48 -24.39 41.50
C GLY E 350 73.51 -23.43 40.84
N SER E 351 72.58 -23.96 40.07
CA SER E 351 71.57 -23.17 39.38
C SER E 351 70.21 -23.85 39.52
N ILE E 352 69.17 -23.05 39.72
CA ILE E 352 67.80 -23.54 39.78
C ILE E 352 66.96 -22.80 38.76
N THR E 353 66.07 -23.53 38.10
CA THR E 353 65.16 -22.96 37.12
C THR E 353 63.77 -22.83 37.74
N LEU E 354 63.07 -21.75 37.40
CA LEU E 354 61.76 -21.45 37.95
C LEU E 354 60.87 -20.89 36.86
N HIS E 355 59.56 -21.04 37.04
CA HIS E 355 58.58 -20.57 36.08
C HIS E 355 57.76 -19.43 36.68
N PHE E 356 57.49 -18.42 35.87
CA PHE E 356 56.69 -17.29 36.32
C PHE E 356 55.66 -16.93 35.26
N SER E 357 54.57 -16.30 35.70
CA SER E 357 53.56 -15.74 34.83
C SER E 357 53.48 -14.25 35.08
N THR E 358 53.52 -13.46 34.00
CA THR E 358 53.55 -12.01 34.11
C THR E 358 52.56 -11.41 33.12
N SER E 359 52.16 -10.18 33.41
CA SER E 359 51.23 -9.44 32.55
C SER E 359 51.86 -8.18 31.96
N SER E 360 53.18 -8.04 32.06
CA SER E 360 53.88 -6.88 31.55
C SER E 360 54.75 -7.25 30.34
N PRO E 361 54.89 -6.35 29.37
CA PRO E 361 55.85 -6.61 28.28
C PRO E 361 57.29 -6.71 28.75
N GLN E 362 57.63 -6.09 29.88
CA GLN E 362 58.97 -6.18 30.46
C GLN E 362 58.92 -6.98 31.74
N ALA E 363 59.82 -7.94 31.88
CA ALA E 363 60.03 -8.63 33.15
C ALA E 363 61.13 -7.88 33.88
N ASN E 364 60.72 -6.92 34.72
CA ASN E 364 61.62 -6.15 35.58
C ASN E 364 61.16 -6.21 37.03
N PHE E 365 61.47 -7.33 37.69
CA PHE E 365 60.90 -7.60 39.00
C PHE E 365 61.94 -8.23 39.90
N ILE E 366 61.68 -8.13 41.21
CA ILE E 366 62.61 -8.58 42.24
C ILE E 366 62.24 -9.99 42.66
N VAL E 367 63.23 -10.89 42.62
CA VAL E 367 63.09 -12.26 43.10
C VAL E 367 63.90 -12.38 44.38
N SER E 368 63.25 -12.80 45.45
CA SER E 368 63.91 -13.11 46.70
C SER E 368 64.15 -14.61 46.75
N LEU E 369 65.41 -15.00 46.57
CA LEU E 369 65.84 -16.37 46.84
C LEU E 369 66.25 -16.44 48.30
N CYS E 370 65.34 -16.95 49.13
CA CYS E 370 65.63 -17.43 50.48
C CYS E 370 66.13 -16.30 51.38
N GLY E 371 65.84 -15.05 51.01
CA GLY E 371 66.31 -13.89 51.72
C GLY E 371 67.00 -12.86 50.85
N LYS E 372 67.70 -13.28 49.80
CA LYS E 372 68.45 -12.33 48.98
C LYS E 372 67.63 -11.87 47.78
N LYS E 373 67.69 -10.57 47.50
CA LYS E 373 66.89 -9.95 46.45
C LYS E 373 67.75 -9.71 45.21
N THR E 374 67.21 -10.09 44.05
CA THR E 374 67.83 -9.81 42.76
C THR E 374 66.81 -9.20 41.82
N THR E 375 67.30 -8.39 40.90
CA THR E 375 66.45 -7.71 39.91
C THR E 375 66.57 -8.45 38.58
N CYS E 376 65.54 -9.21 38.24
CA CYS E 376 65.48 -9.86 36.94
C CYS E 376 64.86 -8.88 35.95
N ASN E 377 65.58 -8.60 34.85
CA ASN E 377 65.24 -7.51 33.95
C ASN E 377 65.54 -7.92 32.52
N ALA E 378 64.49 -8.16 31.74
CA ALA E 378 64.59 -8.33 30.30
C ALA E 378 63.21 -8.12 29.69
N GLU E 379 63.07 -8.45 28.40
CA GLU E 379 61.87 -8.17 27.64
C GLU E 379 61.07 -9.44 27.38
N CYS E 380 59.75 -9.31 27.37
CA CYS E 380 58.84 -10.43 27.15
C CYS E 380 58.07 -10.22 25.85
N LYS E 381 57.83 -11.32 25.14
CA LYS E 381 57.16 -11.25 23.85
C LYS E 381 55.67 -11.53 23.99
N PRO E 382 54.85 -10.93 23.15
CA PRO E 382 53.42 -11.25 23.17
C PRO E 382 53.18 -12.68 22.70
N PRO E 383 52.15 -13.35 23.23
CA PRO E 383 51.91 -14.74 22.85
C PRO E 383 51.39 -14.88 21.43
N ALA E 384 51.68 -16.04 20.85
CA ALA E 384 51.14 -16.41 19.55
C ALA E 384 49.77 -17.06 19.65
N ASP E 385 49.45 -17.66 20.79
CA ASP E 385 48.13 -18.23 21.03
C ASP E 385 47.20 -17.12 21.48
N HIS E 386 46.03 -17.03 20.85
CA HIS E 386 45.11 -15.94 21.14
C HIS E 386 44.16 -16.27 22.30
N ILE E 387 43.80 -17.54 22.45
CA ILE E 387 42.78 -17.97 23.39
C ILE E 387 43.33 -19.11 24.22
N ILE E 388 43.18 -19.01 25.55
CA ILE E 388 43.73 -19.99 26.48
C ILE E 388 42.60 -20.49 27.37
N GLY E 389 42.81 -21.67 27.96
CA GLY E 389 41.82 -22.34 28.75
C GLY E 389 41.94 -22.20 30.26
N GLU E 390 42.79 -21.29 30.74
CA GLU E 390 42.93 -21.06 32.17
C GLU E 390 42.90 -19.57 32.43
N PRO E 391 42.35 -19.15 33.58
CA PRO E 391 42.23 -17.71 33.86
C PRO E 391 43.58 -17.05 34.10
N HIS E 392 43.60 -15.74 33.89
CA HIS E 392 44.81 -14.95 34.10
C HIS E 392 45.13 -14.88 35.58
N LYS E 393 46.39 -15.14 35.92
CA LYS E 393 46.83 -15.19 37.31
C LYS E 393 47.20 -13.82 37.86
N VAL E 394 47.34 -12.80 37.02
CA VAL E 394 47.77 -11.48 37.45
C VAL E 394 46.92 -10.42 36.75
N ASP E 395 46.38 -9.49 37.52
CA ASP E 395 45.66 -8.36 36.95
C ASP E 395 46.63 -7.32 36.40
N GLN E 396 46.20 -6.63 35.35
CA GLN E 396 47.05 -5.70 34.63
C GLN E 396 47.11 -4.35 35.36
N GLU E 397 48.31 -3.77 35.38
CA GLU E 397 48.54 -2.44 35.93
C GLU E 397 49.04 -1.53 34.83
N PHE E 398 48.69 -0.24 34.92
CA PHE E 398 49.00 0.71 33.86
C PHE E 398 50.51 0.92 33.73
N GLN E 399 51.22 1.01 34.86
CA GLN E 399 52.66 1.22 34.81
C GLN E 399 53.38 0.01 34.25
N ALA E 400 52.93 -1.20 34.61
CA ALA E 400 53.61 -2.41 34.15
C ALA E 400 53.31 -2.70 32.68
N ALA E 401 52.09 -2.42 32.23
CA ALA E 401 51.66 -2.80 30.89
C ALA E 401 52.35 -2.02 29.78
N VAL E 402 53.07 -0.95 30.11
CA VAL E 402 53.81 -0.18 29.13
C VAL E 402 55.28 -0.56 29.21
N SER E 403 55.86 -0.95 28.07
CA SER E 403 57.21 -1.49 28.04
C SER E 403 58.25 -0.38 28.23
N LYS E 404 59.52 -0.79 28.34
CA LYS E 404 60.61 0.17 28.48
C LYS E 404 60.78 1.00 27.21
N THR E 405 60.61 0.39 26.04
CA THR E 405 60.74 1.15 24.80
C THR E 405 59.63 2.18 24.65
N SER E 406 58.39 1.80 24.95
CA SER E 406 57.27 2.73 24.86
C SER E 406 57.40 3.84 25.89
N TRP E 407 57.79 3.50 27.13
CA TRP E 407 58.05 4.54 28.13
C TRP E 407 59.20 5.43 27.73
N ASN E 408 60.24 4.86 27.11
CA ASN E 408 61.38 5.65 26.67
C ASN E 408 60.96 6.67 25.61
N TRP E 409 60.13 6.25 24.66
CA TRP E 409 59.65 7.19 23.64
C TRP E 409 58.70 8.23 24.25
N LEU E 410 57.85 7.81 25.20
CA LEU E 410 56.92 8.75 25.82
C LEU E 410 57.64 9.81 26.63
N LEU E 411 58.55 9.40 27.51
CA LEU E 411 59.35 10.37 28.25
C LEU E 411 60.33 11.10 27.35
N ALA E 412 60.71 10.55 26.19
CA ALA E 412 61.53 11.30 25.25
C ALA E 412 60.77 12.48 24.68
N LEU E 413 59.54 12.25 24.21
CA LEU E 413 58.71 13.34 23.71
C LEU E 413 58.36 14.34 24.82
N PHE E 414 58.00 13.84 26.00
CA PHE E 414 57.64 14.71 27.11
C PHE E 414 58.84 15.53 27.58
N GLY E 415 60.01 14.90 27.69
CA GLY E 415 61.22 15.61 28.07
C GLY E 415 61.68 16.61 27.02
N GLY E 416 61.48 16.29 25.74
CA GLY E 416 61.77 17.27 24.71
C GLY E 416 60.89 18.50 24.80
N ALA E 417 59.57 18.29 24.97
CA ALA E 417 58.66 19.41 25.12
C ALA E 417 58.98 20.22 26.37
N SER E 418 59.24 19.54 27.50
CA SER E 418 59.57 20.23 28.74
C SER E 418 60.92 20.94 28.65
N SER E 419 61.89 20.37 27.92
CA SER E 419 63.20 21.00 27.80
C SER E 419 63.13 22.25 26.94
N LEU E 420 62.35 22.21 25.85
CA LEU E 420 62.10 23.43 25.10
C LEU E 420 61.37 24.47 25.93
N ILE E 421 60.43 24.04 26.78
CA ILE E 421 59.76 24.99 27.67
C ILE E 421 60.75 25.63 28.65
N VAL E 422 61.62 24.81 29.25
CA VAL E 422 62.58 25.33 30.22
C VAL E 422 63.58 26.28 29.56
N VAL E 423 64.08 25.92 28.37
CA VAL E 423 65.05 26.81 27.72
C VAL E 423 64.36 28.09 27.23
N GLY E 424 63.08 28.01 26.86
CA GLY E 424 62.36 29.22 26.50
C GLY E 424 62.18 30.16 27.68
N LEU E 425 61.79 29.62 28.84
CA LEU E 425 61.72 30.44 30.03
C LEU E 425 63.09 30.95 30.47
N ILE E 426 64.15 30.17 30.22
CA ILE E 426 65.49 30.60 30.58
C ILE E 426 65.93 31.79 29.74
N VAL E 427 65.70 31.72 28.42
CA VAL E 427 66.10 32.84 27.56
C VAL E 427 65.18 34.03 27.79
N LEU E 428 63.92 33.80 28.17
CA LEU E 428 63.04 34.92 28.53
C LEU E 428 63.52 35.61 29.80
N VAL E 429 63.97 34.84 30.79
CA VAL E 429 64.51 35.42 32.01
C VAL E 429 65.81 36.16 31.73
N CYS E 430 66.64 35.62 30.84
CA CYS E 430 67.87 36.31 30.44
C CYS E 430 67.57 37.63 29.73
N SER E 431 66.58 37.64 28.84
CA SER E 431 66.19 38.88 28.18
C SER E 431 65.61 39.89 29.16
N SER E 432 64.83 39.41 30.13
CA SER E 432 64.28 40.30 31.16
C SER E 432 65.38 40.88 32.02
N MET E 433 66.40 40.09 32.34
CA MET E 433 67.54 40.59 33.11
C MET E 433 68.34 41.60 32.30
N LEU E 434 68.48 41.37 30.99
CA LEU E 434 69.22 42.30 30.15
C LEU E 434 68.48 43.63 30.01
N ILE E 435 67.15 43.59 29.86
CA ILE E 435 66.40 44.84 29.71
C ILE E 435 66.15 45.52 31.05
N ASN E 436 66.23 44.78 32.16
CA ASN E 436 66.05 45.39 33.47
C ASN E 436 67.27 46.17 33.91
N THR E 437 68.45 45.79 33.44
CA THR E 437 69.69 46.47 33.80
C THR E 437 69.87 47.74 32.99
N PHE F 1 -3.57 -5.56 -36.57
CA PHE F 1 -3.24 -4.37 -35.79
C PHE F 1 -4.47 -3.77 -35.12
N GLU F 2 -4.32 -3.37 -33.87
CA GLU F 2 -5.41 -2.75 -33.12
C GLU F 2 -5.60 -1.33 -33.60
N HIS F 3 -6.74 -1.05 -34.21
CA HIS F 3 -7.02 0.25 -34.82
C HIS F 3 -8.20 0.90 -34.10
N ALA F 4 -7.91 1.91 -33.29
CA ALA F 4 -8.96 2.69 -32.65
C ALA F 4 -9.62 3.63 -33.66
N THR F 5 -10.93 3.77 -33.57
CA THR F 5 -11.69 4.52 -34.56
C THR F 5 -12.98 5.02 -33.93
N THR F 6 -13.29 6.30 -34.18
CA THR F 6 -14.52 6.91 -33.68
C THR F 6 -15.60 6.81 -34.75
N VAL F 7 -16.75 6.24 -34.37
CA VAL F 7 -17.86 5.97 -35.28
C VAL F 7 -19.10 6.66 -34.74
N PRO F 8 -19.88 7.36 -35.57
CA PRO F 8 -21.17 7.87 -35.11
C PRO F 8 -22.16 6.73 -34.90
N ASN F 9 -22.90 6.81 -33.78
CA ASN F 9 -23.83 5.76 -33.38
C ASN F 9 -25.25 6.00 -33.91
N VAL F 10 -25.34 6.26 -35.20
CA VAL F 10 -26.61 6.39 -35.89
C VAL F 10 -26.91 5.06 -36.57
N PRO F 11 -28.15 4.56 -36.49
CA PRO F 11 -28.51 3.38 -37.28
C PRO F 11 -28.34 3.63 -38.76
N GLY F 12 -27.86 2.61 -39.47
CA GLY F 12 -27.54 2.80 -40.87
C GLY F 12 -26.25 3.59 -41.03
N ILE F 13 -26.18 4.32 -42.15
CA ILE F 13 -25.04 5.13 -42.61
C ILE F 13 -23.71 4.40 -42.42
N PRO F 14 -23.39 3.46 -43.32
CA PRO F 14 -22.17 2.67 -43.18
C PRO F 14 -20.91 3.52 -43.10
N TYR F 15 -20.02 3.14 -42.19
CA TYR F 15 -18.79 3.89 -41.94
C TYR F 15 -17.60 3.08 -42.41
N LYS F 16 -16.61 3.77 -42.95
CA LYS F 16 -15.50 3.15 -43.68
C LYS F 16 -14.17 3.62 -43.13
N ALA F 17 -13.23 2.69 -43.01
CA ALA F 17 -11.89 2.99 -42.55
C ALA F 17 -10.90 2.08 -43.26
N LEU F 18 -9.63 2.48 -43.21
CA LEU F 18 -8.55 1.71 -43.83
C LEU F 18 -7.56 1.29 -42.74
N VAL F 19 -7.28 -0.01 -42.67
CA VAL F 19 -6.24 -0.52 -41.78
C VAL F 19 -5.01 -0.82 -42.62
N GLU F 20 -3.83 -0.64 -42.02
CA GLU F 20 -2.59 -0.72 -42.77
C GLU F 20 -1.42 -0.95 -41.83
N ARG F 21 -0.59 -1.93 -42.16
CA ARG F 21 0.71 -2.10 -41.53
C ARG F 21 1.76 -1.87 -42.62
N ALA F 22 2.89 -1.28 -42.24
CA ALA F 22 3.90 -0.84 -43.21
C ALA F 22 4.44 -1.97 -44.07
N GLY F 23 4.36 -3.21 -43.63
CA GLY F 23 4.77 -4.34 -44.45
C GLY F 23 3.60 -5.10 -45.05
N TYR F 24 2.41 -4.49 -45.06
CA TYR F 24 1.21 -5.16 -45.54
C TYR F 24 0.39 -4.20 -46.39
N ALA F 25 -0.50 -4.77 -47.19
CA ALA F 25 -1.40 -3.97 -48.00
C ALA F 25 -2.54 -3.43 -47.15
N PRO F 26 -3.08 -2.27 -47.52
CA PRO F 26 -4.26 -1.74 -46.80
C PRO F 26 -5.48 -2.63 -46.98
N LEU F 27 -6.33 -2.65 -45.96
CA LEU F 27 -7.56 -3.43 -45.97
C LEU F 27 -8.73 -2.56 -45.56
N ASN F 28 -9.88 -2.82 -46.18
CA ASN F 28 -11.08 -1.99 -46.04
C ASN F 28 -11.97 -2.41 -44.86
N LEU F 29 -11.74 -1.79 -43.71
CA LEU F 29 -12.58 -2.03 -42.55
C LEU F 29 -13.93 -1.35 -42.77
N GLU F 30 -15.00 -2.14 -42.68
CA GLU F 30 -16.35 -1.66 -42.92
C GLU F 30 -17.17 -1.89 -41.66
N ILE F 31 -17.59 -0.81 -41.01
CA ILE F 31 -18.28 -0.89 -39.73
C ILE F 31 -19.64 -0.20 -39.87
N THR F 32 -20.71 -0.93 -39.55
CA THR F 32 -22.06 -0.40 -39.61
C THR F 32 -22.76 -0.66 -38.29
N VAL F 33 -23.46 0.36 -37.78
CA VAL F 33 -24.29 0.22 -36.58
C VAL F 33 -25.71 -0.08 -37.04
N VAL F 34 -26.26 -1.19 -36.57
CA VAL F 34 -27.60 -1.63 -36.98
C VAL F 34 -28.64 -1.28 -35.92
N SER F 35 -28.39 -1.65 -34.67
CA SER F 35 -29.32 -1.41 -33.58
C SER F 35 -28.59 -0.78 -32.41
N SER F 36 -29.35 -0.06 -31.58
CA SER F 36 -28.78 0.60 -30.41
C SER F 36 -29.88 0.64 -29.35
N GLU F 37 -29.85 -0.31 -28.42
CA GLU F 37 -30.85 -0.43 -27.38
C GLU F 37 -30.35 0.22 -26.10
N LEU F 38 -31.11 1.19 -25.59
CA LEU F 38 -30.80 1.84 -24.32
C LEU F 38 -31.67 1.22 -23.24
N THR F 39 -31.19 0.10 -22.69
CA THR F 39 -31.91 -0.61 -21.64
C THR F 39 -31.35 -0.19 -20.29
N PRO F 40 -32.09 0.56 -19.48
CA PRO F 40 -31.58 0.99 -18.18
C PRO F 40 -31.97 0.03 -17.06
N SER F 41 -31.44 0.31 -15.87
CA SER F 41 -31.75 -0.46 -14.68
C SER F 41 -33.09 0.02 -14.12
N THR F 42 -34.13 -0.79 -14.28
CA THR F 42 -35.47 -0.44 -13.87
C THR F 42 -35.94 -1.38 -12.77
N ASN F 43 -36.47 -0.80 -11.69
CA ASN F 43 -37.07 -1.58 -10.62
C ASN F 43 -38.48 -1.10 -10.34
N LYS F 44 -39.39 -2.06 -10.15
CA LYS F 44 -40.79 -1.74 -9.90
C LYS F 44 -40.94 -1.19 -8.48
N GLU F 45 -41.69 -0.11 -8.34
CA GLU F 45 -41.81 0.53 -7.04
C GLU F 45 -43.25 0.53 -6.52
N TYR F 46 -44.26 0.68 -7.40
CA TYR F 46 -45.60 0.23 -7.05
C TYR F 46 -46.41 -0.05 -8.31
N VAL F 47 -47.66 -0.48 -8.10
CA VAL F 47 -48.63 -0.67 -9.17
C VAL F 47 -49.96 -0.06 -8.70
N THR F 48 -50.65 0.62 -9.61
CA THR F 48 -51.92 1.26 -9.28
C THR F 48 -52.93 0.99 -10.39
N CYS F 49 -54.21 1.16 -10.04
CA CYS F 49 -55.32 1.01 -10.97
C CYS F 49 -56.52 1.70 -10.35
N LYS F 50 -57.62 1.75 -11.11
CA LYS F 50 -58.86 2.28 -10.58
C LYS F 50 -59.44 1.35 -9.54
N PHE F 51 -59.80 1.90 -8.38
CA PHE F 51 -60.29 1.09 -7.28
C PHE F 51 -61.71 0.64 -7.54
N HIS F 52 -62.09 -0.46 -6.89
CA HIS F 52 -63.44 -0.99 -7.01
C HIS F 52 -64.36 -0.45 -5.93
N THR F 53 -63.78 0.12 -4.87
CA THR F 53 -64.45 0.83 -3.75
C THR F 53 -65.74 0.15 -3.29
N VAL F 54 -65.69 -1.17 -3.16
CA VAL F 54 -66.84 -1.94 -2.73
C VAL F 54 -67.10 -1.69 -1.25
N VAL F 55 -68.37 -1.54 -0.90
CA VAL F 55 -68.80 -1.31 0.47
C VAL F 55 -69.48 -2.58 0.97
N PRO F 56 -69.16 -3.06 2.16
CA PRO F 56 -69.87 -4.23 2.71
C PRO F 56 -71.27 -3.85 3.16
N SER F 57 -72.07 -4.89 3.44
CA SER F 57 -73.38 -4.68 4.00
C SER F 57 -73.25 -4.12 5.42
N PRO F 58 -74.17 -3.27 5.86
CA PRO F 58 -74.02 -2.66 7.18
C PRO F 58 -74.34 -3.64 8.29
N GLN F 59 -73.81 -3.35 9.47
CA GLN F 59 -74.15 -4.12 10.67
C GLN F 59 -75.19 -3.37 11.47
N VAL F 60 -76.13 -4.10 12.05
CA VAL F 60 -77.14 -3.51 12.91
C VAL F 60 -77.09 -4.22 14.27
N LYS F 61 -77.07 -3.43 15.34
CA LYS F 61 -77.35 -3.95 16.67
C LYS F 61 -78.33 -2.98 17.30
N CYS F 62 -79.24 -3.48 18.12
CA CYS F 62 -80.45 -2.74 18.38
C CYS F 62 -80.73 -2.77 19.89
N CYS F 63 -80.82 -1.58 20.49
CA CYS F 63 -80.65 -1.37 21.93
C CYS F 63 -79.33 -1.97 22.42
N GLY F 64 -78.23 -1.34 21.98
CA GLY F 64 -76.91 -1.72 22.42
C GLY F 64 -75.83 -0.81 21.89
N SER F 65 -74.60 -1.30 21.84
CA SER F 65 -73.48 -0.57 21.29
C SER F 65 -72.75 -1.47 20.30
N LEU F 66 -72.35 -0.88 19.17
CA LEU F 66 -71.71 -1.62 18.08
C LEU F 66 -70.47 -0.88 17.59
N GLU F 67 -69.61 -0.48 18.54
CA GLU F 67 -68.36 0.15 18.18
C GLU F 67 -67.45 -0.84 17.44
N CYS F 68 -66.88 -0.40 16.33
CA CYS F 68 -66.08 -1.25 15.47
C CYS F 68 -64.60 -1.06 15.73
N LYS F 69 -63.83 -2.10 15.46
CA LYS F 69 -62.40 -2.11 15.71
C LYS F 69 -61.64 -1.67 14.46
N ALA F 70 -60.35 -1.41 14.66
CA ALA F 70 -59.48 -1.10 13.53
C ALA F 70 -59.22 -2.35 12.70
N SER F 71 -58.94 -2.14 11.42
CA SER F 71 -58.71 -3.24 10.49
C SER F 71 -57.39 -3.02 9.76
N SER F 72 -56.82 -4.13 9.28
CA SER F 72 -55.60 -4.12 8.50
C SER F 72 -55.88 -4.18 7.01
N LYS F 73 -56.95 -3.55 6.56
CA LYS F 73 -57.43 -3.68 5.19
C LYS F 73 -57.64 -2.27 4.65
N ALA F 74 -57.43 -2.11 3.34
CA ALA F 74 -57.14 -0.82 2.75
C ALA F 74 -58.30 0.17 2.86
N ASP F 75 -57.98 1.37 3.37
CA ASP F 75 -58.90 2.52 3.42
C ASP F 75 -60.18 2.16 4.17
N TYR F 76 -60.02 1.71 5.41
CA TYR F 76 -61.16 1.24 6.20
C TYR F 76 -61.77 2.42 6.95
N THR F 77 -62.80 3.02 6.36
CA THR F 77 -63.56 4.08 7.00
C THR F 77 -64.73 3.43 7.74
N CYS F 78 -64.70 3.53 9.06
CA CYS F 78 -65.68 2.88 9.93
C CYS F 78 -66.32 3.91 10.83
N ARG F 79 -67.65 3.96 10.84
CA ARG F 79 -68.35 4.88 11.73
C ARG F 79 -69.68 4.25 12.16
N VAL F 80 -70.09 4.56 13.38
CA VAL F 80 -71.32 4.05 13.95
C VAL F 80 -72.34 5.18 14.03
N PHE F 81 -73.61 4.82 13.87
CA PHE F 81 -74.71 5.76 13.83
C PHE F 81 -75.74 5.39 14.88
N GLY F 82 -76.14 6.36 15.69
CA GLY F 82 -77.19 6.16 16.68
C GLY F 82 -78.51 6.77 16.22
N GLY F 83 -79.59 6.23 16.79
CA GLY F 83 -80.92 6.69 16.40
C GLY F 83 -81.30 6.35 14.99
N VAL F 84 -81.00 5.12 14.55
CA VAL F 84 -81.31 4.69 13.19
C VAL F 84 -82.50 3.72 13.24
N TYR F 85 -83.00 3.38 12.06
CA TYR F 85 -84.13 2.48 11.93
C TYR F 85 -84.09 1.79 10.58
N PRO F 86 -83.32 0.71 10.41
CA PRO F 86 -83.28 0.01 9.13
C PRO F 86 -84.62 -0.62 8.78
N PHE F 87 -84.91 -0.68 7.48
CA PHE F 87 -86.22 -1.13 7.01
C PHE F 87 -86.02 -1.73 5.61
N MET F 88 -85.95 -3.04 5.53
CA MET F 88 -85.87 -3.74 4.26
C MET F 88 -87.28 -4.03 3.76
N TRP F 89 -87.40 -4.83 2.70
CA TRP F 89 -88.72 -5.18 2.19
C TRP F 89 -89.35 -6.21 3.11
N GLY F 90 -90.51 -5.89 3.65
CA GLY F 90 -91.20 -6.78 4.55
C GLY F 90 -91.52 -6.14 5.89
N GLY F 91 -90.64 -5.30 6.39
CA GLY F 91 -90.88 -4.64 7.65
C GLY F 91 -89.60 -4.02 8.19
N ALA F 92 -89.65 -3.71 9.48
CA ALA F 92 -88.49 -3.16 10.18
C ALA F 92 -87.40 -4.22 10.31
N GLN F 93 -86.20 -3.80 10.68
CA GLN F 93 -85.07 -4.70 10.71
C GLN F 93 -84.56 -5.02 12.10
N CYS F 94 -85.02 -4.34 13.15
CA CYS F 94 -84.81 -4.85 14.49
C CYS F 94 -86.04 -4.54 15.32
N PHE F 95 -85.85 -4.55 16.64
CA PHE F 95 -86.93 -4.52 17.61
C PHE F 95 -87.01 -3.23 18.43
N CYS F 96 -85.97 -2.39 18.46
CA CYS F 96 -86.17 -1.12 19.15
C CYS F 96 -86.55 -0.02 18.17
N ASP F 97 -87.02 1.10 18.73
CA ASP F 97 -87.44 2.24 17.92
C ASP F 97 -86.32 3.28 17.80
N SER F 98 -85.82 3.77 18.92
CA SER F 98 -84.84 4.86 18.93
C SER F 98 -83.42 4.40 19.24
N GLU F 99 -83.23 3.64 20.31
CA GLU F 99 -81.90 3.20 20.73
C GLU F 99 -81.43 2.12 19.78
N ASN F 100 -80.62 2.51 18.78
CA ASN F 100 -80.13 1.59 17.77
C ASN F 100 -78.71 1.99 17.39
N THR F 101 -77.97 1.05 16.82
CA THR F 101 -76.61 1.29 16.36
C THR F 101 -76.42 0.65 14.99
N GLN F 102 -76.03 1.48 14.02
CA GLN F 102 -75.71 1.03 12.67
C GLN F 102 -74.21 1.19 12.45
N LEU F 103 -73.52 0.07 12.29
CA LEU F 103 -72.09 0.06 11.98
C LEU F 103 -71.97 0.13 10.46
N SER F 104 -71.53 1.28 9.95
CA SER F 104 -71.30 1.48 8.54
C SER F 104 -69.80 1.50 8.28
N GLU F 105 -69.33 0.57 7.45
CA GLU F 105 -67.92 0.46 7.15
C GLU F 105 -67.75 0.46 5.63
N ALA F 106 -66.60 0.94 5.19
CA ALA F 106 -66.31 0.99 3.76
C ALA F 106 -64.81 0.84 3.55
N TYR F 107 -64.46 0.20 2.44
CA TYR F 107 -63.06 0.04 2.06
C TYR F 107 -62.98 0.11 0.54
N VAL F 108 -61.77 -0.09 0.01
CA VAL F 108 -61.53 -0.09 -1.42
C VAL F 108 -60.75 -1.35 -1.78
N GLU F 109 -60.80 -1.71 -3.06
CA GLU F 109 -60.14 -2.90 -3.56
C GLU F 109 -59.87 -2.66 -5.04
N PHE F 110 -58.92 -3.40 -5.59
CA PHE F 110 -58.64 -3.32 -7.02
C PHE F 110 -59.85 -3.78 -7.82
N ALA F 111 -60.09 -3.10 -8.94
CA ALA F 111 -61.19 -3.46 -9.82
C ALA F 111 -60.91 -4.82 -10.47
N PRO F 112 -61.96 -5.54 -10.89
CA PRO F 112 -61.74 -6.85 -11.50
C PRO F 112 -60.95 -6.80 -12.81
N ASP F 113 -60.88 -5.63 -13.46
CA ASP F 113 -60.14 -5.48 -14.70
C ASP F 113 -58.85 -4.68 -14.51
N CYS F 114 -58.21 -4.78 -13.34
CA CYS F 114 -56.91 -4.17 -13.13
C CYS F 114 -55.75 -5.04 -13.61
N THR F 115 -56.02 -6.23 -14.13
CA THR F 115 -54.96 -7.06 -14.67
C THR F 115 -54.36 -6.45 -15.93
N ILE F 116 -55.14 -5.65 -16.66
CA ILE F 116 -54.69 -4.98 -17.88
C ILE F 116 -54.60 -3.48 -17.67
N ASP F 117 -55.69 -2.84 -17.24
CA ASP F 117 -55.72 -1.39 -17.06
C ASP F 117 -55.08 -1.05 -15.72
N HIS F 118 -53.75 -1.14 -15.70
CA HIS F 118 -52.96 -0.81 -14.52
C HIS F 118 -51.71 -0.06 -14.95
N ALA F 119 -51.32 0.91 -14.12
CA ALA F 119 -50.11 1.68 -14.34
C ALA F 119 -49.09 1.28 -13.28
N VAL F 120 -47.92 0.84 -13.72
CA VAL F 120 -46.86 0.48 -12.80
C VAL F 120 -45.83 1.62 -12.74
N ALA F 121 -45.45 2.00 -11.52
CA ALA F 121 -44.59 3.15 -11.29
C ALA F 121 -43.22 2.65 -10.86
N LEU F 122 -42.19 3.09 -11.58
CA LEU F 122 -40.84 2.60 -11.43
C LEU F 122 -39.85 3.76 -11.32
N LYS F 123 -38.63 3.43 -10.93
CA LYS F 123 -37.51 4.35 -10.99
C LYS F 123 -36.46 3.85 -11.98
N VAL F 124 -35.92 4.78 -12.76
CA VAL F 124 -34.88 4.50 -13.74
C VAL F 124 -33.67 5.33 -13.38
N HIS F 125 -32.52 4.68 -13.16
CA HIS F 125 -31.36 5.36 -12.63
C HIS F 125 -30.24 5.53 -13.65
N THR F 126 -29.77 4.45 -14.26
CA THR F 126 -28.62 4.50 -15.13
C THR F 126 -28.87 3.62 -16.35
N ALA F 127 -28.58 4.16 -17.53
CA ALA F 127 -28.80 3.47 -18.79
C ALA F 127 -27.48 3.07 -19.42
N ALA F 128 -27.45 1.84 -19.96
CA ALA F 128 -26.30 1.32 -20.69
C ALA F 128 -26.73 0.95 -22.10
N LEU F 129 -25.85 1.16 -23.06
CA LEU F 129 -26.17 1.01 -24.47
C LEU F 129 -25.62 -0.30 -25.01
N LYS F 130 -26.46 -1.04 -25.72
CA LYS F 130 -26.05 -2.23 -26.45
C LYS F 130 -26.17 -1.96 -27.94
N VAL F 131 -25.10 -2.23 -28.68
CA VAL F 131 -25.02 -1.88 -30.09
C VAL F 131 -24.70 -3.12 -30.91
N GLY F 132 -25.40 -3.28 -32.02
CA GLY F 132 -25.11 -4.33 -32.98
C GLY F 132 -24.30 -3.76 -34.14
N LEU F 133 -23.19 -4.43 -34.44
CA LEU F 133 -22.26 -3.98 -35.48
C LEU F 133 -22.14 -5.07 -36.53
N ARG F 134 -22.30 -4.67 -37.79
CA ARG F 134 -21.94 -5.51 -38.93
C ARG F 134 -20.64 -4.97 -39.49
N ILE F 135 -19.59 -5.79 -39.45
CA ILE F 135 -18.26 -5.41 -39.90
C ILE F 135 -17.83 -6.39 -40.97
N VAL F 136 -17.46 -5.89 -42.14
CA VAL F 136 -16.83 -6.71 -43.17
C VAL F 136 -15.42 -6.18 -43.44
N TYR F 137 -14.46 -7.11 -43.43
CA TYR F 137 -13.06 -6.84 -43.68
C TYR F 137 -12.52 -7.97 -44.54
N GLY F 138 -11.87 -7.62 -45.65
CA GLY F 138 -11.34 -8.60 -46.58
C GLY F 138 -12.41 -9.54 -47.09
N ASN F 139 -13.57 -8.96 -47.46
CA ASN F 139 -14.80 -9.66 -47.84
C ASN F 139 -15.20 -10.76 -46.84
N THR F 140 -14.87 -10.57 -45.56
CA THR F 140 -15.34 -11.43 -44.48
C THR F 140 -16.29 -10.63 -43.60
N THR F 141 -17.55 -11.08 -43.53
CA THR F 141 -18.64 -10.36 -42.90
C THR F 141 -18.98 -11.00 -41.56
N ALA F 142 -19.14 -10.17 -40.52
CA ALA F 142 -19.53 -10.66 -39.21
C ALA F 142 -20.49 -9.67 -38.57
N ARG F 143 -21.62 -10.17 -38.08
CA ARG F 143 -22.56 -9.38 -37.28
C ARG F 143 -22.44 -9.80 -35.83
N LEU F 144 -22.35 -8.82 -34.92
CA LEU F 144 -22.13 -9.14 -33.52
C LEU F 144 -22.71 -8.04 -32.62
N ASP F 145 -23.23 -8.45 -31.46
CA ASP F 145 -23.87 -7.54 -30.52
C ASP F 145 -22.94 -7.35 -29.33
N THR F 146 -22.62 -6.09 -29.01
CA THR F 146 -21.70 -5.78 -27.91
C THR F 146 -22.29 -4.68 -27.04
N PHE F 147 -21.59 -4.38 -25.96
CA PHE F 147 -21.93 -3.29 -25.05
C PHE F 147 -21.00 -2.11 -25.27
N VAL F 148 -21.35 -0.98 -24.67
CA VAL F 148 -20.65 0.29 -24.90
C VAL F 148 -19.97 0.67 -23.58
N ASN F 149 -20.07 -0.22 -22.59
CA ASN F 149 -19.56 0.08 -21.25
C ASN F 149 -18.03 0.21 -21.20
N GLY F 150 -17.31 -0.28 -22.22
CA GLY F 150 -15.90 0.00 -22.40
C GLY F 150 -14.97 -1.16 -22.09
N VAL F 151 -15.47 -2.20 -21.42
CA VAL F 151 -14.62 -3.31 -21.01
C VAL F 151 -15.12 -4.67 -21.50
N THR F 152 -16.15 -4.70 -22.35
CA THR F 152 -16.78 -5.97 -22.71
C THR F 152 -16.57 -6.26 -24.19
N PRO F 153 -16.02 -7.42 -24.53
CA PRO F 153 -15.95 -7.82 -25.94
C PRO F 153 -17.19 -8.59 -26.36
N GLY F 154 -17.23 -9.01 -27.63
CA GLY F 154 -18.36 -9.78 -28.13
C GLY F 154 -17.95 -11.11 -28.71
N SER F 155 -18.22 -11.31 -30.00
CA SER F 155 -17.80 -12.52 -30.70
C SER F 155 -16.31 -12.46 -30.98
N SER F 156 -15.48 -12.68 -29.96
CA SER F 156 -14.03 -12.52 -30.09
C SER F 156 -13.37 -13.64 -30.86
N ARG F 157 -14.08 -14.73 -31.16
CA ARG F 157 -13.51 -15.82 -31.95
C ARG F 157 -13.20 -15.35 -33.37
N ASP F 158 -14.10 -14.57 -33.97
CA ASP F 158 -13.91 -14.07 -35.32
C ASP F 158 -13.21 -12.71 -35.35
N LEU F 159 -13.62 -11.80 -34.46
CA LEU F 159 -13.02 -10.46 -34.44
C LEU F 159 -13.12 -9.92 -33.02
N LYS F 160 -12.00 -9.39 -32.52
CA LYS F 160 -11.93 -8.88 -31.16
C LYS F 160 -12.28 -7.40 -31.16
N VAL F 161 -13.31 -7.02 -30.42
CA VAL F 161 -13.85 -5.67 -30.46
C VAL F 161 -14.01 -5.13 -29.04
N ILE F 162 -13.71 -3.84 -28.89
CA ILE F 162 -14.03 -3.09 -27.67
C ILE F 162 -14.77 -1.82 -28.09
N ALA F 163 -15.90 -1.55 -27.45
CA ALA F 163 -16.64 -0.30 -27.66
C ALA F 163 -16.53 0.52 -26.38
N GLY F 164 -15.75 1.60 -26.43
CA GLY F 164 -15.42 2.36 -25.25
C GLY F 164 -16.54 3.28 -24.79
N PRO F 165 -16.22 4.19 -23.87
CA PRO F 165 -17.25 5.06 -23.30
C PRO F 165 -17.80 6.03 -24.35
N ILE F 166 -19.13 6.08 -24.43
CA ILE F 166 -19.78 6.93 -25.42
C ILE F 166 -19.58 8.39 -25.05
N SER F 167 -19.44 9.24 -26.08
CA SER F 167 -19.09 10.65 -25.87
C SER F 167 -20.18 11.41 -25.13
N ALA F 168 -21.44 11.00 -25.26
CA ALA F 168 -22.54 11.66 -24.60
C ALA F 168 -23.43 10.64 -23.91
N ALA F 169 -23.92 11.01 -22.73
CA ALA F 169 -24.87 10.21 -21.98
C ALA F 169 -26.25 10.85 -22.12
N PHE F 170 -27.19 10.10 -22.69
CA PHE F 170 -28.52 10.66 -23.00
C PHE F 170 -29.50 10.40 -21.86
N SER F 171 -29.78 9.12 -21.59
CA SER F 171 -30.79 8.68 -20.62
C SER F 171 -32.13 9.36 -20.87
N PRO F 172 -32.87 8.97 -21.92
CA PRO F 172 -34.14 9.65 -22.22
C PRO F 172 -35.17 9.58 -21.11
N PHE F 173 -35.21 8.46 -20.39
CA PHE F 173 -36.08 8.37 -19.22
C PHE F 173 -35.49 9.19 -18.09
N ASP F 174 -36.36 9.82 -17.30
CA ASP F 174 -35.92 10.55 -16.12
C ASP F 174 -35.75 9.55 -14.98
N HIS F 175 -35.58 10.06 -13.77
CA HIS F 175 -35.36 9.21 -12.60
C HIS F 175 -36.59 8.40 -12.20
N LYS F 176 -37.77 8.73 -12.72
CA LYS F 176 -38.99 8.34 -12.02
C LYS F 176 -40.15 8.33 -13.02
N VAL F 177 -40.53 7.12 -13.47
CA VAL F 177 -41.38 6.97 -14.66
C VAL F 177 -42.60 6.10 -14.33
N VAL F 178 -43.56 6.11 -15.26
CA VAL F 178 -44.82 5.40 -15.16
C VAL F 178 -45.05 4.63 -16.47
N ILE F 179 -45.49 3.38 -16.36
CA ILE F 179 -45.74 2.53 -17.51
C ILE F 179 -47.21 2.13 -17.52
N ARG F 180 -47.88 2.33 -18.65
CA ARG F 180 -49.29 1.98 -18.80
C ARG F 180 -49.55 1.45 -20.20
N LYS F 181 -49.81 0.14 -20.31
CA LYS F 181 -50.28 -0.51 -21.54
C LYS F 181 -49.34 -0.28 -22.73
N GLY F 182 -48.05 -0.24 -22.47
CA GLY F 182 -47.08 0.02 -23.50
C GLY F 182 -46.72 1.47 -23.72
N LEU F 183 -47.20 2.37 -22.88
CA LEU F 183 -46.89 3.79 -22.99
C LEU F 183 -46.11 4.24 -21.77
N VAL F 184 -45.11 5.10 -22.02
CA VAL F 184 -44.17 5.55 -21.00
C VAL F 184 -44.50 6.99 -20.68
N TYR F 185 -44.41 7.37 -19.40
CA TYR F 185 -44.61 8.76 -19.00
C TYR F 185 -43.59 9.15 -17.96
N ASN F 186 -43.06 10.38 -18.07
CA ASN F 186 -42.21 10.98 -17.05
C ASN F 186 -43.10 11.74 -16.06
N TYR F 187 -43.79 10.98 -15.23
CA TYR F 187 -44.67 11.55 -14.23
C TYR F 187 -44.02 11.48 -12.85
N ASP F 188 -44.06 12.61 -12.14
CA ASP F 188 -43.53 12.70 -10.78
C ASP F 188 -44.61 12.19 -9.82
N PHE F 189 -44.77 10.87 -9.79
CA PHE F 189 -45.80 10.25 -8.97
C PHE F 189 -45.42 10.35 -7.48
N PRO F 190 -46.41 10.36 -6.59
CA PRO F 190 -46.08 10.34 -5.16
C PRO F 190 -45.46 9.03 -4.75
N GLU F 191 -44.60 9.10 -3.73
CA GLU F 191 -43.89 7.92 -3.25
C GLU F 191 -44.84 6.99 -2.51
N TYR F 192 -44.30 5.85 -2.07
CA TYR F 192 -45.09 4.88 -1.33
C TYR F 192 -45.47 5.44 0.04
N GLY F 193 -46.76 5.74 0.21
CA GLY F 193 -47.27 6.29 1.44
C GLY F 193 -47.64 7.76 1.39
N ALA F 194 -47.14 8.51 0.42
CA ALA F 194 -47.55 9.91 0.22
C ALA F 194 -48.88 9.89 -0.52
N MET F 195 -49.95 9.63 0.24
CA MET F 195 -51.21 9.19 -0.34
C MET F 195 -52.17 10.36 -0.52
N ASN F 196 -51.89 11.19 -1.52
CA ASN F 196 -52.76 12.30 -1.82
C ASN F 196 -54.08 11.80 -2.43
N PRO F 197 -55.21 12.37 -2.02
CA PRO F 197 -56.49 11.94 -2.60
C PRO F 197 -56.82 12.68 -3.89
N GLY F 198 -57.13 11.94 -4.95
CA GLY F 198 -57.55 12.53 -6.20
C GLY F 198 -56.50 12.60 -7.28
N ALA F 199 -55.24 12.33 -6.96
CA ALA F 199 -54.17 12.35 -7.94
C ALA F 199 -53.66 10.92 -8.19
N PHE F 200 -52.63 10.81 -9.02
CA PHE F 200 -52.11 9.51 -9.42
C PHE F 200 -51.54 8.76 -8.22
N GLY F 201 -51.71 7.44 -8.23
CA GLY F 201 -51.31 6.63 -7.10
C GLY F 201 -52.13 6.86 -5.85
N ASP F 202 -53.44 7.08 -6.00
CA ASP F 202 -54.33 7.19 -4.85
C ASP F 202 -54.61 5.84 -4.18
N ILE F 203 -54.24 4.74 -4.83
CA ILE F 203 -54.26 3.41 -4.24
C ILE F 203 -53.08 2.64 -4.82
N GLN F 204 -52.19 2.16 -3.96
CA GLN F 204 -50.99 1.46 -4.43
C GLN F 204 -50.78 0.15 -3.70
N ALA F 205 -50.18 -0.80 -4.41
CA ALA F 205 -49.84 -2.12 -3.89
C ALA F 205 -48.44 -2.47 -4.33
N SER F 206 -47.85 -3.47 -3.65
CA SER F 206 -46.53 -3.94 -4.03
C SER F 206 -46.57 -4.70 -5.35
N SER F 207 -47.59 -5.52 -5.57
CA SER F 207 -47.75 -6.24 -6.82
C SER F 207 -49.23 -6.32 -7.14
N LEU F 208 -49.54 -6.88 -8.31
CA LEU F 208 -50.92 -6.88 -8.80
C LEU F 208 -51.76 -7.89 -8.03
N ASP F 209 -51.19 -9.06 -7.74
CA ASP F 209 -51.80 -10.01 -6.81
C ASP F 209 -51.15 -9.87 -5.43
N ALA F 210 -51.54 -8.82 -4.72
CA ALA F 210 -51.01 -8.55 -3.40
C ALA F 210 -52.11 -8.02 -2.48
N THR F 211 -51.98 -8.34 -1.20
CA THR F 211 -52.87 -7.80 -0.17
C THR F 211 -52.26 -6.62 0.56
N ASP F 212 -51.04 -6.22 0.22
CA ASP F 212 -50.39 -5.05 0.80
C ASP F 212 -50.83 -3.82 0.01
N ILE F 213 -52.10 -3.47 0.19
CA ILE F 213 -52.74 -2.40 -0.57
C ILE F 213 -53.01 -1.25 0.40
N VAL F 214 -52.61 -0.04 0.01
CA VAL F 214 -52.86 1.15 0.81
C VAL F 214 -53.55 2.20 -0.05
N ALA F 215 -54.51 2.90 0.55
CA ALA F 215 -55.27 3.92 -0.16
C ALA F 215 -55.79 4.95 0.83
N ARG F 216 -55.71 6.22 0.43
CA ARG F 216 -56.31 7.32 1.17
C ARG F 216 -57.33 8.05 0.30
N THR F 217 -58.18 7.28 -0.38
CA THR F 217 -59.30 7.88 -1.09
C THR F 217 -60.27 8.42 -0.06
N ASP F 218 -60.56 9.72 -0.12
CA ASP F 218 -61.29 10.39 0.94
C ASP F 218 -62.75 9.93 0.89
N ILE F 219 -63.08 8.97 1.77
CA ILE F 219 -64.45 8.46 1.88
C ILE F 219 -65.07 9.11 3.10
N ARG F 220 -66.01 10.03 2.87
CA ARG F 220 -66.77 10.61 3.96
C ARG F 220 -68.08 9.84 4.10
N LEU F 221 -68.36 9.37 5.31
CA LEU F 221 -69.56 8.61 5.58
C LEU F 221 -70.62 9.51 6.20
N LEU F 222 -71.84 9.39 5.70
CA LEU F 222 -72.94 10.25 6.09
C LEU F 222 -73.98 9.44 6.85
N LYS F 223 -74.54 10.04 7.89
CA LYS F 223 -75.66 9.43 8.59
C LYS F 223 -76.88 9.39 7.69
N PRO F 224 -77.50 8.23 7.49
CA PRO F 224 -78.67 8.16 6.61
C PRO F 224 -79.87 8.90 7.20
N SER F 225 -80.69 9.42 6.29
CA SER F 225 -81.90 10.13 6.68
C SER F 225 -83.16 9.50 6.10
N VAL F 226 -83.03 8.51 5.21
CA VAL F 226 -84.19 7.85 4.63
C VAL F 226 -84.64 6.74 5.55
N LYS F 227 -85.85 6.24 5.34
CA LYS F 227 -86.40 5.18 6.18
C LYS F 227 -85.81 3.81 5.87
N ASN F 228 -85.22 3.63 4.69
CA ASN F 228 -84.74 2.35 4.24
C ASN F 228 -83.24 2.29 4.59
N ILE F 229 -82.65 1.10 4.56
CA ILE F 229 -81.26 0.90 4.95
C ILE F 229 -80.37 0.96 3.73
N HIS F 230 -79.30 1.75 3.82
CA HIS F 230 -78.23 1.81 2.83
C HIS F 230 -77.04 2.50 3.49
N VAL F 231 -75.89 2.39 2.85
CA VAL F 231 -74.67 3.03 3.35
C VAL F 231 -74.31 4.17 2.41
N PRO F 232 -74.63 5.42 2.76
CA PRO F 232 -74.27 6.54 1.89
C PRO F 232 -72.83 6.99 2.12
N TYR F 233 -72.03 6.92 1.07
CA TYR F 233 -70.64 7.36 1.13
C TYR F 233 -70.40 8.35 0.00
N THR F 234 -69.57 9.34 0.27
CA THR F 234 -69.11 10.25 -0.79
C THR F 234 -67.59 10.13 -0.87
N GLN F 235 -67.10 9.76 -2.04
CA GLN F 235 -65.70 9.42 -2.25
C GLN F 235 -65.07 10.37 -3.26
N ALA F 236 -63.80 10.64 -3.05
CA ALA F 236 -63.03 11.38 -4.04
C ALA F 236 -62.93 10.58 -5.33
N VAL F 237 -62.91 11.29 -6.45
CA VAL F 237 -62.85 10.65 -7.75
C VAL F 237 -61.51 9.94 -7.94
N SER F 238 -61.50 8.94 -8.81
CA SER F 238 -60.33 8.09 -8.99
C SER F 238 -59.18 8.89 -9.58
N GLY F 239 -58.07 8.98 -8.83
CA GLY F 239 -56.90 9.68 -9.31
C GLY F 239 -56.24 9.01 -10.49
N TYR F 240 -56.42 7.70 -10.64
CA TYR F 240 -55.96 7.01 -11.84
C TYR F 240 -56.68 7.54 -13.08
N GLU F 241 -58.01 7.66 -13.00
CA GLU F 241 -58.78 8.16 -14.13
C GLU F 241 -58.50 9.63 -14.40
N MET F 242 -58.35 10.43 -13.34
CA MET F 242 -58.01 11.84 -13.51
C MET F 242 -56.61 12.01 -14.11
N TRP F 243 -55.66 11.17 -13.74
CA TRP F 243 -54.36 11.18 -14.40
C TRP F 243 -54.48 10.77 -15.85
N LYS F 244 -55.30 9.75 -16.13
CA LYS F 244 -55.50 9.30 -17.51
C LYS F 244 -56.13 10.39 -18.37
N ASN F 245 -56.93 11.27 -17.76
CA ASN F 245 -57.56 12.36 -18.50
C ASN F 245 -56.54 13.38 -18.96
N ASN F 246 -55.50 13.64 -18.16
CA ASN F 246 -54.50 14.66 -18.46
C ASN F 246 -53.09 14.14 -18.22
N SER F 247 -52.80 12.94 -18.74
CA SER F 247 -51.48 12.36 -18.60
C SER F 247 -50.43 13.14 -19.39
N GLY F 248 -50.79 13.60 -20.57
CA GLY F 248 -49.85 14.34 -21.40
C GLY F 248 -49.53 13.62 -22.69
N ARG F 249 -48.25 13.32 -22.91
CA ARG F 249 -47.83 12.68 -24.15
C ARG F 249 -46.87 11.54 -23.83
N PRO F 250 -47.03 10.39 -24.47
CA PRO F 250 -46.07 9.29 -24.24
C PRO F 250 -44.73 9.56 -24.91
N LEU F 251 -43.75 8.72 -24.56
CA LEU F 251 -42.40 8.87 -25.07
C LEU F 251 -42.18 8.16 -26.40
N GLN F 252 -43.21 7.51 -26.95
CA GLN F 252 -43.17 7.14 -28.35
C GLN F 252 -43.36 8.35 -29.25
N GLU F 253 -43.70 9.50 -28.68
CA GLU F 253 -43.95 10.73 -29.41
C GLU F 253 -43.00 11.87 -29.04
N THR F 254 -42.44 11.87 -27.84
CA THR F 254 -41.62 12.99 -27.35
C THR F 254 -40.18 12.56 -27.03
N ALA F 255 -39.71 11.47 -27.62
CA ALA F 255 -38.34 11.02 -27.35
C ALA F 255 -37.36 11.79 -28.22
N PRO F 256 -36.36 12.44 -27.63
CA PRO F 256 -35.33 13.11 -28.43
C PRO F 256 -34.41 12.09 -29.10
N PHE F 257 -33.65 12.60 -30.07
CA PHE F 257 -32.68 11.82 -30.85
C PHE F 257 -33.32 10.65 -31.60
N GLY F 258 -34.61 10.75 -31.90
CA GLY F 258 -35.29 9.74 -32.68
C GLY F 258 -35.45 8.39 -32.00
N CYS F 259 -35.46 8.37 -30.67
CA CYS F 259 -35.57 7.10 -29.95
C CYS F 259 -36.96 6.51 -30.08
N LYS F 260 -37.03 5.20 -30.26
CA LYS F 260 -38.30 4.48 -30.23
C LYS F 260 -38.33 3.64 -28.96
N ILE F 261 -39.33 3.83 -28.14
CA ILE F 261 -39.38 3.24 -26.81
C ILE F 261 -40.20 1.95 -26.85
N GLU F 262 -39.63 0.88 -26.31
CA GLU F 262 -40.32 -0.40 -26.20
C GLU F 262 -40.44 -0.80 -24.72
N VAL F 263 -41.49 -1.55 -24.43
CA VAL F 263 -41.83 -1.98 -23.08
C VAL F 263 -41.56 -3.48 -22.98
N GLU F 264 -41.26 -3.94 -21.75
CA GLU F 264 -41.00 -5.34 -21.41
C GLU F 264 -39.82 -5.91 -22.19
N PRO F 265 -38.58 -5.50 -21.90
CA PRO F 265 -38.16 -4.53 -20.89
C PRO F 265 -38.17 -3.11 -21.43
N LEU F 266 -37.97 -2.11 -20.58
CA LEU F 266 -37.91 -0.73 -21.06
C LEU F 266 -36.64 -0.51 -21.85
N ARG F 267 -36.78 -0.05 -23.09
CA ARG F 267 -35.60 0.16 -23.92
C ARG F 267 -35.87 1.26 -24.94
N ALA F 268 -34.80 1.86 -25.43
CA ALA F 268 -34.86 2.91 -26.44
C ALA F 268 -34.00 2.50 -27.62
N THR F 269 -34.64 2.11 -28.72
CA THR F 269 -33.94 1.63 -29.91
C THR F 269 -33.82 2.76 -30.93
N ASN F 270 -32.77 2.66 -31.74
CA ASN F 270 -32.48 3.59 -32.84
C ASN F 270 -32.33 5.03 -32.34
N CYS F 271 -31.38 5.20 -31.43
CA CYS F 271 -31.01 6.51 -30.91
C CYS F 271 -29.66 6.92 -31.48
N ALA F 272 -29.57 8.16 -31.95
CA ALA F 272 -28.38 8.68 -32.60
C ALA F 272 -27.90 9.90 -31.81
N TYR F 273 -27.07 9.66 -30.80
CA TYR F 273 -26.59 10.74 -29.92
C TYR F 273 -25.08 10.56 -29.70
N GLY F 274 -24.31 11.56 -30.13
CA GLY F 274 -22.87 11.56 -29.93
C GLY F 274 -22.09 10.65 -30.85
N HIS F 275 -20.98 10.13 -30.35
CA HIS F 275 -20.08 9.25 -31.10
C HIS F 275 -19.57 8.19 -30.14
N ILE F 276 -19.13 7.05 -30.67
CA ILE F 276 -18.57 5.96 -29.86
C ILE F 276 -17.17 5.67 -30.35
N PRO F 277 -16.17 5.58 -29.47
CA PRO F 277 -14.85 5.10 -29.90
C PRO F 277 -14.72 3.59 -29.72
N ILE F 278 -14.34 2.89 -30.78
CA ILE F 278 -14.22 1.43 -30.75
C ILE F 278 -12.81 1.05 -31.20
N SER F 279 -12.21 0.10 -30.51
CA SER F 279 -10.92 -0.46 -30.87
C SER F 279 -11.14 -1.84 -31.46
N ILE F 280 -10.57 -2.07 -32.64
CA ILE F 280 -10.80 -3.27 -33.42
C ILE F 280 -9.45 -3.98 -33.57
N ASP F 281 -9.41 -5.26 -33.18
CA ASP F 281 -8.19 -6.05 -33.32
C ASP F 281 -8.31 -6.83 -34.63
N ILE F 282 -7.70 -6.31 -35.69
CA ILE F 282 -7.74 -7.00 -36.99
C ILE F 282 -6.89 -8.25 -36.91
N PRO F 283 -7.42 -9.42 -37.27
CA PRO F 283 -6.60 -10.63 -37.25
C PRO F 283 -5.51 -10.59 -38.32
N ASP F 284 -4.39 -11.25 -38.02
CA ASP F 284 -3.25 -11.24 -38.92
C ASP F 284 -3.49 -12.08 -40.17
N ALA F 285 -4.46 -12.98 -40.15
CA ALA F 285 -4.77 -13.77 -41.33
C ALA F 285 -5.42 -12.91 -42.42
N ALA F 286 -6.16 -11.88 -42.04
CA ALA F 286 -6.80 -11.01 -43.02
C ALA F 286 -5.81 -10.09 -43.72
N PHE F 287 -4.63 -9.89 -43.15
CA PHE F 287 -3.61 -9.07 -43.78
C PHE F 287 -3.07 -9.77 -45.04
N VAL F 288 -2.89 -8.99 -46.11
CA VAL F 288 -2.39 -9.50 -47.36
C VAL F 288 -1.08 -8.77 -47.69
N ARG F 289 -0.09 -9.54 -48.15
CA ARG F 289 1.24 -9.00 -48.37
C ARG F 289 1.24 -7.96 -49.49
N SER F 290 2.00 -6.89 -49.28
CA SER F 290 2.10 -5.81 -50.27
C SER F 290 2.77 -6.27 -51.55
N SER F 291 3.62 -7.29 -51.49
CA SER F 291 4.18 -7.86 -52.71
C SER F 291 3.10 -8.54 -53.54
N GLU F 292 2.18 -9.25 -52.89
CA GLU F 292 1.04 -9.82 -53.59
C GLU F 292 0.10 -8.73 -54.10
N SER F 293 -0.02 -7.63 -53.36
CA SER F 293 -0.88 -6.54 -53.80
C SER F 293 -0.29 -5.83 -55.00
N PRO F 294 -1.06 -5.55 -56.04
CA PRO F 294 -0.55 -4.76 -57.17
C PRO F 294 -0.29 -3.31 -56.76
N THR F 295 0.98 -2.92 -56.77
CA THR F 295 1.33 -1.56 -56.36
C THR F 295 0.92 -0.55 -57.42
N ILE F 296 0.64 0.67 -56.96
CA ILE F 296 0.28 1.78 -57.83
C ILE F 296 1.50 2.70 -57.90
N LEU F 297 1.70 3.32 -59.07
CA LEU F 297 2.80 4.26 -59.26
C LEU F 297 2.32 5.68 -59.50
N GLU F 298 1.44 5.89 -60.48
CA GLU F 298 0.95 7.23 -60.77
C GLU F 298 -0.56 7.30 -60.51
N VAL F 299 -0.97 8.35 -59.79
CA VAL F 299 -2.37 8.61 -59.44
C VAL F 299 -2.71 10.05 -59.81
N SER F 300 -3.98 10.27 -60.17
CA SER F 300 -4.51 11.61 -60.38
C SER F 300 -6.03 11.55 -60.33
N CYS F 301 -6.64 12.69 -59.97
CA CYS F 301 -8.07 12.75 -59.72
C CYS F 301 -8.63 14.12 -60.12
N THR F 302 -9.71 14.09 -60.91
CA THR F 302 -10.45 15.30 -61.31
C THR F 302 -11.94 14.95 -61.23
N VAL F 303 -12.63 15.49 -60.22
CA VAL F 303 -14.07 15.23 -60.11
C VAL F 303 -14.82 16.01 -61.19
N ALA F 304 -16.09 15.67 -61.37
CA ALA F 304 -16.92 16.23 -62.44
C ALA F 304 -18.29 16.62 -61.90
N ASP F 305 -18.43 17.89 -61.49
CA ASP F 305 -19.71 18.53 -61.20
C ASP F 305 -20.47 17.79 -60.09
N CYS F 306 -19.90 17.83 -58.90
CA CYS F 306 -20.45 17.07 -57.78
C CYS F 306 -21.66 17.77 -57.18
N ILE F 307 -22.17 17.21 -56.08
CA ILE F 307 -23.15 17.87 -55.24
C ILE F 307 -22.78 17.53 -53.81
N TYR F 308 -23.24 18.33 -52.86
CA TYR F 308 -23.11 17.97 -51.45
C TYR F 308 -24.48 17.85 -50.82
N SER F 309 -24.74 16.69 -50.21
CA SER F 309 -26.05 16.30 -49.71
C SER F 309 -25.87 15.03 -48.92
N ALA F 310 -26.99 14.50 -48.40
CA ALA F 310 -26.97 13.18 -47.81
C ALA F 310 -26.86 12.09 -48.87
N ASP F 311 -27.24 12.39 -50.10
CA ASP F 311 -27.13 11.44 -51.19
C ASP F 311 -25.68 11.37 -51.66
N PHE F 312 -25.35 10.29 -52.36
CA PHE F 312 -23.99 10.05 -52.85
C PHE F 312 -23.85 10.68 -54.24
N GLY F 313 -23.96 12.00 -54.27
CA GLY F 313 -24.10 12.74 -55.51
C GLY F 313 -22.83 13.23 -56.15
N GLY F 314 -21.65 12.86 -55.64
CA GLY F 314 -20.42 13.28 -56.30
C GLY F 314 -19.71 12.11 -56.94
N SER F 315 -18.83 12.38 -57.91
CA SER F 315 -18.07 11.31 -58.55
C SER F 315 -16.66 11.78 -58.89
N LEU F 316 -15.67 11.00 -58.45
CA LEU F 316 -14.31 11.11 -58.98
C LEU F 316 -14.16 10.24 -60.21
N THR F 317 -13.31 10.70 -61.13
CA THR F 317 -12.66 9.81 -62.08
C THR F 317 -11.18 9.76 -61.70
N LEU F 318 -10.66 8.55 -61.59
CA LEU F 318 -9.30 8.31 -61.15
C LEU F 318 -8.47 7.81 -62.33
N GLN F 319 -7.42 8.56 -62.66
CA GLN F 319 -6.43 8.18 -63.65
C GLN F 319 -5.23 7.60 -62.91
N TYR F 320 -4.63 6.57 -63.50
CA TYR F 320 -3.58 5.85 -62.79
C TYR F 320 -2.71 5.11 -63.78
N LYS F 321 -1.54 4.70 -63.30
CA LYS F 321 -0.78 3.60 -63.90
C LYS F 321 -0.11 2.81 -62.78
N ALA F 322 -0.21 1.48 -62.90
CA ALA F 322 0.16 0.49 -61.90
C ALA F 322 1.10 -0.55 -62.53
N ASN F 323 1.31 -1.65 -61.80
CA ASN F 323 2.16 -2.73 -62.28
C ASN F 323 1.45 -4.06 -62.52
N ARG F 324 0.31 -4.32 -61.87
CA ARG F 324 -0.32 -5.63 -61.96
C ARG F 324 -1.82 -5.49 -61.74
N GLU F 325 -2.51 -6.61 -61.90
CA GLU F 325 -3.96 -6.68 -61.71
C GLU F 325 -4.30 -7.02 -60.26
N GLY F 326 -5.48 -6.61 -59.84
CA GLY F 326 -5.99 -6.94 -58.52
C GLY F 326 -6.88 -5.84 -58.00
N HIS F 327 -7.63 -6.16 -56.95
CA HIS F 327 -8.52 -5.19 -56.33
C HIS F 327 -7.87 -4.60 -55.08
N CYS F 328 -7.94 -3.27 -54.94
CA CYS F 328 -7.37 -2.60 -53.79
C CYS F 328 -8.42 -1.68 -53.18
N PRO F 329 -8.34 -1.41 -51.89
CA PRO F 329 -9.31 -0.51 -51.25
C PRO F 329 -8.97 0.96 -51.41
N VAL F 330 -10.02 1.78 -51.42
CA VAL F 330 -9.91 3.23 -51.54
C VAL F 330 -10.60 3.85 -50.33
N HIS F 331 -9.91 4.79 -49.68
CA HIS F 331 -10.44 5.46 -48.51
C HIS F 331 -9.98 6.91 -48.49
N SER F 332 -10.86 7.81 -48.06
CA SER F 332 -10.52 9.21 -47.89
C SER F 332 -10.33 9.52 -46.42
N HIS F 333 -9.18 10.10 -46.08
CA HIS F 333 -8.85 10.39 -44.69
C HIS F 333 -9.54 11.66 -44.18
N SER F 334 -10.07 12.49 -45.06
CA SER F 334 -10.76 13.70 -44.64
C SER F 334 -12.12 13.36 -44.05
N THR F 335 -12.52 14.13 -43.02
CA THR F 335 -13.83 13.92 -42.42
C THR F 335 -14.95 14.43 -43.33
N THR F 336 -14.62 15.35 -44.26
CA THR F 336 -15.63 15.90 -45.15
C THR F 336 -16.06 14.87 -46.19
N ALA F 337 -15.13 14.08 -46.70
CA ALA F 337 -15.38 13.21 -47.83
C ALA F 337 -15.48 11.76 -47.39
N VAL F 338 -16.57 11.09 -47.80
CA VAL F 338 -16.71 9.65 -47.72
C VAL F 338 -17.15 9.15 -49.09
N LEU F 339 -16.64 7.99 -49.48
CA LEU F 339 -16.84 7.45 -50.82
C LEU F 339 -18.05 6.53 -50.84
N LYS F 340 -18.24 5.84 -51.97
CA LYS F 340 -19.26 4.80 -52.08
C LYS F 340 -18.70 3.39 -51.96
N GLU F 341 -17.69 3.06 -52.74
CA GLU F 341 -17.13 1.71 -52.78
C GLU F 341 -15.93 1.63 -51.86
N ALA F 342 -15.90 0.60 -51.01
CA ALA F 342 -14.76 0.37 -50.13
C ALA F 342 -13.56 -0.22 -50.86
N THR F 343 -13.74 -0.69 -52.09
CA THR F 343 -12.64 -1.23 -52.87
C THR F 343 -12.97 -1.11 -54.35
N THR F 344 -11.93 -1.17 -55.18
CA THR F 344 -12.10 -1.14 -56.62
C THR F 344 -11.06 -2.04 -57.27
N HIS F 345 -11.10 -2.17 -58.60
CA HIS F 345 -10.21 -3.08 -59.32
C HIS F 345 -9.25 -2.28 -60.17
N VAL F 346 -7.96 -2.52 -59.99
CA VAL F 346 -6.87 -1.88 -60.72
C VAL F 346 -6.15 -2.94 -61.52
N THR F 347 -6.13 -2.79 -62.84
CA THR F 347 -5.50 -3.78 -63.71
C THR F 347 -4.27 -3.25 -64.42
N ALA F 348 -4.42 -2.22 -65.26
CA ALA F 348 -3.30 -1.66 -66.01
C ALA F 348 -3.63 -0.30 -66.61
N THR F 349 -2.95 0.75 -66.13
CA THR F 349 -2.87 2.11 -66.67
C THR F 349 -4.13 2.63 -67.35
N GLY F 350 -5.29 2.44 -66.71
CA GLY F 350 -6.54 2.83 -67.33
C GLY F 350 -7.25 3.97 -66.62
N SER F 351 -8.53 3.76 -66.30
CA SER F 351 -9.34 4.74 -65.61
C SER F 351 -10.37 4.01 -64.76
N ILE F 352 -10.82 4.67 -63.69
CA ILE F 352 -11.93 4.12 -62.90
C ILE F 352 -12.79 5.28 -62.44
N THR F 353 -14.07 5.00 -62.15
CA THR F 353 -15.02 6.02 -61.72
C THR F 353 -15.61 5.62 -60.37
N LEU F 354 -15.46 6.50 -59.38
CA LEU F 354 -15.95 6.27 -58.03
C LEU F 354 -16.93 7.38 -57.65
N HIS F 355 -17.71 7.13 -56.61
CA HIS F 355 -18.71 8.07 -56.12
C HIS F 355 -18.39 8.48 -54.69
N PHE F 356 -18.91 9.62 -54.27
CA PHE F 356 -18.70 10.11 -52.92
C PHE F 356 -19.85 10.99 -52.49
N SER F 357 -19.85 11.33 -51.20
CA SER F 357 -20.75 12.33 -50.63
C SER F 357 -19.96 13.24 -49.71
N THR F 358 -20.20 14.55 -49.81
CA THR F 358 -19.51 15.55 -49.00
C THR F 358 -20.53 16.53 -48.42
N SER F 359 -20.03 17.49 -47.66
CA SER F 359 -20.85 18.59 -47.15
C SER F 359 -20.25 19.97 -47.38
N SER F 360 -18.94 20.08 -47.55
CA SER F 360 -18.32 21.38 -47.77
C SER F 360 -18.55 21.84 -49.22
N PRO F 361 -18.73 23.14 -49.45
CA PRO F 361 -18.78 23.63 -50.83
C PRO F 361 -17.49 23.39 -51.60
N GLN F 362 -16.34 23.44 -50.91
CA GLN F 362 -15.06 23.11 -51.52
C GLN F 362 -14.82 21.61 -51.32
N ALA F 363 -14.43 20.93 -52.40
CA ALA F 363 -14.12 19.51 -52.33
C ALA F 363 -12.61 19.37 -52.31
N ASN F 364 -12.03 19.51 -51.11
CA ASN F 364 -10.59 19.42 -50.90
C ASN F 364 -10.32 18.28 -49.93
N PHE F 365 -9.78 17.18 -50.45
CA PHE F 365 -9.57 16.00 -49.62
C PHE F 365 -8.44 15.16 -50.22
N ILE F 366 -8.18 14.01 -49.59
CA ILE F 366 -7.08 13.12 -49.96
C ILE F 366 -7.66 11.73 -50.18
N VAL F 367 -7.16 11.04 -51.21
CA VAL F 367 -7.66 9.73 -51.61
C VAL F 367 -6.53 8.73 -51.50
N SER F 368 -6.81 7.58 -50.88
CA SER F 368 -5.83 6.51 -50.76
C SER F 368 -6.12 5.42 -51.79
N LEU F 369 -5.64 5.65 -53.01
CA LEU F 369 -5.83 4.72 -54.12
C LEU F 369 -4.75 3.64 -54.00
N CYS F 370 -5.18 2.41 -53.67
CA CYS F 370 -4.28 1.27 -53.42
C CYS F 370 -3.24 1.61 -52.35
N GLY F 371 -3.61 2.44 -51.40
CA GLY F 371 -2.66 3.00 -50.45
C GLY F 371 -2.31 4.43 -50.81
N LYS F 372 -1.28 4.93 -50.11
CA LYS F 372 -0.67 6.26 -50.25
C LYS F 372 -1.69 7.40 -50.35
N LYS F 373 -1.33 8.48 -51.05
CA LYS F 373 -2.12 9.71 -51.05
C LYS F 373 -2.45 10.13 -52.47
N THR F 374 -3.62 10.76 -52.62
CA THR F 374 -4.03 11.38 -53.88
C THR F 374 -4.90 12.57 -53.52
N THR F 375 -4.36 13.77 -53.69
CA THR F 375 -5.06 14.98 -53.27
C THR F 375 -5.97 15.48 -54.38
N CYS F 376 -7.26 15.68 -54.05
CA CYS F 376 -8.24 16.22 -54.96
C CYS F 376 -8.73 17.56 -54.42
N ASN F 377 -8.66 18.59 -55.27
CA ASN F 377 -9.07 19.94 -54.91
C ASN F 377 -9.95 20.50 -56.01
N ALA F 378 -11.23 20.70 -55.71
CA ALA F 378 -12.18 21.18 -56.71
C ALA F 378 -13.36 21.85 -56.02
N GLU F 379 -14.43 22.09 -56.79
CA GLU F 379 -15.54 22.92 -56.36
C GLU F 379 -16.80 22.47 -57.08
N CYS F 380 -17.94 22.53 -56.37
CA CYS F 380 -19.22 22.16 -56.96
C CYS F 380 -20.36 22.77 -56.14
N LYS F 381 -21.55 22.72 -56.74
CA LYS F 381 -22.68 23.56 -56.38
C LYS F 381 -23.51 22.95 -55.27
N PRO F 382 -24.37 23.73 -54.61
CA PRO F 382 -25.32 23.16 -53.65
C PRO F 382 -26.49 22.49 -54.36
N PRO F 383 -27.21 21.58 -53.68
CA PRO F 383 -28.29 20.84 -54.34
C PRO F 383 -29.55 21.69 -54.50
N ALA F 384 -30.41 21.21 -55.40
CA ALA F 384 -31.70 21.84 -55.63
C ALA F 384 -32.81 21.19 -54.82
N ASP F 385 -32.68 19.92 -54.47
CA ASP F 385 -33.66 19.26 -53.62
C ASP F 385 -33.57 19.82 -52.21
N HIS F 386 -34.72 20.15 -51.64
CA HIS F 386 -34.75 20.79 -50.33
C HIS F 386 -34.68 19.78 -49.20
N ILE F 387 -35.45 18.69 -49.29
CA ILE F 387 -35.57 17.72 -48.21
C ILE F 387 -35.22 16.34 -48.74
N ILE F 388 -34.38 15.61 -48.00
CA ILE F 388 -33.92 14.29 -48.39
C ILE F 388 -34.43 13.28 -47.37
N GLY F 389 -34.65 12.05 -47.82
CA GLY F 389 -35.20 10.99 -46.99
C GLY F 389 -34.21 10.13 -46.22
N GLU F 390 -32.94 10.51 -46.21
CA GLU F 390 -31.92 9.77 -45.47
C GLU F 390 -31.05 10.76 -44.70
N PRO F 391 -30.50 10.36 -43.56
CA PRO F 391 -29.75 11.31 -42.73
C PRO F 391 -28.42 11.69 -43.35
N HIS F 392 -27.93 12.85 -42.94
CA HIS F 392 -26.65 13.36 -43.42
C HIS F 392 -25.51 12.52 -42.85
N LYS F 393 -24.55 12.16 -43.71
CA LYS F 393 -23.48 11.24 -43.35
C LYS F 393 -22.18 11.93 -42.97
N VAL F 394 -22.13 13.27 -43.05
CA VAL F 394 -20.91 14.02 -42.78
C VAL F 394 -21.25 15.15 -41.82
N ASP F 395 -20.47 15.26 -40.75
CA ASP F 395 -20.63 16.34 -39.77
C ASP F 395 -19.93 17.59 -40.27
N GLN F 396 -20.59 18.74 -40.10
CA GLN F 396 -20.07 20.00 -40.61
C GLN F 396 -18.97 20.54 -39.69
N GLU F 397 -17.96 21.15 -40.31
CA GLU F 397 -16.90 21.85 -39.61
C GLU F 397 -16.80 23.27 -40.15
N PHE F 398 -16.46 24.21 -39.27
CA PHE F 398 -16.48 25.63 -39.65
C PHE F 398 -15.40 25.94 -40.69
N GLN F 399 -14.25 25.27 -40.60
CA GLN F 399 -13.18 25.49 -41.57
C GLN F 399 -13.61 25.05 -42.96
N ALA F 400 -14.35 23.94 -43.05
CA ALA F 400 -14.81 23.46 -44.35
C ALA F 400 -16.11 24.13 -44.81
N ALA F 401 -16.92 24.63 -43.86
CA ALA F 401 -18.23 25.17 -44.20
C ALA F 401 -18.12 26.41 -45.08
N VAL F 402 -17.18 27.31 -44.77
CA VAL F 402 -17.00 28.52 -45.57
C VAL F 402 -16.36 28.16 -46.90
N SER F 403 -16.94 28.65 -47.99
CA SER F 403 -16.50 28.28 -49.33
C SER F 403 -15.15 28.90 -49.67
N LYS F 404 -14.46 28.27 -50.61
CA LYS F 404 -13.07 28.63 -50.92
C LYS F 404 -12.97 30.07 -51.43
N THR F 405 -13.88 30.48 -52.31
CA THR F 405 -13.88 31.87 -52.77
C THR F 405 -14.26 32.82 -51.64
N SER F 406 -15.14 32.38 -50.74
CA SER F 406 -15.45 33.22 -49.58
C SER F 406 -14.21 33.40 -48.70
N TRP F 407 -13.43 32.34 -48.50
CA TRP F 407 -12.12 32.51 -47.87
C TRP F 407 -11.24 33.45 -48.67
N ASN F 408 -11.36 33.44 -50.00
CA ASN F 408 -10.50 34.29 -50.82
C ASN F 408 -10.79 35.77 -50.60
N TRP F 409 -12.06 36.19 -50.70
CA TRP F 409 -12.34 37.61 -50.46
C TRP F 409 -12.20 38.00 -48.99
N LEU F 410 -12.56 37.13 -48.04
CA LEU F 410 -12.33 37.50 -46.64
C LEU F 410 -10.84 37.64 -46.33
N LEU F 411 -10.01 36.72 -46.83
CA LEU F 411 -8.57 36.81 -46.60
C LEU F 411 -7.97 38.02 -47.31
N ALA F 412 -8.40 38.30 -48.54
CA ALA F 412 -7.87 39.45 -49.27
C ALA F 412 -8.27 40.76 -48.60
N LEU F 413 -9.52 40.86 -48.13
CA LEU F 413 -9.99 42.07 -47.46
C LEU F 413 -9.27 42.28 -46.13
N PHE F 414 -9.15 41.23 -45.31
CA PHE F 414 -8.43 41.36 -44.05
C PHE F 414 -6.96 41.66 -44.27
N GLY F 415 -6.35 41.04 -45.29
CA GLY F 415 -4.97 41.33 -45.61
C GLY F 415 -4.77 42.76 -46.09
N GLY F 416 -5.73 43.27 -46.87
CA GLY F 416 -5.64 44.66 -47.30
C GLY F 416 -5.77 45.64 -46.16
N ALA F 417 -6.72 45.40 -45.25
CA ALA F 417 -6.87 46.27 -44.09
C ALA F 417 -5.63 46.22 -43.19
N SER F 418 -5.13 45.01 -42.94
CA SER F 418 -3.91 44.86 -42.15
C SER F 418 -2.71 45.49 -42.84
N SER F 419 -2.66 45.41 -44.17
CA SER F 419 -1.59 46.06 -44.92
C SER F 419 -1.67 47.57 -44.79
N LEU F 420 -2.89 48.13 -44.76
CA LEU F 420 -3.05 49.56 -44.51
C LEU F 420 -2.51 49.95 -43.15
N ILE F 421 -2.83 49.16 -42.11
CA ILE F 421 -2.31 49.47 -40.78
C ILE F 421 -0.78 49.34 -40.74
N VAL F 422 -0.24 48.31 -41.39
CA VAL F 422 1.21 48.10 -41.39
C VAL F 422 1.92 49.24 -42.14
N VAL F 423 1.37 49.67 -43.29
CA VAL F 423 2.06 50.73 -44.01
C VAL F 423 1.92 52.06 -43.27
N GLY F 424 0.81 52.28 -42.56
CA GLY F 424 0.69 53.47 -41.73
C GLY F 424 1.72 53.49 -40.60
N LEU F 425 1.89 52.36 -39.92
CA LEU F 425 2.88 52.28 -38.85
C LEU F 425 4.29 52.41 -39.41
N ILE F 426 4.53 51.87 -40.61
CA ILE F 426 5.84 51.97 -41.22
C ILE F 426 6.16 53.41 -41.60
N VAL F 427 5.16 54.14 -42.12
CA VAL F 427 5.35 55.55 -42.41
C VAL F 427 5.59 56.35 -41.14
N LEU F 428 4.90 56.00 -40.04
CA LEU F 428 5.19 56.65 -38.77
C LEU F 428 6.63 56.40 -38.32
N VAL F 429 7.09 55.15 -38.41
CA VAL F 429 8.42 54.81 -37.95
C VAL F 429 9.48 55.52 -38.79
N CYS F 430 9.31 55.51 -40.11
CA CYS F 430 10.27 56.19 -40.99
C CYS F 430 10.25 57.69 -40.78
N SER F 431 9.07 58.29 -40.63
CA SER F 431 8.98 59.72 -40.42
C SER F 431 9.62 60.13 -39.10
N SER F 432 9.39 59.35 -38.04
CA SER F 432 10.03 59.64 -36.76
C SER F 432 11.54 59.48 -36.84
N MET F 433 12.02 58.47 -37.59
CA MET F 433 13.45 58.28 -37.74
C MET F 433 14.10 59.44 -38.48
N LEU F 434 13.45 59.93 -39.55
CA LEU F 434 14.01 61.05 -40.29
C LEU F 434 13.93 62.37 -39.51
N ILE F 435 12.83 62.61 -38.78
CA ILE F 435 12.75 63.86 -38.03
C ILE F 435 13.62 63.80 -36.78
N ASN F 436 14.02 62.61 -36.32
CA ASN F 436 15.01 62.51 -35.26
C ASN F 436 16.36 63.03 -35.74
N THR F 437 16.70 62.77 -36.99
CA THR F 437 17.93 63.27 -37.58
C THR F 437 17.78 64.73 -38.01
N SER G 1 -37.43 -35.26 -15.88
CA SER G 1 -37.01 -36.22 -16.89
C SER G 1 -35.76 -36.96 -16.47
N ILE G 2 -35.44 -36.86 -15.18
CA ILE G 2 -34.24 -37.50 -14.62
C ILE G 2 -34.61 -38.93 -14.28
N THR G 3 -34.12 -39.88 -15.06
CA THR G 3 -34.46 -41.28 -14.84
C THR G 3 -33.66 -41.88 -13.70
N ASP G 4 -34.27 -42.82 -12.98
CA ASP G 4 -33.65 -43.52 -11.86
C ASP G 4 -33.85 -45.03 -11.98
N ASP G 5 -33.89 -45.55 -13.21
CA ASP G 5 -34.08 -46.98 -13.39
C ASP G 5 -32.82 -47.76 -13.00
N PHE G 6 -31.65 -47.26 -13.40
CA PHE G 6 -30.33 -47.83 -13.09
C PHE G 6 -30.14 -49.25 -13.60
N THR G 7 -31.01 -49.72 -14.49
CA THR G 7 -30.83 -51.02 -15.12
C THR G 7 -30.19 -50.93 -16.49
N LEU G 8 -30.31 -49.77 -17.14
CA LEU G 8 -29.65 -49.49 -18.41
C LEU G 8 -28.41 -48.62 -18.24
N THR G 9 -27.96 -48.42 -16.99
CA THR G 9 -26.75 -47.68 -16.68
C THR G 9 -25.68 -48.66 -16.22
N SER G 10 -24.50 -48.58 -16.82
CA SER G 10 -23.44 -49.53 -16.56
C SER G 10 -22.16 -48.83 -16.14
N PRO G 11 -21.34 -49.46 -15.29
CA PRO G 11 -20.04 -48.87 -14.95
C PRO G 11 -19.05 -49.01 -16.10
N TYR G 12 -17.94 -48.28 -15.99
CA TYR G 12 -16.99 -48.19 -17.08
C TYR G 12 -15.57 -48.25 -16.54
N LEU G 13 -14.61 -48.38 -17.45
CA LEU G 13 -13.20 -48.35 -17.12
C LEU G 13 -12.67 -46.94 -17.25
N GLY G 14 -11.95 -46.48 -16.23
CA GLY G 14 -11.29 -45.19 -16.27
C GLY G 14 -9.79 -45.32 -16.39
N PHE G 15 -9.15 -44.19 -16.70
CA PHE G 15 -7.70 -44.10 -16.81
C PHE G 15 -7.18 -43.40 -15.56
N CYS G 16 -6.90 -44.17 -14.52
CA CYS G 16 -6.45 -43.58 -13.27
C CYS G 16 -4.99 -43.16 -13.39
N PRO G 17 -4.67 -41.90 -13.07
CA PRO G 17 -3.28 -41.44 -13.20
C PRO G 17 -2.35 -41.99 -12.13
N TYR G 18 -2.88 -42.56 -11.05
CA TYR G 18 -2.01 -43.12 -10.00
C TYR G 18 -2.68 -44.39 -9.48
N CYS G 19 -2.22 -45.53 -9.99
CA CYS G 19 -2.74 -46.83 -9.60
C CYS G 19 -2.07 -47.28 -8.30
N ARG G 20 -2.24 -48.55 -7.94
CA ARG G 20 -1.51 -49.09 -6.79
C ARG G 20 -0.01 -49.11 -7.06
N HIS G 21 0.39 -49.52 -8.26
CA HIS G 21 1.79 -49.68 -8.63
C HIS G 21 2.46 -48.38 -9.05
N SER G 22 1.90 -47.23 -8.68
CA SER G 22 2.49 -45.91 -8.88
C SER G 22 2.76 -45.61 -10.35
N ALA G 23 1.82 -46.01 -11.20
CA ALA G 23 1.85 -45.68 -12.62
C ALA G 23 0.42 -45.50 -13.08
N PRO G 24 0.18 -44.66 -14.09
CA PRO G 24 -1.18 -44.53 -14.64
C PRO G 24 -1.61 -45.82 -15.32
N CYS G 25 -2.78 -46.32 -14.94
CA CYS G 25 -3.29 -47.50 -15.63
C CYS G 25 -4.81 -47.44 -15.66
N PHE G 26 -5.39 -48.35 -16.45
CA PHE G 26 -6.83 -48.46 -16.51
C PHE G 26 -7.34 -49.20 -15.28
N SER G 27 -8.32 -48.61 -14.62
CA SER G 27 -8.90 -49.13 -13.40
C SER G 27 -10.42 -49.17 -13.52
N PRO G 28 -11.07 -50.18 -12.94
CA PRO G 28 -12.54 -50.17 -12.89
C PRO G 28 -13.10 -49.11 -11.95
N ILE G 29 -12.28 -48.54 -11.07
CA ILE G 29 -12.69 -47.45 -10.19
C ILE G 29 -11.74 -46.28 -10.44
N LYS G 30 -12.30 -45.16 -10.88
CA LYS G 30 -11.56 -43.92 -11.12
C LYS G 30 -12.34 -42.77 -10.48
N ILE G 31 -11.63 -41.90 -9.78
CA ILE G 31 -12.26 -40.72 -9.21
C ILE G 31 -12.30 -39.62 -10.25
N GLU G 32 -13.50 -39.14 -10.55
CA GLU G 32 -13.71 -38.08 -11.52
C GLU G 32 -13.57 -36.70 -10.89
N ASN G 33 -14.40 -36.41 -9.89
CA ASN G 33 -14.34 -35.15 -9.18
C ASN G 33 -14.63 -35.38 -7.70
N VAL G 34 -14.05 -34.52 -6.86
CA VAL G 34 -14.29 -34.53 -5.42
C VAL G 34 -14.84 -33.17 -5.03
N TRP G 35 -15.97 -33.16 -4.33
CA TRP G 35 -16.64 -31.92 -3.92
C TRP G 35 -16.60 -31.83 -2.40
N ASP G 36 -15.60 -31.13 -1.87
CA ASP G 36 -15.44 -30.93 -0.42
C ASP G 36 -16.02 -29.60 0.07
N GLU G 37 -17.31 -29.36 -0.15
CA GLU G 37 -17.92 -28.12 0.35
C GLU G 37 -18.72 -28.31 1.63
N SER G 38 -18.80 -29.51 2.18
CA SER G 38 -19.54 -29.70 3.42
C SER G 38 -18.78 -29.12 4.61
N ASP G 39 -19.52 -28.63 5.58
CA ASP G 39 -18.92 -27.94 6.72
C ASP G 39 -18.41 -28.88 7.80
N ASP G 40 -18.69 -30.18 7.71
CA ASP G 40 -18.07 -31.14 8.62
C ASP G 40 -16.79 -31.74 8.05
N GLY G 41 -16.39 -31.35 6.84
CA GLY G 41 -15.26 -31.96 6.19
C GLY G 41 -15.56 -33.21 5.41
N SER G 42 -16.83 -33.65 5.40
CA SER G 42 -17.20 -34.82 4.61
C SER G 42 -17.16 -34.48 3.13
N ILE G 43 -16.67 -35.42 2.32
CA ILE G 43 -16.44 -35.20 0.91
C ILE G 43 -17.35 -36.12 0.10
N ARG G 44 -17.67 -35.66 -1.12
CA ARG G 44 -18.44 -36.42 -2.08
C ARG G 44 -17.50 -36.83 -3.21
N ILE G 45 -17.42 -38.13 -3.48
CA ILE G 45 -16.49 -38.70 -4.43
C ILE G 45 -17.28 -39.36 -5.54
N GLN G 46 -17.01 -38.94 -6.78
CA GLN G 46 -17.61 -39.58 -7.95
C GLN G 46 -16.65 -40.63 -8.49
N VAL G 47 -17.12 -41.87 -8.56
CA VAL G 47 -16.26 -43.02 -8.85
C VAL G 47 -16.87 -43.75 -10.05
N SER G 48 -16.00 -44.45 -10.80
CA SER G 48 -16.28 -45.14 -12.05
C SER G 48 -17.18 -46.36 -11.91
N ALA G 49 -17.84 -46.58 -10.77
CA ALA G 49 -18.59 -47.80 -10.57
C ALA G 49 -19.96 -47.49 -9.99
N GLN G 50 -20.96 -48.27 -10.40
CA GLN G 50 -22.22 -48.33 -9.67
C GLN G 50 -21.97 -48.92 -8.28
N PHE G 51 -22.71 -48.43 -7.30
CA PHE G 51 -22.40 -48.68 -5.90
C PHE G 51 -23.69 -48.88 -5.13
N GLY G 52 -23.81 -50.03 -4.46
CA GLY G 52 -25.03 -50.38 -3.77
C GLY G 52 -26.05 -51.10 -4.61
N TYR G 53 -25.67 -51.56 -5.81
CA TYR G 53 -26.58 -52.20 -6.75
C TYR G 53 -26.04 -53.56 -7.16
N ASN G 54 -26.95 -54.45 -7.55
CA ASN G 54 -26.56 -55.78 -8.00
C ASN G 54 -26.29 -55.77 -9.51
N GLN G 55 -26.03 -56.97 -10.06
CA GLN G 55 -25.55 -57.09 -11.44
C GLN G 55 -26.57 -56.59 -12.44
N ALA G 56 -27.85 -56.93 -12.26
CA ALA G 56 -28.87 -56.57 -13.23
C ALA G 56 -29.28 -55.11 -13.15
N GLY G 57 -28.80 -54.36 -12.16
CA GLY G 57 -29.21 -52.99 -11.96
C GLY G 57 -30.27 -52.79 -10.90
N THR G 58 -30.81 -53.87 -10.35
CA THR G 58 -31.77 -53.78 -9.25
C THR G 58 -31.06 -53.29 -8.00
N ALA G 59 -31.74 -52.41 -7.26
CA ALA G 59 -31.13 -51.80 -6.07
C ALA G 59 -31.00 -52.81 -4.94
N ASP G 60 -29.83 -53.44 -4.84
CA ASP G 60 -29.54 -54.42 -3.80
C ASP G 60 -28.33 -53.93 -3.02
N VAL G 61 -28.56 -53.44 -1.80
CA VAL G 61 -27.53 -52.78 -1.01
C VAL G 61 -26.48 -53.81 -0.56
N THR G 62 -25.25 -53.32 -0.33
CA THR G 62 -24.09 -54.08 0.15
C THR G 62 -23.53 -55.02 -0.91
N LYS G 63 -23.82 -54.70 -2.18
CA LYS G 63 -23.14 -55.28 -3.33
C LYS G 63 -22.97 -54.17 -4.36
N PHE G 64 -21.88 -54.21 -5.12
CA PHE G 64 -21.68 -53.18 -6.12
C PHE G 64 -21.13 -53.78 -7.40
N ARG G 65 -21.31 -53.01 -8.48
CA ARG G 65 -20.89 -53.38 -9.82
C ARG G 65 -19.54 -52.74 -10.15
N TYR G 66 -18.83 -53.37 -11.09
CA TYR G 66 -17.62 -52.79 -11.66
C TYR G 66 -17.38 -53.44 -13.01
N MET G 67 -16.45 -52.88 -13.77
CA MET G 67 -16.15 -53.39 -15.09
C MET G 67 -14.93 -54.32 -15.02
N SER G 68 -15.07 -55.49 -15.66
CA SER G 68 -14.16 -56.61 -15.43
C SER G 68 -12.85 -56.46 -16.19
N TYR G 69 -11.97 -57.44 -15.97
CA TYR G 69 -10.68 -57.55 -16.65
C TYR G 69 -10.60 -58.81 -17.49
N ASP G 70 -11.65 -59.10 -18.27
CA ASP G 70 -11.70 -60.26 -19.14
C ASP G 70 -12.15 -59.88 -20.55
N HIS G 71 -11.92 -60.80 -21.50
CA HIS G 71 -12.11 -60.46 -22.91
C HIS G 71 -13.59 -60.39 -23.28
N ASP G 72 -14.39 -61.33 -22.78
CA ASP G 72 -15.85 -61.28 -22.98
C ASP G 72 -16.45 -60.28 -21.98
N HIS G 73 -16.32 -59.00 -22.35
CA HIS G 73 -16.54 -57.85 -21.48
C HIS G 73 -17.92 -57.81 -20.82
N ASP G 74 -17.94 -57.87 -19.49
CA ASP G 74 -19.18 -57.91 -18.73
C ASP G 74 -18.96 -57.30 -17.36
N ILE G 75 -20.07 -56.98 -16.69
CA ILE G 75 -20.02 -56.34 -15.38
C ILE G 75 -19.92 -57.42 -14.31
N LYS G 76 -19.10 -57.16 -13.28
CA LYS G 76 -18.94 -58.07 -12.17
C LYS G 76 -19.32 -57.39 -10.87
N GLU G 77 -19.43 -58.19 -9.80
CA GLU G 77 -19.92 -57.72 -8.51
C GLU G 77 -18.94 -58.02 -7.39
N ASP G 78 -18.85 -57.08 -6.45
CA ASP G 78 -18.22 -57.31 -5.14
C ASP G 78 -19.16 -56.82 -4.04
N SER G 79 -18.64 -56.76 -2.81
CA SER G 79 -19.41 -56.40 -1.63
C SER G 79 -18.96 -55.04 -1.09
N MET G 80 -19.87 -54.40 -0.34
CA MET G 80 -19.62 -53.03 0.13
C MET G 80 -18.53 -52.96 1.19
N GLU G 81 -18.44 -53.97 2.06
CA GLU G 81 -17.40 -53.99 3.09
C GLU G 81 -16.00 -54.10 2.52
N LYS G 82 -15.88 -54.52 1.25
CA LYS G 82 -14.59 -54.68 0.60
C LYS G 82 -13.93 -53.35 0.25
N LEU G 83 -14.73 -52.31 0.00
CA LEU G 83 -14.22 -51.01 -0.40
C LEU G 83 -13.49 -50.31 0.74
N ALA G 84 -12.52 -49.47 0.39
CA ALA G 84 -11.81 -48.65 1.38
C ALA G 84 -11.53 -47.28 0.78
N ILE G 85 -11.70 -46.24 1.61
CA ILE G 85 -11.38 -44.86 1.25
C ILE G 85 -10.32 -44.34 2.20
N SER G 86 -9.30 -43.68 1.66
CA SER G 86 -8.23 -43.14 2.49
C SER G 86 -7.72 -41.82 1.92
N THR G 87 -7.50 -40.84 2.78
CA THR G 87 -6.79 -39.62 2.43
C THR G 87 -5.44 -39.54 3.15
N SER G 88 -5.46 -39.65 4.48
CA SER G 88 -4.26 -39.84 5.27
C SER G 88 -4.32 -41.14 6.06
N GLY G 89 -5.40 -41.34 6.80
CA GLY G 89 -5.71 -42.63 7.39
C GLY G 89 -7.00 -43.15 6.79
N PRO G 90 -7.72 -44.00 7.54
CA PRO G 90 -9.01 -44.48 7.07
C PRO G 90 -10.06 -43.38 7.08
N CYS G 91 -11.03 -43.51 6.17
CA CYS G 91 -12.17 -42.61 6.09
C CYS G 91 -13.42 -43.32 6.58
N ARG G 92 -14.23 -42.61 7.36
CA ARG G 92 -15.54 -43.11 7.77
C ARG G 92 -16.51 -42.95 6.60
N ARG G 93 -16.84 -44.06 5.95
CA ARG G 93 -17.80 -44.04 4.86
C ARG G 93 -19.20 -43.79 5.40
N LEU G 94 -19.83 -42.70 4.94
CA LEU G 94 -21.14 -42.30 5.42
C LEU G 94 -22.28 -42.82 4.56
N GLY G 95 -22.13 -42.81 3.24
CA GLY G 95 -23.19 -43.29 2.38
C GLY G 95 -22.70 -43.50 0.96
N HIS G 96 -23.53 -44.20 0.18
CA HIS G 96 -23.14 -44.54 -1.17
C HIS G 96 -24.37 -44.61 -2.08
N LYS G 97 -24.11 -44.48 -3.37
CA LYS G 97 -25.08 -44.49 -4.45
C LYS G 97 -24.30 -44.81 -5.72
N GLY G 98 -25.01 -45.24 -6.76
CA GLY G 98 -24.41 -45.44 -8.06
C GLY G 98 -23.66 -44.21 -8.54
N TYR G 99 -22.34 -44.36 -8.70
CA TYR G 99 -21.35 -43.39 -9.13
C TYR G 99 -20.98 -42.36 -8.07
N PHE G 100 -21.47 -42.47 -6.83
CA PHE G 100 -21.22 -41.42 -5.85
C PHE G 100 -21.08 -41.99 -4.45
N LEU G 101 -20.17 -41.41 -3.66
CA LEU G 101 -20.05 -41.74 -2.25
C LEU G 101 -19.93 -40.45 -1.44
N LEU G 102 -20.37 -40.54 -0.18
CA LEU G 102 -20.13 -39.49 0.81
C LEU G 102 -19.37 -40.12 1.97
N ALA G 103 -18.23 -39.53 2.32
CA ALA G 103 -17.38 -40.10 3.36
C ALA G 103 -16.67 -39.01 4.13
N GLN G 104 -16.48 -39.23 5.43
CA GLN G 104 -15.73 -38.31 6.27
C GLN G 104 -14.27 -38.73 6.33
N CYS G 105 -13.37 -37.78 6.07
CA CYS G 105 -11.95 -38.08 6.00
C CYS G 105 -11.09 -37.13 6.82
N PRO G 106 -9.94 -37.59 7.31
CA PRO G 106 -8.96 -36.67 7.91
C PRO G 106 -8.34 -35.79 6.85
N PRO G 107 -7.72 -34.68 7.24
CA PRO G 107 -7.07 -33.82 6.24
C PRO G 107 -5.91 -34.52 5.53
N GLY G 108 -5.71 -34.16 4.27
CA GLY G 108 -4.67 -34.78 3.48
C GLY G 108 -4.51 -34.06 2.16
N ASP G 109 -3.69 -34.65 1.30
CA ASP G 109 -3.40 -34.07 -0.01
C ASP G 109 -3.91 -34.91 -1.16
N SER G 110 -4.61 -36.02 -0.88
CA SER G 110 -5.08 -36.90 -1.95
C SER G 110 -6.30 -37.65 -1.47
N VAL G 111 -7.04 -38.19 -2.42
CA VAL G 111 -8.19 -39.06 -2.15
C VAL G 111 -7.92 -40.40 -2.84
N THR G 112 -8.10 -41.49 -2.11
CA THR G 112 -7.71 -42.81 -2.57
C THR G 112 -8.84 -43.79 -2.33
N VAL G 113 -9.18 -44.57 -3.35
CA VAL G 113 -10.21 -45.61 -3.25
C VAL G 113 -9.58 -46.94 -3.64
N SER G 114 -9.93 -48.00 -2.91
CA SER G 114 -9.30 -49.29 -3.11
C SER G 114 -10.28 -50.42 -2.83
N ILE G 115 -10.00 -51.58 -3.44
CA ILE G 115 -10.82 -52.79 -3.34
C ILE G 115 -9.87 -53.94 -3.06
N THR G 116 -9.88 -54.45 -1.81
CA THR G 116 -8.87 -55.42 -1.37
C THR G 116 -9.36 -56.82 -1.78
N SER G 117 -9.37 -57.06 -3.09
CA SER G 117 -9.92 -58.28 -3.66
C SER G 117 -8.87 -59.01 -4.47
N GLY G 118 -8.67 -60.29 -4.16
CA GLY G 118 -7.75 -61.12 -4.91
C GLY G 118 -6.30 -60.70 -4.82
N ALA G 119 -5.87 -60.21 -3.65
CA ALA G 119 -4.52 -59.71 -3.39
C ALA G 119 -4.12 -58.61 -4.38
N SER G 120 -5.08 -57.78 -4.77
CA SER G 120 -4.85 -56.67 -5.70
C SER G 120 -5.81 -55.56 -5.32
N GLU G 121 -5.26 -54.41 -4.91
CA GLU G 121 -6.11 -53.34 -4.40
C GLU G 121 -6.91 -52.67 -5.52
N ASN G 122 -6.37 -52.62 -6.74
CA ASN G 122 -6.95 -51.90 -7.86
C ASN G 122 -7.25 -50.45 -7.49
N SER G 123 -6.31 -49.85 -6.75
CA SER G 123 -6.54 -48.57 -6.11
C SER G 123 -6.41 -47.42 -7.10
N CYS G 124 -6.98 -46.28 -6.73
CA CYS G 124 -6.89 -45.07 -7.52
C CYS G 124 -6.74 -43.87 -6.58
N THR G 125 -5.88 -42.94 -6.98
CA THR G 125 -5.54 -41.78 -6.17
C THR G 125 -5.68 -40.52 -7.01
N VAL G 126 -6.25 -39.48 -6.42
CA VAL G 126 -6.49 -38.22 -7.11
C VAL G 126 -6.04 -37.07 -6.21
N GLU G 127 -5.57 -36.00 -6.85
CA GLU G 127 -5.17 -34.79 -6.15
C GLU G 127 -6.39 -34.06 -5.59
N LYS G 128 -6.33 -33.69 -4.33
CA LYS G 128 -7.39 -32.90 -3.69
C LYS G 128 -6.83 -32.24 -2.45
N LYS G 129 -7.09 -30.95 -2.30
CA LYS G 129 -6.63 -30.19 -1.13
C LYS G 129 -7.72 -30.26 -0.06
N ILE G 130 -7.57 -31.23 0.84
CA ILE G 130 -8.54 -31.44 1.91
C ILE G 130 -7.93 -30.94 3.21
N ARG G 131 -8.54 -29.92 3.79
CA ARG G 131 -8.12 -29.36 5.06
C ARG G 131 -9.32 -29.27 6.00
N ARG G 132 -9.02 -29.26 7.30
CA ARG G 132 -10.06 -29.21 8.32
C ARG G 132 -10.73 -27.84 8.30
N LYS G 133 -11.95 -27.79 7.79
CA LYS G 133 -12.72 -26.56 7.76
C LYS G 133 -13.64 -26.48 8.97
N PHE G 134 -13.87 -25.25 9.44
CA PHE G 134 -14.60 -25.00 10.66
C PHE G 134 -15.65 -23.93 10.41
N VAL G 135 -16.73 -24.00 11.17
CA VAL G 135 -17.81 -23.02 11.06
C VAL G 135 -17.57 -21.91 12.08
N GLY G 136 -18.22 -20.78 11.88
CA GLY G 136 -18.14 -19.70 12.83
C GLY G 136 -16.81 -18.98 12.82
N ARG G 137 -16.43 -18.50 14.01
CA ARG G 137 -15.25 -17.66 14.18
C ARG G 137 -14.30 -18.20 15.25
N GLU G 138 -14.47 -19.45 15.67
CA GLU G 138 -13.55 -20.09 16.59
C GLU G 138 -13.18 -21.45 16.04
N GLU G 139 -11.88 -21.70 15.85
CA GLU G 139 -11.45 -22.96 15.30
C GLU G 139 -11.63 -24.08 16.31
N TYR G 140 -11.97 -25.27 15.79
CA TYR G 140 -12.26 -26.42 16.62
C TYR G 140 -11.90 -27.68 15.87
N LEU G 141 -11.26 -28.61 16.58
CA LEU G 141 -10.95 -29.92 15.99
C LEU G 141 -12.22 -30.72 15.77
N PHE G 142 -13.10 -30.73 16.76
CA PHE G 142 -14.39 -31.39 16.74
C PHE G 142 -15.40 -30.50 17.46
N PRO G 143 -16.67 -30.55 17.07
CA PRO G 143 -17.68 -29.65 17.67
C PRO G 143 -17.85 -29.91 19.15
N PRO G 144 -18.03 -28.84 19.95
CA PRO G 144 -18.13 -29.02 21.40
C PRO G 144 -19.55 -29.25 21.88
N VAL G 145 -19.72 -29.35 23.20
CA VAL G 145 -21.06 -29.49 23.76
C VAL G 145 -21.76 -28.14 23.82
N HIS G 146 -21.19 -27.21 24.59
CA HIS G 146 -21.77 -25.88 24.69
C HIS G 146 -21.51 -25.08 23.43
N GLY G 147 -22.49 -24.31 23.00
CA GLY G 147 -22.34 -23.55 21.77
C GLY G 147 -23.49 -22.59 21.55
N LYS G 148 -23.49 -21.99 20.35
CA LYS G 148 -24.50 -21.03 19.98
C LYS G 148 -25.46 -21.53 18.90
N LEU G 149 -25.20 -22.70 18.30
CA LEU G 149 -26.06 -23.32 17.29
C LEU G 149 -26.22 -22.40 16.07
N VAL G 150 -25.10 -22.19 15.39
CA VAL G 150 -25.02 -21.33 14.21
C VAL G 150 -25.44 -22.14 12.99
N LYS G 151 -26.13 -21.47 12.06
CA LYS G 151 -26.52 -22.10 10.80
C LYS G 151 -25.28 -22.43 9.97
N CYS G 152 -25.23 -23.65 9.45
CA CYS G 152 -24.17 -24.09 8.55
C CYS G 152 -24.76 -25.00 7.48
N HIS G 153 -23.92 -25.60 6.64
CA HIS G 153 -24.42 -26.34 5.49
C HIS G 153 -23.69 -27.67 5.39
N VAL G 154 -24.46 -28.76 5.31
CA VAL G 154 -23.95 -30.11 5.53
C VAL G 154 -24.46 -31.01 4.41
N TYR G 155 -23.57 -31.86 3.88
CA TYR G 155 -24.00 -32.92 2.97
C TYR G 155 -24.99 -33.84 3.70
N ASP G 156 -26.20 -33.94 3.15
CA ASP G 156 -27.22 -34.79 3.75
C ASP G 156 -26.82 -36.26 3.63
N HIS G 157 -27.02 -37.00 4.72
CA HIS G 157 -26.63 -38.41 4.72
C HIS G 157 -27.60 -39.27 3.92
N LEU G 158 -28.82 -38.79 3.71
CA LEU G 158 -29.82 -39.58 3.00
C LEU G 158 -29.50 -39.63 1.51
N LYS G 159 -29.53 -40.83 0.95
CA LYS G 159 -29.23 -41.03 -0.47
C LYS G 159 -30.40 -40.67 -1.37
N GLU G 160 -31.58 -40.39 -0.81
CA GLU G 160 -32.74 -40.06 -1.63
C GLU G 160 -32.65 -38.65 -2.20
N THR G 161 -31.97 -37.74 -1.50
CA THR G 161 -31.89 -36.36 -1.93
C THR G 161 -30.96 -36.24 -3.14
N SER G 162 -31.06 -35.10 -3.83
CA SER G 162 -30.32 -34.88 -5.06
C SER G 162 -29.92 -33.42 -5.19
N ALA G 163 -28.64 -33.19 -5.47
CA ALA G 163 -28.11 -31.84 -5.62
C ALA G 163 -28.06 -31.35 -7.05
N GLY G 164 -28.14 -32.25 -8.03
CA GLY G 164 -28.03 -31.86 -9.42
C GLY G 164 -28.12 -33.08 -10.31
N TYR G 165 -27.77 -32.89 -11.57
CA TYR G 165 -27.80 -33.98 -12.53
C TYR G 165 -26.50 -34.03 -13.33
N ILE G 166 -26.13 -35.25 -13.70
CA ILE G 166 -25.07 -35.51 -14.66
C ILE G 166 -25.71 -36.04 -15.94
N THR G 167 -25.28 -35.50 -17.07
CA THR G 167 -25.65 -36.07 -18.36
C THR G 167 -25.03 -37.45 -18.49
N MET G 168 -25.79 -38.39 -19.05
CA MET G 168 -25.44 -39.80 -18.99
C MET G 168 -25.85 -40.42 -20.32
N HIS G 169 -24.85 -40.67 -21.16
CA HIS G 169 -24.99 -40.87 -22.59
C HIS G 169 -24.90 -42.35 -22.97
N ARG G 170 -24.82 -42.62 -24.29
CA ARG G 170 -24.69 -43.96 -24.86
C ARG G 170 -23.22 -44.28 -25.15
N PRO G 171 -22.81 -45.54 -25.02
CA PRO G 171 -21.40 -45.88 -25.21
C PRO G 171 -20.98 -45.85 -26.67
N GLY G 172 -19.70 -45.58 -26.88
CA GLY G 172 -19.11 -45.62 -28.19
C GLY G 172 -18.43 -46.94 -28.48
N PRO G 173 -17.66 -47.01 -29.57
CA PRO G 173 -16.96 -48.25 -29.90
C PRO G 173 -15.87 -48.57 -28.89
N HIS G 174 -15.63 -49.87 -28.72
CA HIS G 174 -14.58 -50.37 -27.82
C HIS G 174 -13.96 -51.59 -28.49
N ALA G 175 -12.88 -51.37 -29.24
CA ALA G 175 -12.23 -52.43 -29.98
C ALA G 175 -11.20 -53.13 -29.11
N TYR G 176 -11.10 -54.46 -29.25
CA TYR G 176 -10.20 -55.27 -28.45
C TYR G 176 -9.33 -56.12 -29.37
N LYS G 177 -8.05 -56.24 -29.03
CA LYS G 177 -7.15 -57.09 -29.80
C LYS G 177 -7.34 -58.58 -29.53
N SER G 178 -8.03 -58.94 -28.44
CA SER G 178 -8.30 -60.34 -28.18
C SER G 178 -9.29 -60.93 -29.19
N TYR G 179 -10.05 -60.09 -29.89
CA TYR G 179 -11.01 -60.61 -30.86
C TYR G 179 -10.31 -61.05 -32.14
N LEU G 180 -9.25 -60.36 -32.54
CA LEU G 180 -8.56 -60.63 -33.79
C LEU G 180 -7.29 -61.44 -33.54
N GLU G 181 -6.86 -62.15 -34.58
CA GLU G 181 -5.69 -63.02 -34.50
C GLU G 181 -5.09 -63.15 -35.88
N GLU G 182 -3.76 -63.23 -35.95
CA GLU G 182 -3.03 -63.33 -37.21
C GLU G 182 -2.27 -64.65 -37.24
N ALA G 183 -2.41 -65.39 -38.35
CA ALA G 183 -1.71 -66.65 -38.55
C ALA G 183 -1.32 -66.75 -40.02
N SER G 184 -0.01 -66.74 -40.29
CA SER G 184 0.55 -66.90 -41.64
C SER G 184 0.01 -65.84 -42.60
N GLY G 185 -0.10 -64.61 -42.12
CA GLY G 185 -0.65 -63.54 -42.93
C GLY G 185 -2.15 -63.58 -43.12
N GLU G 186 -2.86 -64.42 -42.38
CA GLU G 186 -4.30 -64.54 -42.46
C GLU G 186 -4.92 -64.04 -41.17
N VAL G 187 -5.86 -63.11 -41.29
CA VAL G 187 -6.49 -62.47 -40.14
C VAL G 187 -7.83 -63.15 -39.85
N TYR G 188 -8.13 -63.32 -38.56
CA TYR G 188 -9.31 -64.02 -38.11
C TYR G 188 -9.95 -63.27 -36.96
N ILE G 189 -11.25 -63.45 -36.79
CA ILE G 189 -12.03 -62.79 -35.76
C ILE G 189 -12.60 -63.85 -34.83
N LYS G 190 -12.39 -63.68 -33.52
CA LYS G 190 -12.97 -64.57 -32.52
C LYS G 190 -14.05 -63.83 -31.73
N PRO G 191 -15.32 -64.01 -32.05
CA PRO G 191 -16.38 -63.44 -31.20
C PRO G 191 -16.69 -64.39 -30.04
N PRO G 192 -16.56 -63.92 -28.80
CA PRO G 192 -16.77 -64.82 -27.66
C PRO G 192 -18.24 -65.10 -27.42
N SER G 193 -18.56 -66.38 -27.17
CA SER G 193 -19.90 -66.85 -26.80
C SER G 193 -20.94 -66.52 -27.87
N GLY G 194 -20.52 -66.44 -29.13
CA GLY G 194 -21.44 -66.19 -30.22
C GLY G 194 -22.11 -64.83 -30.20
N LYS G 195 -21.41 -63.79 -29.76
CA LYS G 195 -21.97 -62.45 -29.72
C LYS G 195 -21.64 -61.70 -30.99
N ASN G 196 -22.41 -60.64 -31.25
CA ASN G 196 -22.20 -59.82 -32.43
C ASN G 196 -20.92 -59.02 -32.30
N VAL G 197 -20.11 -59.01 -33.37
CA VAL G 197 -18.98 -58.11 -33.46
C VAL G 197 -19.08 -57.35 -34.79
N THR G 198 -18.99 -56.02 -34.71
CA THR G 198 -18.94 -55.18 -35.90
C THR G 198 -17.49 -54.97 -36.28
N TYR G 199 -17.11 -55.48 -37.45
CA TYR G 199 -15.75 -55.29 -37.95
C TYR G 199 -15.73 -54.07 -38.85
N GLU G 200 -14.67 -53.28 -38.72
CA GLU G 200 -14.48 -52.07 -39.51
C GLU G 200 -13.02 -52.07 -39.94
N CYS G 201 -12.80 -51.99 -41.25
CA CYS G 201 -11.49 -52.35 -41.76
C CYS G 201 -11.20 -51.66 -43.10
N LYS G 202 -9.93 -51.37 -43.34
CA LYS G 202 -9.48 -50.44 -44.37
C LYS G 202 -8.28 -51.00 -45.14
N CYS G 203 -8.39 -52.24 -45.64
CA CYS G 203 -7.34 -52.78 -46.50
C CYS G 203 -7.22 -51.98 -47.80
N GLY G 204 -8.32 -51.84 -48.52
CA GLY G 204 -8.34 -51.01 -49.71
C GLY G 204 -9.64 -50.26 -49.87
N ASP G 205 -10.56 -50.46 -48.93
CA ASP G 205 -11.88 -49.84 -49.00
C ASP G 205 -12.47 -49.82 -47.61
N TYR G 206 -13.47 -48.95 -47.43
CA TYR G 206 -14.13 -48.79 -46.13
C TYR G 206 -15.06 -49.97 -45.87
N SER G 207 -14.49 -51.10 -45.50
CA SER G 207 -15.24 -52.35 -45.32
C SER G 207 -15.79 -52.41 -43.90
N THR G 208 -17.10 -52.23 -43.76
CA THR G 208 -17.78 -52.34 -42.48
C THR G 208 -18.82 -53.44 -42.54
N GLY G 209 -18.99 -54.16 -41.44
CA GLY G 209 -19.99 -55.21 -41.42
C GLY G 209 -20.15 -55.78 -40.04
N ILE G 210 -21.11 -56.70 -39.94
CA ILE G 210 -21.45 -57.38 -38.68
C ILE G 210 -21.23 -58.87 -38.87
N VAL G 211 -20.46 -59.47 -37.97
CA VAL G 211 -20.12 -60.88 -38.02
C VAL G 211 -20.46 -61.50 -36.66
N SER G 212 -20.97 -62.73 -36.69
CA SER G 212 -21.28 -63.47 -35.49
C SER G 212 -20.40 -64.69 -35.27
N THR G 213 -19.66 -65.15 -36.29
CA THR G 213 -18.85 -66.36 -36.18
C THR G 213 -17.41 -66.13 -36.60
N ARG G 214 -16.64 -67.21 -36.71
CA ARG G 214 -15.31 -67.16 -37.30
C ARG G 214 -15.41 -66.75 -38.76
N THR G 215 -14.54 -65.82 -39.17
CA THR G 215 -14.69 -65.24 -40.50
C THR G 215 -13.33 -64.95 -41.12
N LYS G 216 -13.34 -64.69 -42.42
CA LYS G 216 -12.19 -64.25 -43.17
C LYS G 216 -12.34 -62.76 -43.50
N MET G 217 -11.20 -62.07 -43.60
CA MET G 217 -11.17 -60.65 -43.90
C MET G 217 -10.19 -60.46 -45.05
N ASN G 218 -10.72 -60.13 -46.24
CA ASN G 218 -9.92 -60.07 -47.45
C ASN G 218 -8.93 -58.91 -47.39
N GLY G 219 -7.70 -59.15 -47.83
CA GLY G 219 -6.67 -58.13 -47.88
C GLY G 219 -5.93 -57.94 -46.57
N CYS G 220 -5.32 -56.77 -46.41
CA CYS G 220 -4.64 -56.32 -45.20
C CYS G 220 -3.42 -57.17 -44.85
N THR G 221 -3.66 -58.39 -44.36
CA THR G 221 -2.62 -59.31 -43.90
C THR G 221 -1.73 -58.69 -42.83
N LYS G 222 -2.31 -57.90 -41.91
CA LYS G 222 -1.58 -57.32 -40.79
C LYS G 222 -2.55 -57.08 -39.64
N ALA G 223 -2.14 -57.46 -38.43
CA ALA G 223 -3.04 -57.42 -37.29
C ALA G 223 -3.27 -55.99 -36.81
N LYS G 224 -2.25 -55.15 -36.89
CA LYS G 224 -2.32 -53.76 -36.42
C LYS G 224 -3.06 -52.84 -37.38
N GLN G 225 -3.80 -53.38 -38.36
CA GLN G 225 -4.26 -52.55 -39.46
C GLN G 225 -5.75 -52.27 -39.42
N CYS G 226 -6.56 -53.11 -38.78
CA CYS G 226 -7.99 -52.83 -38.73
C CYS G 226 -8.66 -53.59 -37.60
N ILE G 227 -9.90 -53.17 -37.25
CA ILE G 227 -10.43 -53.44 -35.93
C ILE G 227 -11.82 -54.06 -36.01
N ALA G 228 -12.33 -54.47 -34.84
CA ALA G 228 -13.69 -54.94 -34.63
C ALA G 228 -14.07 -54.66 -33.19
N TYR G 229 -15.37 -54.42 -32.95
CA TYR G 229 -15.84 -54.01 -31.63
C TYR G 229 -17.23 -54.56 -31.38
N LYS G 230 -17.62 -54.58 -30.11
CA LYS G 230 -18.95 -55.09 -29.75
C LYS G 230 -20.05 -54.13 -30.20
N ARG G 231 -21.10 -54.70 -30.80
CA ARG G 231 -22.21 -53.92 -31.35
C ARG G 231 -23.39 -53.84 -30.39
N ASP G 232 -23.89 -54.98 -29.91
CA ASP G 232 -25.05 -55.01 -29.02
C ASP G 232 -24.59 -54.64 -27.61
N GLN G 233 -24.42 -53.33 -27.41
CA GLN G 233 -23.97 -52.78 -26.14
C GLN G 233 -24.86 -51.58 -25.81
N THR G 234 -26.18 -51.79 -25.83
CA THR G 234 -27.15 -50.73 -25.55
C THR G 234 -27.34 -50.60 -24.04
N LYS G 235 -26.26 -50.23 -23.37
CA LYS G 235 -26.30 -49.96 -21.93
C LYS G 235 -25.59 -48.64 -21.70
N TRP G 236 -26.33 -47.65 -21.20
CA TRP G 236 -25.88 -46.27 -21.20
C TRP G 236 -24.73 -46.05 -20.21
N VAL G 237 -24.09 -44.89 -20.31
CA VAL G 237 -22.79 -44.65 -19.68
C VAL G 237 -22.62 -43.15 -19.43
N PHE G 238 -21.73 -42.80 -18.50
CA PHE G 238 -21.43 -41.41 -18.20
C PHE G 238 -20.35 -40.88 -19.14
N ASN G 239 -20.42 -39.58 -19.43
CA ASN G 239 -19.51 -38.93 -20.38
C ASN G 239 -18.18 -38.54 -19.73
N SER G 240 -17.39 -39.57 -19.44
CA SER G 240 -16.07 -39.41 -18.85
C SER G 240 -15.09 -38.82 -19.87
N PRO G 241 -13.94 -38.32 -19.43
CA PRO G 241 -12.88 -37.94 -20.39
C PRO G 241 -12.40 -39.10 -21.25
N ASP G 242 -12.50 -40.33 -20.77
CA ASP G 242 -12.26 -41.51 -21.59
C ASP G 242 -13.55 -41.86 -22.33
N LEU G 243 -13.65 -43.08 -22.88
CA LEU G 243 -14.86 -43.62 -23.49
C LEU G 243 -15.34 -42.74 -24.65
N ILE G 244 -14.55 -42.78 -25.73
CA ILE G 244 -14.81 -42.00 -26.93
C ILE G 244 -16.26 -42.12 -27.38
N ARG G 245 -16.81 -40.99 -27.82
CA ARG G 245 -18.25 -40.87 -28.01
C ARG G 245 -18.72 -41.65 -29.23
N HIS G 246 -19.97 -42.12 -29.18
CA HIS G 246 -20.59 -42.71 -30.34
C HIS G 246 -21.04 -41.58 -31.27
N THR G 247 -21.39 -41.95 -32.51
CA THR G 247 -21.66 -40.95 -33.55
C THR G 247 -22.83 -40.05 -33.19
N ASP G 248 -23.90 -40.63 -32.64
CA ASP G 248 -25.06 -39.82 -32.23
C ASP G 248 -24.97 -39.49 -30.74
N HIS G 249 -23.96 -38.68 -30.40
CA HIS G 249 -23.71 -38.32 -29.01
C HIS G 249 -24.71 -37.27 -28.58
N SER G 250 -25.89 -37.73 -28.18
CA SER G 250 -26.92 -36.89 -27.59
C SER G 250 -27.19 -37.37 -26.17
N VAL G 251 -27.80 -36.50 -25.37
CA VAL G 251 -28.09 -36.85 -23.98
C VAL G 251 -29.18 -37.92 -23.92
N GLN G 252 -28.78 -39.13 -23.53
CA GLN G 252 -29.73 -40.22 -23.42
C GLN G 252 -30.51 -40.13 -22.12
N GLY G 253 -29.83 -39.80 -21.02
CA GLY G 253 -30.47 -39.70 -19.73
C GLY G 253 -29.78 -38.70 -18.83
N LYS G 254 -30.45 -38.42 -17.72
CA LYS G 254 -29.90 -37.60 -16.65
C LYS G 254 -29.92 -38.41 -15.36
N LEU G 255 -28.86 -38.30 -14.57
CA LEU G 255 -28.77 -39.01 -13.30
C LEU G 255 -28.60 -38.02 -12.16
N HIS G 256 -29.27 -38.28 -11.04
CA HIS G 256 -29.15 -37.40 -9.90
C HIS G 256 -27.73 -37.43 -9.32
N ILE G 257 -27.35 -36.31 -8.73
CA ILE G 257 -26.13 -36.22 -7.94
C ILE G 257 -26.58 -36.23 -6.47
N PRO G 258 -26.45 -37.35 -5.77
CA PRO G 258 -27.01 -37.44 -4.42
C PRO G 258 -26.22 -36.66 -3.38
N PHE G 259 -26.67 -36.76 -2.13
CA PHE G 259 -25.98 -36.24 -0.95
C PHE G 259 -25.83 -34.72 -1.03
N ARG G 260 -26.99 -34.07 -1.14
CA ARG G 260 -27.11 -32.65 -1.38
C ARG G 260 -26.70 -31.84 -0.15
N LEU G 261 -26.06 -30.70 -0.40
CA LEU G 261 -25.81 -29.70 0.63
C LEU G 261 -27.16 -29.16 1.13
N THR G 262 -27.48 -29.46 2.37
CA THR G 262 -28.67 -28.93 3.02
C THR G 262 -28.26 -27.96 4.11
N PRO G 263 -28.95 -26.82 4.21
CA PRO G 263 -28.78 -25.95 5.37
C PRO G 263 -29.26 -26.66 6.63
N THR G 264 -28.56 -26.42 7.73
CA THR G 264 -28.88 -27.02 9.01
C THR G 264 -28.32 -26.13 10.11
N VAL G 265 -28.53 -26.55 11.35
CA VAL G 265 -28.04 -25.84 12.52
C VAL G 265 -26.99 -26.72 13.19
N CYS G 266 -25.86 -26.12 13.59
CA CYS G 266 -24.76 -26.89 14.14
C CYS G 266 -24.02 -26.07 15.16
N PRO G 267 -23.49 -26.69 16.22
CA PRO G 267 -22.86 -25.91 17.30
C PRO G 267 -21.48 -25.40 16.90
N VAL G 268 -21.00 -24.44 17.68
CA VAL G 268 -19.72 -23.79 17.42
C VAL G 268 -19.18 -23.37 18.79
N PRO G 269 -17.86 -23.38 19.02
CA PRO G 269 -17.34 -23.02 20.33
C PRO G 269 -17.66 -21.58 20.72
N LEU G 270 -17.77 -21.36 22.03
CA LEU G 270 -17.97 -20.03 22.61
C LEU G 270 -16.70 -19.63 23.35
N ALA G 271 -16.16 -18.46 23.00
CA ALA G 271 -14.88 -18.03 23.54
C ALA G 271 -15.03 -17.52 24.97
N HIS G 272 -13.90 -17.44 25.66
CA HIS G 272 -13.86 -16.90 27.01
C HIS G 272 -14.08 -15.39 26.98
N THR G 273 -14.85 -14.89 27.92
CA THR G 273 -15.19 -13.46 27.93
C THR G 273 -13.98 -12.64 28.37
N PRO G 274 -13.54 -11.67 27.58
CA PRO G 274 -12.35 -10.90 27.94
C PRO G 274 -12.60 -9.94 29.08
N THR G 275 -11.52 -9.55 29.75
CA THR G 275 -11.54 -8.58 30.83
C THR G 275 -11.13 -7.21 30.26
N VAL G 276 -11.87 -6.17 30.64
CA VAL G 276 -11.69 -4.84 30.07
C VAL G 276 -11.02 -3.96 31.12
N THR G 277 -9.74 -3.65 30.90
CA THR G 277 -9.04 -2.64 31.67
C THR G 277 -9.38 -1.28 31.08
N LYS G 278 -9.73 -0.33 31.94
CA LYS G 278 -10.43 0.88 31.54
C LYS G 278 -9.45 2.05 31.68
N TRP G 279 -9.00 2.58 30.54
CA TRP G 279 -8.00 3.65 30.54
C TRP G 279 -8.40 4.75 29.56
N PHE G 280 -8.58 5.97 30.11
CA PHE G 280 -8.79 7.26 29.44
C PHE G 280 -9.66 7.12 28.20
N LYS G 281 -9.12 7.36 27.01
CA LYS G 281 -9.83 7.10 25.75
C LYS G 281 -9.32 5.81 25.12
N GLY G 282 -9.67 4.69 25.75
CA GLY G 282 -9.29 3.39 25.22
C GLY G 282 -9.72 2.28 26.14
N ILE G 283 -9.56 1.06 25.65
CA ILE G 283 -9.82 -0.15 26.42
C ILE G 283 -8.69 -1.14 26.17
N THR G 284 -8.25 -1.81 27.23
CA THR G 284 -7.30 -2.90 27.12
C THR G 284 -8.04 -4.21 27.35
N LEU G 285 -8.21 -4.98 26.29
CA LEU G 285 -8.91 -6.25 26.37
C LEU G 285 -7.90 -7.36 26.63
N HIS G 286 -8.15 -8.15 27.68
CA HIS G 286 -7.27 -9.25 28.07
C HIS G 286 -7.89 -10.55 27.54
N LEU G 287 -7.35 -11.03 26.43
CA LEU G 287 -7.91 -12.13 25.68
C LEU G 287 -7.23 -13.44 26.06
N THR G 288 -8.02 -14.51 26.11
CA THR G 288 -7.48 -15.86 26.19
C THR G 288 -8.23 -16.75 25.22
N ALA G 289 -7.49 -17.62 24.54
CA ALA G 289 -8.05 -18.50 23.53
C ALA G 289 -7.08 -19.64 23.28
N THR G 290 -7.51 -20.87 23.59
CA THR G 290 -6.67 -22.03 23.31
C THR G 290 -6.46 -22.22 21.82
N ARG G 291 -7.51 -22.02 21.03
CA ARG G 291 -7.48 -22.12 19.58
C ARG G 291 -7.58 -20.73 18.97
N PRO G 292 -7.13 -20.55 17.72
CA PRO G 292 -7.22 -19.23 17.08
C PRO G 292 -8.66 -18.72 17.00
N THR G 293 -8.84 -17.44 17.29
CA THR G 293 -10.16 -16.84 17.37
C THR G 293 -10.08 -15.41 16.83
N LEU G 294 -11.10 -15.00 16.09
CA LEU G 294 -11.09 -13.72 15.40
C LEU G 294 -11.69 -12.63 16.29
N LEU G 295 -10.95 -11.54 16.46
CA LEU G 295 -11.42 -10.34 17.13
C LEU G 295 -11.56 -9.23 16.10
N THR G 296 -12.76 -8.63 16.02
CA THR G 296 -13.00 -7.52 15.10
C THR G 296 -13.63 -6.36 15.85
N THR G 297 -12.98 -5.20 15.79
CA THR G 297 -13.48 -3.99 16.43
C THR G 297 -13.71 -2.91 15.38
N ARG G 298 -14.69 -2.05 15.65
CA ARG G 298 -14.98 -0.94 14.74
C ARG G 298 -15.54 0.23 15.53
N LYS G 299 -15.23 1.43 15.07
CA LYS G 299 -15.77 2.64 15.68
C LYS G 299 -17.15 2.96 15.14
N LEU G 300 -17.99 3.52 16.00
CA LEU G 300 -19.37 3.85 15.64
C LEU G 300 -19.47 5.31 15.23
N GLY G 301 -18.85 5.63 14.09
CA GLY G 301 -18.90 6.98 13.58
C GLY G 301 -18.60 7.08 12.09
N LEU G 302 -18.05 8.22 11.67
CA LEU G 302 -17.75 8.42 10.26
C LEU G 302 -16.60 7.54 9.81
N ARG G 303 -15.53 7.50 10.59
CA ARG G 303 -14.35 6.69 10.26
C ARG G 303 -14.37 5.45 11.14
N ALA G 304 -14.86 4.35 10.58
CA ALA G 304 -14.90 3.06 11.28
C ALA G 304 -13.60 2.33 10.94
N ASP G 305 -12.56 2.58 11.75
CA ASP G 305 -11.28 1.93 11.55
C ASP G 305 -11.36 0.48 11.99
N ALA G 306 -11.84 -0.39 11.10
CA ALA G 306 -12.07 -1.78 11.45
C ALA G 306 -10.75 -2.52 11.64
N THR G 307 -10.58 -3.13 12.80
CA THR G 307 -9.40 -3.92 13.12
C THR G 307 -9.82 -5.38 13.27
N ALA G 308 -9.21 -6.25 12.48
CA ALA G 308 -9.51 -7.68 12.50
C ALA G 308 -8.22 -8.45 12.74
N GLU G 309 -8.25 -9.37 13.70
CA GLU G 309 -7.04 -10.10 14.03
C GLU G 309 -7.40 -11.48 14.56
N TRP G 310 -6.73 -12.51 14.01
CA TRP G 310 -6.80 -13.85 14.58
C TRP G 310 -5.78 -13.96 15.71
N ILE G 311 -6.24 -14.38 16.88
CA ILE G 311 -5.44 -14.37 18.10
C ILE G 311 -5.49 -15.75 18.73
N THR G 312 -4.31 -16.25 19.11
CA THR G 312 -4.16 -17.52 19.81
C THR G 312 -3.39 -17.27 21.10
N GLY G 313 -3.87 -17.83 22.20
CA GLY G 313 -3.21 -17.69 23.48
C GLY G 313 -3.62 -16.42 24.21
N THR G 314 -3.11 -16.30 25.43
CA THR G 314 -3.44 -15.17 26.29
C THR G 314 -2.59 -13.96 25.91
N THR G 315 -3.24 -12.85 25.59
CA THR G 315 -2.54 -11.63 25.23
C THR G 315 -3.45 -10.44 25.48
N SER G 316 -2.84 -9.25 25.55
CA SER G 316 -3.58 -8.02 25.80
C SER G 316 -3.53 -7.13 24.56
N ARG G 317 -4.68 -6.58 24.19
CA ARG G 317 -4.78 -5.71 23.03
C ARG G 317 -5.42 -4.38 23.42
N ASN G 318 -4.78 -3.30 22.99
CA ASN G 318 -5.25 -1.95 23.28
C ASN G 318 -6.08 -1.43 22.10
N PHE G 319 -7.12 -0.65 22.41
CA PHE G 319 -7.98 -0.09 21.37
C PHE G 319 -8.39 1.31 21.76
N SER G 320 -8.37 2.21 20.79
CA SER G 320 -8.69 3.63 21.03
C SER G 320 -10.16 3.87 20.76
N VAL G 321 -10.85 4.45 21.73
CA VAL G 321 -12.27 4.78 21.64
C VAL G 321 -12.45 6.26 21.95
N GLY G 322 -13.31 6.92 21.18
CA GLY G 322 -13.67 8.29 21.42
C GLY G 322 -15.09 8.44 21.95
N ARG G 323 -15.64 9.64 21.79
CA ARG G 323 -17.01 9.89 22.21
C ARG G 323 -17.99 9.11 21.34
N GLU G 324 -17.60 8.77 20.11
CA GLU G 324 -18.47 8.05 19.19
C GLU G 324 -18.77 6.64 19.68
N GLY G 325 -17.75 5.91 20.08
CA GLY G 325 -17.93 4.57 20.63
C GLY G 325 -17.14 3.52 19.85
N LEU G 326 -17.05 2.35 20.46
CA LEU G 326 -16.34 1.21 19.90
C LEU G 326 -17.15 -0.06 20.11
N GLU G 327 -17.38 -0.80 19.04
CA GLU G 327 -18.10 -2.06 19.10
C GLU G 327 -17.14 -3.18 18.73
N TYR G 328 -17.00 -4.17 19.60
CA TYR G 328 -16.08 -5.27 19.35
C TYR G 328 -16.82 -6.59 19.38
N VAL G 329 -16.39 -7.51 18.53
CA VAL G 329 -16.90 -8.88 18.51
C VAL G 329 -15.71 -9.80 18.73
N TRP G 330 -15.81 -10.64 19.75
CA TRP G 330 -14.77 -11.59 20.13
C TRP G 330 -15.30 -12.99 19.91
N GLY G 331 -14.95 -13.56 18.75
CA GLY G 331 -15.38 -14.90 18.39
C GLY G 331 -16.86 -14.99 18.08
N ASN G 332 -17.53 -15.94 18.71
CA ASN G 332 -18.93 -16.23 18.45
C ASN G 332 -19.85 -15.59 19.48
N HIS G 333 -19.44 -14.47 20.07
CA HIS G 333 -20.26 -13.78 21.05
C HIS G 333 -20.97 -12.61 20.38
N GLU G 334 -22.07 -12.18 21.01
CA GLU G 334 -22.77 -11.00 20.53
C GLU G 334 -21.88 -9.77 20.72
N PRO G 335 -21.93 -8.81 19.80
CA PRO G 335 -21.03 -7.65 19.89
C PRO G 335 -21.29 -6.82 21.14
N VAL G 336 -20.21 -6.25 21.68
CA VAL G 336 -20.25 -5.46 22.90
C VAL G 336 -19.83 -4.04 22.56
N ARG G 337 -20.63 -3.07 22.98
CA ARG G 337 -20.42 -1.66 22.70
C ARG G 337 -19.90 -0.95 23.94
N VAL G 338 -18.89 -0.11 23.75
CA VAL G 338 -18.34 0.71 24.83
C VAL G 338 -18.29 2.16 24.35
N TRP G 339 -18.40 3.08 25.31
CA TRP G 339 -18.39 4.51 25.03
C TRP G 339 -17.46 5.21 26.01
N ALA G 340 -16.67 6.14 25.48
CA ALA G 340 -15.68 6.88 26.26
C ALA G 340 -16.26 8.22 26.69
N GLN G 341 -15.88 8.66 27.88
CA GLN G 341 -16.32 9.93 28.43
C GLN G 341 -15.11 10.78 28.79
N GLU G 342 -15.34 12.09 28.88
CA GLU G 342 -14.27 13.09 28.95
C GLU G 342 -13.69 13.23 30.37
N SER G 343 -13.29 12.09 30.93
CA SER G 343 -12.64 12.04 32.24
C SER G 343 -11.13 12.10 32.02
N ALA G 344 -10.60 13.31 32.06
CA ALA G 344 -9.17 13.55 31.95
C ALA G 344 -8.61 14.10 33.26
N PRO G 345 -7.34 13.83 33.58
CA PRO G 345 -6.78 14.39 34.82
C PRO G 345 -6.70 15.91 34.77
N GLY G 346 -6.93 16.52 35.93
CA GLY G 346 -6.99 17.96 36.07
C GLY G 346 -8.30 18.37 36.71
N ASP G 347 -8.62 19.65 36.58
CA ASP G 347 -9.86 20.17 37.15
C ASP G 347 -10.33 21.39 36.36
N PRO G 348 -11.52 21.34 35.74
CA PRO G 348 -12.05 22.54 35.08
C PRO G 348 -12.49 23.62 36.05
N HIS G 349 -12.57 23.34 37.34
CA HIS G 349 -12.95 24.32 38.36
C HIS G 349 -11.89 24.28 39.45
N GLY G 350 -10.82 25.06 39.26
CA GLY G 350 -9.73 25.09 40.21
C GLY G 350 -8.61 26.03 39.81
N TRP G 351 -7.37 25.66 40.11
CA TRP G 351 -6.23 26.49 39.78
C TRP G 351 -6.00 26.49 38.27
N PRO G 352 -5.40 27.57 37.74
CA PRO G 352 -5.23 27.67 36.28
C PRO G 352 -4.38 26.57 35.65
N HIS G 353 -3.33 26.09 36.32
CA HIS G 353 -2.52 25.05 35.68
C HIS G 353 -3.27 23.74 35.56
N GLU G 354 -4.16 23.44 36.51
CA GLU G 354 -4.99 22.25 36.42
C GLU G 354 -5.94 22.33 35.23
N ILE G 355 -6.56 23.49 35.00
CA ILE G 355 -7.50 23.57 33.88
C ILE G 355 -6.73 23.58 32.56
N ILE G 356 -5.52 24.15 32.52
CA ILE G 356 -4.73 24.09 31.29
C ILE G 356 -4.34 22.66 30.96
N ILE G 357 -3.89 21.88 31.96
CA ILE G 357 -3.50 20.51 31.65
C ILE G 357 -4.72 19.65 31.34
N HIS G 358 -5.86 19.91 31.99
CA HIS G 358 -7.09 19.17 31.70
C HIS G 358 -7.57 19.43 30.28
N TYR G 359 -7.58 20.70 29.86
CA TYR G 359 -8.04 21.02 28.51
C TYR G 359 -7.02 20.62 27.46
N TYR G 360 -5.74 20.56 27.82
CA TYR G 360 -4.74 20.01 26.91
C TYR G 360 -4.93 18.52 26.70
N HIS G 361 -5.26 17.79 27.78
CA HIS G 361 -5.58 16.38 27.65
C HIS G 361 -6.89 16.14 26.94
N ARG G 362 -7.82 17.10 26.98
CA ARG G 362 -9.09 16.95 26.26
C ARG G 362 -8.90 17.20 24.76
N HIS G 363 -8.53 18.42 24.39
CA HIS G 363 -8.26 18.78 23.00
C HIS G 363 -6.88 19.39 22.94
N PRO G 364 -5.86 18.69 22.42
CA PRO G 364 -4.49 19.20 22.46
C PRO G 364 -4.28 20.42 21.56
N VAL G 365 -4.65 20.29 20.29
CA VAL G 365 -4.32 21.33 19.31
C VAL G 365 -5.12 22.60 19.58
N TYR G 366 -6.38 22.48 20.02
CA TYR G 366 -7.19 23.65 20.30
C TYR G 366 -6.66 24.40 21.52
N THR G 367 -6.28 23.65 22.57
CA THR G 367 -5.73 24.28 23.76
C THR G 367 -4.39 24.95 23.49
N VAL G 368 -3.52 24.29 22.73
CA VAL G 368 -2.22 24.92 22.48
C VAL G 368 -2.36 26.13 21.56
N ILE G 369 -3.29 26.09 20.60
CA ILE G 369 -3.44 27.25 19.72
C ILE G 369 -4.11 28.41 20.46
N VAL G 370 -5.05 28.14 21.39
CA VAL G 370 -5.65 29.25 22.12
C VAL G 370 -4.65 29.81 23.14
N LEU G 371 -3.80 28.97 23.73
CA LEU G 371 -2.78 29.48 24.64
C LEU G 371 -1.74 30.30 23.89
N CYS G 372 -1.36 29.86 22.68
CA CYS G 372 -0.45 30.64 21.86
C CYS G 372 -1.09 31.97 21.45
N GLY G 373 -2.39 31.96 21.14
CA GLY G 373 -3.08 33.20 20.83
C GLY G 373 -3.10 34.17 21.99
N VAL G 374 -3.36 33.66 23.20
CA VAL G 374 -3.37 34.52 24.39
C VAL G 374 -1.97 35.08 24.66
N ALA G 375 -0.93 34.24 24.53
CA ALA G 375 0.43 34.70 24.76
C ALA G 375 0.84 35.77 23.74
N LEU G 376 0.50 35.54 22.47
CA LEU G 376 0.80 36.53 21.44
C LEU G 376 0.03 37.82 21.67
N ALA G 377 -1.23 37.72 22.08
CA ALA G 377 -2.05 38.91 22.32
C ALA G 377 -1.50 39.73 23.48
N ILE G 378 -1.10 39.07 24.58
CA ILE G 378 -0.59 39.84 25.71
C ILE G 378 0.79 40.40 25.41
N LEU G 379 1.61 39.70 24.62
CA LEU G 379 2.91 40.24 24.25
C LEU G 379 2.75 41.48 23.35
N VAL G 380 1.86 41.41 22.35
CA VAL G 380 1.61 42.55 21.49
C VAL G 380 1.00 43.70 22.27
N GLY G 381 0.11 43.39 23.24
CA GLY G 381 -0.46 44.44 24.06
C GLY G 381 0.56 45.15 24.93
N THR G 382 1.45 44.39 25.57
CA THR G 382 2.51 44.99 26.38
C THR G 382 3.46 45.81 25.52
N ALA G 383 3.84 45.29 24.35
CA ALA G 383 4.73 46.03 23.46
C ALA G 383 4.09 47.31 22.95
N SER G 384 2.80 47.26 22.61
CA SER G 384 2.10 48.44 22.14
C SER G 384 1.94 49.47 23.26
N SER G 385 1.66 49.02 24.48
CA SER G 385 1.56 49.95 25.61
C SER G 385 2.90 50.62 25.89
N ALA G 386 3.99 49.84 25.84
CA ALA G 386 5.32 50.41 26.03
C ALA G 386 5.66 51.41 24.93
N ALA G 387 5.29 51.10 23.68
CA ALA G 387 5.55 52.01 22.57
C ALA G 387 4.75 53.31 22.72
N CYS G 388 3.48 53.20 23.10
CA CYS G 388 2.66 54.39 23.31
C CYS G 388 3.21 55.25 24.44
N ILE G 389 3.65 54.62 25.53
CA ILE G 389 4.25 55.35 26.64
C ILE G 389 5.55 56.03 26.19
N ALA G 390 6.34 55.36 25.37
CA ALA G 390 7.61 55.93 24.90
C ALA G 390 7.37 57.15 24.01
N LYS G 391 6.45 57.04 23.04
CA LYS G 391 6.14 58.19 22.20
C LYS G 391 5.51 59.33 23.00
N ALA G 392 4.67 59.01 23.99
CA ALA G 392 4.10 60.05 24.84
C ALA G 392 5.19 60.78 25.61
N ARG G 393 6.14 60.02 26.17
CA ARG G 393 7.20 60.64 26.97
C ARG G 393 8.13 61.48 26.09
N ARG G 394 8.47 61.00 24.89
CA ARG G 394 9.36 61.77 24.04
C ARG G 394 8.66 63.03 23.51
N ASP G 395 7.36 62.94 23.21
CA ASP G 395 6.63 64.13 22.82
C ASP G 395 6.45 65.11 23.96
N CYS G 396 6.39 64.61 25.20
CA CYS G 396 6.32 65.51 26.35
C CYS G 396 7.66 66.20 26.58
N LEU G 397 8.77 65.48 26.45
CA LEU G 397 10.07 66.07 26.76
C LEU G 397 10.62 66.91 25.62
N THR G 398 10.16 66.69 24.37
CA THR G 398 10.71 67.39 23.22
C THR G 398 10.66 68.92 23.30
N PRO G 399 9.53 69.57 23.62
CA PRO G 399 9.56 71.04 23.65
C PRO G 399 10.34 71.61 24.83
N TYR G 400 10.62 70.82 25.86
CA TYR G 400 11.44 71.27 26.97
C TYR G 400 12.89 70.84 26.86
N ALA G 401 13.20 69.82 26.05
CA ALA G 401 14.58 69.36 25.93
C ALA G 401 15.43 70.34 25.14
N LEU G 402 14.82 71.08 24.22
CA LEU G 402 15.55 71.98 23.34
C LEU G 402 15.77 73.35 23.96
N ALA G 403 15.33 73.56 25.21
CA ALA G 403 15.49 74.83 25.90
C ALA G 403 16.31 74.58 27.16
N PRO G 404 17.64 74.72 27.07
CA PRO G 404 18.49 74.43 28.24
C PRO G 404 18.25 75.34 29.43
N ASN G 405 17.89 76.60 29.20
CA ASN G 405 17.62 77.52 30.29
C ASN G 405 16.16 77.48 30.74
N ALA G 406 15.33 76.68 30.08
CA ALA G 406 13.90 76.51 30.39
C ALA G 406 13.15 77.83 30.41
N SER H 1 -7.28 -44.98 54.89
CA SER H 1 -8.57 -44.50 54.44
C SER H 1 -8.72 -44.66 52.93
N ILE H 2 -7.58 -44.77 52.24
CA ILE H 2 -7.58 -44.92 50.78
C ILE H 2 -7.62 -46.43 50.51
N THR H 3 -8.81 -46.92 50.17
CA THR H 3 -8.98 -48.35 49.95
C THR H 3 -8.86 -48.69 48.47
N ASP H 4 -8.41 -49.91 48.20
CA ASP H 4 -8.23 -50.41 46.84
C ASP H 4 -8.90 -51.77 46.66
N ASP H 5 -9.97 -52.03 47.40
CA ASP H 5 -10.66 -53.31 47.31
C ASP H 5 -11.40 -53.45 45.98
N PHE H 6 -11.99 -52.34 45.50
CA PHE H 6 -12.69 -52.23 44.21
C PHE H 6 -13.95 -53.09 44.11
N THR H 7 -14.31 -53.79 45.20
CA THR H 7 -15.57 -54.52 45.21
C THR H 7 -16.73 -53.63 45.63
N LEU H 8 -16.44 -52.42 46.10
CA LEU H 8 -17.46 -51.48 46.54
C LEU H 8 -17.49 -50.21 45.68
N THR H 9 -16.96 -50.28 44.46
CA THR H 9 -16.93 -49.15 43.54
C THR H 9 -17.50 -49.57 42.20
N SER H 10 -18.05 -48.60 41.48
CA SER H 10 -18.69 -48.88 40.20
C SER H 10 -18.32 -47.84 39.16
N PRO H 11 -18.30 -48.22 37.88
CA PRO H 11 -18.13 -47.25 36.81
C PRO H 11 -19.44 -46.52 36.54
N TYR H 12 -19.42 -45.66 35.51
CA TYR H 12 -20.59 -44.88 35.14
C TYR H 12 -20.55 -44.59 33.65
N LEU H 13 -21.71 -44.21 33.11
CA LEU H 13 -21.82 -43.78 31.72
C LEU H 13 -21.47 -42.31 31.62
N GLY H 14 -20.51 -41.99 30.76
CA GLY H 14 -20.07 -40.62 30.59
C GLY H 14 -20.62 -39.96 29.35
N PHE H 15 -20.70 -38.64 29.37
CA PHE H 15 -21.11 -37.85 28.22
C PHE H 15 -19.87 -37.25 27.58
N CYS H 16 -19.48 -37.77 26.41
CA CYS H 16 -18.38 -37.15 25.70
C CYS H 16 -18.80 -36.84 24.27
N PRO H 17 -18.24 -35.78 23.68
CA PRO H 17 -18.84 -35.24 22.46
C PRO H 17 -18.37 -35.84 21.14
N TYR H 18 -17.75 -37.02 21.14
CA TYR H 18 -17.37 -37.64 19.87
C TYR H 18 -17.30 -39.15 20.06
N CYS H 19 -18.38 -39.85 19.69
CA CYS H 19 -18.31 -41.29 19.47
C CYS H 19 -18.02 -41.57 18.00
N ARG H 20 -18.29 -42.81 17.59
CA ARG H 20 -18.09 -43.23 16.21
C ARG H 20 -18.95 -42.43 15.22
N HIS H 21 -20.13 -41.98 15.66
CA HIS H 21 -21.06 -41.29 14.78
C HIS H 21 -20.83 -39.78 14.75
N SER H 22 -19.74 -39.29 15.35
CA SER H 22 -19.32 -37.88 15.28
C SER H 22 -20.37 -36.93 15.83
N ALA H 23 -20.90 -37.23 17.01
CA ALA H 23 -21.92 -36.41 17.65
C ALA H 23 -21.67 -36.41 19.15
N PRO H 24 -22.22 -35.46 19.88
CA PRO H 24 -22.29 -35.59 21.35
C PRO H 24 -23.00 -36.86 21.73
N CYS H 25 -22.44 -37.57 22.73
CA CYS H 25 -22.68 -39.00 22.81
C CYS H 25 -22.49 -39.50 24.24
N PHE H 26 -23.17 -40.60 24.54
CA PHE H 26 -22.98 -41.33 25.78
C PHE H 26 -22.10 -42.54 25.53
N SER H 27 -21.07 -42.70 26.36
CA SER H 27 -20.15 -43.82 26.19
C SER H 27 -19.85 -44.46 27.54
N PRO H 28 -19.67 -45.78 27.56
CA PRO H 28 -19.16 -46.42 28.78
C PRO H 28 -17.71 -46.06 29.06
N ILE H 29 -16.95 -45.70 28.04
CA ILE H 29 -15.60 -45.18 28.22
C ILE H 29 -15.61 -43.68 27.97
N LYS H 30 -15.40 -42.89 29.02
CA LYS H 30 -15.33 -41.45 28.91
C LYS H 30 -14.00 -40.98 29.46
N ILE H 31 -13.20 -40.34 28.63
CA ILE H 31 -11.92 -39.78 29.06
C ILE H 31 -12.19 -38.53 29.87
N GLU H 32 -11.78 -38.54 31.14
CA GLU H 32 -12.04 -37.41 32.02
C GLU H 32 -10.90 -36.39 31.99
N ASN H 33 -9.67 -36.84 32.23
CA ASN H 33 -8.51 -35.96 32.17
C ASN H 33 -7.34 -36.73 31.59
N VAL H 34 -6.44 -35.98 30.92
CA VAL H 34 -5.21 -36.53 30.37
C VAL H 34 -4.05 -35.71 30.93
N TRP H 35 -3.03 -36.39 31.45
CA TRP H 35 -1.85 -35.76 32.03
C TRP H 35 -0.63 -36.20 31.26
N ASP H 36 -0.22 -35.40 30.29
CA ASP H 36 1.00 -35.65 29.52
C ASP H 36 2.22 -34.94 30.09
N GLU H 37 2.44 -35.09 31.39
CA GLU H 37 3.56 -34.45 32.08
C GLU H 37 4.70 -35.41 32.37
N SER H 38 4.89 -36.42 31.51
CA SER H 38 6.02 -37.33 31.62
C SER H 38 7.18 -36.80 30.79
N ASP H 39 8.19 -37.63 30.56
CA ASP H 39 9.31 -37.25 29.72
C ASP H 39 9.62 -38.24 28.60
N ASP H 40 9.00 -39.42 28.60
CA ASP H 40 9.15 -40.37 27.51
C ASP H 40 7.98 -40.34 26.53
N GLY H 41 7.10 -39.35 26.66
CA GLY H 41 5.91 -39.29 25.84
C GLY H 41 4.73 -40.10 26.34
N SER H 42 4.89 -40.80 27.45
CA SER H 42 3.79 -41.58 28.00
C SER H 42 2.76 -40.65 28.64
N ILE H 43 1.49 -41.01 28.49
CA ILE H 43 0.38 -40.22 29.00
C ILE H 43 -0.48 -41.08 29.91
N ARG H 44 -1.18 -40.41 30.81
CA ARG H 44 -2.12 -41.06 31.73
C ARG H 44 -3.53 -40.61 31.38
N ILE H 45 -4.41 -41.58 31.16
CA ILE H 45 -5.76 -41.34 30.68
C ILE H 45 -6.73 -41.82 31.74
N GLN H 46 -7.67 -40.95 32.13
CA GLN H 46 -8.68 -41.29 33.13
C GLN H 46 -9.98 -41.62 32.42
N VAL H 47 -10.28 -42.91 32.31
CA VAL H 47 -11.46 -43.40 31.62
C VAL H 47 -12.50 -43.79 32.66
N SER H 48 -13.77 -43.46 32.37
CA SER H 48 -14.92 -43.66 33.26
C SER H 48 -15.23 -45.15 33.54
N ALA H 49 -14.47 -46.13 33.06
CA ALA H 49 -14.68 -47.52 33.37
C ALA H 49 -13.48 -48.06 34.14
N GLN H 50 -13.70 -49.16 34.84
CA GLN H 50 -12.61 -49.79 35.58
C GLN H 50 -11.85 -50.75 34.67
N PHE H 51 -10.63 -51.07 35.07
CA PHE H 51 -9.73 -51.89 34.27
C PHE H 51 -8.92 -52.81 35.18
N GLY H 52 -8.75 -54.05 34.74
CA GLY H 52 -8.09 -55.04 35.58
C GLY H 52 -8.96 -55.62 36.67
N TYR H 53 -10.28 -55.45 36.56
CA TYR H 53 -11.21 -55.90 37.58
C TYR H 53 -12.40 -56.61 36.95
N ASN H 54 -12.87 -57.65 37.62
CA ASN H 54 -13.86 -58.56 37.07
C ASN H 54 -15.28 -58.04 37.32
N GLN H 55 -16.26 -58.96 37.24
CA GLN H 55 -17.66 -58.63 37.51
C GLN H 55 -17.86 -58.07 38.92
N ALA H 56 -17.29 -58.74 39.92
CA ALA H 56 -17.53 -58.40 41.32
C ALA H 56 -16.50 -57.44 41.89
N GLY H 57 -15.46 -57.07 41.13
CA GLY H 57 -14.43 -56.18 41.62
C GLY H 57 -13.15 -56.85 42.05
N THR H 58 -13.08 -58.18 42.03
CA THR H 58 -11.85 -58.88 42.34
C THR H 58 -10.81 -58.59 41.25
N ALA H 59 -9.55 -58.44 41.66
CA ALA H 59 -8.47 -58.17 40.71
C ALA H 59 -8.34 -59.29 39.69
N ASP H 60 -8.59 -58.96 38.42
CA ASP H 60 -8.57 -59.96 37.37
C ASP H 60 -8.00 -59.28 36.12
N VAL H 61 -6.75 -59.61 35.81
CA VAL H 61 -6.04 -59.00 34.69
C VAL H 61 -6.67 -59.48 33.37
N THR H 62 -6.64 -58.58 32.36
CA THR H 62 -7.16 -58.80 31.00
C THR H 62 -8.68 -58.96 30.98
N LYS H 63 -9.34 -58.34 31.95
CA LYS H 63 -10.79 -58.13 31.90
C LYS H 63 -11.09 -56.72 32.39
N PHE H 64 -12.16 -56.14 31.87
CA PHE H 64 -12.61 -54.85 32.35
C PHE H 64 -14.13 -54.84 32.38
N ARG H 65 -14.67 -53.81 33.02
CA ARG H 65 -16.09 -53.73 33.39
C ARG H 65 -16.63 -52.36 33.03
N TYR H 66 -17.91 -52.33 32.63
CA TYR H 66 -18.52 -51.05 32.28
C TYR H 66 -20.03 -51.11 32.52
N MET H 67 -20.67 -49.98 32.25
CA MET H 67 -22.13 -49.88 32.36
C MET H 67 -22.74 -50.17 31.00
N SER H 68 -23.68 -51.10 30.95
CA SER H 68 -24.23 -51.56 29.69
C SER H 68 -25.32 -50.62 29.18
N TYR H 69 -25.70 -50.79 27.93
CA TYR H 69 -26.74 -49.99 27.28
C TYR H 69 -28.11 -50.67 27.37
N ASP H 70 -28.64 -50.77 28.59
CA ASP H 70 -29.92 -51.42 28.82
C ASP H 70 -30.58 -50.84 30.05
N HIS H 71 -31.90 -51.05 30.17
CA HIS H 71 -32.66 -50.50 31.29
C HIS H 71 -32.22 -51.12 32.61
N ASP H 72 -31.99 -52.43 32.64
CA ASP H 72 -31.39 -53.08 33.80
C ASP H 72 -29.86 -52.89 33.76
N HIS H 73 -29.40 -51.86 34.47
CA HIS H 73 -28.01 -51.43 34.37
C HIS H 73 -27.07 -52.42 35.05
N ASP H 74 -26.81 -53.54 34.40
CA ASP H 74 -25.88 -54.54 34.89
C ASP H 74 -24.46 -54.15 34.52
N ILE H 75 -23.55 -54.23 35.49
CA ILE H 75 -22.15 -53.96 35.24
C ILE H 75 -21.59 -55.17 34.49
N LYS H 76 -21.09 -54.95 33.28
CA LYS H 76 -20.83 -56.03 32.34
C LYS H 76 -19.35 -56.08 31.98
N GLU H 77 -18.82 -57.30 31.91
CA GLU H 77 -17.43 -57.57 31.59
C GLU H 77 -17.18 -57.50 30.08
N ASP H 78 -15.91 -57.34 29.74
CA ASP H 78 -15.41 -57.45 28.37
C ASP H 78 -13.92 -57.68 28.48
N SER H 79 -13.34 -58.27 27.45
CA SER H 79 -11.93 -58.62 27.45
C SER H 79 -11.08 -57.44 27.00
N MET H 80 -9.90 -57.30 27.61
CA MET H 80 -9.09 -56.11 27.39
C MET H 80 -8.24 -56.16 26.13
N GLU H 81 -8.27 -57.27 25.37
CA GLU H 81 -7.62 -57.26 24.07
C GLU H 81 -8.39 -56.43 23.05
N LYS H 82 -9.65 -56.09 23.33
CA LYS H 82 -10.45 -55.25 22.46
C LYS H 82 -10.22 -53.77 22.68
N LEU H 83 -9.51 -53.39 23.74
CA LEU H 83 -9.24 -51.98 24.00
C LEU H 83 -8.18 -51.44 23.06
N ALA H 84 -8.42 -50.26 22.51
CA ALA H 84 -7.48 -49.61 21.62
C ALA H 84 -7.36 -48.14 21.99
N ILE H 85 -6.14 -47.61 21.87
CA ILE H 85 -5.85 -46.22 22.21
C ILE H 85 -5.13 -45.61 21.02
N SER H 86 -5.53 -44.39 20.63
CA SER H 86 -4.83 -43.74 19.53
C SER H 86 -4.82 -42.23 19.72
N THR H 87 -3.78 -41.59 19.18
CA THR H 87 -3.75 -40.13 19.04
C THR H 87 -3.74 -39.72 17.57
N SER H 88 -2.78 -40.21 16.81
CA SER H 88 -2.77 -40.15 15.35
C SER H 88 -2.60 -41.52 14.73
N GLY H 89 -1.73 -42.34 15.31
CA GLY H 89 -1.71 -43.76 15.04
C GLY H 89 -2.00 -44.50 16.34
N PRO H 90 -1.92 -45.83 16.31
CA PRO H 90 -2.21 -46.60 17.52
C PRO H 90 -1.19 -46.37 18.62
N CYS H 91 -1.65 -46.45 19.87
CA CYS H 91 -0.82 -46.28 21.05
C CYS H 91 -0.51 -47.64 21.65
N ARG H 92 0.70 -47.78 22.20
CA ARG H 92 1.03 -48.96 22.98
C ARG H 92 0.51 -48.78 24.40
N ARG H 93 -0.31 -49.73 24.85
CA ARG H 93 -0.85 -49.70 26.21
C ARG H 93 0.19 -50.27 27.16
N LEU H 94 0.64 -49.43 28.10
CA LEU H 94 1.70 -49.83 29.03
C LEU H 94 1.18 -50.26 30.39
N GLY H 95 0.15 -49.60 30.90
CA GLY H 95 -0.37 -49.96 32.21
C GLY H 95 -1.87 -49.74 32.30
N HIS H 96 -2.51 -50.54 33.15
CA HIS H 96 -3.95 -50.45 33.34
C HIS H 96 -4.27 -50.58 34.82
N LYS H 97 -5.27 -49.82 35.26
CA LYS H 97 -5.73 -49.81 36.64
C LYS H 97 -7.15 -49.25 36.63
N GLY H 98 -7.89 -49.49 37.71
CA GLY H 98 -9.23 -48.94 37.83
C GLY H 98 -9.26 -47.45 37.67
N TYR H 99 -10.03 -46.98 36.68
CA TYR H 99 -10.20 -45.60 36.22
C TYR H 99 -8.98 -45.02 35.52
N PHE H 100 -7.86 -45.75 35.39
CA PHE H 100 -6.64 -45.08 34.93
C PHE H 100 -5.84 -45.98 33.98
N LEU H 101 -5.23 -45.34 32.98
CA LEU H 101 -4.44 -46.03 31.96
C LEU H 101 -3.14 -45.27 31.74
N LEU H 102 -2.09 -46.01 31.42
CA LEU H 102 -0.82 -45.45 30.98
C LEU H 102 -0.55 -45.96 29.58
N ALA H 103 -0.40 -45.02 28.63
CA ALA H 103 -0.22 -45.37 27.23
C ALA H 103 0.86 -44.52 26.59
N GLN H 104 1.67 -45.14 25.73
CA GLN H 104 2.68 -44.43 24.96
C GLN H 104 2.11 -44.08 23.59
N CYS H 105 2.08 -42.80 23.26
CA CYS H 105 1.41 -42.39 22.04
C CYS H 105 2.29 -41.53 21.15
N PRO H 106 2.09 -41.61 19.84
CA PRO H 106 2.71 -40.65 18.92
C PRO H 106 2.09 -39.27 19.10
N PRO H 107 2.75 -38.22 18.61
CA PRO H 107 2.15 -36.88 18.69
C PRO H 107 0.86 -36.78 17.90
N GLY H 108 -0.06 -35.99 18.43
CA GLY H 108 -1.35 -35.82 17.79
C GLY H 108 -2.12 -34.67 18.41
N ASP H 109 -3.39 -34.58 18.05
CA ASP H 109 -4.25 -33.51 18.53
C ASP H 109 -5.47 -33.98 19.29
N SER H 110 -5.76 -35.29 19.31
CA SER H 110 -6.93 -35.80 20.00
C SER H 110 -6.63 -37.19 20.53
N VAL H 111 -7.07 -37.46 21.75
CA VAL H 111 -6.87 -38.75 22.40
C VAL H 111 -8.14 -39.56 22.28
N THR H 112 -8.02 -40.79 21.78
CA THR H 112 -9.15 -41.65 21.43
C THR H 112 -9.02 -42.99 22.14
N VAL H 113 -10.10 -43.43 22.76
CA VAL H 113 -10.22 -44.76 23.32
C VAL H 113 -11.34 -45.49 22.59
N SER H 114 -11.14 -46.78 22.32
CA SER H 114 -12.09 -47.54 21.52
C SER H 114 -12.18 -48.97 22.01
N ILE H 115 -13.33 -49.58 21.79
CA ILE H 115 -13.54 -51.01 22.03
C ILE H 115 -13.69 -51.68 20.67
N THR H 116 -12.74 -52.55 20.33
CA THR H 116 -12.73 -53.22 19.03
C THR H 116 -13.33 -54.60 19.18
N SER H 117 -14.66 -54.64 19.24
CA SER H 117 -15.41 -55.89 19.31
C SER H 117 -16.08 -56.18 17.96
N GLY H 118 -16.68 -57.36 17.87
CA GLY H 118 -17.37 -57.73 16.65
C GLY H 118 -18.61 -56.91 16.39
N ALA H 119 -19.34 -56.56 17.45
CA ALA H 119 -20.56 -55.76 17.33
C ALA H 119 -20.44 -54.40 18.00
N SER H 120 -19.93 -54.35 19.23
CA SER H 120 -19.81 -53.11 19.97
C SER H 120 -18.54 -52.39 19.53
N GLU H 121 -18.71 -51.30 18.78
CA GLU H 121 -17.60 -50.48 18.29
C GLU H 121 -17.64 -49.09 18.90
N ASN H 122 -17.92 -49.01 20.19
CA ASN H 122 -18.00 -47.73 20.88
C ASN H 122 -16.62 -47.09 20.99
N SER H 123 -16.60 -45.76 20.93
CA SER H 123 -15.36 -45.01 21.00
C SER H 123 -15.64 -43.65 21.63
N CYS H 124 -14.57 -43.01 22.10
CA CYS H 124 -14.65 -41.67 22.67
C CYS H 124 -13.33 -40.95 22.43
N THR H 125 -13.40 -39.62 22.46
CA THR H 125 -12.29 -38.78 22.04
C THR H 125 -12.34 -37.45 22.78
N VAL H 126 -11.19 -36.99 23.25
CA VAL H 126 -11.05 -35.66 23.84
C VAL H 126 -9.95 -34.91 23.11
N GLU H 127 -10.00 -33.58 23.22
CA GLU H 127 -8.97 -32.72 22.66
C GLU H 127 -7.80 -32.61 23.63
N LYS H 128 -6.60 -32.96 23.16
CA LYS H 128 -5.40 -32.87 23.98
C LYS H 128 -4.21 -32.70 23.06
N LYS H 129 -3.40 -31.67 23.32
CA LYS H 129 -2.24 -31.39 22.48
C LYS H 129 -1.08 -32.28 22.93
N ILE H 130 -1.08 -33.50 22.43
CA ILE H 130 -0.02 -34.45 22.71
C ILE H 130 1.13 -34.14 21.75
N ARG H 131 2.21 -33.57 22.28
CA ARG H 131 3.34 -33.14 21.46
C ARG H 131 4.56 -33.98 21.75
N ARG H 132 5.55 -33.84 20.86
CA ARG H 132 6.82 -34.53 21.02
C ARG H 132 7.64 -33.84 22.09
N LYS H 133 7.98 -34.57 23.15
CA LYS H 133 8.66 -33.99 24.30
C LYS H 133 10.03 -34.62 24.47
N PHE H 134 11.03 -33.78 24.69
CA PHE H 134 12.41 -34.22 24.87
C PHE H 134 12.99 -33.55 26.10
N VAL H 135 13.95 -34.23 26.73
CA VAL H 135 14.66 -33.71 27.89
C VAL H 135 16.09 -33.40 27.45
N GLY H 136 16.67 -32.34 28.02
CA GLY H 136 18.01 -31.93 27.67
C GLY H 136 18.03 -30.69 26.81
N ARG H 137 19.11 -30.50 26.05
CA ARG H 137 19.29 -29.31 25.23
C ARG H 137 19.45 -29.64 23.75
N GLU H 138 19.34 -30.91 23.36
CA GLU H 138 19.37 -31.30 21.96
C GLU H 138 18.15 -32.16 21.66
N GLU H 139 17.40 -31.78 20.63
CA GLU H 139 16.16 -32.49 20.31
C GLU H 139 16.46 -33.85 19.71
N TYR H 140 15.50 -34.77 19.88
CA TYR H 140 15.64 -36.12 19.36
C TYR H 140 14.26 -36.72 19.15
N LEU H 141 14.15 -37.59 18.13
CA LEU H 141 12.94 -38.38 17.97
C LEU H 141 12.84 -39.45 19.05
N PHE H 142 13.83 -40.33 19.13
CA PHE H 142 13.92 -41.32 20.18
C PHE H 142 15.30 -41.26 20.82
N PRO H 143 15.42 -41.62 22.10
CA PRO H 143 16.72 -41.55 22.78
C PRO H 143 17.74 -42.47 22.13
N PRO H 144 18.99 -42.02 22.02
CA PRO H 144 20.01 -42.80 21.32
C PRO H 144 20.73 -43.79 22.25
N VAL H 145 21.69 -44.49 21.67
CA VAL H 145 22.48 -45.45 22.43
C VAL H 145 23.49 -44.72 23.31
N HIS H 146 24.40 -43.97 22.69
CA HIS H 146 25.31 -43.11 23.44
C HIS H 146 24.55 -41.97 24.08
N GLY H 147 24.91 -41.65 25.32
CA GLY H 147 24.18 -40.63 26.04
C GLY H 147 24.96 -40.08 27.22
N LYS H 148 24.32 -39.12 27.90
CA LYS H 148 24.86 -38.50 29.09
C LYS H 148 24.24 -39.03 30.38
N LEU H 149 23.04 -39.61 30.30
CA LEU H 149 22.30 -40.17 31.44
C LEU H 149 22.01 -39.08 32.49
N VAL H 150 21.16 -38.13 32.08
CA VAL H 150 20.71 -37.06 32.95
C VAL H 150 19.42 -37.46 33.65
N LYS H 151 19.05 -36.73 34.70
CA LYS H 151 17.85 -37.01 35.46
C LYS H 151 16.62 -36.47 34.73
N CYS H 152 15.58 -37.29 34.63
CA CYS H 152 14.28 -36.89 34.10
C CYS H 152 13.20 -37.51 34.99
N HIS H 153 11.94 -37.30 34.63
CA HIS H 153 10.81 -37.81 35.41
C HIS H 153 9.89 -38.61 34.53
N VAL H 154 9.60 -39.85 34.94
CA VAL H 154 8.89 -40.82 34.10
C VAL H 154 7.72 -41.39 34.89
N TYR H 155 6.56 -41.52 34.24
CA TYR H 155 5.46 -42.29 34.81
C TYR H 155 5.90 -43.73 35.08
N ASP H 156 5.65 -44.20 36.30
CA ASP H 156 6.01 -45.56 36.65
C ASP H 156 5.03 -46.54 36.02
N HIS H 157 5.59 -47.61 35.42
CA HIS H 157 4.75 -48.59 34.74
C HIS H 157 3.97 -49.44 35.73
N LEU H 158 4.47 -49.60 36.94
CA LEU H 158 3.79 -50.41 37.94
C LEU H 158 2.52 -49.72 38.44
N LYS H 159 1.52 -50.53 38.76
CA LYS H 159 0.25 -50.01 39.27
C LYS H 159 0.27 -49.76 40.77
N GLU H 160 1.32 -50.19 41.47
CA GLU H 160 1.37 -50.05 42.92
C GLU H 160 1.69 -48.63 43.38
N THR H 161 2.23 -47.79 42.49
CA THR H 161 2.57 -46.43 42.86
C THR H 161 1.31 -45.57 42.97
N SER H 162 1.45 -44.42 43.62
CA SER H 162 0.33 -43.52 43.83
C SER H 162 0.78 -42.08 43.65
N ALA H 163 0.06 -41.33 42.84
CA ALA H 163 0.35 -39.92 42.59
C ALA H 163 -0.59 -38.99 43.33
N GLY H 164 -1.41 -39.51 44.23
CA GLY H 164 -2.38 -38.71 44.95
C GLY H 164 -3.62 -39.55 45.25
N TYR H 165 -4.77 -38.88 45.23
CA TYR H 165 -6.04 -39.56 45.46
C TYR H 165 -7.14 -38.83 44.72
N ILE H 166 -8.24 -39.56 44.48
CA ILE H 166 -9.44 -39.02 43.87
C ILE H 166 -10.63 -39.35 44.78
N THR H 167 -11.58 -38.43 44.86
CA THR H 167 -12.73 -38.61 45.75
C THR H 167 -13.81 -39.46 45.09
N MET H 168 -14.48 -40.28 45.90
CA MET H 168 -15.49 -41.21 45.43
C MET H 168 -16.72 -41.06 46.32
N HIS H 169 -17.87 -40.81 45.70
CA HIS H 169 -19.11 -40.56 46.43
C HIS H 169 -20.17 -41.57 46.00
N ARG H 170 -21.22 -41.68 46.82
CA ARG H 170 -22.32 -42.56 46.45
C ARG H 170 -23.16 -41.91 45.36
N PRO H 171 -23.73 -42.70 44.45
CA PRO H 171 -24.46 -42.12 43.31
C PRO H 171 -25.81 -41.56 43.73
N GLY H 172 -26.29 -40.62 42.91
CA GLY H 172 -27.57 -40.00 43.13
C GLY H 172 -28.67 -40.66 42.33
N PRO H 173 -29.81 -39.98 42.19
CA PRO H 173 -30.88 -40.50 41.35
C PRO H 173 -30.47 -40.51 39.89
N HIS H 174 -30.95 -41.52 39.16
CA HIS H 174 -30.64 -41.70 37.74
C HIS H 174 -31.92 -42.18 37.07
N ALA H 175 -32.75 -41.24 36.62
CA ALA H 175 -34.13 -41.53 36.25
C ALA H 175 -34.21 -42.21 34.89
N TYR H 176 -35.26 -43.00 34.71
CA TYR H 176 -35.51 -43.77 33.50
C TYR H 176 -36.87 -43.39 32.92
N LYS H 177 -36.95 -43.29 31.60
CA LYS H 177 -38.27 -43.15 30.97
C LYS H 177 -38.90 -44.50 30.69
N SER H 178 -38.13 -45.59 30.74
CA SER H 178 -38.66 -46.92 30.52
C SER H 178 -39.40 -47.46 31.74
N TYR H 179 -39.24 -46.84 32.90
CA TYR H 179 -39.97 -47.24 34.10
C TYR H 179 -41.29 -46.52 34.27
N LEU H 180 -41.67 -45.68 33.30
CA LEU H 180 -42.96 -44.99 33.31
C LEU H 180 -43.67 -45.28 32.01
N GLU H 181 -44.95 -45.66 32.10
CA GLU H 181 -45.75 -45.94 30.92
C GLU H 181 -47.10 -45.26 31.06
N GLU H 182 -47.53 -44.58 30.00
CA GLU H 182 -48.79 -43.86 30.01
C GLU H 182 -49.86 -44.71 29.33
N ALA H 183 -50.87 -45.09 30.12
CA ALA H 183 -51.99 -45.90 29.63
C ALA H 183 -53.29 -45.19 29.98
N SER H 184 -54.09 -44.86 28.96
CA SER H 184 -55.36 -44.16 29.10
C SER H 184 -55.20 -42.84 29.85
N GLY H 185 -54.11 -42.13 29.58
CA GLY H 185 -53.84 -40.88 30.26
C GLY H 185 -53.48 -41.03 31.72
N GLU H 186 -53.01 -42.22 32.12
CA GLU H 186 -52.66 -42.50 33.50
C GLU H 186 -51.32 -43.21 33.55
N VAL H 187 -50.66 -43.14 34.70
CA VAL H 187 -49.26 -43.56 34.81
C VAL H 187 -49.14 -44.93 35.47
N TYR H 188 -48.29 -45.76 34.88
CA TYR H 188 -47.86 -47.03 35.43
C TYR H 188 -46.36 -47.01 35.66
N ILE H 189 -45.94 -47.66 36.74
CA ILE H 189 -44.54 -47.83 37.08
C ILE H 189 -44.20 -49.29 36.84
N LYS H 190 -43.19 -49.55 36.00
CA LYS H 190 -42.87 -50.89 35.53
C LYS H 190 -41.47 -51.27 35.99
N PRO H 191 -41.34 -51.99 37.10
CA PRO H 191 -40.04 -52.45 37.55
C PRO H 191 -39.66 -53.76 36.88
N PRO H 192 -38.48 -53.83 36.26
CA PRO H 192 -38.03 -55.10 35.67
C PRO H 192 -37.49 -56.04 36.73
N SER H 193 -37.87 -57.31 36.61
CA SER H 193 -37.44 -58.40 37.49
C SER H 193 -37.78 -58.17 38.95
N GLY H 194 -38.78 -57.34 39.24
CA GLY H 194 -39.23 -57.13 40.60
C GLY H 194 -38.31 -56.30 41.47
N LYS H 195 -37.34 -55.61 40.89
CA LYS H 195 -36.43 -54.78 41.67
C LYS H 195 -37.14 -53.55 42.21
N ASN H 196 -36.71 -53.11 43.39
CA ASN H 196 -37.36 -52.00 44.07
C ASN H 196 -37.08 -50.68 43.37
N VAL H 197 -38.14 -49.89 43.20
CA VAL H 197 -38.10 -48.63 42.47
C VAL H 197 -38.65 -47.52 43.36
N THR H 198 -37.88 -46.45 43.51
CA THR H 198 -38.30 -45.26 44.26
C THR H 198 -38.78 -44.21 43.26
N TYR H 199 -39.97 -43.69 43.48
CA TYR H 199 -40.64 -42.79 42.55
C TYR H 199 -41.04 -41.49 43.22
N GLU H 200 -41.14 -40.45 42.39
CA GLU H 200 -41.51 -39.11 42.85
C GLU H 200 -42.38 -38.45 41.77
N CYS H 201 -43.65 -38.19 42.10
CA CYS H 201 -44.58 -37.51 41.22
C CYS H 201 -45.04 -36.22 41.89
N LYS H 202 -45.14 -35.15 41.11
CA LYS H 202 -45.56 -33.83 41.61
C LYS H 202 -46.55 -33.20 40.62
N CYS H 203 -47.57 -33.96 40.25
CA CYS H 203 -48.68 -33.34 39.53
C CYS H 203 -49.85 -32.99 40.44
N GLY H 204 -49.90 -33.54 41.65
CA GLY H 204 -50.85 -33.07 42.64
C GLY H 204 -50.19 -32.55 43.91
N ASP H 205 -49.10 -33.18 44.32
CA ASP H 205 -48.37 -32.84 45.53
C ASP H 205 -47.06 -33.64 45.49
N TYR H 206 -46.13 -33.30 46.38
CA TYR H 206 -44.81 -33.93 46.41
C TYR H 206 -44.97 -35.35 46.92
N SER H 207 -45.38 -36.23 46.01
CA SER H 207 -45.74 -37.61 46.33
C SER H 207 -44.55 -38.50 46.03
N THR H 208 -43.87 -38.92 47.09
CA THR H 208 -42.77 -39.88 47.00
C THR H 208 -43.30 -41.29 47.26
N GLY H 209 -42.46 -42.27 47.01
CA GLY H 209 -42.80 -43.62 47.41
C GLY H 209 -41.84 -44.64 46.87
N ILE H 210 -42.07 -45.89 47.25
CA ILE H 210 -41.33 -47.03 46.76
C ILE H 210 -42.31 -48.14 46.40
N VAL H 211 -42.09 -48.79 45.25
CA VAL H 211 -42.88 -49.94 44.82
C VAL H 211 -41.97 -50.95 44.16
N SER H 212 -42.41 -52.21 44.21
CA SER H 212 -41.96 -53.24 43.28
C SER H 212 -43.12 -53.75 42.44
N THR H 213 -44.22 -52.99 42.38
CA THR H 213 -45.47 -53.44 41.79
C THR H 213 -46.11 -52.26 41.06
N ARG H 214 -46.77 -52.58 39.94
CA ARG H 214 -47.50 -51.60 39.13
C ARG H 214 -48.54 -50.87 39.98
N THR H 215 -48.58 -49.54 39.84
CA THR H 215 -49.36 -48.71 40.75
C THR H 215 -50.00 -47.54 40.02
N LYS H 216 -51.30 -47.34 40.23
CA LYS H 216 -51.99 -46.09 39.92
C LYS H 216 -51.91 -45.14 41.12
N MET H 217 -50.72 -44.57 41.32
CA MET H 217 -50.56 -43.66 42.45
C MET H 217 -51.02 -42.27 42.01
N ASN H 218 -52.21 -41.88 42.48
CA ASN H 218 -52.92 -40.63 42.19
C ASN H 218 -53.39 -40.52 40.74
N GLY H 219 -53.17 -41.56 39.92
CA GLY H 219 -53.62 -41.53 38.53
C GLY H 219 -52.85 -40.56 37.67
N CYS H 220 -53.05 -39.26 37.94
CA CYS H 220 -52.32 -38.13 37.36
C CYS H 220 -52.59 -38.03 35.86
N THR H 221 -51.79 -37.24 35.15
CA THR H 221 -52.11 -36.90 33.77
C THR H 221 -51.10 -37.45 32.78
N LYS H 222 -49.82 -37.13 32.93
CA LYS H 222 -48.78 -37.60 32.02
C LYS H 222 -47.61 -38.15 32.81
N ALA H 223 -46.80 -38.98 32.14
CA ALA H 223 -45.59 -39.50 32.75
C ALA H 223 -44.44 -38.51 32.70
N LYS H 224 -44.58 -37.43 31.92
CA LYS H 224 -43.51 -36.44 31.79
C LYS H 224 -43.34 -35.58 33.04
N GLN H 225 -44.32 -35.58 33.95
CA GLN H 225 -44.27 -34.78 35.17
C GLN H 225 -44.02 -35.63 36.41
N CYS H 226 -43.32 -36.75 36.24
CA CYS H 226 -43.01 -37.64 37.34
C CYS H 226 -41.78 -38.47 36.97
N ILE H 227 -41.16 -39.08 37.98
CA ILE H 227 -39.97 -39.90 37.74
C ILE H 227 -39.99 -41.14 38.63
N ALA H 228 -39.14 -42.10 38.27
CA ALA H 228 -38.97 -43.33 39.03
C ALA H 228 -37.60 -43.89 38.71
N TYR H 229 -36.80 -44.20 39.74
CA TYR H 229 -35.43 -44.65 39.57
C TYR H 229 -35.15 -45.81 40.52
N LYS H 230 -33.95 -46.36 40.42
CA LYS H 230 -33.52 -47.46 41.29
C LYS H 230 -33.11 -46.94 42.66
N ARG H 231 -33.26 -47.79 43.68
CA ARG H 231 -32.76 -47.47 45.01
C ARG H 231 -31.55 -48.31 45.41
N ASP H 232 -31.56 -49.61 45.12
CA ASP H 232 -30.49 -50.52 45.55
C ASP H 232 -29.23 -50.26 44.73
N GLN H 233 -28.59 -49.13 45.02
CA GLN H 233 -27.37 -48.71 44.33
C GLN H 233 -26.54 -47.91 45.32
N THR H 234 -25.65 -48.61 46.03
CA THR H 234 -24.76 -47.98 47.01
C THR H 234 -23.32 -48.26 46.64
N LYS H 235 -23.01 -48.23 45.35
CA LYS H 235 -21.67 -48.50 44.84
C LYS H 235 -21.00 -47.18 44.49
N TRP H 236 -19.82 -46.94 45.08
CA TRP H 236 -19.17 -45.64 44.96
C TRP H 236 -18.74 -45.36 43.52
N VAL H 237 -18.85 -44.09 43.13
CA VAL H 237 -18.47 -43.62 41.81
C VAL H 237 -17.72 -42.31 41.97
N PHE H 238 -16.75 -42.09 41.09
CA PHE H 238 -15.96 -40.86 41.11
C PHE H 238 -16.79 -39.71 40.54
N ASN H 239 -16.79 -38.58 41.24
CA ASN H 239 -17.67 -37.48 40.87
C ASN H 239 -17.28 -36.84 39.53
N SER H 240 -18.27 -36.56 38.70
CA SER H 240 -18.04 -36.13 37.34
C SER H 240 -19.10 -35.13 36.95
N PRO H 241 -18.82 -34.23 36.02
CA PRO H 241 -19.84 -33.29 35.53
C PRO H 241 -20.92 -33.92 34.68
N ASP H 242 -20.88 -35.24 34.45
CA ASP H 242 -21.90 -35.94 33.69
C ASP H 242 -22.70 -36.88 34.58
N LEU H 243 -22.81 -36.54 35.86
CA LEU H 243 -23.62 -37.29 36.81
C LEU H 243 -24.35 -36.30 37.70
N ILE H 244 -25.26 -36.82 38.52
CA ILE H 244 -26.02 -36.04 39.48
C ILE H 244 -25.71 -36.56 40.88
N ARG H 245 -25.34 -35.65 41.78
CA ARG H 245 -24.93 -36.06 43.12
C ARG H 245 -26.13 -36.51 43.94
N HIS H 246 -25.86 -37.31 44.97
CA HIS H 246 -26.88 -37.65 45.94
C HIS H 246 -26.87 -36.57 47.03
N THR H 247 -27.93 -36.53 47.84
CA THR H 247 -28.12 -35.42 48.76
C THR H 247 -27.05 -35.38 49.84
N ASP H 248 -26.44 -36.51 50.16
CA ASP H 248 -25.32 -36.55 51.11
C ASP H 248 -23.98 -36.60 50.37
N HIS H 249 -23.79 -35.63 49.48
CA HIS H 249 -22.59 -35.59 48.64
C HIS H 249 -21.35 -35.23 49.43
N SER H 250 -20.88 -36.17 50.25
CA SER H 250 -19.63 -36.05 50.97
C SER H 250 -18.69 -37.15 50.50
N VAL H 251 -17.41 -37.03 50.87
CA VAL H 251 -16.40 -37.97 50.41
C VAL H 251 -16.62 -39.31 51.11
N GLN H 252 -17.17 -40.27 50.38
CA GLN H 252 -17.35 -41.62 50.93
C GLN H 252 -16.09 -42.45 50.86
N GLY H 253 -15.19 -42.16 49.92
CA GLY H 253 -13.94 -42.89 49.85
C GLY H 253 -12.92 -42.13 49.04
N LYS H 254 -11.68 -42.59 49.13
CA LYS H 254 -10.58 -42.06 48.35
C LYS H 254 -9.93 -43.20 47.59
N LEU H 255 -9.60 -42.97 46.33
CA LEU H 255 -9.01 -43.98 45.47
C LEU H 255 -7.67 -43.51 44.95
N HIS H 256 -6.68 -44.40 44.98
CA HIS H 256 -5.33 -44.05 44.53
C HIS H 256 -5.31 -43.83 43.02
N ILE H 257 -4.67 -42.74 42.60
CA ILE H 257 -4.34 -42.54 41.20
C ILE H 257 -2.95 -43.12 40.95
N PRO H 258 -2.81 -44.10 40.08
CA PRO H 258 -1.50 -44.75 39.91
C PRO H 258 -0.53 -43.97 39.04
N PHE H 259 0.62 -44.59 38.75
CA PHE H 259 1.63 -44.10 37.83
C PHE H 259 2.20 -42.75 38.28
N ARG H 260 2.87 -42.80 39.43
CA ARG H 260 3.55 -41.64 39.97
C ARG H 260 4.78 -41.28 39.13
N LEU H 261 5.08 -39.99 39.07
CA LEU H 261 6.32 -39.53 38.45
C LEU H 261 7.53 -39.95 39.29
N THR H 262 8.18 -41.02 38.88
CA THR H 262 9.43 -41.34 39.55
C THR H 262 10.58 -40.63 38.85
N PRO H 263 11.52 -40.06 39.61
CA PRO H 263 12.77 -39.61 39.02
C PRO H 263 13.58 -40.79 38.51
N THR H 264 14.07 -40.66 37.29
CA THR H 264 14.72 -41.76 36.60
C THR H 264 15.85 -41.20 35.76
N VAL H 265 16.99 -41.88 35.78
CA VAL H 265 18.10 -41.52 34.90
C VAL H 265 17.76 -41.97 33.48
N CYS H 266 18.09 -41.14 32.50
CA CYS H 266 17.70 -41.39 31.11
C CYS H 266 18.69 -40.69 30.19
N PRO H 267 19.00 -41.29 29.04
CA PRO H 267 20.03 -40.73 28.17
C PRO H 267 19.52 -39.64 27.24
N VAL H 268 20.44 -38.73 26.90
CA VAL H 268 20.19 -37.63 25.97
C VAL H 268 21.34 -37.63 24.95
N PRO H 269 21.12 -37.13 23.73
CA PRO H 269 22.20 -37.16 22.74
C PRO H 269 23.35 -36.23 23.10
N LEU H 270 24.53 -36.57 22.61
CA LEU H 270 25.71 -35.73 22.70
C LEU H 270 26.00 -35.18 21.31
N ALA H 271 26.03 -33.86 21.18
CA ALA H 271 26.21 -33.24 19.88
C ALA H 271 27.64 -33.40 19.39
N HIS H 272 27.85 -33.00 18.14
CA HIS H 272 29.19 -33.01 17.56
C HIS H 272 30.08 -32.04 18.31
N THR H 273 31.31 -32.47 18.59
CA THR H 273 32.25 -31.62 19.31
C THR H 273 32.64 -30.44 18.44
N PRO H 274 32.48 -29.21 18.91
CA PRO H 274 32.72 -28.04 18.05
C PRO H 274 34.19 -27.86 17.71
N THR H 275 34.43 -27.31 16.53
CA THR H 275 35.76 -26.88 16.10
C THR H 275 35.86 -25.39 16.37
N VAL H 276 36.80 -25.01 17.23
CA VAL H 276 36.96 -23.63 17.67
C VAL H 276 38.22 -23.06 17.03
N THR H 277 38.06 -22.02 16.23
CA THR H 277 39.18 -21.28 15.69
C THR H 277 39.35 -19.98 16.47
N LYS H 278 40.58 -19.70 16.88
CA LYS H 278 40.88 -18.63 17.82
C LYS H 278 41.48 -17.45 17.07
N TRP H 279 40.92 -16.27 17.29
CA TRP H 279 41.37 -15.04 16.63
C TRP H 279 41.31 -13.90 17.62
N PHE H 280 42.48 -13.45 18.09
CA PHE H 280 42.67 -12.34 19.01
C PHE H 280 41.71 -12.39 20.21
N LYS H 281 40.81 -11.42 20.30
CA LYS H 281 39.81 -11.36 21.37
C LYS H 281 38.49 -11.97 20.94
N GLY H 282 38.53 -13.21 20.46
CA GLY H 282 37.30 -13.85 20.04
C GLY H 282 37.56 -15.26 19.57
N ILE H 283 36.48 -16.03 19.48
CA ILE H 283 36.50 -17.40 18.99
C ILE H 283 35.41 -17.57 17.94
N THR H 284 35.59 -18.57 17.09
CA THR H 284 34.60 -18.95 16.10
C THR H 284 34.32 -20.44 16.25
N LEU H 285 33.06 -20.77 16.50
CA LEU H 285 32.63 -22.16 16.64
C LEU H 285 32.00 -22.63 15.34
N HIS H 286 32.53 -23.72 14.79
CA HIS H 286 31.97 -24.36 13.61
C HIS H 286 31.07 -25.48 14.11
N LEU H 287 29.75 -25.24 14.07
CA LEU H 287 28.78 -26.08 14.75
C LEU H 287 27.96 -26.87 13.74
N THR H 288 28.01 -28.19 13.86
CA THR H 288 27.19 -29.09 13.05
C THR H 288 26.23 -29.82 13.99
N ALA H 289 24.94 -29.73 13.69
CA ALA H 289 23.92 -30.42 14.48
C ALA H 289 22.76 -30.77 13.56
N THR H 290 22.49 -32.07 13.43
CA THR H 290 21.38 -32.52 12.59
C THR H 290 20.03 -32.07 13.16
N ARG H 291 19.87 -32.15 14.47
CA ARG H 291 18.71 -31.69 15.19
C ARG H 291 19.01 -30.35 15.87
N PRO H 292 17.98 -29.57 16.20
CA PRO H 292 18.23 -28.30 16.91
C PRO H 292 18.94 -28.51 18.24
N THR H 293 19.94 -27.67 18.47
CA THR H 293 20.82 -27.81 19.63
C THR H 293 21.01 -26.43 20.25
N LEU H 294 20.94 -26.36 21.59
CA LEU H 294 21.00 -25.10 22.29
C LEU H 294 22.45 -24.70 22.57
N LEU H 295 22.82 -23.50 22.15
CA LEU H 295 24.11 -22.90 22.46
C LEU H 295 23.87 -21.73 23.40
N THR H 296 24.56 -21.72 24.54
CA THR H 296 24.40 -20.67 25.54
C THR H 296 25.77 -20.15 25.94
N THR H 297 26.03 -18.87 25.68
CA THR H 297 27.31 -18.26 25.99
C THR H 297 27.10 -17.11 26.98
N ARG H 298 28.10 -16.92 27.84
CA ARG H 298 28.07 -15.81 28.78
C ARG H 298 29.49 -15.39 29.14
N LYS H 299 29.70 -14.09 29.29
CA LYS H 299 30.99 -13.59 29.76
C LYS H 299 31.08 -13.73 31.28
N LEU H 300 32.31 -13.94 31.76
CA LEU H 300 32.57 -14.18 33.17
C LEU H 300 32.94 -12.91 33.92
N GLY H 301 32.53 -11.75 33.42
CA GLY H 301 32.79 -10.49 34.05
C GLY H 301 31.57 -9.92 34.76
N LEU H 302 31.57 -8.59 34.92
CA LEU H 302 30.44 -7.93 35.55
C LEU H 302 29.19 -8.00 34.67
N ARG H 303 29.35 -7.81 33.37
CA ARG H 303 28.25 -7.89 32.42
C ARG H 303 28.32 -9.23 31.71
N ALA H 304 27.36 -10.11 31.99
CA ALA H 304 27.27 -11.42 31.35
C ALA H 304 26.25 -11.29 30.21
N ASP H 305 26.75 -11.00 29.01
CA ASP H 305 25.89 -10.91 27.83
C ASP H 305 25.52 -12.32 27.41
N ALA H 306 24.52 -12.87 28.07
CA ALA H 306 24.10 -14.25 27.85
C ALA H 306 23.34 -14.34 26.53
N THR H 307 23.83 -15.18 25.63
CA THR H 307 23.19 -15.43 24.34
C THR H 307 22.78 -16.89 24.26
N ALA H 308 21.51 -17.14 23.99
CA ALA H 308 20.97 -18.47 23.82
C ALA H 308 20.40 -18.59 22.42
N GLU H 309 20.77 -19.67 21.73
CA GLU H 309 20.35 -19.84 20.34
C GLU H 309 20.14 -21.31 20.03
N TRP H 310 19.04 -21.63 19.36
CA TRP H 310 18.76 -22.98 18.90
C TRP H 310 19.27 -23.10 17.46
N ILE H 311 20.27 -23.95 17.25
CA ILE H 311 21.00 -24.01 15.99
C ILE H 311 20.75 -25.37 15.35
N THR H 312 20.41 -25.35 14.06
CA THR H 312 20.28 -26.54 13.25
C THR H 312 21.16 -26.40 12.01
N GLY H 313 21.48 -27.53 11.40
CA GLY H 313 22.41 -27.53 10.29
C GLY H 313 23.83 -27.33 10.75
N THR H 314 24.67 -26.88 9.83
CA THR H 314 26.05 -26.52 10.14
C THR H 314 26.25 -25.03 9.85
N THR H 315 26.76 -24.31 10.84
CA THR H 315 26.96 -22.87 10.75
C THR H 315 28.26 -22.51 11.47
N SER H 316 28.55 -21.21 11.53
CA SER H 316 29.68 -20.68 12.27
C SER H 316 29.21 -19.51 13.12
N ARG H 317 29.57 -19.52 14.39
CA ARG H 317 29.17 -18.49 15.34
C ARG H 317 30.40 -17.80 15.92
N ASN H 318 30.39 -16.47 15.88
CA ASN H 318 31.49 -15.67 16.38
C ASN H 318 31.15 -15.14 17.76
N PHE H 319 32.11 -15.23 18.69
CA PHE H 319 31.88 -14.75 20.04
C PHE H 319 33.12 -14.00 20.51
N SER H 320 32.91 -12.77 20.98
CA SER H 320 34.00 -11.92 21.44
C SER H 320 34.38 -12.34 22.86
N VAL H 321 35.60 -12.84 23.02
CA VAL H 321 36.13 -13.26 24.32
C VAL H 321 37.05 -12.16 24.83
N GLY H 322 36.92 -11.81 26.11
CA GLY H 322 37.77 -10.84 26.74
C GLY H 322 38.68 -11.45 27.78
N ARG H 323 39.35 -10.56 28.52
CA ARG H 323 40.21 -11.00 29.61
C ARG H 323 39.40 -11.60 30.76
N GLU H 324 38.14 -11.20 30.89
CA GLU H 324 37.28 -11.77 31.93
C GLU H 324 36.90 -13.21 31.60
N GLY H 325 36.88 -13.57 30.33
CA GLY H 325 36.58 -14.92 29.89
C GLY H 325 35.19 -15.04 29.30
N LEU H 326 34.95 -16.22 28.73
CA LEU H 326 33.67 -16.55 28.12
C LEU H 326 33.42 -18.03 28.33
N GLU H 327 32.25 -18.36 28.85
CA GLU H 327 31.82 -19.73 29.11
C GLU H 327 30.70 -20.06 28.14
N TYR H 328 30.88 -21.13 27.36
CA TYR H 328 29.87 -21.54 26.40
C TYR H 328 29.48 -22.99 26.65
N VAL H 329 28.19 -23.26 26.57
CA VAL H 329 27.62 -24.60 26.67
C VAL H 329 27.01 -24.93 25.32
N TRP H 330 27.44 -26.03 24.72
CA TRP H 330 26.96 -26.49 23.42
C TRP H 330 26.22 -27.81 23.63
N GLY H 331 24.89 -27.75 23.66
CA GLY H 331 24.10 -28.95 23.86
C GLY H 331 24.25 -29.48 25.27
N ASN H 332 24.26 -30.81 25.39
CA ASN H 332 24.38 -31.47 26.68
C ASN H 332 25.81 -31.54 27.19
N HIS H 333 26.77 -31.05 26.42
CA HIS H 333 28.17 -31.10 26.83
C HIS H 333 28.41 -30.19 28.03
N GLU H 334 29.48 -30.49 28.75
CA GLU H 334 29.89 -29.68 29.89
C GLU H 334 30.34 -28.30 29.40
N PRO H 335 30.17 -27.26 30.21
CA PRO H 335 30.60 -25.92 29.80
C PRO H 335 32.09 -25.84 29.56
N VAL H 336 32.46 -25.06 28.55
CA VAL H 336 33.85 -24.81 28.19
C VAL H 336 34.14 -23.33 28.41
N ARG H 337 35.17 -23.06 29.19
CA ARG H 337 35.57 -21.70 29.54
C ARG H 337 36.85 -21.35 28.82
N VAL H 338 36.86 -20.21 28.12
CA VAL H 338 38.03 -19.73 27.41
C VAL H 338 38.35 -18.32 27.88
N TRP H 339 39.63 -17.99 27.97
CA TRP H 339 40.07 -16.66 28.34
C TRP H 339 40.94 -16.08 27.24
N ALA H 340 40.65 -14.83 26.87
CA ALA H 340 41.41 -14.15 25.84
C ALA H 340 42.66 -13.52 26.44
N GLN H 341 43.80 -13.77 25.82
CA GLN H 341 45.07 -13.21 26.24
C GLN H 341 45.57 -12.25 25.16
N GLU H 342 46.20 -11.16 25.60
CA GLU H 342 46.56 -10.08 24.68
C GLU H 342 47.65 -10.52 23.70
N SER H 343 47.27 -10.64 22.44
CA SER H 343 48.12 -11.18 21.38
C SER H 343 48.00 -10.29 20.14
N ALA H 344 48.14 -8.98 20.33
CA ALA H 344 47.97 -8.04 19.25
C ALA H 344 49.06 -8.21 18.19
N PRO H 345 48.72 -8.00 16.91
CA PRO H 345 49.72 -8.20 15.85
C PRO H 345 50.76 -7.09 15.82
N GLY H 346 51.74 -7.20 16.71
CA GLY H 346 52.79 -6.21 16.78
C GLY H 346 53.85 -6.63 17.77
N ASP H 347 54.77 -5.70 18.04
CA ASP H 347 55.86 -5.94 18.97
C ASP H 347 55.95 -4.74 19.92
N PRO H 348 55.72 -4.92 21.22
CA PRO H 348 55.88 -3.80 22.16
C PRO H 348 57.32 -3.33 22.31
N HIS H 349 58.30 -4.12 21.88
CA HIS H 349 59.71 -3.73 21.92
C HIS H 349 60.20 -3.62 20.47
N GLY H 350 60.04 -2.44 19.90
CA GLY H 350 60.46 -2.23 18.54
C GLY H 350 60.29 -0.78 18.13
N TRP H 351 60.01 -0.59 16.85
CA TRP H 351 59.79 0.73 16.30
C TRP H 351 58.46 1.29 16.82
N PRO H 352 58.32 2.63 16.87
CA PRO H 352 57.11 3.22 17.46
C PRO H 352 55.81 2.83 16.77
N HIS H 353 55.82 2.57 15.46
CA HIS H 353 54.57 2.20 14.79
C HIS H 353 54.09 0.81 15.21
N GLU H 354 55.00 -0.13 15.42
CA GLU H 354 54.62 -1.45 15.91
C GLU H 354 54.03 -1.37 17.31
N ILE H 355 54.65 -0.58 18.19
CA ILE H 355 54.15 -0.38 19.53
C ILE H 355 52.76 0.26 19.50
N ILE H 356 52.59 1.26 18.62
CA ILE H 356 51.33 1.97 18.51
C ILE H 356 50.22 1.03 18.04
N ILE H 357 50.49 0.22 17.00
CA ILE H 357 49.43 -0.66 16.50
C ILE H 357 49.15 -1.78 17.50
N HIS H 358 50.16 -2.27 18.22
CA HIS H 358 49.95 -3.30 19.23
C HIS H 358 49.06 -2.79 20.35
N TYR H 359 49.37 -1.60 20.88
CA TYR H 359 48.56 -1.08 21.97
C TYR H 359 47.20 -0.59 21.49
N TYR H 360 47.10 -0.20 20.22
CA TYR H 360 45.80 0.19 19.67
C TYR H 360 44.89 -1.02 19.50
N HIS H 361 45.47 -2.16 19.11
CA HIS H 361 44.69 -3.39 19.07
C HIS H 361 44.33 -3.87 20.48
N ARG H 362 45.18 -3.62 21.46
CA ARG H 362 44.83 -3.95 22.83
C ARG H 362 43.79 -2.98 23.39
N HIS H 363 44.13 -1.70 23.46
CA HIS H 363 43.22 -0.67 23.96
C HIS H 363 43.20 0.50 22.98
N PRO H 364 42.15 0.66 22.18
CA PRO H 364 42.17 1.72 21.16
C PRO H 364 42.00 3.11 21.73
N VAL H 365 41.08 3.31 22.67
CA VAL H 365 40.80 4.65 23.18
C VAL H 365 41.97 5.15 24.03
N TYR H 366 42.58 4.27 24.83
CA TYR H 366 43.72 4.69 25.65
C TYR H 366 44.92 5.04 24.78
N THR H 367 45.18 4.23 23.75
CA THR H 367 46.30 4.52 22.86
C THR H 367 46.08 5.81 22.07
N VAL H 368 44.85 6.03 21.60
CA VAL H 368 44.60 7.25 20.83
C VAL H 368 44.62 8.48 21.72
N ILE H 369 44.20 8.37 22.99
CA ILE H 369 44.27 9.54 23.85
C ILE H 369 45.70 9.81 24.31
N VAL H 370 46.52 8.76 24.46
CA VAL H 370 47.93 8.97 24.78
C VAL H 370 48.65 9.62 23.60
N LEU H 371 48.37 9.15 22.38
CA LEU H 371 48.98 9.74 21.19
C LEU H 371 48.53 11.19 20.99
N CYS H 372 47.24 11.47 21.22
CA CYS H 372 46.76 12.85 21.13
C CYS H 372 47.39 13.72 22.21
N GLY H 373 47.56 13.18 23.41
CA GLY H 373 48.18 13.94 24.47
C GLY H 373 49.64 14.27 24.20
N VAL H 374 50.40 13.30 23.68
CA VAL H 374 51.80 13.59 23.39
C VAL H 374 51.95 14.50 22.18
N ALA H 375 51.05 14.39 21.19
CA ALA H 375 51.06 15.32 20.07
C ALA H 375 50.73 16.73 20.54
N LEU H 376 49.73 16.88 21.40
CA LEU H 376 49.40 18.18 21.96
C LEU H 376 50.56 18.72 22.79
N ALA H 377 51.23 17.85 23.56
CA ALA H 377 52.34 18.27 24.39
C ALA H 377 53.50 18.78 23.54
N ILE H 378 53.83 18.07 22.46
CA ILE H 378 54.95 18.53 21.64
C ILE H 378 54.58 19.80 20.86
N LEU H 379 53.32 19.93 20.40
CA LEU H 379 52.92 21.15 19.71
C LEU H 379 52.95 22.36 20.66
N VAL H 380 52.43 22.19 21.88
CA VAL H 380 52.46 23.29 22.84
C VAL H 380 53.90 23.64 23.24
N GLY H 381 54.74 22.61 23.43
CA GLY H 381 56.12 22.87 23.78
C GLY H 381 56.87 23.64 22.72
N THR H 382 56.77 23.20 21.46
CA THR H 382 57.45 23.90 20.38
C THR H 382 56.87 25.29 20.15
N ALA H 383 55.55 25.44 20.23
CA ALA H 383 54.92 26.74 19.99
C ALA H 383 55.31 27.74 21.07
N SER H 384 55.25 27.32 22.34
CA SER H 384 55.61 28.23 23.42
C SER H 384 57.10 28.51 23.47
N SER H 385 57.95 27.53 23.13
CA SER H 385 59.38 27.79 23.06
C SER H 385 59.70 28.78 21.95
N ALA H 386 59.07 28.63 20.78
CA ALA H 386 59.26 29.58 19.69
C ALA H 386 58.72 30.96 20.07
N ALA H 387 57.63 31.01 20.83
CA ALA H 387 57.12 32.29 21.32
C ALA H 387 58.11 32.96 22.25
N CYS H 388 58.74 32.19 23.14
CA CYS H 388 59.75 32.77 24.03
C CYS H 388 60.99 33.23 23.27
N ILE H 389 61.41 32.46 22.26
CA ILE H 389 62.54 32.90 21.43
C ILE H 389 62.19 34.18 20.68
N ALA H 390 60.97 34.28 20.15
CA ALA H 390 60.55 35.48 19.45
C ALA H 390 60.47 36.68 20.38
N LYS H 391 59.97 36.48 21.60
CA LYS H 391 59.89 37.58 22.57
C LYS H 391 61.28 38.02 22.99
N ALA H 392 62.21 37.07 23.19
CA ALA H 392 63.58 37.43 23.53
C ALA H 392 64.26 38.18 22.39
N ARG H 393 64.02 37.75 21.15
CA ARG H 393 64.57 38.45 19.99
C ARG H 393 64.00 39.86 19.88
N ARG H 394 62.70 40.01 20.15
CA ARG H 394 62.08 41.33 20.14
C ARG H 394 62.67 42.24 21.20
N ASP H 395 62.77 41.74 22.44
CA ASP H 395 63.31 42.55 23.52
C ASP H 395 64.80 42.82 23.38
N CYS H 396 65.52 42.00 22.60
CA CYS H 396 66.94 42.23 22.40
C CYS H 396 67.18 43.23 21.26
N LEU H 397 66.44 43.11 20.17
CA LEU H 397 66.69 43.92 18.98
C LEU H 397 65.86 45.20 18.94
N THR H 398 64.95 45.41 19.92
CA THR H 398 64.19 46.66 19.94
C THR H 398 65.06 47.90 20.18
N PRO H 399 66.00 47.92 21.16
CA PRO H 399 66.86 49.11 21.26
C PRO H 399 67.71 49.38 20.03
N TYR H 400 68.14 48.35 19.32
CA TYR H 400 68.94 48.55 18.13
C TYR H 400 68.10 48.81 16.89
N ALA H 401 66.78 48.64 16.97
CA ALA H 401 65.91 48.94 15.84
C ALA H 401 65.39 50.36 15.87
N LEU H 402 65.54 51.06 17.00
CA LEU H 402 65.15 52.46 17.06
C LEU H 402 66.28 53.39 16.62
N ALA H 403 67.48 52.85 16.43
CA ALA H 403 68.64 53.61 15.95
C ALA H 403 69.21 52.92 14.73
N PRO H 404 69.05 53.49 13.54
CA PRO H 404 69.80 52.98 12.37
C PRO H 404 71.30 53.08 12.54
N ASN H 405 71.78 54.11 13.23
CA ASN H 405 73.22 54.33 13.40
C ASN H 405 73.65 53.85 14.78
N ALA H 406 73.82 52.54 14.87
CA ALA H 406 74.26 51.91 16.11
C ALA H 406 75.05 50.62 15.85
N SER I 1 -60.03 -22.60 -3.73
CA SER I 1 -61.04 -22.16 -2.78
C SER I 1 -62.14 -21.38 -3.49
N ILE I 2 -62.03 -21.25 -4.81
CA ILE I 2 -63.02 -20.55 -5.62
C ILE I 2 -64.07 -21.57 -6.03
N THR I 3 -65.26 -21.46 -5.46
CA THR I 3 -66.31 -22.43 -5.73
C THR I 3 -66.95 -22.16 -7.09
N ASP I 4 -67.44 -23.24 -7.70
CA ASP I 4 -68.11 -23.18 -9.00
C ASP I 4 -69.39 -24.00 -9.05
N ASP I 5 -69.63 -24.89 -8.07
CA ASP I 5 -70.81 -25.76 -8.08
C ASP I 5 -72.11 -24.96 -8.07
N PHE I 6 -72.09 -23.78 -7.47
CA PHE I 6 -73.08 -22.70 -7.62
C PHE I 6 -74.40 -22.98 -6.93
N THR I 7 -74.64 -24.20 -6.45
CA THR I 7 -75.92 -24.55 -5.85
C THR I 7 -76.16 -23.87 -4.51
N LEU I 8 -75.17 -23.19 -3.96
CA LEU I 8 -75.29 -22.50 -2.68
C LEU I 8 -75.50 -20.99 -2.83
N THR I 9 -76.25 -20.56 -3.85
CA THR I 9 -76.50 -19.15 -4.08
C THR I 9 -77.98 -18.92 -4.40
N SER I 10 -78.41 -17.67 -4.22
CA SER I 10 -79.77 -17.24 -4.56
C SER I 10 -79.76 -15.74 -4.77
N PRO I 11 -80.70 -15.21 -5.57
CA PRO I 11 -80.78 -13.76 -5.74
C PRO I 11 -81.30 -13.07 -4.48
N TYR I 12 -81.17 -11.75 -4.47
CA TYR I 12 -81.57 -10.92 -3.34
C TYR I 12 -82.35 -9.71 -3.82
N LEU I 13 -83.21 -9.19 -2.95
CA LEU I 13 -84.01 -8.01 -3.24
C LEU I 13 -83.15 -6.78 -3.01
N GLY I 14 -82.66 -6.16 -4.10
CA GLY I 14 -81.89 -4.95 -3.98
C GLY I 14 -82.75 -3.71 -3.85
N PHE I 15 -82.12 -2.62 -3.45
CA PHE I 15 -82.77 -1.33 -3.31
C PHE I 15 -82.08 -0.34 -4.23
N CYS I 16 -82.71 0.01 -5.34
CA CYS I 16 -82.09 0.95 -6.25
C CYS I 16 -83.05 2.13 -6.52
N PRO I 17 -82.50 3.31 -6.85
CA PRO I 17 -83.34 4.52 -6.85
C PRO I 17 -84.33 4.66 -8.00
N TYR I 18 -84.14 4.00 -9.14
CA TYR I 18 -84.99 4.26 -10.31
C TYR I 18 -85.75 3.00 -10.70
N CYS I 19 -87.08 3.10 -10.72
CA CYS I 19 -87.99 2.15 -11.34
C CYS I 19 -88.96 2.90 -12.25
N ARG I 20 -89.98 2.20 -12.76
CA ARG I 20 -91.09 2.85 -13.45
C ARG I 20 -91.88 3.80 -12.57
N HIS I 21 -91.84 3.63 -11.25
CA HIS I 21 -92.45 4.61 -10.37
C HIS I 21 -91.58 5.85 -10.18
N SER I 22 -90.34 5.82 -10.68
CA SER I 22 -89.40 6.95 -10.61
C SER I 22 -89.15 7.38 -9.17
N ALA I 23 -89.16 6.41 -8.26
CA ALA I 23 -88.92 6.62 -6.84
C ALA I 23 -87.97 5.54 -6.37
N PRO I 24 -87.23 5.79 -5.28
CA PRO I 24 -86.39 4.73 -4.70
C PRO I 24 -87.22 3.49 -4.37
N CYS I 25 -86.74 2.34 -4.84
CA CYS I 25 -87.61 1.17 -4.95
C CYS I 25 -86.79 -0.09 -4.68
N PHE I 26 -87.51 -1.14 -4.31
CA PHE I 26 -86.95 -2.49 -4.19
C PHE I 26 -87.16 -3.23 -5.50
N SER I 27 -86.10 -3.82 -6.02
CA SER I 27 -86.14 -4.56 -7.27
C SER I 27 -85.45 -5.89 -7.10
N PRO I 28 -85.97 -6.95 -7.74
CA PRO I 28 -85.21 -8.21 -7.79
C PRO I 28 -84.00 -8.12 -8.69
N ILE I 29 -83.96 -7.12 -9.57
CA ILE I 29 -82.82 -6.85 -10.43
C ILE I 29 -82.25 -5.48 -10.02
N LYS I 30 -81.11 -5.51 -9.35
CA LYS I 30 -80.43 -4.29 -8.92
C LYS I 30 -79.03 -4.29 -9.50
N ILE I 31 -78.70 -3.24 -10.25
CA ILE I 31 -77.39 -3.13 -10.88
C ILE I 31 -76.40 -2.73 -9.81
N GLU I 32 -75.47 -3.62 -9.47
CA GLU I 32 -74.48 -3.32 -8.45
C GLU I 32 -73.38 -2.43 -9.02
N ASN I 33 -72.66 -2.92 -10.03
CA ASN I 33 -71.57 -2.19 -10.65
C ASN I 33 -71.60 -2.41 -12.16
N VAL I 34 -71.12 -1.42 -12.89
CA VAL I 34 -71.00 -1.49 -14.34
C VAL I 34 -69.55 -1.18 -14.70
N TRP I 35 -68.92 -2.09 -15.46
CA TRP I 35 -67.54 -1.94 -15.89
C TRP I 35 -67.52 -1.76 -17.40
N ASP I 36 -66.93 -0.66 -17.85
CA ASP I 36 -66.83 -0.31 -19.27
C ASP I 36 -65.36 -0.09 -19.63
N GLU I 37 -64.69 -1.17 -19.98
CA GLU I 37 -63.28 -1.13 -20.31
C GLU I 37 -62.95 -1.68 -21.70
N SER I 38 -63.75 -2.61 -22.22
CA SER I 38 -63.47 -3.24 -23.50
C SER I 38 -63.55 -2.21 -24.63
N ASP I 39 -62.62 -2.34 -25.59
CA ASP I 39 -62.46 -1.33 -26.62
C ASP I 39 -63.56 -1.37 -27.67
N ASP I 40 -64.26 -2.50 -27.82
CA ASP I 40 -65.31 -2.58 -28.82
C ASP I 40 -66.53 -1.75 -28.42
N GLY I 41 -66.90 -1.79 -27.15
CA GLY I 41 -68.05 -1.06 -26.67
C GLY I 41 -68.92 -1.90 -25.76
N SER I 42 -68.54 -3.15 -25.57
CA SER I 42 -69.27 -4.04 -24.68
C SER I 42 -69.02 -3.66 -23.22
N ILE I 43 -70.07 -3.79 -22.42
CA ILE I 43 -70.01 -3.46 -21.00
C ILE I 43 -70.43 -4.69 -20.20
N ARG I 44 -69.76 -4.91 -19.08
CA ARG I 44 -70.09 -5.96 -18.12
C ARG I 44 -70.91 -5.34 -17.01
N ILE I 45 -72.06 -5.94 -16.70
CA ILE I 45 -72.99 -5.43 -15.71
C ILE I 45 -73.29 -6.53 -14.70
N GLN I 46 -73.21 -6.19 -13.42
CA GLN I 46 -73.46 -7.14 -12.35
C GLN I 46 -74.75 -6.79 -11.64
N VAL I 47 -75.73 -7.69 -11.70
CA VAL I 47 -77.09 -7.43 -11.26
C VAL I 47 -77.52 -8.55 -10.32
N SER I 48 -78.45 -8.23 -9.42
CA SER I 48 -78.81 -9.13 -8.32
C SER I 48 -79.50 -10.40 -8.78
N ALA I 49 -80.09 -10.42 -9.97
CA ALA I 49 -80.71 -11.63 -10.47
C ALA I 49 -79.65 -12.60 -10.97
N GLN I 50 -79.90 -13.89 -10.78
CA GLN I 50 -79.01 -14.91 -11.30
C GLN I 50 -79.41 -15.20 -12.74
N PHE I 51 -78.44 -15.66 -13.54
CA PHE I 51 -78.71 -15.93 -14.95
C PHE I 51 -78.10 -17.25 -15.37
N GLY I 52 -78.73 -17.89 -16.35
CA GLY I 52 -78.26 -19.15 -16.87
C GLY I 52 -78.54 -20.35 -15.98
N TYR I 53 -79.31 -20.18 -14.91
CA TYR I 53 -79.61 -21.28 -13.99
C TYR I 53 -81.08 -21.22 -13.61
N ASN I 54 -81.62 -22.36 -13.19
CA ASN I 54 -83.04 -22.50 -12.92
C ASN I 54 -83.34 -22.31 -11.43
N GLN I 55 -84.59 -22.60 -11.05
CA GLN I 55 -85.00 -22.51 -9.65
C GLN I 55 -84.25 -23.50 -8.77
N ALA I 56 -84.05 -24.72 -9.27
CA ALA I 56 -83.37 -25.75 -8.49
C ALA I 56 -81.86 -25.53 -8.40
N GLY I 57 -81.31 -24.58 -9.16
CA GLY I 57 -79.89 -24.33 -9.16
C GLY I 57 -79.10 -25.07 -10.22
N THR I 58 -79.77 -25.84 -11.08
CA THR I 58 -79.09 -26.53 -12.16
C THR I 58 -78.89 -25.59 -13.35
N ALA I 59 -77.96 -25.95 -14.23
CA ALA I 59 -77.56 -25.11 -15.34
C ALA I 59 -78.50 -25.33 -16.52
N ASP I 60 -79.26 -24.29 -16.87
CA ASP I 60 -80.06 -24.32 -18.09
C ASP I 60 -80.19 -22.91 -18.67
N VAL I 61 -80.12 -22.82 -19.99
CA VAL I 61 -80.03 -21.55 -20.70
C VAL I 61 -81.44 -21.01 -20.88
N THR I 62 -81.57 -19.71 -21.16
CA THR I 62 -82.82 -19.01 -21.41
C THR I 62 -83.78 -19.09 -20.22
N LYS I 63 -83.22 -19.14 -19.02
CA LYS I 63 -84.00 -19.22 -17.79
C LYS I 63 -83.23 -18.51 -16.67
N PHE I 64 -83.93 -17.70 -15.88
CA PHE I 64 -83.28 -16.89 -14.85
C PHE I 64 -84.17 -16.83 -13.61
N ARG I 65 -83.57 -16.36 -12.51
CA ARG I 65 -84.19 -16.34 -11.20
C ARG I 65 -84.40 -14.92 -10.71
N TYR I 66 -85.49 -14.69 -10.00
CA TYR I 66 -85.72 -13.42 -9.32
C TYR I 66 -86.48 -13.69 -8.02
N MET I 67 -86.98 -12.62 -7.39
CA MET I 67 -87.40 -12.64 -6.00
C MET I 67 -88.91 -12.68 -5.80
N SER I 68 -89.69 -12.03 -6.68
CA SER I 68 -91.13 -12.15 -6.90
C SER I 68 -92.03 -11.48 -5.86
N TYR I 69 -91.48 -10.91 -4.78
CA TYR I 69 -92.26 -10.17 -3.78
C TYR I 69 -93.39 -10.99 -3.16
N ASP I 70 -93.06 -12.18 -2.65
CA ASP I 70 -94.03 -12.95 -1.88
C ASP I 70 -93.54 -13.13 -0.45
N HIS I 71 -94.45 -13.62 0.40
CA HIS I 71 -94.23 -13.56 1.85
C HIS I 71 -93.08 -14.46 2.29
N ASP I 72 -92.93 -15.63 1.67
CA ASP I 72 -91.91 -16.58 2.10
C ASP I 72 -90.59 -16.47 1.34
N HIS I 73 -90.55 -15.72 0.24
CA HIS I 73 -89.37 -15.56 -0.62
C HIS I 73 -88.82 -16.91 -1.10
N ASP I 74 -89.63 -17.57 -1.93
CA ASP I 74 -89.05 -18.58 -2.79
C ASP I 74 -88.28 -17.93 -3.93
N ILE I 75 -87.50 -18.72 -4.65
CA ILE I 75 -86.68 -18.23 -5.75
C ILE I 75 -87.50 -18.44 -7.02
N LYS I 76 -88.14 -17.38 -7.50
CA LYS I 76 -89.05 -17.50 -8.63
C LYS I 76 -88.26 -17.61 -9.93
N GLU I 77 -88.79 -18.38 -10.88
CA GLU I 77 -88.09 -18.70 -12.11
C GLU I 77 -88.87 -18.15 -13.30
N ASP I 78 -88.15 -17.62 -14.28
CA ASP I 78 -88.82 -17.05 -15.45
C ASP I 78 -87.92 -17.22 -16.68
N SER I 79 -88.54 -17.05 -17.85
CA SER I 79 -87.80 -17.11 -19.10
C SER I 79 -86.91 -15.87 -19.25
N MET I 80 -85.81 -16.05 -19.96
CA MET I 80 -84.80 -15.00 -20.10
C MET I 80 -84.97 -14.17 -21.37
N GLU I 81 -85.67 -14.70 -22.38
CA GLU I 81 -85.83 -14.01 -23.66
C GLU I 81 -86.61 -12.70 -23.55
N LYS I 82 -87.30 -12.47 -22.43
CA LYS I 82 -88.08 -11.26 -22.18
C LYS I 82 -87.33 -10.27 -21.30
N LEU I 83 -85.99 -10.28 -21.40
CA LEU I 83 -85.12 -9.33 -20.73
C LEU I 83 -84.68 -8.26 -21.72
N ALA I 84 -84.59 -7.02 -21.26
CA ALA I 84 -84.06 -5.95 -22.10
C ALA I 84 -83.02 -5.13 -21.33
N ILE I 85 -81.91 -4.84 -22.01
CA ILE I 85 -80.89 -3.93 -21.54
C ILE I 85 -80.95 -2.69 -22.41
N SER I 86 -80.86 -1.51 -21.80
CA SER I 86 -81.02 -0.29 -22.57
C SER I 86 -80.19 0.84 -21.99
N THR I 87 -79.38 1.48 -22.84
CA THR I 87 -78.72 2.73 -22.49
C THR I 87 -79.45 3.92 -23.13
N SER I 88 -79.58 3.90 -24.45
CA SER I 88 -80.45 4.82 -25.18
C SER I 88 -81.50 4.08 -25.98
N GLY I 89 -81.08 3.12 -26.80
CA GLY I 89 -81.98 2.16 -27.40
C GLY I 89 -81.73 0.79 -26.81
N PRO I 90 -82.20 -0.26 -27.48
CA PRO I 90 -81.95 -1.62 -26.99
C PRO I 90 -80.47 -1.98 -27.08
N CYS I 91 -80.04 -2.84 -26.16
CA CYS I 91 -78.67 -3.33 -26.11
C CYS I 91 -78.64 -4.78 -26.56
N ARG I 92 -77.67 -5.13 -27.39
CA ARG I 92 -77.49 -6.51 -27.83
C ARG I 92 -76.87 -7.32 -26.71
N ARG I 93 -77.48 -8.46 -26.38
CA ARG I 93 -76.92 -9.33 -25.37
C ARG I 93 -75.84 -10.23 -25.98
N LEU I 94 -74.69 -10.27 -25.32
CA LEU I 94 -73.57 -11.09 -25.80
C LEU I 94 -73.23 -12.24 -24.87
N GLY I 95 -73.23 -12.01 -23.56
CA GLY I 95 -72.89 -13.07 -22.63
C GLY I 95 -73.72 -12.98 -21.36
N HIS I 96 -73.82 -14.11 -20.68
CA HIS I 96 -74.62 -14.16 -19.44
C HIS I 96 -74.13 -15.28 -18.55
N LYS I 97 -74.17 -15.05 -17.24
CA LYS I 97 -73.86 -16.00 -16.19
C LYS I 97 -74.55 -15.49 -14.93
N GLY I 98 -74.62 -16.31 -13.88
CA GLY I 98 -75.20 -15.88 -12.63
C GLY I 98 -74.55 -14.64 -12.06
N TYR I 99 -75.36 -13.63 -11.73
CA TYR I 99 -75.00 -12.27 -11.32
C TYR I 99 -74.34 -11.42 -12.40
N PHE I 100 -74.21 -11.89 -13.64
CA PHE I 100 -73.43 -11.11 -14.61
C PHE I 100 -74.01 -11.18 -16.01
N LEU I 101 -74.06 -10.02 -16.67
CA LEU I 101 -74.39 -9.93 -18.09
C LEU I 101 -73.33 -9.14 -18.81
N LEU I 102 -73.22 -9.38 -20.12
CA LEU I 102 -72.26 -8.72 -20.99
C LEU I 102 -72.99 -8.28 -22.24
N ALA I 103 -73.13 -6.96 -22.41
CA ALA I 103 -73.98 -6.43 -23.47
C ALA I 103 -73.26 -5.33 -24.25
N GLN I 104 -73.48 -5.31 -25.56
CA GLN I 104 -73.00 -4.22 -26.40
C GLN I 104 -74.04 -3.11 -26.43
N CYS I 105 -73.64 -1.89 -26.10
CA CYS I 105 -74.58 -0.79 -25.99
C CYS I 105 -74.10 0.45 -26.72
N PRO I 106 -75.03 1.26 -27.23
CA PRO I 106 -74.66 2.57 -27.77
C PRO I 106 -74.27 3.51 -26.65
N PRO I 107 -73.60 4.62 -26.97
CA PRO I 107 -73.29 5.62 -25.94
C PRO I 107 -74.56 6.18 -25.31
N GLY I 108 -74.48 6.43 -24.00
CA GLY I 108 -75.63 6.92 -23.27
C GLY I 108 -75.23 7.45 -21.92
N ASP I 109 -76.24 7.77 -21.12
CA ASP I 109 -76.03 8.36 -19.80
C ASP I 109 -76.47 7.47 -18.66
N SER I 110 -77.13 6.35 -18.93
CA SER I 110 -77.62 5.47 -17.88
C SER I 110 -77.74 4.06 -18.45
N VAL I 111 -77.85 3.09 -17.56
CA VAL I 111 -78.03 1.68 -17.92
C VAL I 111 -79.28 1.17 -17.21
N THR I 112 -80.19 0.58 -17.98
CA THR I 112 -81.47 0.12 -17.47
C THR I 112 -81.65 -1.35 -17.81
N VAL I 113 -82.03 -2.14 -16.80
CA VAL I 113 -82.39 -3.54 -16.97
C VAL I 113 -83.87 -3.67 -16.71
N SER I 114 -84.60 -4.29 -17.64
CA SER I 114 -86.05 -4.35 -17.59
C SER I 114 -86.56 -5.74 -17.88
N ILE I 115 -87.57 -6.15 -17.10
CA ILE I 115 -88.29 -7.41 -17.29
C ILE I 115 -89.59 -7.12 -18.04
N THR I 116 -89.60 -7.32 -19.36
CA THR I 116 -90.78 -7.04 -20.17
C THR I 116 -91.70 -8.25 -20.14
N SER I 117 -92.65 -8.25 -19.22
CA SER I 117 -93.58 -9.39 -19.08
C SER I 117 -94.94 -8.85 -18.61
N GLY I 118 -95.81 -8.53 -19.58
CA GLY I 118 -97.16 -8.07 -19.29
C GLY I 118 -97.20 -6.81 -18.46
N ALA I 119 -96.42 -5.81 -18.86
CA ALA I 119 -96.13 -4.58 -18.10
C ALA I 119 -95.50 -4.98 -16.76
N SER I 120 -95.61 -4.10 -15.76
CA SER I 120 -94.99 -4.28 -14.44
C SER I 120 -93.51 -4.64 -14.58
N GLU I 121 -92.77 -3.74 -15.23
CA GLU I 121 -91.45 -4.06 -15.72
C GLU I 121 -90.45 -4.29 -14.58
N ASN I 122 -90.61 -3.55 -13.48
CA ASN I 122 -89.69 -3.57 -12.34
C ASN I 122 -88.26 -3.30 -12.77
N SER I 123 -88.10 -2.42 -13.75
CA SER I 123 -86.78 -2.10 -14.29
C SER I 123 -85.98 -1.31 -13.28
N CYS I 124 -84.65 -1.39 -13.39
CA CYS I 124 -83.77 -0.58 -12.58
C CYS I 124 -82.77 0.14 -13.46
N THR I 125 -82.52 1.41 -13.13
CA THR I 125 -81.69 2.31 -13.93
C THR I 125 -80.58 2.87 -13.05
N VAL I 126 -79.35 2.81 -13.54
CA VAL I 126 -78.19 3.31 -12.80
C VAL I 126 -77.48 4.33 -13.68
N GLU I 127 -76.97 5.39 -13.04
CA GLU I 127 -76.22 6.42 -13.74
C GLU I 127 -74.82 5.91 -14.07
N LYS I 128 -74.51 5.83 -15.37
CA LYS I 128 -73.20 5.42 -15.82
C LYS I 128 -72.86 6.18 -17.10
N LYS I 129 -71.68 6.77 -17.13
CA LYS I 129 -71.23 7.60 -18.25
C LYS I 129 -70.61 6.64 -19.26
N ILE I 130 -71.27 6.47 -20.41
CA ILE I 130 -70.78 5.61 -21.48
C ILE I 130 -70.54 6.49 -22.71
N ARG I 131 -69.31 6.48 -23.20
CA ARG I 131 -68.88 7.19 -24.38
C ARG I 131 -68.34 6.17 -25.39
N ARG I 132 -68.41 6.53 -26.68
CA ARG I 132 -67.93 5.68 -27.77
C ARG I 132 -66.42 5.47 -27.60
N LYS I 133 -66.04 4.24 -27.29
CA LYS I 133 -64.64 3.90 -27.04
C LYS I 133 -63.99 3.50 -28.35
N PHE I 134 -62.96 4.24 -28.75
CA PHE I 134 -62.19 3.95 -29.94
C PHE I 134 -60.78 3.57 -29.53
N VAL I 135 -60.13 2.75 -30.35
CA VAL I 135 -58.75 2.35 -30.10
C VAL I 135 -57.89 2.88 -31.24
N GLY I 136 -56.68 3.27 -30.90
CA GLY I 136 -55.75 3.77 -31.89
C GLY I 136 -55.70 5.28 -31.95
N ARG I 137 -55.38 5.77 -33.15
CA ARG I 137 -55.22 7.19 -33.40
C ARG I 137 -56.09 7.71 -34.53
N GLU I 138 -57.27 7.14 -34.72
CA GLU I 138 -58.24 7.65 -35.67
C GLU I 138 -59.63 7.43 -35.11
N GLU I 139 -60.45 8.48 -35.12
CA GLU I 139 -61.85 8.34 -34.73
C GLU I 139 -62.60 7.56 -35.79
N TYR I 140 -63.58 6.77 -35.34
CA TYR I 140 -64.47 6.10 -36.28
C TYR I 140 -65.79 5.81 -35.56
N LEU I 141 -66.84 5.68 -36.37
CA LEU I 141 -68.14 5.24 -35.88
C LEU I 141 -68.28 3.72 -35.93
N PHE I 142 -67.84 3.11 -37.02
CA PHE I 142 -67.81 1.67 -37.28
C PHE I 142 -66.37 1.21 -37.45
N PRO I 143 -66.04 -0.02 -37.09
CA PRO I 143 -64.70 -0.55 -37.40
C PRO I 143 -64.51 -0.67 -38.91
N PRO I 144 -63.30 -0.42 -39.39
CA PRO I 144 -63.05 -0.44 -40.84
C PRO I 144 -62.84 -1.86 -41.34
N VAL I 145 -62.75 -1.99 -42.66
CA VAL I 145 -62.52 -3.27 -43.31
C VAL I 145 -61.09 -3.39 -43.81
N HIS I 146 -60.43 -2.26 -44.07
CA HIS I 146 -59.03 -2.24 -44.49
C HIS I 146 -58.25 -1.47 -43.42
N GLY I 147 -57.61 -2.20 -42.53
CA GLY I 147 -56.97 -1.58 -41.39
C GLY I 147 -55.53 -1.96 -41.16
N LYS I 148 -55.05 -1.75 -39.92
CA LYS I 148 -53.68 -2.04 -39.54
C LYS I 148 -53.57 -3.27 -38.64
N LEU I 149 -54.66 -3.68 -38.00
CA LEU I 149 -54.71 -4.81 -37.06
C LEU I 149 -53.75 -4.57 -35.88
N VAL I 150 -54.11 -3.57 -35.08
CA VAL I 150 -53.34 -3.22 -33.89
C VAL I 150 -53.90 -3.98 -32.70
N LYS I 151 -53.06 -4.17 -31.68
CA LYS I 151 -53.46 -4.91 -30.49
C LYS I 151 -54.36 -4.06 -29.59
N CYS I 152 -55.48 -4.64 -29.16
CA CYS I 152 -56.40 -4.00 -28.23
C CYS I 152 -56.94 -5.04 -27.25
N HIS I 153 -57.83 -4.64 -26.34
CA HIS I 153 -58.31 -5.55 -25.31
C HIS I 153 -59.83 -5.61 -25.34
N VAL I 154 -60.39 -6.82 -25.34
CA VAL I 154 -61.81 -7.05 -25.57
C VAL I 154 -62.34 -7.97 -24.49
N TYR I 155 -63.52 -7.65 -23.95
CA TYR I 155 -64.26 -8.59 -23.11
C TYR I 155 -64.53 -9.88 -23.87
N ASP I 156 -64.20 -11.00 -23.26
CA ASP I 156 -64.39 -12.30 -23.91
C ASP I 156 -65.87 -12.66 -23.95
N HIS I 157 -66.28 -13.29 -25.07
CA HIS I 157 -67.68 -13.65 -25.23
C HIS I 157 -68.04 -14.87 -24.38
N LEU I 158 -67.13 -15.83 -24.27
CA LEU I 158 -67.42 -17.07 -23.57
C LEU I 158 -67.50 -16.86 -22.06
N LYS I 159 -68.45 -17.55 -21.42
CA LYS I 159 -68.64 -17.43 -19.98
C LYS I 159 -67.63 -18.24 -19.19
N GLU I 160 -66.83 -19.08 -19.83
CA GLU I 160 -65.89 -19.93 -19.11
C GLU I 160 -64.71 -19.14 -18.57
N THR I 161 -64.34 -18.06 -19.23
CA THR I 161 -63.17 -17.28 -18.81
C THR I 161 -63.46 -16.53 -17.52
N SER I 162 -62.39 -16.26 -16.77
CA SER I 162 -62.51 -15.60 -15.47
C SER I 162 -61.48 -14.50 -15.34
N ALA I 163 -61.90 -13.39 -14.73
CA ALA I 163 -61.03 -12.25 -14.43
C ALA I 163 -60.79 -12.04 -12.96
N GLY I 164 -61.76 -12.38 -12.11
CA GLY I 164 -61.61 -12.17 -10.69
C GLY I 164 -62.62 -12.99 -9.92
N TYR I 165 -62.95 -12.51 -8.73
CA TYR I 165 -63.89 -13.21 -7.87
C TYR I 165 -64.69 -12.21 -7.05
N ILE I 166 -65.90 -12.60 -6.67
CA ILE I 166 -66.72 -11.87 -5.73
C ILE I 166 -67.04 -12.80 -4.56
N THR I 167 -67.05 -12.25 -3.35
CA THR I 167 -67.14 -13.06 -2.14
C THR I 167 -68.59 -13.36 -1.82
N MET I 168 -68.90 -14.64 -1.62
CA MET I 168 -70.25 -15.07 -1.26
C MET I 168 -70.34 -15.31 0.24
N HIS I 169 -71.26 -14.63 0.89
CA HIS I 169 -71.42 -14.72 2.33
C HIS I 169 -72.82 -15.21 2.67
N ARG I 170 -72.95 -15.74 3.90
CA ARG I 170 -74.21 -16.28 4.34
C ARG I 170 -75.25 -15.16 4.51
N PRO I 171 -76.53 -15.44 4.26
CA PRO I 171 -77.54 -14.38 4.37
C PRO I 171 -77.80 -14.00 5.82
N GLY I 172 -78.23 -12.76 6.01
CA GLY I 172 -78.58 -12.27 7.31
C GLY I 172 -80.07 -12.38 7.59
N PRO I 173 -80.52 -11.79 8.69
CA PRO I 173 -81.95 -11.82 9.01
C PRO I 173 -82.76 -10.92 8.08
N HIS I 174 -84.06 -11.20 8.02
CA HIS I 174 -84.99 -10.41 7.24
C HIS I 174 -86.37 -10.54 7.89
N ALA I 175 -86.88 -9.44 8.42
CA ALA I 175 -88.12 -9.46 9.20
C ALA I 175 -89.29 -8.97 8.35
N TYR I 176 -90.48 -9.45 8.68
CA TYR I 176 -91.66 -9.24 7.85
C TYR I 176 -92.79 -8.72 8.72
N LYS I 177 -93.55 -7.74 8.22
CA LYS I 177 -94.75 -7.32 8.94
C LYS I 177 -95.88 -8.31 8.72
N SER I 178 -95.85 -9.06 7.62
CA SER I 178 -96.87 -10.06 7.37
C SER I 178 -96.69 -11.31 8.23
N TYR I 179 -95.49 -11.50 8.78
CA TYR I 179 -95.28 -12.62 9.71
C TYR I 179 -96.02 -12.38 11.01
N LEU I 180 -96.18 -11.12 11.41
CA LEU I 180 -96.85 -10.76 12.64
C LEU I 180 -98.34 -10.49 12.39
N GLU I 181 -99.14 -10.71 13.43
CA GLU I 181 -100.57 -10.43 13.36
C GLU I 181 -101.03 -10.01 14.75
N GLU I 182 -101.66 -8.85 14.85
CA GLU I 182 -102.10 -8.31 16.13
C GLU I 182 -103.62 -8.40 16.24
N ALA I 183 -104.10 -8.96 17.35
CA ALA I 183 -105.52 -9.05 17.65
C ALA I 183 -105.71 -8.67 19.11
N SER I 184 -106.30 -7.49 19.35
CA SER I 184 -106.59 -6.97 20.69
C SER I 184 -105.35 -6.92 21.57
N GLY I 185 -104.23 -6.49 20.97
CA GLY I 185 -102.97 -6.43 21.68
C GLY I 185 -102.18 -7.72 21.68
N GLU I 186 -102.74 -8.80 21.13
CA GLU I 186 -102.04 -10.07 21.05
C GLU I 186 -101.27 -10.12 19.74
N VAL I 187 -99.95 -10.04 19.83
CA VAL I 187 -99.06 -10.05 18.67
C VAL I 187 -98.57 -11.48 18.48
N TYR I 188 -99.25 -12.22 17.63
CA TYR I 188 -98.88 -13.60 17.32
C TYR I 188 -98.08 -13.64 16.01
N ILE I 189 -97.49 -14.81 15.75
CA ILE I 189 -96.61 -15.03 14.62
C ILE I 189 -97.21 -16.13 13.75
N LYS I 190 -97.36 -15.86 12.47
CA LYS I 190 -97.87 -16.86 11.54
C LYS I 190 -96.72 -17.36 10.68
N PRO I 191 -96.22 -18.58 10.89
CA PRO I 191 -95.17 -19.11 10.02
C PRO I 191 -95.75 -19.78 8.80
N PRO I 192 -95.30 -19.42 7.60
CA PRO I 192 -95.81 -20.08 6.39
C PRO I 192 -95.32 -21.51 6.29
N SER I 193 -96.26 -22.43 6.02
CA SER I 193 -96.02 -23.86 5.82
C SER I 193 -95.38 -24.53 7.03
N GLY I 194 -95.50 -23.93 8.23
CA GLY I 194 -95.01 -24.55 9.44
C GLY I 194 -93.51 -24.54 9.62
N LYS I 195 -92.77 -23.78 8.81
CA LYS I 195 -91.32 -23.73 8.97
C LYS I 195 -90.94 -22.90 10.18
N ASN I 196 -89.68 -23.04 10.61
CA ASN I 196 -89.26 -22.49 11.89
C ASN I 196 -88.85 -21.04 11.74
N VAL I 197 -89.65 -20.12 12.30
CA VAL I 197 -89.34 -18.70 12.30
C VAL I 197 -88.96 -18.32 13.73
N THR I 198 -87.92 -17.50 13.86
CA THR I 198 -87.41 -17.15 15.18
C THR I 198 -87.74 -15.71 15.51
N TYR I 199 -87.92 -15.44 16.80
CA TYR I 199 -88.18 -14.09 17.29
C TYR I 199 -87.11 -13.69 18.29
N GLU I 200 -86.76 -12.41 18.26
CA GLU I 200 -85.77 -11.80 19.15
C GLU I 200 -86.44 -10.73 19.99
N CYS I 201 -87.58 -11.08 20.56
CA CYS I 201 -88.51 -10.06 21.04
C CYS I 201 -88.06 -9.48 22.38
N LYS I 202 -88.44 -8.23 22.61
CA LYS I 202 -88.06 -7.45 23.78
C LYS I 202 -89.31 -6.90 24.45
N CYS I 203 -90.27 -7.79 24.73
CA CYS I 203 -91.45 -7.36 25.45
C CYS I 203 -91.14 -7.25 26.94
N GLY I 204 -90.25 -8.10 27.44
CA GLY I 204 -89.73 -7.95 28.79
C GLY I 204 -88.22 -7.90 28.89
N ASP I 205 -87.54 -8.58 27.96
CA ASP I 205 -86.07 -8.68 27.95
C ASP I 205 -85.65 -9.26 26.61
N TYR I 206 -84.36 -9.52 26.45
CA TYR I 206 -83.84 -10.11 25.21
C TYR I 206 -84.26 -11.57 25.13
N SER I 207 -85.50 -11.76 24.69
CA SER I 207 -86.12 -13.09 24.66
C SER I 207 -86.09 -13.61 23.23
N THR I 208 -85.17 -14.54 22.98
CA THR I 208 -85.03 -15.17 21.67
C THR I 208 -85.64 -16.56 21.71
N GLY I 209 -86.50 -16.86 20.74
CA GLY I 209 -87.22 -18.11 20.74
C GLY I 209 -87.45 -18.65 19.34
N ILE I 210 -87.41 -19.97 19.24
CA ILE I 210 -87.72 -20.69 18.01
C ILE I 210 -89.18 -21.12 18.08
N VAL I 211 -89.94 -20.84 17.01
CA VAL I 211 -91.34 -21.23 16.98
C VAL I 211 -91.72 -21.64 15.56
N SER I 212 -92.56 -22.66 15.46
CA SER I 212 -93.11 -23.10 14.18
C SER I 212 -94.62 -22.98 14.11
N THR I 213 -95.27 -22.53 15.18
CA THR I 213 -96.72 -22.39 15.25
C THR I 213 -97.07 -20.95 15.66
N ARG I 214 -98.34 -20.75 16.00
CA ARG I 214 -98.85 -19.42 16.33
C ARG I 214 -98.88 -19.26 17.85
N THR I 215 -97.74 -18.84 18.42
CA THR I 215 -97.60 -18.62 19.86
C THR I 215 -97.27 -17.16 20.13
N LYS I 216 -97.17 -16.82 21.42
CA LYS I 216 -96.93 -15.45 21.86
C LYS I 216 -96.37 -15.49 23.27
N MET I 217 -95.52 -14.52 23.59
CA MET I 217 -95.12 -14.27 24.97
C MET I 217 -95.32 -12.79 25.32
N ASN I 218 -96.27 -12.54 26.22
CA ASN I 218 -96.46 -11.28 26.94
C ASN I 218 -96.93 -10.10 26.08
N GLY I 219 -96.99 -10.27 24.76
CA GLY I 219 -97.73 -9.35 23.91
C GLY I 219 -97.15 -7.97 23.69
N CYS I 220 -97.17 -7.14 24.75
CA CYS I 220 -96.88 -5.70 24.75
C CYS I 220 -97.69 -4.87 23.75
N THR I 221 -98.74 -5.41 23.12
CA THR I 221 -99.73 -4.69 22.31
C THR I 221 -99.12 -3.87 21.17
N LYS I 222 -99.95 -3.04 20.52
CA LYS I 222 -99.54 -1.96 19.62
C LYS I 222 -98.89 -2.48 18.32
N ALA I 223 -98.65 -3.79 18.24
CA ALA I 223 -98.16 -4.53 17.07
C ALA I 223 -96.75 -4.16 16.64
N LYS I 224 -96.07 -3.27 17.35
CA LYS I 224 -94.70 -2.90 17.00
C LYS I 224 -93.88 -2.74 18.28
N GLN I 225 -93.29 -3.84 18.74
CA GLN I 225 -92.15 -3.81 19.65
C GLN I 225 -91.07 -4.79 19.26
N CYS I 226 -91.32 -5.70 18.33
CA CYS I 226 -90.36 -6.73 17.96
C CYS I 226 -90.76 -7.37 16.65
N ILE I 227 -89.94 -8.32 16.21
CA ILE I 227 -90.02 -8.88 14.88
C ILE I 227 -89.85 -10.38 14.95
N ALA I 228 -89.98 -11.03 13.79
CA ALA I 228 -89.72 -12.45 13.63
C ALA I 228 -89.19 -12.69 12.23
N TYR I 229 -88.06 -13.40 12.13
CA TYR I 229 -87.44 -13.65 10.85
C TYR I 229 -87.22 -15.15 10.63
N LYS I 230 -87.22 -15.55 9.36
CA LYS I 230 -86.97 -16.94 9.02
C LYS I 230 -85.49 -17.25 9.19
N ARG I 231 -85.20 -18.37 9.85
CA ARG I 231 -83.83 -18.76 10.17
C ARG I 231 -83.30 -19.88 9.28
N ASP I 232 -84.15 -20.82 8.88
CA ASP I 232 -83.68 -21.99 8.15
C ASP I 232 -83.39 -21.72 6.69
N GLN I 233 -83.73 -20.54 6.18
CA GLN I 233 -83.32 -20.16 4.82
C GLN I 233 -81.88 -19.67 4.87
N THR I 234 -80.96 -20.61 5.05
CA THR I 234 -79.53 -20.35 5.03
C THR I 234 -79.02 -20.71 3.64
N LYS I 235 -78.77 -19.68 2.82
CA LYS I 235 -78.42 -19.91 1.42
C LYS I 235 -77.68 -18.66 0.96
N TRP I 236 -76.40 -18.80 0.63
CA TRP I 236 -75.48 -17.66 0.57
C TRP I 236 -75.85 -16.68 -0.53
N VAL I 237 -75.49 -15.41 -0.30
CA VAL I 237 -75.79 -14.31 -1.20
C VAL I 237 -74.55 -13.41 -1.29
N PHE I 238 -74.69 -12.35 -2.09
CA PHE I 238 -73.62 -11.39 -2.30
C PHE I 238 -73.51 -10.41 -1.13
N ASN I 239 -72.32 -9.84 -0.95
CA ASN I 239 -72.05 -8.83 0.07
C ASN I 239 -72.40 -7.42 -0.45
N SER I 240 -73.66 -7.29 -0.87
CA SER I 240 -74.16 -6.05 -1.43
C SER I 240 -74.25 -4.97 -0.35
N PRO I 241 -74.34 -3.69 -0.75
CA PRO I 241 -74.60 -2.63 0.24
C PRO I 241 -75.90 -2.80 1.00
N ASP I 242 -76.87 -3.51 0.43
CA ASP I 242 -78.10 -3.85 1.11
C ASP I 242 -77.89 -5.13 1.91
N LEU I 243 -78.97 -5.78 2.37
CA LEU I 243 -78.94 -7.12 2.95
C LEU I 243 -78.07 -7.17 4.21
N ILE I 244 -78.61 -6.57 5.28
CA ILE I 244 -77.93 -6.47 6.56
C ILE I 244 -77.46 -7.84 7.05
N ARG I 245 -76.39 -7.84 7.83
CA ARG I 245 -75.54 -9.01 7.95
C ARG I 245 -75.94 -9.92 9.11
N HIS I 246 -75.63 -11.20 8.94
CA HIS I 246 -75.65 -12.18 10.00
C HIS I 246 -74.42 -12.00 10.90
N THR I 247 -74.43 -12.69 12.05
CA THR I 247 -73.33 -12.54 13.00
C THR I 247 -72.04 -13.13 12.46
N ASP I 248 -72.13 -14.19 11.65
CA ASP I 248 -70.95 -14.89 11.13
C ASP I 248 -70.56 -14.26 9.80
N HIS I 249 -69.53 -13.40 9.84
CA HIS I 249 -68.98 -12.80 8.63
C HIS I 249 -67.64 -13.45 8.28
N SER I 250 -67.73 -14.53 7.52
CA SER I 250 -66.57 -15.15 6.89
C SER I 250 -66.83 -15.31 5.40
N VAL I 251 -65.76 -15.48 4.64
CA VAL I 251 -65.87 -15.66 3.20
C VAL I 251 -66.30 -17.09 2.93
N GLN I 252 -67.61 -17.32 2.84
CA GLN I 252 -68.13 -18.66 2.61
C GLN I 252 -67.79 -19.16 1.22
N GLY I 253 -67.97 -18.33 0.20
CA GLY I 253 -67.78 -18.76 -1.17
C GLY I 253 -67.11 -17.70 -2.02
N LYS I 254 -66.59 -18.15 -3.16
CA LYS I 254 -65.90 -17.29 -4.12
C LYS I 254 -66.35 -17.69 -5.50
N LEU I 255 -67.03 -16.79 -6.21
CA LEU I 255 -67.57 -17.08 -7.54
C LEU I 255 -66.84 -16.22 -8.57
N HIS I 256 -66.51 -16.84 -9.70
CA HIS I 256 -65.65 -16.20 -10.69
C HIS I 256 -66.32 -15.02 -11.38
N ILE I 257 -65.53 -14.00 -11.67
CA ILE I 257 -65.93 -12.90 -12.54
C ILE I 257 -65.81 -13.39 -13.98
N PRO I 258 -66.89 -13.42 -14.76
CA PRO I 258 -66.79 -13.88 -16.14
C PRO I 258 -66.37 -12.75 -17.07
N PHE I 259 -66.10 -13.14 -18.33
CA PHE I 259 -65.80 -12.24 -19.44
C PHE I 259 -64.57 -11.38 -19.14
N ARG I 260 -63.43 -12.06 -19.05
CA ARG I 260 -62.16 -11.40 -18.77
C ARG I 260 -61.67 -10.63 -20.00
N LEU I 261 -60.79 -9.65 -19.75
CA LEU I 261 -60.12 -8.88 -20.80
C LEU I 261 -59.13 -9.79 -21.52
N THR I 262 -59.53 -10.27 -22.69
CA THR I 262 -58.46 -10.92 -23.42
C THR I 262 -57.83 -9.96 -24.42
N PRO I 263 -56.53 -10.07 -24.65
CA PRO I 263 -55.90 -9.28 -25.72
C PRO I 263 -56.21 -9.86 -27.08
N THR I 264 -56.71 -9.00 -27.97
CA THR I 264 -57.16 -9.41 -29.29
C THR I 264 -56.53 -8.44 -30.29
N VAL I 265 -56.52 -8.82 -31.56
CA VAL I 265 -56.01 -7.97 -32.64
C VAL I 265 -57.22 -7.41 -33.39
N CYS I 266 -57.32 -6.08 -33.41
CA CYS I 266 -58.48 -5.40 -33.97
C CYS I 266 -58.04 -4.29 -34.91
N PRO I 267 -58.80 -4.04 -35.97
CA PRO I 267 -58.35 -3.09 -37.01
C PRO I 267 -58.72 -1.64 -36.72
N VAL I 268 -57.84 -0.74 -37.15
CA VAL I 268 -58.04 0.70 -37.07
C VAL I 268 -57.77 1.30 -38.45
N PRO I 269 -58.45 2.38 -38.84
CA PRO I 269 -58.31 2.87 -40.21
C PRO I 269 -56.96 3.53 -40.45
N LEU I 270 -56.61 3.60 -41.73
CA LEU I 270 -55.45 4.36 -42.20
C LEU I 270 -55.96 5.56 -42.96
N ALA I 271 -55.55 6.75 -42.54
CA ALA I 271 -56.00 7.98 -43.18
C ALA I 271 -55.34 8.14 -44.55
N HIS I 272 -55.83 9.12 -45.30
CA HIS I 272 -55.25 9.44 -46.60
C HIS I 272 -53.82 9.91 -46.42
N THR I 273 -52.91 9.40 -47.24
CA THR I 273 -51.50 9.71 -47.10
C THR I 273 -51.26 11.19 -47.43
N PRO I 274 -50.67 11.96 -46.52
CA PRO I 274 -50.52 13.40 -46.76
C PRO I 274 -49.50 13.69 -47.84
N THR I 275 -49.73 14.78 -48.55
CA THR I 275 -48.81 15.24 -49.58
C THR I 275 -47.90 16.30 -49.00
N VAL I 276 -46.61 16.17 -49.27
CA VAL I 276 -45.60 17.10 -48.78
C VAL I 276 -45.36 18.16 -49.84
N THR I 277 -45.07 19.37 -49.40
CA THR I 277 -44.37 20.35 -50.23
C THR I 277 -43.16 20.86 -49.46
N LYS I 278 -42.08 21.10 -50.18
CA LYS I 278 -40.74 21.14 -49.61
C LYS I 278 -40.17 22.54 -49.79
N TRP I 279 -39.95 23.25 -48.68
CA TRP I 279 -39.43 24.62 -48.73
C TRP I 279 -38.29 24.76 -47.74
N PHE I 280 -37.09 24.98 -48.26
CA PHE I 280 -35.83 25.27 -47.56
C PHE I 280 -35.65 24.35 -46.35
N LYS I 281 -35.67 24.90 -45.13
CA LYS I 281 -35.60 24.10 -43.91
C LYS I 281 -36.99 23.92 -43.30
N GLY I 282 -37.89 23.39 -44.11
CA GLY I 282 -39.26 23.19 -43.66
C GLY I 282 -40.01 22.31 -44.62
N ILE I 283 -41.11 21.74 -44.11
CA ILE I 283 -42.07 21.01 -44.92
C ILE I 283 -43.44 21.58 -44.63
N THR I 284 -44.35 21.38 -45.57
CA THR I 284 -45.76 21.67 -45.33
C THR I 284 -46.57 20.46 -45.75
N LEU I 285 -47.31 19.91 -44.80
CA LEU I 285 -48.11 18.72 -45.00
C LEU I 285 -49.53 19.15 -45.32
N HIS I 286 -50.11 18.56 -46.38
CA HIS I 286 -51.50 18.82 -46.75
C HIS I 286 -52.34 17.69 -46.18
N LEU I 287 -53.01 17.97 -45.06
CA LEU I 287 -53.71 16.96 -44.30
C LEU I 287 -55.17 16.87 -44.76
N THR I 288 -55.71 15.66 -44.78
CA THR I 288 -57.14 15.49 -45.01
C THR I 288 -57.64 14.27 -44.26
N ALA I 289 -58.73 14.44 -43.53
CA ALA I 289 -59.36 13.38 -42.76
C ALA I 289 -60.75 13.85 -42.35
N THR I 290 -61.78 13.06 -42.66
CA THR I 290 -63.13 13.41 -42.26
C THR I 290 -63.29 13.30 -40.75
N ARG I 291 -63.05 12.12 -40.20
CA ARG I 291 -63.06 11.93 -38.77
C ARG I 291 -61.79 12.52 -38.16
N PRO I 292 -61.82 12.89 -36.88
CA PRO I 292 -60.62 13.44 -36.24
C PRO I 292 -59.47 12.44 -36.24
N THR I 293 -58.26 12.96 -36.44
CA THR I 293 -57.08 12.12 -36.61
C THR I 293 -55.88 12.84 -35.99
N LEU I 294 -55.05 12.10 -35.27
CA LEU I 294 -53.93 12.67 -34.55
C LEU I 294 -52.70 12.79 -35.44
N LEU I 295 -52.01 13.92 -35.32
CA LEU I 295 -50.75 14.16 -36.02
C LEU I 295 -49.71 14.55 -34.98
N THR I 296 -48.60 13.81 -34.93
CA THR I 296 -47.52 14.07 -33.99
C THR I 296 -46.19 14.19 -34.73
N THR I 297 -45.45 15.26 -34.44
CA THR I 297 -44.13 15.50 -35.02
C THR I 297 -43.11 15.67 -33.91
N ARG I 298 -41.89 15.23 -34.18
CA ARG I 298 -40.80 15.44 -33.23
C ARG I 298 -39.48 15.59 -33.97
N LYS I 299 -38.63 16.47 -33.45
CA LYS I 299 -37.31 16.68 -34.04
C LYS I 299 -36.32 15.66 -33.49
N LEU I 300 -35.44 15.18 -34.36
CA LEU I 300 -34.47 14.13 -34.01
C LEU I 300 -33.17 14.73 -33.50
N GLY I 301 -33.23 15.46 -32.39
CA GLY I 301 -32.04 16.07 -31.85
C GLY I 301 -32.00 16.16 -30.34
N LEU I 302 -31.28 17.16 -29.83
CA LEU I 302 -31.15 17.32 -28.38
C LEU I 302 -32.43 17.86 -27.76
N ARG I 303 -33.17 18.69 -28.49
CA ARG I 303 -34.38 19.33 -27.99
C ARG I 303 -35.51 19.03 -28.96
N ALA I 304 -36.28 17.98 -28.67
CA ALA I 304 -37.34 17.51 -29.55
C ALA I 304 -38.61 18.32 -29.27
N ASP I 305 -38.94 19.22 -30.19
CA ASP I 305 -40.15 20.02 -30.09
C ASP I 305 -41.31 19.22 -30.68
N ALA I 306 -41.78 18.25 -29.90
CA ALA I 306 -42.87 17.40 -30.35
C ALA I 306 -44.20 18.15 -30.28
N THR I 307 -44.89 18.23 -31.41
CA THR I 307 -46.20 18.84 -31.49
C THR I 307 -47.22 17.77 -31.84
N ALA I 308 -48.26 17.68 -31.02
CA ALA I 308 -49.35 16.72 -31.22
C ALA I 308 -50.66 17.48 -31.33
N GLU I 309 -51.46 17.15 -32.35
CA GLU I 309 -52.68 17.90 -32.58
C GLU I 309 -53.70 17.03 -33.30
N TRP I 310 -54.94 17.11 -32.85
CA TRP I 310 -56.06 16.46 -33.52
C TRP I 310 -56.51 17.31 -34.71
N ILE I 311 -56.87 16.65 -35.80
CA ILE I 311 -57.18 17.31 -37.05
C ILE I 311 -58.51 16.80 -37.57
N THR I 312 -59.42 17.71 -37.88
CA THR I 312 -60.71 17.40 -38.48
C THR I 312 -60.84 18.21 -39.77
N GLY I 313 -61.05 17.51 -40.89
CA GLY I 313 -61.20 18.16 -42.16
C GLY I 313 -59.88 18.45 -42.84
N THR I 314 -59.99 18.90 -44.08
CA THR I 314 -58.80 19.20 -44.88
C THR I 314 -58.15 20.50 -44.42
N THR I 315 -56.84 20.45 -44.22
CA THR I 315 -56.08 21.61 -43.76
C THR I 315 -54.63 21.45 -44.22
N SER I 316 -53.77 22.35 -43.76
CA SER I 316 -52.36 22.29 -44.09
C SER I 316 -51.55 22.81 -42.90
N ARG I 317 -50.42 22.14 -42.63
CA ARG I 317 -49.60 22.50 -41.48
C ARG I 317 -48.14 22.63 -41.91
N ASN I 318 -47.51 23.71 -41.46
CA ASN I 318 -46.09 23.97 -41.70
C ASN I 318 -45.27 23.47 -40.53
N PHE I 319 -44.14 22.84 -40.82
CA PHE I 319 -43.28 22.26 -39.81
C PHE I 319 -41.83 22.58 -40.15
N SER I 320 -41.12 23.20 -39.21
CA SER I 320 -39.75 23.67 -39.43
C SER I 320 -38.80 22.51 -39.15
N VAL I 321 -38.37 21.83 -40.20
CA VAL I 321 -37.42 20.73 -40.06
C VAL I 321 -36.02 21.31 -39.98
N GLY I 322 -35.05 20.48 -39.59
CA GLY I 322 -33.66 20.90 -39.57
C GLY I 322 -32.72 19.82 -40.07
N ARG I 323 -31.42 20.07 -39.97
CA ARG I 323 -30.44 19.05 -40.31
C ARG I 323 -30.53 17.86 -39.36
N GLU I 324 -31.02 18.08 -38.14
CA GLU I 324 -31.27 16.99 -37.21
C GLU I 324 -32.34 16.05 -37.74
N GLY I 325 -33.39 16.59 -38.35
CA GLY I 325 -34.45 15.79 -38.94
C GLY I 325 -35.72 15.86 -38.12
N LEU I 326 -36.83 15.52 -38.77
CA LEU I 326 -38.14 15.51 -38.14
C LEU I 326 -38.88 14.24 -38.53
N GLU I 327 -39.52 13.63 -37.52
CA GLU I 327 -40.29 12.42 -37.68
C GLU I 327 -41.76 12.75 -37.44
N TYR I 328 -42.61 12.47 -38.42
CA TYR I 328 -44.03 12.74 -38.27
C TYR I 328 -44.83 11.46 -38.41
N VAL I 329 -45.88 11.35 -37.60
CA VAL I 329 -46.85 10.26 -37.69
C VAL I 329 -48.21 10.91 -37.90
N TRP I 330 -48.90 10.48 -38.97
CA TRP I 330 -50.23 10.95 -39.30
C TRP I 330 -51.20 9.77 -39.18
N GLY I 331 -51.98 9.77 -38.11
CA GLY I 331 -52.88 8.65 -37.87
C GLY I 331 -52.13 7.43 -37.37
N ASN I 332 -52.58 6.27 -37.84
CA ASN I 332 -51.97 5.00 -37.47
C ASN I 332 -50.87 4.58 -38.44
N HIS I 333 -50.53 5.43 -39.41
CA HIS I 333 -49.48 5.11 -40.36
C HIS I 333 -48.13 5.02 -39.66
N GLU I 334 -47.22 4.26 -40.28
CA GLU I 334 -45.86 4.16 -39.78
C GLU I 334 -45.16 5.52 -39.87
N PRO I 335 -44.25 5.81 -38.94
CA PRO I 335 -43.60 7.12 -38.93
C PRO I 335 -42.77 7.38 -40.18
N VAL I 336 -42.74 8.63 -40.60
CA VAL I 336 -41.94 9.06 -41.75
C VAL I 336 -40.95 10.10 -41.27
N ARG I 337 -39.66 9.85 -41.54
CA ARG I 337 -38.58 10.74 -41.14
C ARG I 337 -38.06 11.48 -42.36
N VAL I 338 -37.89 12.80 -42.20
CA VAL I 338 -37.34 13.65 -43.25
C VAL I 338 -36.17 14.42 -42.66
N TRP I 339 -35.19 14.73 -43.50
CA TRP I 339 -34.01 15.50 -43.10
C TRP I 339 -33.82 16.69 -44.03
N ALA I 340 -33.57 17.85 -43.44
CA ALA I 340 -33.31 19.04 -44.22
C ALA I 340 -31.85 19.09 -44.65
N GLN I 341 -31.63 19.41 -45.92
CA GLN I 341 -30.29 19.60 -46.45
C GLN I 341 -30.14 21.05 -46.89
N GLU I 342 -28.91 21.56 -46.76
CA GLU I 342 -28.64 22.98 -47.00
C GLU I 342 -28.74 23.28 -48.49
N SER I 343 -29.85 23.89 -48.89
CA SER I 343 -30.14 24.24 -50.27
C SER I 343 -30.62 25.69 -50.35
N ALA I 344 -29.83 26.59 -49.75
CA ALA I 344 -30.21 28.00 -49.68
C ALA I 344 -30.25 28.62 -51.07
N PRO I 345 -31.20 29.53 -51.34
CA PRO I 345 -31.28 30.14 -52.67
C PRO I 345 -30.15 31.12 -52.94
N GLY I 346 -28.97 30.60 -53.26
CA GLY I 346 -27.83 31.42 -53.58
C GLY I 346 -26.79 30.60 -54.30
N ASP I 347 -25.54 31.04 -54.19
CA ASP I 347 -24.45 30.34 -54.85
C ASP I 347 -23.14 30.61 -54.11
N PRO I 348 -22.56 29.60 -53.46
CA PRO I 348 -21.37 29.84 -52.61
C PRO I 348 -20.12 30.29 -53.35
N HIS I 349 -20.00 30.02 -54.65
CA HIS I 349 -18.79 30.37 -55.40
C HIS I 349 -19.20 31.23 -56.59
N GLY I 350 -19.36 32.54 -56.33
CA GLY I 350 -19.78 33.48 -57.33
C GLY I 350 -19.55 34.90 -56.88
N TRP I 351 -20.47 35.80 -57.18
CA TRP I 351 -20.29 37.17 -56.76
C TRP I 351 -20.60 37.31 -55.26
N PRO I 352 -19.99 38.30 -54.59
CA PRO I 352 -20.16 38.41 -53.13
C PRO I 352 -21.60 38.58 -52.65
N HIS I 353 -22.47 39.23 -53.44
CA HIS I 353 -23.85 39.40 -52.98
C HIS I 353 -24.60 38.08 -52.98
N GLU I 354 -24.31 37.20 -53.94
CA GLU I 354 -24.88 35.86 -53.92
C GLU I 354 -24.38 35.08 -52.72
N ILE I 355 -23.10 35.25 -52.37
CA ILE I 355 -22.54 34.61 -51.18
C ILE I 355 -23.27 35.09 -49.93
N ILE I 356 -23.52 36.41 -49.86
CA ILE I 356 -24.19 36.98 -48.69
C ILE I 356 -25.62 36.45 -48.58
N ILE I 357 -26.37 36.47 -49.69
CA ILE I 357 -27.76 36.01 -49.63
C ILE I 357 -27.88 34.50 -49.49
N HIS I 358 -26.81 33.75 -49.77
CA HIS I 358 -26.83 32.31 -49.53
C HIS I 358 -26.51 32.01 -48.06
N TYR I 359 -25.48 32.64 -47.53
CA TYR I 359 -25.06 32.36 -46.16
C TYR I 359 -26.02 32.95 -45.14
N TYR I 360 -26.70 34.05 -45.48
CA TYR I 360 -27.70 34.62 -44.58
C TYR I 360 -28.87 33.66 -44.41
N HIS I 361 -29.28 33.00 -45.50
CA HIS I 361 -30.27 31.94 -45.38
C HIS I 361 -29.72 30.75 -44.59
N ARG I 362 -28.45 30.39 -44.82
CA ARG I 362 -27.84 29.33 -44.03
C ARG I 362 -27.79 29.68 -42.56
N HIS I 363 -27.04 30.73 -42.20
CA HIS I 363 -26.94 31.19 -40.82
C HIS I 363 -27.07 32.70 -40.81
N PRO I 364 -28.20 33.24 -40.34
CA PRO I 364 -28.39 34.70 -40.38
C PRO I 364 -27.51 35.44 -39.40
N VAL I 365 -27.43 34.94 -38.16
CA VAL I 365 -26.68 35.65 -37.12
C VAL I 365 -25.18 35.59 -37.41
N TYR I 366 -24.69 34.45 -37.91
CA TYR I 366 -23.27 34.33 -38.23
C TYR I 366 -22.89 35.22 -39.40
N THR I 367 -23.73 35.27 -40.43
CA THR I 367 -23.47 36.12 -41.59
C THR I 367 -23.51 37.60 -41.21
N VAL I 368 -24.50 38.00 -40.41
CA VAL I 368 -24.58 39.41 -40.04
C VAL I 368 -23.43 39.79 -39.11
N ILE I 369 -22.97 38.86 -38.25
CA ILE I 369 -21.88 39.22 -37.36
C ILE I 369 -20.54 39.22 -38.10
N VAL I 370 -20.37 38.38 -39.13
CA VAL I 370 -19.11 38.46 -39.87
C VAL I 370 -19.11 39.68 -40.79
N LEU I 371 -20.27 40.08 -41.31
CA LEU I 371 -20.34 41.32 -42.08
C LEU I 371 -20.08 42.54 -41.19
N CYS I 372 -20.60 42.52 -39.96
CA CYS I 372 -20.32 43.59 -39.02
C CYS I 372 -18.84 43.61 -38.64
N GLY I 373 -18.23 42.43 -38.49
CA GLY I 373 -16.81 42.38 -38.23
C GLY I 373 -15.99 42.93 -39.38
N VAL I 374 -16.40 42.63 -40.61
CA VAL I 374 -15.75 43.19 -41.80
C VAL I 374 -15.84 44.70 -41.81
N ALA I 375 -17.04 45.24 -41.57
CA ALA I 375 -17.24 46.69 -41.59
C ALA I 375 -16.44 47.37 -40.48
N LEU I 376 -16.47 46.80 -39.28
CA LEU I 376 -15.71 47.38 -38.16
C LEU I 376 -14.21 47.31 -38.43
N ALA I 377 -13.73 46.19 -38.97
CA ALA I 377 -12.31 46.04 -39.25
C ALA I 377 -11.82 47.03 -40.29
N ILE I 378 -12.58 47.20 -41.39
CA ILE I 378 -12.15 48.14 -42.41
C ILE I 378 -12.26 49.58 -41.90
N LEU I 379 -13.27 49.89 -41.09
CA LEU I 379 -13.40 51.24 -40.57
C LEU I 379 -12.25 51.59 -39.62
N VAL I 380 -11.91 50.67 -38.71
CA VAL I 380 -10.80 50.91 -37.79
C VAL I 380 -9.49 50.97 -38.55
N GLY I 381 -9.31 50.10 -39.55
CA GLY I 381 -8.08 50.12 -40.33
C GLY I 381 -7.87 51.40 -41.11
N THR I 382 -8.91 51.88 -41.79
CA THR I 382 -8.79 53.12 -42.54
C THR I 382 -8.66 54.32 -41.62
N ALA I 383 -9.36 54.32 -40.49
CA ALA I 383 -9.22 55.44 -39.54
C ALA I 383 -7.82 55.49 -38.94
N SER I 384 -7.27 54.34 -38.56
CA SER I 384 -5.92 54.30 -38.03
C SER I 384 -4.90 54.69 -39.09
N SER I 385 -5.09 54.24 -40.33
CA SER I 385 -4.18 54.62 -41.41
C SER I 385 -4.22 56.11 -41.70
N ALA I 386 -5.43 56.71 -41.68
CA ALA I 386 -5.55 58.14 -41.88
C ALA I 386 -4.91 58.93 -40.75
N ALA I 387 -5.08 58.46 -39.51
CA ALA I 387 -4.43 59.12 -38.37
C ALA I 387 -2.91 59.01 -38.47
N CYS I 388 -2.41 57.85 -38.89
CA CYS I 388 -0.97 57.67 -39.07
C CYS I 388 -0.44 58.61 -40.15
N ILE I 389 -1.16 58.71 -41.27
CA ILE I 389 -0.75 59.56 -42.37
C ILE I 389 -0.75 61.02 -41.95
N ALA I 390 -1.78 61.44 -41.21
CA ALA I 390 -1.86 62.83 -40.75
C ALA I 390 -0.75 63.16 -39.75
N LYS I 391 -0.46 62.24 -38.82
CA LYS I 391 0.59 62.49 -37.84
C LYS I 391 1.96 62.57 -38.49
N ALA I 392 2.25 61.62 -39.41
CA ALA I 392 3.51 61.68 -40.14
C ALA I 392 3.59 62.91 -41.03
N ARG I 393 2.46 63.33 -41.60
CA ARG I 393 2.40 64.53 -42.41
C ARG I 393 2.78 65.75 -41.61
N ARG I 394 2.18 65.92 -40.42
CA ARG I 394 2.51 67.07 -39.58
C ARG I 394 3.96 67.02 -39.12
N ASP I 395 4.43 65.85 -38.70
CA ASP I 395 5.79 65.71 -38.22
C ASP I 395 6.82 65.99 -39.30
N CYS I 396 6.49 65.68 -40.56
CA CYS I 396 7.41 65.95 -41.65
C CYS I 396 7.24 67.34 -42.26
N LEU I 397 6.10 68.00 -42.04
CA LEU I 397 5.97 69.33 -42.63
C LEU I 397 6.43 70.43 -41.69
N THR I 398 6.27 70.25 -40.37
CA THR I 398 6.51 71.36 -39.46
C THR I 398 7.94 71.94 -39.43
N PRO I 399 9.05 71.22 -39.71
CA PRO I 399 10.33 71.94 -39.78
C PRO I 399 10.42 72.89 -40.97
N TYR I 400 9.94 72.47 -42.14
CA TYR I 400 9.94 73.35 -43.30
C TYR I 400 8.78 74.31 -43.31
N ALA I 401 7.77 74.10 -42.47
CA ALA I 401 6.63 75.01 -42.38
C ALA I 401 6.79 76.08 -41.32
N LEU I 402 7.59 75.82 -40.28
CA LEU I 402 7.81 76.85 -39.26
C LEU I 402 8.67 77.99 -39.81
N ALA I 403 9.69 77.65 -40.58
CA ALA I 403 10.56 78.67 -41.17
C ALA I 403 9.91 79.24 -42.42
N PRO I 404 9.64 80.55 -42.48
CA PRO I 404 8.96 81.13 -43.64
C PRO I 404 9.75 81.04 -44.95
N ASN I 405 10.97 81.56 -44.96
CA ASN I 405 11.77 81.68 -46.18
C ASN I 405 13.03 80.84 -46.12
N ALA I 406 12.95 79.66 -45.51
CA ALA I 406 14.09 78.75 -45.46
C ALA I 406 13.73 77.40 -46.06
N MET J 6 29.51 93.26 12.76
CA MET J 6 28.80 93.15 14.02
C MET J 6 28.26 91.74 14.22
N CYS J 7 27.23 91.39 13.44
CA CYS J 7 26.70 90.03 13.49
C CYS J 7 27.68 89.01 12.95
N MET J 8 28.49 89.40 11.95
CA MET J 8 29.41 88.46 11.32
C MET J 8 30.47 88.00 12.31
N LYS J 9 31.03 88.92 13.11
CA LYS J 9 32.00 88.54 14.12
C LYS J 9 31.36 87.85 15.31
N LEU J 10 30.07 88.09 15.57
CA LEU J 10 29.40 87.38 16.65
C LEU J 10 29.16 85.92 16.28
N GLU J 11 28.79 85.66 15.02
CA GLU J 11 28.55 84.28 14.60
C GLU J 11 29.81 83.58 14.13
N SER J 12 30.96 84.25 14.15
CA SER J 12 32.19 83.67 13.62
C SER J 12 32.68 82.52 14.48
N ASP J 13 33.18 81.48 13.83
CA ASP J 13 33.85 80.31 14.40
C ASP J 13 32.96 79.48 15.33
N LYS J 14 31.64 79.67 15.28
CA LYS J 14 30.73 78.81 16.03
C LYS J 14 29.41 78.60 15.29
N THR J 15 29.41 78.81 13.98
CA THR J 15 28.27 78.59 13.09
C THR J 15 28.67 77.70 11.93
N PHE J 16 29.28 76.57 12.27
CA PHE J 16 29.92 75.67 11.31
C PHE J 16 28.94 75.15 10.27
N PRO J 17 29.28 75.20 8.98
CA PRO J 17 28.35 74.74 7.94
C PRO J 17 28.29 73.22 7.89
N ILE J 18 27.35 72.73 7.07
CA ILE J 18 27.04 71.31 6.96
C ILE J 18 27.24 70.90 5.50
N MET J 19 27.97 69.80 5.29
CA MET J 19 28.47 69.41 3.97
C MET J 19 27.79 68.14 3.49
N LEU J 20 27.16 68.19 2.31
CA LEU J 20 26.62 67.01 1.64
C LEU J 20 27.41 66.76 0.38
N ASN J 21 28.28 65.73 0.42
CA ASN J 21 28.93 65.17 -0.76
C ASN J 21 29.70 66.23 -1.56
N GLY J 22 30.18 67.25 -0.85
CA GLY J 22 30.74 68.40 -1.53
C GLY J 22 30.35 69.74 -0.97
N GLN J 23 29.69 70.56 -1.78
CA GLN J 23 29.48 71.97 -1.48
C GLN J 23 28.51 72.15 -0.32
N VAL J 24 28.30 73.41 0.05
CA VAL J 24 27.47 73.74 1.20
C VAL J 24 25.99 73.61 0.84
N ASN J 25 25.20 73.15 1.82
CA ASN J 25 23.75 73.09 1.65
C ASN J 25 23.01 73.76 2.82
N GLY J 26 23.75 74.48 3.68
CA GLY J 26 23.18 75.12 4.83
C GLY J 26 24.20 75.23 5.94
N TYR J 27 23.73 75.54 7.14
CA TYR J 27 24.60 75.77 8.27
C TYR J 27 24.03 75.07 9.51
N ALA J 28 24.92 74.50 10.31
CA ALA J 28 24.53 73.79 11.53
C ALA J 28 24.76 74.72 12.71
N CYS J 29 23.69 75.04 13.43
CA CYS J 29 23.78 75.92 14.57
C CYS J 29 24.13 75.15 15.83
N VAL J 30 25.04 75.71 16.62
CA VAL J 30 25.39 75.16 17.93
C VAL J 30 25.20 76.29 18.93
N VAL J 31 24.01 76.34 19.53
CA VAL J 31 23.70 77.32 20.57
C VAL J 31 23.24 76.55 21.80
N GLY J 32 23.76 76.92 22.96
CA GLY J 32 23.52 76.11 24.13
C GLY J 32 24.21 74.76 24.00
N GLY J 33 23.68 73.76 24.70
CA GLY J 33 24.20 72.42 24.57
C GLY J 33 23.48 71.63 23.49
N ARG J 34 23.17 72.28 22.37
CA ARG J 34 22.35 71.69 21.33
C ARG J 34 23.05 71.80 19.98
N LEU J 35 23.19 70.68 19.30
CA LEU J 35 23.77 70.64 17.95
C LEU J 35 22.66 70.57 16.90
N MET J 36 21.94 71.67 16.75
CA MET J 36 20.75 71.69 15.91
C MET J 36 21.10 71.92 14.45
N LYS J 37 20.34 71.24 13.58
CA LYS J 37 20.49 71.32 12.13
C LYS J 37 19.15 70.95 11.50
N PRO J 38 18.89 71.39 10.26
CA PRO J 38 17.62 71.05 9.62
C PRO J 38 17.64 69.68 8.96
N LEU J 39 16.47 69.03 8.95
CA LEU J 39 16.33 67.69 8.38
C LEU J 39 15.99 67.68 6.90
N HIS J 40 15.53 68.80 6.34
CA HIS J 40 15.08 68.80 4.94
C HIS J 40 16.23 68.53 3.98
N VAL J 41 17.47 68.82 4.39
CA VAL J 41 18.65 68.34 3.70
C VAL J 41 19.71 68.06 4.77
N GLU J 42 20.42 66.95 4.62
CA GLU J 42 21.29 66.44 5.67
C GLU J 42 22.66 66.06 5.13
N GLY J 43 23.70 66.58 5.77
CA GLY J 43 25.05 66.27 5.35
C GLY J 43 25.97 65.86 6.48
N LYS J 44 27.26 66.22 6.39
CA LYS J 44 28.25 65.86 7.39
C LYS J 44 28.90 67.14 7.91
N ILE J 45 29.17 67.16 9.23
CA ILE J 45 29.62 68.39 9.89
C ILE J 45 31.04 68.71 9.46
N ASP J 46 31.25 69.96 9.05
CA ASP J 46 32.55 70.44 8.58
C ASP J 46 33.57 70.60 9.69
N ASN J 47 33.16 70.53 10.96
CA ASN J 47 34.05 70.67 12.08
C ASN J 47 34.32 69.30 12.70
N GLU J 48 35.50 69.15 13.29
CA GLU J 48 35.78 68.02 14.14
C GLU J 48 35.17 68.24 15.52
N GLN J 49 35.31 67.23 16.38
CA GLN J 49 34.89 67.21 17.79
C GLN J 49 33.36 67.15 17.93
N LEU J 50 32.64 67.30 16.82
CA LEU J 50 31.19 67.37 16.83
C LEU J 50 30.61 66.49 15.74
N ALA J 51 31.42 66.18 14.73
CA ALA J 51 30.97 65.36 13.61
C ALA J 51 30.67 63.93 14.03
N ALA J 52 31.39 63.40 15.01
CA ALA J 52 31.14 62.05 15.51
C ALA J 52 30.08 62.01 16.59
N VAL J 53 29.60 63.16 17.05
CA VAL J 53 28.58 63.21 18.09
C VAL J 53 27.24 62.83 17.49
N LYS J 54 26.57 61.83 18.08
CA LYS J 54 25.28 61.40 17.59
C LYS J 54 24.22 62.47 17.87
N LEU J 55 23.25 62.57 16.97
CA LEU J 55 22.21 63.59 17.02
C LEU J 55 20.88 62.90 17.22
N LYS J 56 20.25 63.11 18.38
CA LYS J 56 18.96 62.48 18.65
C LYS J 56 17.84 63.40 18.19
N LYS J 57 16.84 62.82 17.51
CA LYS J 57 15.98 63.58 16.63
C LYS J 57 14.74 64.10 17.35
N ALA J 58 14.09 65.07 16.70
CA ALA J 58 12.76 65.56 17.06
C ALA J 58 12.17 66.10 15.76
N SER J 59 11.31 65.29 15.14
CA SER J 59 10.88 65.56 13.76
C SER J 59 9.79 66.61 13.69
N MET J 60 9.02 66.81 14.77
CA MET J 60 7.92 67.77 14.74
C MET J 60 8.43 69.19 14.59
N TYR J 61 9.52 69.53 15.27
CA TYR J 61 10.14 70.84 15.13
C TYR J 61 11.22 70.88 14.07
N ASP J 62 11.48 69.74 13.40
CA ASP J 62 12.52 69.58 12.39
C ASP J 62 13.87 69.97 13.01
N LEU J 63 14.27 69.12 13.97
CA LEU J 63 15.48 69.36 14.74
C LEU J 63 16.11 68.02 15.12
N GLU J 64 17.41 68.07 15.41
CA GLU J 64 18.08 67.02 16.18
C GLU J 64 19.02 67.69 17.15
N TYR J 65 19.00 67.25 18.40
CA TYR J 65 19.86 67.85 19.42
C TYR J 65 20.90 66.86 19.91
N GLY J 66 22.01 67.40 20.41
CA GLY J 66 23.11 66.61 20.92
C GLY J 66 24.05 67.45 21.76
N ASP J 67 24.53 66.90 22.87
CA ASP J 67 25.36 67.64 23.80
C ASP J 67 26.77 67.83 23.25
N VAL J 68 27.44 68.86 23.74
CA VAL J 68 28.83 69.15 23.38
C VAL J 68 29.62 69.46 24.66
N PRO J 69 30.09 68.42 25.37
CA PRO J 69 30.72 68.66 26.68
C PRO J 69 32.18 69.06 26.60
N GLN J 70 32.91 68.69 25.54
CA GLN J 70 34.34 68.98 25.51
C GLN J 70 34.62 70.46 25.29
N ASN J 71 33.70 71.17 24.65
CA ASN J 71 33.83 72.62 24.51
C ASN J 71 33.29 73.28 25.76
N MET J 72 34.19 73.70 26.65
CA MET J 72 33.80 74.36 27.90
C MET J 72 33.33 75.77 27.56
N LYS J 73 32.02 75.92 27.38
CA LYS J 73 31.37 77.11 26.84
C LYS J 73 32.03 77.49 25.51
N SER J 74 32.20 78.80 25.28
CA SER J 74 33.00 79.38 24.20
C SER J 74 32.50 79.05 22.79
N ASP J 75 31.38 78.31 22.69
CA ASP J 75 30.81 78.01 21.38
C ASP J 75 29.29 78.04 21.42
N THR J 76 28.70 78.57 22.49
CA THR J 76 27.26 78.49 22.72
C THR J 76 26.73 79.91 22.85
N LEU J 77 25.84 80.29 21.93
CA LEU J 77 25.03 81.48 22.14
C LEU J 77 23.99 81.20 23.22
N GLN J 78 23.79 82.15 24.13
CA GLN J 78 22.65 82.10 25.02
C GLN J 78 21.38 82.49 24.26
N TYR J 79 20.24 82.42 24.93
CA TYR J 79 18.98 82.71 24.28
C TYR J 79 18.01 83.29 25.29
N THR J 80 17.12 84.17 24.81
CA THR J 80 16.11 84.81 25.64
C THR J 80 14.86 85.03 24.81
N SER J 81 13.71 84.71 25.39
CA SER J 81 12.43 84.77 24.71
C SER J 81 11.88 86.17 24.52
N ASP J 82 12.66 87.22 24.82
CA ASP J 82 12.15 88.58 24.72
C ASP J 82 12.02 88.93 23.23
N LYS J 83 10.91 89.57 22.88
CA LYS J 83 10.52 89.74 21.48
C LYS J 83 9.74 91.03 21.30
N PRO J 84 10.41 92.15 21.02
CA PRO J 84 9.71 93.33 20.52
C PRO J 84 9.74 93.35 19.00
N PRO J 85 8.90 94.15 18.35
CA PRO J 85 9.03 94.33 16.90
C PRO J 85 10.11 95.37 16.58
N GLY J 86 11.16 94.94 15.89
CA GLY J 86 12.25 95.85 15.62
C GLY J 86 13.26 95.27 14.65
N PHE J 87 14.45 95.86 14.67
CA PHE J 87 15.53 95.52 13.75
C PHE J 87 16.39 94.43 14.37
N TYR J 88 16.64 93.37 13.60
CA TYR J 88 17.49 92.29 14.08
C TYR J 88 18.57 91.90 13.09
N ASN J 89 19.37 90.90 13.44
CA ASN J 89 20.60 90.57 12.74
C ASN J 89 20.47 89.26 12.00
N TRP J 90 20.89 89.28 10.74
CA TRP J 90 21.01 88.09 9.92
C TRP J 90 22.15 88.34 8.95
N HIS J 91 22.51 87.32 8.18
CA HIS J 91 23.42 87.51 7.07
C HIS J 91 22.81 88.44 6.02
N HIS J 92 21.51 88.29 5.78
CA HIS J 92 20.81 89.12 4.80
C HIS J 92 20.21 90.38 5.40
N GLY J 93 20.21 90.54 6.71
CA GLY J 93 19.72 91.77 7.31
C GLY J 93 18.70 91.62 8.41
N ALA J 94 17.49 92.13 8.17
CA ALA J 94 16.47 92.25 9.20
C ALA J 94 15.39 91.20 9.02
N VAL J 95 14.77 90.80 10.14
CA VAL J 95 13.69 89.84 10.18
C VAL J 95 12.43 90.51 10.72
N GLN J 96 12.31 91.81 10.44
CA GLN J 96 11.35 92.76 11.04
C GLN J 96 9.95 92.20 11.30
N TYR J 97 9.46 92.43 12.51
CA TYR J 97 8.30 91.72 13.05
C TYR J 97 7.00 92.41 12.65
N GLU J 98 6.42 91.95 11.54
CA GLU J 98 5.06 92.31 11.18
C GLU J 98 4.10 91.29 11.78
N ASN J 99 3.55 91.63 12.95
CA ASN J 99 2.58 90.80 13.68
C ASN J 99 3.14 89.42 14.00
N GLY J 100 4.37 89.38 14.49
CA GLY J 100 5.00 88.13 14.86
C GLY J 100 5.39 87.30 13.65
N ARG J 101 6.33 87.81 12.85
CA ARG J 101 6.64 87.20 11.57
C ARG J 101 8.02 87.69 11.12
N PHE J 102 8.84 86.76 10.64
CA PHE J 102 10.12 87.11 10.03
C PHE J 102 9.90 87.52 8.60
N THR J 103 10.05 88.81 8.33
CA THR J 103 9.88 89.36 6.98
C THR J 103 11.23 89.83 6.48
N VAL J 104 11.63 89.34 5.31
CA VAL J 104 12.91 89.70 4.70
C VAL J 104 12.62 90.17 3.28
N PRO J 105 13.19 91.29 2.83
CA PRO J 105 12.90 91.77 1.47
C PRO J 105 13.38 90.81 0.39
N ARG J 106 12.67 90.82 -0.74
CA ARG J 106 12.89 89.84 -1.81
C ARG J 106 14.23 90.01 -2.52
N GLY J 107 14.90 91.14 -2.34
CA GLY J 107 16.19 91.36 -3.00
C GLY J 107 17.28 90.42 -2.54
N VAL J 108 17.11 89.82 -1.36
CA VAL J 108 18.06 88.84 -0.82
C VAL J 108 17.32 87.55 -0.51
N GLY J 109 18.06 86.51 -0.17
CA GLY J 109 17.46 85.23 0.18
C GLY J 109 17.40 84.25 -0.97
N GLY J 110 18.09 83.12 -0.83
CA GLY J 110 18.11 82.12 -1.88
C GLY J 110 17.85 80.72 -1.36
N LYS J 111 18.44 79.72 -2.01
CA LYS J 111 18.30 78.33 -1.62
C LYS J 111 19.60 77.80 -1.04
N GLY J 112 19.49 76.80 -0.17
CA GLY J 112 20.65 76.20 0.43
C GLY J 112 21.30 77.00 1.53
N ASP J 113 20.64 78.04 2.04
CA ASP J 113 21.17 78.89 3.09
C ASP J 113 20.26 78.88 4.33
N SER J 114 19.71 77.73 4.64
CA SER J 114 18.86 77.59 5.82
C SER J 114 19.74 77.31 7.04
N GLY J 115 19.11 77.14 8.20
CA GLY J 115 19.84 76.80 9.41
C GLY J 115 20.71 77.90 9.97
N ARG J 116 20.40 79.15 9.68
CA ARG J 116 21.24 80.24 10.15
C ARG J 116 20.59 80.94 11.33
N PRO J 117 21.38 81.37 12.32
CA PRO J 117 20.79 81.97 13.51
C PRO J 117 20.41 83.43 13.31
N ILE J 118 19.41 83.85 14.08
CA ILE J 118 18.93 85.23 14.08
C ILE J 118 19.25 85.83 15.45
N LEU J 119 20.19 86.77 15.48
CA LEU J 119 20.70 87.36 16.70
C LEU J 119 19.91 88.61 17.05
N ASP J 120 20.26 89.20 18.19
CA ASP J 120 19.68 90.48 18.62
C ASP J 120 20.77 91.54 18.70
N ASN J 121 20.40 92.71 19.22
CA ASN J 121 21.33 93.84 19.27
C ASN J 121 22.53 93.55 20.18
N ARG J 122 22.30 92.88 21.30
CA ARG J 122 23.36 92.59 22.25
C ARG J 122 23.96 91.20 22.07
N GLY J 123 23.88 90.65 20.85
CA GLY J 123 24.58 89.41 20.52
C GLY J 123 24.04 88.16 21.18
N ARG J 124 22.82 87.76 20.80
CA ARG J 124 22.18 86.60 21.37
C ARG J 124 21.10 86.09 20.43
N VAL J 125 21.09 84.77 20.20
CA VAL J 125 20.16 84.19 19.25
C VAL J 125 18.75 84.14 19.85
N VAL J 126 17.76 84.42 19.02
CA VAL J 126 16.36 84.35 19.43
C VAL J 126 15.56 83.38 18.58
N ALA J 127 16.09 82.89 17.47
CA ALA J 127 15.34 82.07 16.52
C ALA J 127 16.31 81.46 15.52
N ILE J 128 15.91 80.35 14.91
CA ILE J 128 16.69 79.70 13.85
C ILE J 128 15.80 79.42 12.66
N VAL J 129 16.21 79.89 11.49
CA VAL J 129 15.43 79.73 10.27
C VAL J 129 15.63 78.32 9.71
N LEU J 130 14.58 77.77 9.12
CA LEU J 130 14.63 76.46 8.47
C LEU J 130 14.11 76.47 7.04
N GLY J 131 13.64 77.61 6.55
CA GLY J 131 13.06 77.66 5.22
C GLY J 131 12.35 78.99 5.03
N GLY J 132 11.43 79.03 4.06
CA GLY J 132 10.73 80.27 3.81
C GLY J 132 9.59 80.12 2.83
N ALA J 133 9.03 81.27 2.47
CA ALA J 133 7.95 81.39 1.50
C ALA J 133 7.95 82.81 0.97
N ASN J 134 7.29 83.01 -0.17
CA ASN J 134 7.31 84.29 -0.86
C ASN J 134 5.88 84.71 -1.16
N GLU J 135 5.40 85.73 -0.46
CA GLU J 135 4.10 86.35 -0.74
C GLU J 135 4.08 87.72 -0.07
N GLY J 136 3.67 88.73 -0.82
CA GLY J 136 3.62 90.07 -0.30
C GLY J 136 4.90 90.84 -0.55
N THR J 137 5.04 91.95 0.17
CA THR J 137 6.19 92.83 -0.02
C THR J 137 7.48 92.24 0.55
N ARG J 138 7.38 91.24 1.41
CA ARG J 138 8.56 90.65 2.03
C ARG J 138 8.34 89.16 2.20
N THR J 139 9.36 88.37 1.87
CA THR J 139 9.31 86.93 2.05
C THR J 139 9.22 86.58 3.54
N ALA J 140 8.49 85.51 3.83
CA ALA J 140 8.29 85.03 5.19
C ALA J 140 9.04 83.72 5.36
N LEU J 141 9.76 83.61 6.49
CA LEU J 141 10.68 82.50 6.73
C LEU J 141 10.10 81.56 7.77
N SER J 142 10.07 80.26 7.45
CA SER J 142 9.70 79.28 8.45
C SER J 142 10.83 79.12 9.46
N VAL J 143 10.49 79.17 10.74
CA VAL J 143 11.48 79.42 11.79
C VAL J 143 11.10 78.62 13.03
N VAL J 144 12.11 78.34 13.85
CA VAL J 144 11.92 77.76 15.19
C VAL J 144 12.28 78.84 16.19
N THR J 145 11.32 79.17 17.07
CA THR J 145 11.48 80.23 18.05
C THR J 145 11.17 79.70 19.45
N TRP J 146 11.25 80.56 20.45
CA TRP J 146 10.79 80.28 21.80
C TRP J 146 9.65 81.23 22.14
N ASN J 147 8.57 80.69 22.70
CA ASN J 147 7.44 81.52 23.08
C ASN J 147 7.75 82.23 24.41
N GLN J 148 6.74 82.89 24.99
CA GLN J 148 6.96 83.76 26.14
C GLN J 148 7.49 83.01 27.34
N LYS J 149 7.06 81.77 27.53
CA LYS J 149 7.57 80.95 28.62
C LYS J 149 8.73 80.06 28.21
N GLY J 150 9.18 80.14 26.97
CA GLY J 150 10.37 79.44 26.52
C GLY J 150 10.14 78.13 25.80
N VAL J 151 8.89 77.77 25.52
CA VAL J 151 8.62 76.53 24.79
C VAL J 151 9.02 76.71 23.33
N THR J 152 9.78 75.74 22.81
CA THR J 152 10.21 75.77 21.41
C THR J 152 9.02 75.56 20.49
N ILE J 153 8.66 76.59 19.74
CA ILE J 153 7.51 76.56 18.86
C ILE J 153 7.99 76.76 17.42
N LYS J 154 7.40 76.01 16.49
CA LYS J 154 7.79 76.07 15.08
C LYS J 154 6.74 76.90 14.34
N ASP J 155 7.15 78.07 13.85
CA ASP J 155 6.27 78.95 13.11
C ASP J 155 6.49 78.76 11.62
N THR J 156 5.44 78.36 10.91
CA THR J 156 5.49 78.15 9.48
C THR J 156 4.45 79.06 8.82
N PRO J 157 4.87 79.95 7.93
CA PRO J 157 3.93 80.91 7.30
C PRO J 157 3.15 80.32 6.12
N GLU J 158 2.07 79.63 6.47
CA GLU J 158 1.13 78.98 5.53
C GLU J 158 1.94 78.07 4.60
N GLY J 159 1.70 78.10 3.29
CA GLY J 159 2.45 77.29 2.35
C GLY J 159 3.89 77.74 2.22
N SER J 160 4.83 76.90 2.64
CA SER J 160 6.23 77.26 2.68
C SER J 160 7.07 76.08 2.20
N GLU J 161 8.28 76.40 1.72
CA GLU J 161 9.23 75.40 1.29
C GLU J 161 10.59 75.66 1.94
N PRO J 162 11.37 74.61 2.18
CA PRO J 162 12.71 74.81 2.75
C PRO J 162 13.62 75.57 1.79
N TRP J 163 14.43 76.46 2.36
CA TRP J 163 15.43 77.17 1.58
C TRP J 163 16.76 76.43 1.57
N MET K 6 63.93 79.74 16.26
CA MET K 6 65.05 78.82 16.14
C MET K 6 64.58 77.38 16.21
N CYS K 7 63.98 77.01 17.34
CA CYS K 7 63.44 75.66 17.49
C CYS K 7 62.24 75.43 16.59
N MET K 8 61.48 76.49 16.30
CA MET K 8 60.30 76.37 15.44
C MET K 8 60.67 75.95 14.02
N LYS K 9 61.75 76.54 13.49
CA LYS K 9 62.12 76.29 12.10
C LYS K 9 62.57 74.85 11.89
N LEU K 10 63.33 74.30 12.84
CA LEU K 10 63.82 72.93 12.72
C LEU K 10 62.68 71.93 12.89
N GLU K 11 61.71 72.26 13.73
CA GLU K 11 60.62 71.39 14.12
C GLU K 11 59.35 71.63 13.29
N SER K 12 59.36 72.62 12.41
CA SER K 12 58.20 72.91 11.56
C SER K 12 57.95 71.77 10.58
N ASP K 13 56.70 71.30 10.54
CA ASP K 13 56.28 70.16 9.72
C ASP K 13 57.11 68.91 10.01
N LYS K 14 57.44 68.72 11.30
CA LYS K 14 58.25 67.58 11.73
C LYS K 14 57.61 66.90 12.93
N THR K 15 56.42 67.34 13.34
CA THR K 15 55.83 67.00 14.63
C THR K 15 54.33 66.74 14.47
N PHE K 16 54.00 65.91 13.48
CA PHE K 16 52.63 65.77 12.97
C PHE K 16 51.67 65.33 14.07
N PRO K 17 50.62 66.09 14.34
CA PRO K 17 49.79 65.82 15.53
C PRO K 17 48.91 64.60 15.37
N ILE K 18 48.50 64.07 16.52
CA ILE K 18 47.56 62.96 16.60
C ILE K 18 46.27 63.47 17.20
N MET K 19 45.14 63.13 16.58
CA MET K 19 43.83 63.54 17.04
C MET K 19 43.20 62.42 17.86
N LEU K 20 42.57 62.77 18.97
CA LEU K 20 41.83 61.79 19.77
C LEU K 20 40.36 61.71 19.33
N ASN K 21 40.18 61.64 18.01
CA ASN K 21 38.90 61.94 17.36
C ASN K 21 38.32 63.24 17.92
N GLY K 22 39.19 64.25 18.01
CA GLY K 22 38.89 65.44 18.79
C GLY K 22 40.10 66.33 18.96
N GLN K 23 40.41 66.70 20.19
CA GLN K 23 41.51 67.61 20.47
C GLN K 23 42.86 66.94 20.19
N VAL K 24 43.92 67.74 20.34
CA VAL K 24 45.28 67.24 20.17
C VAL K 24 45.60 66.28 21.31
N ASN K 25 46.01 65.07 20.98
CA ASN K 25 46.32 64.07 21.98
C ASN K 25 47.83 63.83 22.12
N GLY K 26 48.50 63.49 21.03
CA GLY K 26 49.92 63.18 21.07
C GLY K 26 50.63 63.68 19.84
N TYR K 27 51.96 63.66 19.89
CA TYR K 27 52.82 64.16 18.84
C TYR K 27 53.81 63.07 18.44
N ALA K 28 54.05 62.94 17.14
CA ALA K 28 54.93 61.91 16.61
C ALA K 28 56.13 62.55 15.92
N CYS K 29 57.25 61.83 15.91
CA CYS K 29 58.51 62.32 15.41
C CYS K 29 58.94 61.49 14.21
N VAL K 30 59.27 62.17 13.11
CA VAL K 30 59.88 61.53 11.96
C VAL K 30 61.37 61.80 12.02
N VAL K 31 62.14 60.80 12.41
CA VAL K 31 63.56 60.99 12.67
C VAL K 31 64.31 59.67 12.42
N GLY K 32 65.48 59.78 11.80
CA GLY K 32 66.28 58.60 11.49
C GLY K 32 65.64 57.66 10.50
N GLY K 33 64.68 58.14 9.71
CA GLY K 33 63.91 57.29 8.85
C GLY K 33 62.81 56.51 9.54
N ARG K 34 62.53 56.78 10.81
CA ARG K 34 61.50 56.07 11.55
C ARG K 34 60.51 57.05 12.15
N LEU K 35 59.24 56.60 12.22
CA LEU K 35 58.16 57.35 12.84
C LEU K 35 57.94 56.82 14.25
N MET K 36 58.31 57.60 15.25
CA MET K 36 58.08 57.20 16.64
C MET K 36 56.94 58.02 17.24
N LYS K 37 55.92 57.32 17.72
CA LYS K 37 54.80 57.84 18.47
C LYS K 37 54.64 57.01 19.74
N PRO K 38 54.11 57.60 20.81
CA PRO K 38 53.98 56.85 22.05
C PRO K 38 52.65 56.12 22.19
N LEU K 39 52.70 55.02 22.96
CA LEU K 39 51.51 54.20 23.15
C LEU K 39 50.47 54.89 24.02
N HIS K 40 50.91 55.69 25.00
CA HIS K 40 49.99 56.26 25.97
C HIS K 40 49.07 57.32 25.37
N VAL K 41 49.38 57.82 24.17
CA VAL K 41 48.43 58.61 23.40
C VAL K 41 47.86 57.73 22.30
N GLU K 42 46.59 57.93 21.97
CA GLU K 42 45.89 57.10 21.02
C GLU K 42 45.05 57.97 20.09
N GLY K 43 44.77 57.43 18.90
CA GLY K 43 43.89 58.11 17.98
C GLY K 43 44.34 58.04 16.53
N LYS K 44 44.36 59.19 15.87
CA LYS K 44 44.63 59.26 14.44
C LYS K 44 45.58 60.42 14.17
N ILE K 45 46.70 60.13 13.49
CA ILE K 45 47.66 61.15 13.11
C ILE K 45 47.22 61.77 11.78
N ASP K 46 47.49 63.06 11.62
CA ASP K 46 47.20 63.73 10.37
C ASP K 46 48.26 63.38 9.32
N ASN K 47 48.15 64.00 8.15
CA ASN K 47 49.01 63.73 7.00
C ASN K 47 48.98 62.24 6.65
N GLU K 48 47.82 61.83 6.14
CA GLU K 48 47.52 60.41 5.92
C GLU K 48 48.46 59.75 4.92
N GLN K 49 49.20 60.54 4.13
CA GLN K 49 50.31 59.98 3.35
C GLN K 49 51.34 59.34 4.28
N LEU K 50 51.62 59.98 5.40
CA LEU K 50 52.59 59.50 6.37
C LEU K 50 51.98 58.45 7.30
N ALA K 51 50.66 58.30 7.30
CA ALA K 51 49.97 57.40 8.22
C ALA K 51 49.72 56.01 7.64
N ALA K 52 50.13 55.75 6.40
CA ALA K 52 49.82 54.47 5.76
C ALA K 52 50.77 53.35 6.18
N VAL K 53 51.81 53.64 6.95
CA VAL K 53 52.79 52.62 7.30
C VAL K 53 52.31 51.82 8.50
N LYS K 54 52.60 50.52 8.48
CA LYS K 54 52.35 49.65 9.61
C LYS K 54 53.28 50.00 10.76
N LEU K 55 52.80 49.78 11.98
CA LEU K 55 53.51 50.18 13.18
C LEU K 55 53.86 48.96 14.03
N LYS K 56 55.07 48.96 14.58
CA LYS K 56 55.52 47.92 15.49
C LYS K 56 55.70 48.53 16.88
N LYS K 57 55.10 47.91 17.88
CA LYS K 57 55.07 48.49 19.23
C LYS K 57 56.32 48.11 20.01
N ALA K 58 56.66 48.96 20.98
CA ALA K 58 57.72 48.70 21.95
C ALA K 58 57.16 49.08 23.31
N SER K 59 56.71 48.07 24.07
CA SER K 59 56.06 48.32 25.34
C SER K 59 57.06 48.73 26.41
N MET K 60 58.21 48.07 26.46
CA MET K 60 59.23 48.43 27.44
C MET K 60 59.84 49.79 27.16
N TYR K 61 59.79 50.26 25.92
CA TYR K 61 60.25 51.59 25.55
C TYR K 61 59.11 52.54 25.23
N ASP K 62 57.87 52.04 25.15
CA ASP K 62 56.66 52.85 25.02
C ASP K 62 56.67 53.69 23.74
N LEU K 63 56.88 53.02 22.61
CA LEU K 63 56.98 53.72 21.34
C LEU K 63 56.60 52.80 20.20
N GLU K 64 55.74 53.26 19.30
CA GLU K 64 55.50 52.54 18.06
C GLU K 64 56.39 53.11 16.96
N TYR K 65 57.11 52.25 16.27
CA TYR K 65 58.03 52.66 15.21
C TYR K 65 57.65 51.99 13.90
N GLY K 66 57.83 52.72 12.80
CA GLY K 66 57.61 52.22 11.46
C GLY K 66 58.70 52.69 10.52
N ASP K 67 58.38 52.88 9.25
CA ASP K 67 59.35 53.33 8.26
C ASP K 67 58.77 54.49 7.47
N VAL K 68 59.63 55.40 7.06
CA VAL K 68 59.21 56.55 6.25
C VAL K 68 58.90 56.07 4.83
N PRO K 69 57.73 56.40 4.27
CA PRO K 69 57.37 55.90 2.92
C PRO K 69 58.03 56.68 1.80
N GLN K 70 59.37 56.65 1.78
CA GLN K 70 60.20 57.16 0.68
C GLN K 70 59.94 58.65 0.39
N ASN K 71 59.90 59.45 1.46
CA ASN K 71 60.02 60.89 1.35
C ASN K 71 60.92 61.44 2.45
N MET K 72 61.95 60.67 2.80
CA MET K 72 62.88 61.01 3.89
C MET K 72 63.62 62.31 3.61
N LYS K 73 64.51 62.28 2.60
CA LYS K 73 65.36 63.40 2.19
C LYS K 73 65.94 64.17 3.37
N SER K 74 65.48 65.40 3.56
CA SER K 74 65.79 66.19 4.75
C SER K 74 64.61 66.27 5.71
N ASP K 75 63.49 65.62 5.39
CA ASP K 75 62.34 65.66 6.30
C ASP K 75 62.54 64.77 7.51
N THR K 76 63.51 63.86 7.46
CA THR K 76 63.85 63.08 8.64
C THR K 76 64.90 63.83 9.46
N LEU K 77 64.61 64.01 10.75
CA LEU K 77 65.56 64.66 11.64
C LEU K 77 66.73 63.72 11.94
N GLN K 78 67.76 64.28 12.57
CA GLN K 78 68.94 63.53 12.97
C GLN K 78 68.98 63.42 14.49
N TYR K 79 69.29 62.23 14.98
CA TYR K 79 69.48 62.01 16.40
C TYR K 79 70.98 61.90 16.69
N THR K 80 71.36 62.23 17.92
CA THR K 80 72.77 62.20 18.29
C THR K 80 72.90 61.86 19.77
N SER K 81 73.62 60.78 20.06
CA SER K 81 73.87 60.36 21.43
C SER K 81 75.04 61.09 22.07
N ASP K 82 75.81 61.85 21.29
CA ASP K 82 76.92 62.65 21.80
C ASP K 82 76.36 63.94 22.39
N LYS K 83 75.70 63.80 23.53
CA LYS K 83 75.02 64.92 24.16
C LYS K 83 75.91 65.58 25.20
N PRO K 84 76.12 66.88 25.11
CA PRO K 84 76.92 67.58 26.12
C PRO K 84 76.05 68.03 27.28
N PRO K 85 76.63 68.24 28.47
CA PRO K 85 75.83 68.75 29.59
C PRO K 85 75.69 70.26 29.53
N GLY K 86 74.46 70.72 29.30
CA GLY K 86 74.20 72.14 29.20
C GLY K 86 72.80 72.47 28.74
N PHE K 87 72.69 73.44 27.83
CA PHE K 87 71.39 73.92 27.37
C PHE K 87 70.85 73.08 26.22
N TYR K 88 69.54 72.91 26.18
CA TYR K 88 68.84 72.35 25.04
C TYR K 88 67.56 73.14 24.84
N ASN K 89 67.03 73.11 23.62
CA ASN K 89 65.80 73.84 23.33
C ASN K 89 64.60 72.91 23.25
N TRP K 90 63.42 73.52 23.30
CA TRP K 90 62.14 72.83 23.36
C TRP K 90 61.09 73.86 22.94
N HIS K 91 59.96 73.37 22.44
CA HIS K 91 58.90 74.28 22.01
C HIS K 91 58.38 75.10 23.18
N HIS K 92 58.29 74.49 24.36
CA HIS K 92 57.90 75.20 25.57
C HIS K 92 59.06 75.91 26.24
N GLY K 93 60.24 75.95 25.63
CA GLY K 93 61.32 76.74 26.19
C GLY K 93 62.68 76.09 26.22
N ALA K 94 63.27 75.94 27.41
CA ALA K 94 64.62 75.45 27.56
C ALA K 94 64.65 74.23 28.46
N VAL K 95 65.63 73.36 28.22
CA VAL K 95 65.83 72.13 28.96
C VAL K 95 67.26 72.12 29.48
N GLN K 96 67.43 71.84 30.77
CA GLN K 96 68.74 71.76 31.38
C GLN K 96 69.10 70.31 31.66
N TYR K 97 70.32 69.94 31.30
CA TYR K 97 70.81 68.57 31.46
C TYR K 97 71.81 68.54 32.62
N GLU K 98 71.47 67.80 33.67
CA GLU K 98 72.30 67.70 34.86
C GLU K 98 72.43 66.23 35.25
N ASN K 99 73.52 65.60 34.80
CA ASN K 99 73.89 64.23 35.15
C ASN K 99 72.78 63.22 34.80
N GLY K 100 72.50 63.13 33.51
CA GLY K 100 71.52 62.18 33.03
C GLY K 100 70.07 62.58 33.26
N ARG K 101 69.81 63.81 33.68
CA ARG K 101 68.47 64.28 34.00
C ARG K 101 68.12 65.45 33.10
N PHE K 102 66.96 65.38 32.45
CA PHE K 102 66.44 66.44 31.61
C PHE K 102 65.40 67.21 32.42
N THR K 103 65.69 68.47 32.73
CA THR K 103 64.89 69.25 33.66
C THR K 103 64.30 70.47 32.96
N VAL K 104 63.01 70.72 33.20
CA VAL K 104 62.34 71.95 32.78
C VAL K 104 61.73 72.57 34.03
N PRO K 105 61.54 73.90 34.09
CA PRO K 105 61.01 74.50 35.32
C PRO K 105 59.51 74.66 35.34
N ARG K 106 58.96 74.81 36.55
CA ARG K 106 57.56 75.13 36.83
C ARG K 106 56.67 74.02 36.26
N GLY K 107 55.46 74.38 35.84
CA GLY K 107 54.53 73.42 35.27
C GLY K 107 54.29 73.64 33.78
N VAL K 108 55.37 73.92 33.04
CA VAL K 108 55.25 74.14 31.60
C VAL K 108 54.85 72.86 30.87
N GLY K 109 55.19 71.70 31.41
CA GLY K 109 54.73 70.45 30.82
C GLY K 109 53.30 70.16 31.23
N GLY K 110 52.51 69.73 30.24
CA GLY K 110 51.10 69.48 30.48
C GLY K 110 50.60 68.28 29.71
N LYS K 111 49.37 67.90 30.00
CA LYS K 111 48.75 66.77 29.32
C LYS K 111 48.51 67.09 27.86
N GLY K 112 48.80 66.12 26.99
CA GLY K 112 48.71 66.31 25.56
C GLY K 112 49.95 66.89 24.92
N ASP K 113 50.95 67.27 25.71
CA ASP K 113 52.19 67.82 25.20
C ASP K 113 53.29 66.78 25.08
N SER K 114 52.96 65.51 25.21
CA SER K 114 53.93 64.45 25.09
C SER K 114 54.30 64.23 23.62
N GLY K 115 55.44 63.57 23.41
CA GLY K 115 55.94 63.33 22.08
C GLY K 115 56.70 64.47 21.44
N ARG K 116 56.86 65.59 22.13
CA ARG K 116 57.64 66.70 21.59
C ARG K 116 59.12 66.34 21.58
N PRO K 117 59.80 66.46 20.45
CA PRO K 117 61.24 66.19 20.42
C PRO K 117 62.01 67.23 21.19
N ILE K 118 63.16 66.82 21.72
CA ILE K 118 64.13 67.72 22.31
C ILE K 118 65.30 67.82 21.34
N LEU K 119 65.54 69.02 20.83
CA LEU K 119 66.61 69.29 19.89
C LEU K 119 67.79 69.89 20.65
N ASP K 120 68.80 70.33 19.92
CA ASP K 120 69.96 70.95 20.53
C ASP K 120 70.51 72.04 19.62
N ASN K 121 71.58 72.68 20.07
CA ASN K 121 72.35 73.53 19.18
C ASN K 121 72.97 72.69 18.08
N ARG K 122 72.96 73.23 16.86
CA ARG K 122 73.18 72.62 15.55
C ARG K 122 71.97 71.79 15.10
N GLY K 123 70.94 71.65 15.93
CA GLY K 123 69.67 71.09 15.50
C GLY K 123 69.65 69.60 15.24
N ARG K 124 69.88 68.79 16.28
CA ARG K 124 69.77 67.34 16.18
C ARG K 124 68.99 66.82 17.38
N VAL K 125 68.26 65.72 17.16
CA VAL K 125 67.36 65.20 18.18
C VAL K 125 68.17 64.59 19.32
N VAL K 126 67.81 64.94 20.55
CA VAL K 126 68.50 64.43 21.72
C VAL K 126 67.56 63.48 22.47
N ALA K 127 66.29 63.84 22.56
CA ALA K 127 65.36 63.07 23.37
C ALA K 127 63.93 63.29 22.87
N ILE K 128 63.05 62.39 23.27
CA ILE K 128 61.61 62.48 23.00
C ILE K 128 60.88 62.32 24.34
N VAL K 129 60.07 63.32 24.69
CA VAL K 129 59.44 63.35 26.00
C VAL K 129 58.24 62.41 26.03
N LEU K 130 57.96 61.88 27.22
CA LEU K 130 56.78 61.05 27.44
C LEU K 130 55.99 61.58 28.64
N GLY K 131 56.69 62.10 29.64
CA GLY K 131 56.05 62.60 30.83
C GLY K 131 57.08 63.13 31.79
N GLY K 132 56.66 63.31 33.04
CA GLY K 132 57.58 63.81 34.05
C GLY K 132 56.90 63.92 35.40
N ALA K 133 57.70 64.29 36.39
CA ALA K 133 57.22 64.49 37.75
C ALA K 133 57.74 65.81 38.30
N ASN K 134 57.56 66.05 39.60
CA ASN K 134 58.07 67.26 40.21
C ASN K 134 59.54 67.00 40.55
N THR K 137 60.10 72.19 42.23
CA THR K 137 60.30 73.47 41.55
C THR K 137 60.73 73.26 40.10
N ARG K 138 61.07 72.02 39.77
CA ARG K 138 61.47 71.63 38.42
C ARG K 138 60.53 70.54 37.92
N THR K 139 60.76 70.09 36.69
CA THR K 139 59.96 69.03 36.10
C THR K 139 60.84 68.23 35.16
N ALA K 140 60.84 66.92 35.33
CA ALA K 140 61.66 66.05 34.50
C ALA K 140 60.80 65.14 33.62
N SER K 142 59.65 61.28 32.81
CA SER K 142 59.95 60.14 31.94
C SER K 142 60.27 60.61 30.53
N VAL K 143 61.49 60.33 30.09
CA VAL K 143 61.94 60.73 28.74
C VAL K 143 62.80 59.61 28.19
N VAL K 144 62.68 59.36 26.89
CA VAL K 144 63.49 58.35 26.22
C VAL K 144 64.70 59.04 25.59
N THR K 145 65.89 58.54 25.92
CA THR K 145 67.14 59.11 25.44
C THR K 145 68.03 58.02 24.89
N TRP K 146 69.27 58.38 24.57
CA TRP K 146 70.21 57.47 23.94
C TRP K 146 71.44 57.33 24.82
N ASN K 147 71.92 56.10 24.97
CA ASN K 147 73.05 55.83 25.85
C ASN K 147 74.36 56.30 25.21
N GLN K 148 75.45 56.04 25.92
CA GLN K 148 76.77 56.46 25.45
C GLN K 148 77.15 55.74 24.17
N LYS K 149 76.88 54.44 24.10
CA LYS K 149 77.18 53.66 22.90
C LYS K 149 76.09 53.76 21.84
N GLY K 150 74.96 54.38 22.15
CA GLY K 150 73.88 54.53 21.18
C GLY K 150 72.80 53.48 21.32
N VAL K 151 72.35 53.26 22.55
CA VAL K 151 71.32 52.27 22.86
C VAL K 151 70.13 53.01 23.47
N THR K 152 68.93 52.64 23.04
CA THR K 152 67.70 53.23 23.59
C THR K 152 67.63 53.01 25.10
N ILE K 153 67.48 54.10 25.85
CA ILE K 153 67.31 54.00 27.29
C ILE K 153 66.13 54.88 27.67
N LYS K 154 65.37 54.45 28.67
CA LYS K 154 64.22 55.19 29.17
C LYS K 154 64.56 55.69 30.57
N ASP K 155 64.76 56.99 30.70
CA ASP K 155 65.05 57.60 31.99
C ASP K 155 63.74 58.12 32.56
N THR K 156 63.21 57.41 33.55
CA THR K 156 61.93 57.76 34.16
C THR K 156 62.14 58.09 35.62
N PRO K 157 62.00 59.35 36.02
CA PRO K 157 62.02 59.68 37.45
C PRO K 157 60.81 59.07 38.16
N GLU K 158 60.97 58.85 39.46
CA GLU K 158 59.93 58.19 40.24
C GLU K 158 58.68 59.05 40.33
N GLY K 159 57.52 58.39 40.24
CA GLY K 159 56.25 59.08 40.29
C GLY K 159 55.98 59.98 39.11
N SER K 160 56.41 59.60 37.92
CA SER K 160 56.24 60.40 36.71
C SER K 160 55.01 59.89 35.96
N GLU K 161 53.87 60.53 36.21
CA GLU K 161 52.66 60.19 35.48
C GLU K 161 52.79 60.65 34.03
N PRO K 162 52.21 59.91 33.08
CA PRO K 162 52.32 60.31 31.67
C PRO K 162 51.31 61.37 31.32
N TRP K 163 51.70 62.26 30.40
CA TRP K 163 50.84 63.35 29.97
C TRP K 163 49.69 62.82 29.11
N MET L 6 18.90 100.32 -28.44
CA MET L 6 19.40 99.45 -29.49
C MET L 6 18.56 98.20 -29.60
N CYS L 7 18.71 97.29 -28.63
CA CYS L 7 17.95 96.05 -28.66
C CYS L 7 16.57 96.24 -28.05
N MET L 8 16.46 97.19 -27.10
CA MET L 8 15.16 97.47 -26.49
C MET L 8 14.23 98.15 -27.48
N LYS L 9 14.79 98.95 -28.40
CA LYS L 9 13.95 99.48 -29.47
C LYS L 9 13.69 98.43 -30.54
N LEU L 10 14.49 97.36 -30.58
CA LEU L 10 14.18 96.25 -31.47
C LEU L 10 13.04 95.39 -30.94
N GLU L 11 12.93 95.26 -29.62
CA GLU L 11 11.81 94.52 -29.04
C GLU L 11 10.57 95.37 -28.84
N SER L 12 10.65 96.67 -29.12
CA SER L 12 9.59 97.60 -28.71
C SER L 12 8.31 97.36 -29.51
N ASP L 13 7.27 96.89 -28.81
CA ASP L 13 5.96 96.59 -29.38
C ASP L 13 6.04 95.53 -30.47
N LYS L 14 6.98 94.59 -30.35
CA LYS L 14 7.11 93.50 -31.29
C LYS L 14 7.19 92.13 -30.62
N THR L 15 7.14 92.07 -29.29
CA THR L 15 7.31 90.83 -28.54
C THR L 15 6.24 90.71 -27.44
N PHE L 16 4.99 90.98 -27.83
CA PHE L 16 3.79 91.08 -26.99
C PHE L 16 3.69 89.92 -25.99
N PRO L 17 3.79 90.20 -24.69
CA PRO L 17 3.87 89.12 -23.69
C PRO L 17 2.53 88.48 -23.34
N ILE L 18 2.56 87.61 -22.34
CA ILE L 18 1.46 86.74 -21.98
C ILE L 18 1.17 86.93 -20.49
N MET L 19 -0.06 87.31 -20.15
CA MET L 19 -0.44 87.39 -18.76
C MET L 19 -0.81 86.01 -18.23
N LEU L 20 -0.42 85.74 -16.98
CA LEU L 20 -0.80 84.47 -16.35
C LEU L 20 -2.13 84.57 -15.62
N ASN L 21 -3.10 85.18 -16.31
CA ASN L 21 -4.33 85.70 -15.69
C ASN L 21 -3.96 86.54 -14.46
N GLY L 22 -2.97 87.41 -14.63
CA GLY L 22 -2.32 88.08 -13.54
C GLY L 22 -1.06 88.77 -14.01
N GLN L 23 0.08 88.39 -13.44
CA GLN L 23 1.38 88.90 -13.88
C GLN L 23 1.81 88.19 -15.17
N VAL L 24 3.06 88.40 -15.55
CA VAL L 24 3.54 87.95 -16.86
C VAL L 24 4.41 86.72 -16.67
N ASN L 25 4.25 85.74 -17.58
CA ASN L 25 5.02 84.50 -17.52
C ASN L 25 5.59 84.05 -18.85
N GLY L 26 4.96 84.37 -19.98
CA GLY L 26 5.46 83.93 -21.27
C GLY L 26 5.61 85.12 -22.20
N TYR L 27 6.53 84.98 -23.14
CA TYR L 27 6.93 86.06 -24.05
C TYR L 27 6.75 85.59 -25.49
N ALA L 28 5.53 85.74 -26.01
CA ALA L 28 5.27 85.39 -27.40
C ALA L 28 5.78 86.48 -28.33
N CYS L 29 6.30 86.08 -29.48
CA CYS L 29 6.86 87.02 -30.44
C CYS L 29 6.45 86.64 -31.85
N VAL L 30 6.32 87.63 -32.72
CA VAL L 30 5.97 87.40 -34.11
C VAL L 30 7.19 87.67 -34.99
N VAL L 31 7.57 86.67 -35.79
CA VAL L 31 8.65 86.81 -36.77
C VAL L 31 8.18 86.22 -38.10
N GLY L 32 8.30 87.00 -39.17
CA GLY L 32 7.92 86.57 -40.50
C GLY L 32 6.46 86.21 -40.66
N GLY L 33 5.61 86.77 -39.80
CA GLY L 33 4.21 86.41 -39.77
C GLY L 33 3.87 85.25 -38.86
N ARG L 34 4.87 84.58 -38.30
CA ARG L 34 4.65 83.45 -37.39
C ARG L 34 4.56 83.96 -35.95
N LEU L 35 3.49 83.55 -35.26
CA LEU L 35 3.27 83.90 -33.85
C LEU L 35 3.85 82.79 -32.99
N MET L 36 5.15 82.88 -32.75
CA MET L 36 5.83 81.86 -31.96
C MET L 36 5.57 82.09 -30.47
N LYS L 37 5.13 81.03 -29.79
CA LYS L 37 4.75 81.06 -28.39
C LYS L 37 4.91 79.65 -27.82
N PRO L 38 5.53 79.50 -26.66
CA PRO L 38 5.81 78.15 -26.14
C PRO L 38 4.62 77.53 -25.43
N LEU L 39 4.55 76.20 -25.52
CA LEU L 39 3.44 75.46 -24.91
C LEU L 39 3.58 75.35 -23.40
N HIS L 40 4.82 75.16 -22.91
CA HIS L 40 5.03 74.83 -21.51
C HIS L 40 4.66 75.96 -20.57
N VAL L 41 4.71 77.20 -21.03
CA VAL L 41 4.23 78.35 -20.27
C VAL L 41 2.96 78.84 -20.95
N GLU L 42 1.90 79.01 -20.17
CA GLU L 42 0.58 79.30 -20.72
C GLU L 42 -0.08 80.40 -19.92
N GLY L 43 -1.01 81.10 -20.59
CA GLY L 43 -1.75 82.17 -19.95
C GLY L 43 -2.63 82.93 -20.91
N LYS L 44 -2.64 84.26 -20.79
CA LYS L 44 -3.48 85.11 -21.63
C LYS L 44 -2.61 86.12 -22.36
N ILE L 45 -2.76 86.19 -23.68
CA ILE L 45 -2.10 87.22 -24.47
C ILE L 45 -2.64 88.59 -24.09
N ASP L 46 -1.73 89.53 -23.87
CA ASP L 46 -2.11 90.84 -23.35
C ASP L 46 -2.80 91.70 -24.42
N ASN L 47 -2.32 91.62 -25.66
CA ASN L 47 -2.86 92.47 -26.72
C ASN L 47 -4.06 91.77 -27.36
N GLU L 48 -5.19 92.49 -27.44
CA GLU L 48 -6.41 91.89 -27.96
C GLU L 48 -6.37 91.72 -29.47
N GLN L 49 -5.56 92.51 -30.18
CA GLN L 49 -5.54 92.42 -31.63
C GLN L 49 -4.78 91.18 -32.10
N LEU L 50 -3.80 90.73 -31.32
CA LEU L 50 -3.16 89.43 -31.53
C LEU L 50 -3.84 88.32 -30.75
N ALA L 51 -4.96 88.60 -30.08
CA ALA L 51 -5.63 87.57 -29.30
C ALA L 51 -6.53 86.72 -30.17
N ALA L 52 -7.43 87.35 -30.94
CA ALA L 52 -8.44 86.64 -31.71
C ALA L 52 -7.79 86.02 -32.95
N VAL L 53 -7.04 84.95 -32.71
CA VAL L 53 -6.37 84.20 -33.77
C VAL L 53 -6.13 82.78 -33.30
N LYS L 54 -6.29 81.81 -34.19
CA LYS L 54 -6.11 80.41 -33.85
C LYS L 54 -4.66 80.02 -34.09
N LEU L 55 -4.07 79.33 -33.12
CA LEU L 55 -2.65 78.99 -33.14
C LEU L 55 -2.51 77.49 -33.31
N LYS L 56 -1.76 77.07 -34.34
CA LYS L 56 -1.55 75.66 -34.60
C LYS L 56 -0.39 75.13 -33.77
N LYS L 57 -0.61 74.00 -33.09
CA LYS L 57 0.33 73.43 -32.15
C LYS L 57 1.48 72.71 -32.87
N ALA L 58 2.67 72.78 -32.27
CA ALA L 58 3.80 71.94 -32.67
C ALA L 58 4.43 71.46 -31.36
N SER L 59 4.08 70.23 -30.96
CA SER L 59 4.33 69.79 -29.60
C SER L 59 5.79 69.47 -29.34
N MET L 60 6.47 68.82 -30.28
CA MET L 60 7.82 68.33 -30.00
C MET L 60 8.85 69.45 -29.97
N TYR L 61 8.61 70.55 -30.69
CA TYR L 61 9.38 71.77 -30.49
C TYR L 61 8.93 72.57 -29.27
N ASP L 62 7.78 72.20 -28.68
CA ASP L 62 7.12 72.94 -27.60
C ASP L 62 6.89 74.37 -28.07
N LEU L 63 6.02 74.47 -29.07
CA LEU L 63 5.70 75.73 -29.74
C LEU L 63 4.25 75.69 -30.21
N GLU L 64 3.72 76.86 -30.52
CA GLU L 64 2.34 76.96 -31.02
C GLU L 64 2.30 78.17 -31.93
N TYR L 65 2.44 77.93 -33.23
CA TYR L 65 2.66 78.98 -34.22
C TYR L 65 1.42 79.20 -35.06
N GLY L 66 1.23 80.44 -35.50
CA GLY L 66 0.08 80.79 -36.32
C GLY L 66 0.38 81.89 -37.33
N ASP L 67 -0.66 82.51 -37.84
CA ASP L 67 -0.54 83.60 -38.81
C ASP L 67 -0.66 84.95 -38.12
N VAL L 68 0.01 85.94 -38.69
CA VAL L 68 -0.04 87.31 -38.18
C VAL L 68 -1.44 87.88 -38.44
N PRO L 69 -2.03 88.59 -37.48
CA PRO L 69 -3.32 89.25 -37.72
C PRO L 69 -3.20 90.59 -38.44
N GLN L 70 -2.00 91.12 -38.64
CA GLN L 70 -1.86 92.40 -39.32
C GLN L 70 -2.08 92.22 -40.81
N ASN L 71 -2.78 93.17 -41.42
CA ASN L 71 -3.31 93.01 -42.78
C ASN L 71 -2.28 93.27 -43.87
N MET L 72 -1.74 94.49 -43.91
CA MET L 72 -0.94 94.95 -45.05
C MET L 72 0.50 95.23 -44.68
N LYS L 73 0.74 96.16 -43.77
CA LYS L 73 2.11 96.50 -43.34
C LYS L 73 2.38 95.80 -42.01
N SER L 74 2.83 94.55 -42.14
CA SER L 74 3.06 93.71 -40.97
C SER L 74 4.46 93.95 -40.41
N ASP L 75 4.51 94.38 -39.15
CA ASP L 75 5.77 94.74 -38.50
C ASP L 75 6.34 93.53 -37.77
N THR L 76 6.91 92.61 -38.55
CA THR L 76 7.54 91.41 -38.03
C THR L 76 9.04 91.50 -38.21
N LEU L 77 9.77 90.79 -37.37
CA LEU L 77 11.23 90.80 -37.46
C LEU L 77 11.70 89.80 -38.50
N GLN L 78 12.47 90.29 -39.46
CA GLN L 78 13.04 89.44 -40.51
C GLN L 78 14.34 88.84 -40.00
N TYR L 79 14.60 87.60 -40.36
CA TYR L 79 15.66 86.81 -39.76
C TYR L 79 16.74 86.47 -40.79
N THR L 80 17.78 85.81 -40.30
CA THR L 80 18.79 85.16 -41.13
C THR L 80 19.30 83.94 -40.37
N SER L 81 19.57 82.86 -41.08
CA SER L 81 19.94 81.60 -40.48
C SER L 81 21.44 81.46 -40.25
N ASP L 82 22.24 82.46 -40.59
CA ASP L 82 23.68 82.38 -40.38
C ASP L 82 24.00 82.43 -38.89
N LYS L 83 25.04 81.71 -38.50
CA LYS L 83 25.46 81.61 -37.09
C LYS L 83 26.95 81.90 -36.97
N PRO L 84 27.33 83.17 -36.93
CA PRO L 84 28.73 83.52 -36.68
C PRO L 84 29.03 83.53 -35.19
N PRO L 85 29.98 82.71 -34.73
CA PRO L 85 30.28 82.66 -33.29
C PRO L 85 31.01 83.92 -32.85
N GLY L 86 30.60 84.45 -31.70
CA GLY L 86 31.36 85.52 -31.08
C GLY L 86 30.57 86.67 -30.49
N PHE L 87 29.41 87.00 -31.08
CA PHE L 87 28.69 88.20 -30.66
C PHE L 87 27.19 87.98 -30.87
N TYR L 88 26.46 87.78 -29.77
CA TYR L 88 25.01 87.78 -29.78
C TYR L 88 24.53 88.56 -28.57
N ASN L 89 23.70 89.56 -28.80
CA ASN L 89 23.14 90.37 -27.72
C ASN L 89 21.75 89.87 -27.36
N TRP L 90 21.35 90.12 -26.11
CA TRP L 90 20.05 89.69 -25.62
C TRP L 90 19.62 90.62 -24.50
N HIS L 91 18.33 90.57 -24.20
CA HIS L 91 17.65 91.61 -23.45
C HIS L 91 18.11 91.72 -22.01
N HIS L 92 18.70 90.66 -21.46
CA HIS L 92 19.32 90.72 -20.15
C HIS L 92 20.84 90.81 -20.20
N GLY L 93 21.43 90.79 -21.39
CA GLY L 93 22.86 90.85 -21.53
C GLY L 93 23.31 89.96 -22.67
N ALA L 94 24.63 89.81 -22.79
CA ALA L 94 25.19 89.07 -23.92
C ALA L 94 25.02 87.56 -23.74
N VAL L 95 24.92 86.87 -24.87
CA VAL L 95 24.91 85.41 -24.92
C VAL L 95 25.97 84.99 -25.94
N GLN L 96 26.70 83.91 -25.62
CA GLN L 96 27.87 83.52 -26.37
C GLN L 96 27.67 82.18 -27.05
N TYR L 97 28.12 82.10 -28.31
CA TYR L 97 27.98 80.91 -29.15
C TYR L 97 29.34 80.25 -29.28
N GLU L 98 29.56 79.16 -28.55
CA GLU L 98 30.84 78.46 -28.53
C GLU L 98 30.61 77.02 -28.99
N ASN L 99 31.07 76.72 -30.22
CA ASN L 99 31.02 75.37 -30.80
C ASN L 99 29.60 74.82 -30.84
N GLY L 100 28.64 75.69 -31.14
CA GLY L 100 27.25 75.28 -31.15
C GLY L 100 26.64 75.18 -29.77
N ARG L 101 26.78 76.23 -28.97
CA ARG L 101 26.26 76.20 -27.60
C ARG L 101 26.06 77.63 -27.11
N PHE L 102 24.81 78.01 -26.88
CA PHE L 102 24.53 79.27 -26.19
C PHE L 102 24.82 79.17 -24.71
N THR L 103 25.22 80.28 -24.11
CA THR L 103 25.52 80.34 -22.69
C THR L 103 25.37 81.76 -22.16
N VAL L 104 24.84 81.87 -20.95
CA VAL L 104 24.60 83.14 -20.28
C VAL L 104 25.21 83.04 -18.88
N PRO L 105 25.74 84.12 -18.31
CA PRO L 105 26.15 84.08 -16.90
C PRO L 105 25.00 83.70 -15.97
N ARG L 106 25.37 83.03 -14.88
CA ARG L 106 24.39 82.30 -14.08
C ARG L 106 23.43 83.23 -13.34
N GLY L 107 23.87 84.45 -13.02
CA GLY L 107 23.14 85.29 -12.10
C GLY L 107 21.87 85.90 -12.66
N VAL L 108 21.64 85.80 -13.96
CA VAL L 108 20.50 86.42 -14.61
C VAL L 108 19.84 85.38 -15.49
N GLY L 109 18.55 85.58 -15.77
CA GLY L 109 17.80 84.64 -16.59
C GLY L 109 16.94 83.68 -15.80
N GLY L 110 16.17 84.22 -14.85
CA GLY L 110 15.34 83.40 -13.98
C GLY L 110 14.08 82.87 -14.63
N LYS L 111 13.03 82.68 -13.83
CA LYS L 111 11.79 82.10 -14.28
C LYS L 111 10.90 83.14 -14.94
N GLY L 112 10.09 82.68 -15.89
CA GLY L 112 9.09 83.51 -16.53
C GLY L 112 9.60 84.40 -17.64
N ASP L 113 10.87 84.29 -18.02
CA ASP L 113 11.43 85.12 -19.08
C ASP L 113 11.58 84.39 -20.40
N SER L 114 10.97 83.22 -20.55
CA SER L 114 11.11 82.44 -21.77
C SER L 114 10.37 83.09 -22.92
N GLY L 115 11.07 83.24 -24.05
CA GLY L 115 10.48 83.75 -25.26
C GLY L 115 11.05 85.06 -25.78
N ARG L 116 11.89 85.74 -25.00
CA ARG L 116 12.52 86.96 -25.51
C ARG L 116 13.59 86.55 -26.52
N PRO L 117 13.51 87.02 -27.76
CA PRO L 117 14.30 86.42 -28.84
C PRO L 117 15.77 86.79 -28.75
N ILE L 118 16.58 85.95 -29.38
CA ILE L 118 18.02 86.17 -29.49
C ILE L 118 18.25 86.99 -30.76
N LEU L 119 18.86 88.16 -30.61
CA LEU L 119 19.18 89.00 -31.75
C LEU L 119 20.69 89.13 -31.87
N ASP L 120 21.13 89.91 -32.85
CA ASP L 120 22.55 90.03 -33.19
C ASP L 120 22.83 91.49 -33.51
N ASN L 121 23.96 91.74 -34.17
CA ASN L 121 24.34 93.10 -34.55
C ASN L 121 23.34 93.73 -35.51
N ARG L 122 22.79 92.94 -36.42
CA ARG L 122 21.76 93.42 -37.34
C ARG L 122 20.36 93.23 -36.79
N GLY L 123 20.22 92.73 -35.56
CA GLY L 123 18.91 92.51 -34.98
C GLY L 123 18.16 91.33 -35.52
N ARG L 124 18.82 90.45 -36.26
CA ARG L 124 18.15 89.30 -36.86
C ARG L 124 17.83 88.26 -35.79
N VAL L 125 16.66 87.64 -35.92
CA VAL L 125 16.25 86.61 -34.96
C VAL L 125 16.91 85.30 -35.35
N VAL L 126 17.74 84.76 -34.46
CA VAL L 126 18.42 83.50 -34.68
C VAL L 126 17.90 82.40 -33.76
N ALA L 127 17.32 82.78 -32.62
CA ALA L 127 16.86 81.79 -31.66
C ALA L 127 15.77 82.35 -30.76
N ILE L 128 15.06 81.45 -30.11
CA ILE L 128 14.02 81.78 -29.14
C ILE L 128 14.33 81.02 -27.86
N VAL L 129 14.32 81.72 -26.73
CA VAL L 129 14.61 81.09 -25.46
C VAL L 129 13.41 80.27 -25.01
N LEU L 130 13.62 78.97 -24.79
CA LEU L 130 12.58 78.08 -24.30
C LEU L 130 12.89 77.49 -22.94
N GLY L 131 14.13 77.60 -22.46
CA GLY L 131 14.50 76.98 -21.20
C GLY L 131 16.01 77.02 -21.03
N GLY L 132 16.52 76.06 -20.26
CA GLY L 132 17.95 76.01 -20.07
C GLY L 132 18.37 74.95 -19.08
N ALA L 133 19.55 75.16 -18.51
CA ALA L 133 20.12 74.25 -17.53
C ALA L 133 21.07 75.05 -16.65
N ASN L 134 21.00 74.83 -15.33
CA ASN L 134 21.83 75.57 -14.38
C ASN L 134 23.26 75.04 -14.47
N GLU L 135 24.00 75.60 -15.42
CA GLU L 135 25.37 75.16 -15.70
C GLU L 135 26.33 76.16 -15.05
N GLY L 136 26.92 75.76 -13.92
CA GLY L 136 28.02 76.45 -13.26
C GLY L 136 27.91 77.94 -13.11
N THR L 137 28.84 78.66 -13.74
CA THR L 137 28.81 80.12 -13.82
C THR L 137 28.30 80.63 -15.15
N ARG L 138 28.44 79.84 -16.21
CA ARG L 138 27.99 80.19 -17.56
C ARG L 138 26.86 79.25 -17.94
N THR L 139 25.63 79.61 -17.57
CA THR L 139 24.48 78.74 -17.76
C THR L 139 24.08 78.68 -19.22
N ALA L 140 23.83 77.47 -19.71
CA ALA L 140 23.42 77.23 -21.09
C ALA L 140 21.89 77.22 -21.15
N LEU L 141 21.35 77.71 -22.27
CA LEU L 141 19.91 77.84 -22.45
C LEU L 141 19.45 77.02 -23.63
N SER L 142 18.36 76.26 -23.45
CA SER L 142 17.80 75.42 -24.49
C SER L 142 16.97 76.28 -25.42
N VAL L 143 17.35 76.34 -26.70
CA VAL L 143 16.73 77.22 -27.67
C VAL L 143 16.32 76.42 -28.90
N VAL L 144 15.73 77.12 -29.86
CA VAL L 144 15.58 76.60 -31.21
C VAL L 144 16.57 77.31 -32.12
N THR L 145 17.18 76.56 -33.02
CA THR L 145 18.18 77.08 -33.94
C THR L 145 17.82 76.70 -35.36
N TRP L 146 18.14 77.59 -36.29
CA TRP L 146 17.78 77.42 -37.68
C TRP L 146 19.08 77.20 -38.44
N ASN L 147 19.33 75.95 -38.84
CA ASN L 147 20.62 75.58 -39.40
C ASN L 147 20.79 76.17 -40.81
N GLN L 148 21.97 75.91 -41.38
CA GLN L 148 22.31 76.49 -42.68
C GLN L 148 21.45 75.92 -43.80
N LYS L 149 20.86 74.73 -43.60
CA LYS L 149 19.91 74.21 -44.57
C LYS L 149 18.51 74.74 -44.36
N GLY L 150 18.25 75.43 -43.26
CA GLY L 150 16.93 75.97 -42.97
C GLY L 150 16.05 75.12 -42.10
N VAL L 151 16.56 74.03 -41.55
CA VAL L 151 15.77 73.14 -40.71
C VAL L 151 15.74 73.69 -39.29
N THR L 152 14.54 73.77 -38.73
CA THR L 152 14.32 74.26 -37.37
C THR L 152 14.55 73.10 -36.41
N ILE L 153 15.58 73.21 -35.57
CA ILE L 153 15.94 72.14 -34.65
C ILE L 153 15.95 72.69 -33.23
N LYS L 154 15.41 71.91 -32.29
CA LYS L 154 15.33 72.32 -30.90
C LYS L 154 16.56 71.76 -30.17
N ASP L 155 17.51 72.63 -29.85
CA ASP L 155 18.75 72.23 -29.19
C ASP L 155 18.63 72.51 -27.70
N THR L 156 18.92 71.49 -26.90
CA THR L 156 18.88 71.56 -25.44
C THR L 156 20.18 71.01 -24.86
N PRO L 157 20.59 71.50 -23.69
CA PRO L 157 21.76 70.89 -23.04
C PRO L 157 21.41 69.56 -22.38
N GLU L 158 22.39 68.94 -21.73
CA GLU L 158 22.15 67.69 -21.03
C GLU L 158 21.19 67.88 -19.86
N GLY L 159 21.21 69.06 -19.23
CA GLY L 159 20.17 69.43 -18.30
C GLY L 159 19.00 70.08 -19.01
N SER L 160 17.88 70.17 -18.28
CA SER L 160 16.65 70.72 -18.86
C SER L 160 15.88 71.43 -17.76
N GLU L 161 15.95 72.76 -17.74
CA GLU L 161 15.16 73.59 -16.85
C GLU L 161 14.33 74.56 -17.68
N PRO L 162 13.02 74.40 -17.75
CA PRO L 162 12.21 75.31 -18.57
C PRO L 162 12.01 76.66 -17.90
N TRP L 163 12.93 77.59 -18.15
CA TRP L 163 12.94 78.89 -17.49
C TRP L 163 11.70 79.72 -17.86
C1 NAG M . 19.21 -26.09 3.44
C2 NAG M . 18.59 -24.81 2.89
C3 NAG M . 17.51 -24.30 3.86
C4 NAG M . 16.51 -25.41 4.19
C5 NAG M . 17.26 -26.67 4.65
C6 NAG M . 16.37 -27.85 4.95
C7 NAG M . 20.45 -23.19 3.45
C8 NAG M . 21.35 -22.18 2.79
N2 NAG M . 19.58 -23.79 2.60
O3 NAG M . 16.88 -23.19 3.27
O4 NAG M . 15.65 -24.92 5.19
O5 NAG M . 18.20 -27.06 3.66
O6 NAG M . 15.03 -27.55 4.63
O7 NAG M . 20.53 -23.40 4.66
C1 NAG N . 33.12 -82.47 17.64
C2 NAG N . 32.51 -82.67 16.25
C3 NAG N . 32.60 -84.14 15.84
C4 NAG N . 34.03 -84.66 15.98
C5 NAG N . 34.53 -84.37 17.41
C6 NAG N . 35.96 -84.81 17.65
C7 NAG N . 30.74 -81.02 15.80
C8 NAG N . 29.24 -80.79 15.86
N2 NAG N . 31.14 -82.23 16.22
O3 NAG N . 32.13 -84.25 14.52
O4 NAG N . 34.00 -86.04 15.71
O5 NAG N . 34.43 -82.98 17.65
O6 NAG N . 36.79 -83.67 17.74
O7 NAG N . 31.51 -80.15 15.39
C1 NAG O . 4.48 -3.66 -14.78
C2 NAG O . 4.04 -3.11 -13.41
C3 NAG O . 2.67 -2.46 -13.53
C4 NAG O . 2.63 -1.45 -14.68
C5 NAG O . 3.10 -2.14 -15.96
C6 NAG O . 3.12 -1.23 -17.17
C7 NAG O . 4.78 -4.16 -11.31
C8 NAG O . 4.59 -5.35 -10.42
N2 NAG O . 4.02 -4.15 -12.42
O3 NAG O . 2.37 -1.86 -12.30
O4 NAG O . 1.30 -0.99 -14.78
O5 NAG O . 4.40 -2.64 -15.75
O6 NAG O . 2.25 -1.71 -18.15
O7 NAG O . 5.56 -3.26 -11.02
C1 NAG P . -4.20 -17.35 -0.52
C2 NAG P . -3.83 -16.36 0.60
C3 NAG P . -2.49 -16.76 1.24
C4 NAG P . -2.48 -18.23 1.64
C5 NAG P . -2.88 -19.09 0.43
C6 NAG P . -2.93 -20.58 0.72
C7 NAG P . -3.09 -14.40 -0.78
C8 NAG P . -3.39 -12.93 -0.98
N2 NAG P . -3.85 -14.99 0.16
O3 NAG P . -2.28 -15.92 2.33
O4 NAG P . -1.18 -18.54 2.09
O5 NAG P . -4.16 -18.68 -0.03
O6 NAG P . -2.17 -20.87 1.87
O7 NAG P . -2.22 -14.95 -1.44
C1 NAG Q . 4.17 -20.49 23.54
C2 NAG Q . 5.19 -19.53 22.91
C3 NAG Q . 5.09 -19.60 21.38
C4 NAG Q . 5.16 -21.04 20.90
C5 NAG Q . 4.13 -21.90 21.64
C6 NAG Q . 4.15 -23.36 21.25
C7 NAG Q . 4.00 -17.35 23.33
C8 NAG Q . 4.24 -16.00 23.98
N2 NAG Q . 5.06 -18.19 23.41
O3 NAG Q . 6.11 -18.81 20.84
O4 NAG Q . 4.92 -21.02 19.50
O5 NAG Q . 4.35 -21.79 23.03
O6 NAG Q . 4.18 -23.48 19.84
O7 NAG Q . 2.94 -17.59 22.78
C1 NAG R . -61.32 15.57 -18.46
C2 NAG R . -60.70 16.68 -19.32
C3 NAG R . -61.80 17.56 -19.91
C4 NAG R . -62.84 16.72 -20.64
C5 NAG R . -63.35 15.62 -19.70
C6 NAG R . -64.36 14.69 -20.34
C7 NAG R . -59.88 18.20 -17.48
C8 NAG R . -58.61 18.86 -16.98
N2 NAG R . -59.71 17.44 -18.58
O3 NAG R . -61.18 18.49 -20.77
O4 NAG R . -63.87 17.58 -21.04
O5 NAG R . -62.25 14.85 -19.24
O6 NAG R . -65.04 15.36 -21.37
O7 NAG R . -60.93 18.38 -16.89
C1 NAG S . -25.74 -61.69 -33.62
C2 NAG S . -26.79 -61.80 -32.51
C3 NAG S . -28.00 -62.59 -33.00
C4 NAG S . -28.53 -62.03 -34.31
C5 NAG S . -27.38 -61.98 -35.33
C6 NAG S . -27.79 -61.40 -36.67
C7 NAG S . -26.35 -61.88 -30.08
C8 NAG S . -25.69 -62.68 -28.99
N2 NAG S . -26.23 -62.40 -31.33
O3 NAG S . -28.98 -62.57 -31.99
O4 NAG S . -29.58 -62.86 -34.74
O5 NAG S . -26.33 -61.19 -34.81
O6 NAG S . -28.00 -60.02 -36.55
O7 NAG S . -26.96 -60.85 -29.84
C1 NAG T . -1.85 -0.42 26.50
C2 NAG T . -0.35 -0.71 26.33
C3 NAG T . 0.34 -0.74 27.69
C4 NAG T . 0.01 0.52 28.50
C5 NAG T . -1.50 0.71 28.56
C6 NAG T . -1.94 1.95 29.31
C7 NAG T . 0.09 -2.03 24.30
C8 NAG T . 0.26 -3.43 23.78
N2 NAG T . -0.15 -1.94 25.62
O3 NAG T . 1.72 -0.88 27.47
O4 NAG T . 0.58 0.34 29.78
O5 NAG T . -2.01 0.77 27.24
O6 NAG T . -1.24 2.03 30.53
O7 NAG T . 0.15 -1.06 23.56
C1 NAG U . -37.57 -54.13 48.51
C2 NAG U . -36.46 -55.17 48.73
C3 NAG U . -36.96 -56.26 49.68
C4 NAG U . -37.55 -55.66 50.95
C5 NAG U . -38.61 -54.61 50.59
C6 NAG U . -39.22 -53.90 51.78
C7 NAG U . -34.91 -55.41 46.83
C8 NAG U . -34.67 -56.16 45.55
N2 NAG U . -36.03 -55.76 47.49
O3 NAG U . -35.89 -57.12 49.96
O4 NAG U . -38.11 -56.72 51.69
O5 NAG U . -38.01 -53.63 49.75
O6 NAG U . -39.02 -52.52 51.67
O7 NAG U . -34.13 -54.55 47.22
C1 NAG V . 34.00 -14.13 12.41
C2 NAG V . 33.47 -13.59 11.08
C3 NAG V . 34.51 -13.83 9.98
C4 NAG V . 35.88 -13.30 10.38
C5 NAG V . 36.26 -13.87 11.75
C6 NAG V . 37.58 -13.35 12.28
C7 NAG V . 31.02 -13.61 10.84
C8 NAG V . 29.84 -14.47 10.43
N2 NAG V . 32.22 -14.23 10.75
O3 NAG V . 34.03 -13.23 8.81
O4 NAG V . 36.79 -13.68 9.38
O5 NAG V . 35.25 -13.54 12.69
O6 NAG V . 38.49 -14.42 12.42
O7 NAG V . 30.87 -12.46 11.20
C1 NAG W . -87.73 -27.04 12.72
C2 NAG W . -87.18 -27.81 11.52
C3 NAG W . -87.30 -29.32 11.75
C4 NAG W . -86.63 -29.69 13.08
C5 NAG W . -87.21 -28.82 14.21
C6 NAG W . -86.59 -29.08 15.56
C7 NAG W . -87.20 -26.97 9.21
C8 NAG W . -88.10 -26.59 8.05
N2 NAG W . -87.84 -27.41 10.30
O3 NAG W . -86.70 -29.98 10.67
O4 NAG W . -86.89 -31.06 13.30
O5 NAG W . -87.03 -27.44 13.88
O6 NAG W . -85.69 -28.04 15.88
O7 NAG W . -85.99 -26.88 9.13
C1 NAG X . -46.48 27.72 -44.88
C2 NAG X . -47.51 28.78 -44.50
C3 NAG X . -47.89 29.66 -45.70
C4 NAG X . -46.66 30.14 -46.46
C5 NAG X . -45.81 28.92 -46.81
C6 NAG X . -44.58 29.24 -47.63
C7 NAG X . -49.33 28.53 -42.85
C8 NAG X . -50.56 27.73 -42.51
N2 NAG X . -48.70 28.16 -43.98
O3 NAG X . -48.65 30.73 -45.22
O4 NAG X . -47.11 30.82 -47.61
O5 NAG X . -45.42 28.29 -45.61
O6 NAG X . -44.96 29.81 -48.88
O7 NAG X . -48.96 29.45 -42.14
#